data_9FWV
#
_entry.id   9FWV
#
_cell.length_a   1.00
_cell.length_b   1.00
_cell.length_c   1.00
_cell.angle_alpha   90.00
_cell.angle_beta   90.00
_cell.angle_gamma   90.00
#
_symmetry.space_group_name_H-M   'P 1'
#
loop_
_entity.id
_entity.type
_entity.pdbx_description
1 polymer 'Carboxysome assembly protein CcmM'
2 polymer 'Ribulose bisphosphate carboxylase large chain'
3 polymer 'Ribulose bisphosphate carboxylase small subunit'
#
loop_
_entity_poly.entity_id
_entity_poly.type
_entity_poly.pdbx_seq_one_letter_code
_entity_poly.pdbx_strand_id
1 'polypeptide(L)'
;LSSEVITQVRSLLNQGYRIGTEHADKRRFRTSSWQPCAPIQSTNERQVLSELENCLSEHEGEYVRLLGIDTNTRSRVFEA
LIQRPD
;
A,B,F,T
2 'polypeptide(L)'
;YKLTYYTPDYTPKDTDLLAAFRFSPQPGVPADEAGAAIAAESSTGTWTTVWTDLLTDMDRYKGKCYHIEPVQGEENSYFA
FIAYPLDLFEEGSVTNILTSIVGNVFGFKAIRSLRLEDIRFPVALVKTFQGPPHGIQVERDLLNKYGRPMLGCTIKPKLG
LSAKNYGRAVYECLRGGLDFTKDDENINSQPFQRWRDRFLFVADAIHKSQAETGEIKGHYLNVTAPTCEEMMKRAEFAKE
LGMPIIMHDFLTAGFTANTTLAKWCRDNGVLLHIHRAMHAVIDRQRNHGIHFRVLAKCLRLSGGDHLHSGTVVGKLEGDK
ASTLGFVDLMREDHIEADRSRGVFFTQDWASMPGVLPVASGGIHVWHMPALVEIFGDDSVLQFGGGTLGHPWGNAPGATA
NRVALEACVQARNEGRDLYREGGDILREAGKWSPELAAALDL
;
C,G,H,I,J,Q,R,S
3 'polypeptide(L)'
;KERRFETFSYLPPLSDRQIAAQIEYMIEQGFHPLIEFNEHSNPEEFYWTMWKLPLFDCKSPQQVLDEVRECRSEYGDCYI
RVAGFDNIKQCQTVSFIVHRP
;
D,E,K,L,M,N,O,P
#
# COMPACT_ATOMS: atom_id res chain seq x y z
N LEU A 1 3.29 -68.93 14.56
CA LEU A 1 2.43 -68.14 13.75
C LEU A 1 1.01 -68.36 14.10
N SER A 2 0.23 -67.23 14.22
CA SER A 2 -1.15 -67.27 14.56
C SER A 2 -1.99 -67.71 13.40
N SER A 3 -3.18 -68.20 13.69
CA SER A 3 -4.07 -68.67 12.68
C SER A 3 -4.44 -67.58 11.73
N GLU A 4 -4.60 -66.32 12.20
CA GLU A 4 -5.18 -65.24 11.37
C GLU A 4 -4.05 -64.85 10.47
N VAL A 5 -2.72 -64.81 10.93
CA VAL A 5 -1.56 -64.52 10.00
C VAL A 5 -1.45 -65.56 8.94
N ILE A 6 -1.62 -66.85 9.32
CA ILE A 6 -1.46 -67.94 8.43
C ILE A 6 -2.54 -67.78 7.30
N THR A 7 -3.77 -67.39 7.69
CA THR A 7 -4.81 -67.31 6.72
C THR A 7 -4.59 -66.10 5.77
N GLN A 8 -4.21 -64.92 6.36
CA GLN A 8 -3.45 -63.91 5.57
C GLN A 8 -2.41 -64.32 4.67
N VAL A 9 -1.42 -65.05 5.06
CA VAL A 9 -0.36 -65.51 4.13
C VAL A 9 -0.93 -66.34 3.05
N ARG A 10 -1.84 -67.34 3.31
CA ARG A 10 -2.54 -68.14 2.39
C ARG A 10 -3.28 -67.38 1.36
N SER A 11 -4.01 -66.31 1.80
CA SER A 11 -4.68 -65.51 0.82
C SER A 11 -3.78 -64.73 -0.07
N LEU A 12 -2.71 -64.11 0.52
CA LEU A 12 -1.71 -63.54 -0.30
C LEU A 12 -0.99 -64.31 -1.27
N LEU A 13 -0.50 -65.51 -0.85
CA LEU A 13 0.11 -66.43 -1.75
C LEU A 13 -0.83 -67.00 -2.87
N ASN A 14 -2.08 -67.33 -2.59
CA ASN A 14 -2.99 -67.78 -3.61
C ASN A 14 -3.25 -66.84 -4.76
N GLN A 15 -3.28 -65.51 -4.46
CA GLN A 15 -3.37 -64.51 -5.49
C GLN A 15 -2.05 -64.41 -6.39
N GLY A 16 -0.93 -65.07 -6.00
CA GLY A 16 0.30 -64.90 -6.66
C GLY A 16 1.16 -63.74 -6.13
N TYR A 17 0.85 -63.14 -4.90
CA TYR A 17 1.61 -62.08 -4.38
C TYR A 17 2.87 -62.56 -3.78
N ARG A 18 4.00 -61.71 -3.86
CA ARG A 18 5.19 -62.19 -3.11
C ARG A 18 5.04 -61.75 -1.73
N ILE A 19 5.99 -62.33 -0.86
CA ILE A 19 6.13 -62.11 0.54
C ILE A 19 7.33 -61.35 0.91
N GLY A 20 7.15 -60.28 1.74
CA GLY A 20 8.25 -59.59 2.33
C GLY A 20 8.00 -59.18 3.74
N THR A 21 9.10 -58.95 4.51
CA THR A 21 9.01 -58.76 5.94
C THR A 21 9.99 -57.53 6.14
N GLU A 22 9.69 -56.68 7.20
CA GLU A 22 10.46 -55.57 7.68
C GLU A 22 10.48 -55.53 9.25
N HIS A 23 11.55 -55.17 9.97
CA HIS A 23 11.65 -55.32 11.34
C HIS A 23 12.22 -53.91 11.80
N ALA A 24 11.88 -53.58 13.00
CA ALA A 24 12.36 -52.30 13.56
C ALA A 24 12.13 -52.38 15.10
N ASP A 25 13.00 -51.68 15.88
CA ASP A 25 12.84 -51.61 17.31
C ASP A 25 11.81 -50.71 17.66
N LYS A 26 11.63 -50.45 19.00
CA LYS A 26 10.42 -49.69 19.43
C LYS A 26 10.52 -48.20 18.98
N ARG A 27 11.64 -47.47 19.22
CA ARG A 27 11.98 -46.24 18.70
C ARG A 27 12.00 -46.09 17.16
N ARG A 28 12.67 -47.06 16.46
CA ARG A 28 12.50 -47.12 14.94
C ARG A 28 11.10 -47.29 14.46
N PHE A 29 10.30 -48.13 15.18
CA PHE A 29 8.84 -48.27 14.99
C PHE A 29 8.00 -47.08 15.08
N ARG A 30 8.11 -46.39 16.18
CA ARG A 30 7.74 -44.95 16.30
C ARG A 30 8.10 -44.03 15.23
N THR A 31 9.32 -44.10 14.78
CA THR A 31 9.71 -43.12 13.76
C THR A 31 9.59 -43.62 12.26
N SER A 32 8.68 -44.51 12.02
CA SER A 32 8.34 -45.12 10.80
C SER A 32 9.59 -45.76 10.14
N SER A 33 10.66 -46.09 10.88
CA SER A 33 11.96 -46.52 10.43
C SER A 33 11.89 -48.07 10.40
N TRP A 34 11.86 -48.66 9.17
CA TRP A 34 11.76 -50.07 9.01
C TRP A 34 13.06 -50.40 8.34
N GLN A 35 13.48 -51.69 8.43
CA GLN A 35 14.72 -52.10 7.71
C GLN A 35 14.36 -53.32 6.92
N PRO A 36 15.07 -53.60 5.79
CA PRO A 36 14.86 -54.81 5.05
C PRO A 36 15.18 -56.02 5.85
N CYS A 37 14.37 -57.15 5.64
CA CYS A 37 14.70 -58.44 6.18
C CYS A 37 15.25 -59.34 5.13
N ALA A 38 15.57 -60.55 5.51
CA ALA A 38 16.13 -61.41 4.51
C ALA A 38 15.05 -61.83 3.46
N PRO A 39 15.29 -61.57 2.10
CA PRO A 39 14.13 -61.92 1.23
C PRO A 39 13.74 -63.31 1.27
N ILE A 40 12.41 -63.57 1.14
CA ILE A 40 11.88 -64.89 1.27
C ILE A 40 11.68 -65.29 -0.15
N GLN A 41 12.71 -66.06 -0.75
CA GLN A 41 12.61 -66.33 -2.21
C GLN A 41 12.00 -67.65 -2.34
N SER A 42 10.66 -67.75 -1.99
CA SER A 42 10.04 -68.96 -2.25
C SER A 42 8.48 -68.79 -2.42
N THR A 43 7.87 -69.47 -3.35
CA THR A 43 6.44 -69.30 -3.50
C THR A 43 5.66 -70.45 -2.72
N ASN A 44 6.29 -71.67 -2.41
CA ASN A 44 5.66 -72.70 -1.65
C ASN A 44 5.26 -72.21 -0.29
N GLU A 45 4.00 -72.53 0.14
CA GLU A 45 3.48 -72.05 1.36
C GLU A 45 4.34 -72.47 2.51
N ARG A 46 4.70 -73.71 2.53
CA ARG A 46 5.45 -74.28 3.68
C ARG A 46 6.81 -73.56 3.87
N GLN A 47 7.52 -73.37 2.82
CA GLN A 47 8.87 -72.79 2.88
C GLN A 47 8.65 -71.27 3.37
N VAL A 48 7.66 -70.57 2.76
CA VAL A 48 7.30 -69.20 3.17
C VAL A 48 7.09 -69.12 4.65
N LEU A 49 6.24 -69.94 5.15
CA LEU A 49 5.90 -69.92 6.54
C LEU A 49 7.08 -70.26 7.38
N SER A 50 7.83 -71.26 6.99
CA SER A 50 9.00 -71.53 7.76
C SER A 50 9.96 -70.31 7.76
N GLU A 51 10.19 -69.63 6.60
CA GLU A 51 11.15 -68.60 6.64
C GLU A 51 10.61 -67.39 7.44
N LEU A 52 9.27 -67.08 7.37
CA LEU A 52 8.68 -66.07 8.21
C LEU A 52 8.88 -66.37 9.63
N GLU A 53 8.67 -67.63 10.13
CA GLU A 53 8.77 -67.91 11.49
C GLU A 53 10.31 -67.66 11.94
N ASN A 54 11.27 -68.13 11.09
CA ASN A 54 12.66 -67.96 11.36
C ASN A 54 13.01 -66.52 11.50
N CYS A 55 12.48 -65.70 10.65
CA CYS A 55 12.72 -64.28 10.69
C CYS A 55 12.20 -63.68 11.95
N LEU A 56 10.96 -64.11 12.31
CA LEU A 56 10.34 -63.72 13.61
C LEU A 56 11.20 -64.11 14.76
N SER A 57 11.65 -65.28 14.75
CA SER A 57 12.57 -65.73 15.86
C SER A 57 13.92 -64.92 15.83
N GLU A 58 14.39 -64.48 14.63
CA GLU A 58 15.62 -63.73 14.52
C GLU A 58 15.48 -62.32 15.23
N HIS A 59 14.35 -61.65 15.28
CA HIS A 59 14.23 -60.29 15.71
C HIS A 59 13.15 -60.39 16.89
N GLU A 60 13.32 -61.40 17.86
CA GLU A 60 12.63 -61.29 19.11
C GLU A 60 12.55 -59.91 19.86
N GLY A 61 11.40 -59.57 20.36
CA GLY A 61 11.18 -58.30 20.96
C GLY A 61 11.25 -57.05 20.14
N GLU A 62 11.12 -57.21 18.76
CA GLU A 62 11.00 -56.03 17.83
C GLU A 62 9.79 -56.18 17.00
N TYR A 63 9.10 -55.01 16.68
CA TYR A 63 8.12 -54.86 15.65
C TYR A 63 8.42 -55.48 14.32
N VAL A 64 7.47 -56.40 13.80
CA VAL A 64 7.69 -57.06 12.57
C VAL A 64 6.44 -56.78 11.78
N ARG A 65 6.57 -56.37 10.42
CA ARG A 65 5.36 -55.98 9.77
C ARG A 65 5.38 -56.85 8.39
N LEU A 66 4.26 -57.43 8.04
CA LEU A 66 4.13 -58.38 6.91
C LEU A 66 3.51 -57.54 5.87
N LEU A 67 3.71 -57.93 4.57
CA LEU A 67 3.28 -57.06 3.52
C LEU A 67 2.97 -57.98 2.31
N GLY A 68 2.28 -57.45 1.35
CA GLY A 68 2.01 -58.06 0.12
C GLY A 68 2.56 -57.27 -1.07
N ILE A 69 3.32 -57.96 -1.97
CA ILE A 69 4.06 -57.28 -3.05
C ILE A 69 3.58 -57.92 -4.32
N ASP A 70 3.27 -57.07 -5.36
CA ASP A 70 2.99 -57.42 -6.73
C ASP A 70 4.14 -57.22 -7.55
N THR A 71 4.83 -58.26 -7.97
CA THR A 71 6.07 -58.09 -8.74
C THR A 71 5.85 -57.44 -9.99
N ASN A 72 4.70 -57.82 -10.70
CA ASN A 72 4.50 -57.29 -12.08
C ASN A 72 4.33 -55.82 -12.17
N THR A 73 3.50 -55.27 -11.30
CA THR A 73 3.40 -53.80 -11.10
C THR A 73 4.51 -53.16 -10.32
N ARG A 74 5.41 -53.87 -9.61
CA ARG A 74 6.48 -53.37 -8.70
C ARG A 74 5.94 -52.37 -7.75
N SER A 75 4.90 -52.76 -7.05
CA SER A 75 4.07 -51.96 -6.11
C SER A 75 3.49 -52.67 -4.99
N ARG A 76 3.11 -51.93 -3.91
CA ARG A 76 2.86 -52.69 -2.66
C ARG A 76 1.32 -52.56 -2.46
N VAL A 77 0.68 -53.63 -2.20
CA VAL A 77 -0.72 -53.75 -2.13
C VAL A 77 -1.29 -54.11 -0.72
N PHE A 78 -0.49 -54.31 0.31
CA PHE A 78 -1.04 -54.65 1.65
C PHE A 78 -0.08 -54.30 2.70
N GLU A 79 -0.57 -53.72 3.77
CA GLU A 79 0.25 -53.51 4.98
C GLU A 79 -0.41 -54.19 6.23
N ALA A 80 0.39 -54.84 7.03
CA ALA A 80 -0.09 -55.43 8.32
C ALA A 80 1.00 -55.63 9.31
N LEU A 81 0.71 -55.35 10.55
CA LEU A 81 1.64 -55.34 11.58
C LEU A 81 1.41 -56.68 12.34
N ILE A 82 2.32 -57.69 12.17
CA ILE A 82 2.09 -58.97 12.65
C ILE A 82 2.68 -59.29 13.98
N GLN A 83 3.73 -58.55 14.45
CA GLN A 83 4.26 -58.93 15.77
C GLN A 83 4.66 -57.66 16.44
N ARG A 84 4.62 -57.64 17.75
CA ARG A 84 5.04 -56.56 18.60
C ARG A 84 5.85 -57.04 19.70
N PRO A 85 6.72 -56.11 20.30
CA PRO A 85 7.76 -56.58 21.24
C PRO A 85 7.16 -57.43 22.42
N ASP A 86 6.18 -56.84 23.17
CA ASP A 86 5.47 -57.56 24.19
C ASP A 86 4.77 -58.80 23.74
N LEU B 1 36.97 8.51 -58.20
CA LEU B 1 37.41 8.48 -56.84
C LEU B 1 38.13 9.73 -56.48
N SER B 2 37.77 10.34 -55.28
CA SER B 2 38.50 11.46 -54.73
C SER B 2 39.79 11.16 -54.13
N SER B 3 40.69 12.22 -54.05
CA SER B 3 41.99 12.04 -53.54
C SER B 3 41.95 11.50 -52.09
N GLU B 4 40.97 11.99 -51.27
CA GLU B 4 40.97 11.83 -49.78
C GLU B 4 40.56 10.31 -49.68
N VAL B 5 39.57 9.76 -50.41
CA VAL B 5 39.21 8.32 -50.48
C VAL B 5 40.35 7.52 -51.02
N ILE B 6 41.09 7.94 -51.96
CA ILE B 6 42.22 7.21 -52.41
C ILE B 6 43.31 7.05 -51.22
N THR B 7 43.52 8.05 -50.51
CA THR B 7 44.52 8.06 -49.47
C THR B 7 44.06 7.19 -48.24
N GLN B 8 42.72 7.32 -47.87
CA GLN B 8 42.05 6.31 -47.12
C GLN B 8 42.18 4.90 -47.53
N VAL B 9 41.87 4.54 -48.75
CA VAL B 9 42.05 3.15 -49.06
C VAL B 9 43.47 2.63 -49.09
N ARG B 10 44.39 3.42 -49.60
CA ARG B 10 45.79 3.27 -49.31
C ARG B 10 46.24 2.93 -47.97
N SER B 11 45.79 3.81 -47.02
CA SER B 11 46.13 3.52 -45.60
C SER B 11 45.55 2.21 -45.15
N LEU B 12 44.33 2.00 -45.46
CA LEU B 12 43.65 0.71 -45.12
C LEU B 12 44.36 -0.50 -45.65
N LEU B 13 44.75 -0.48 -46.96
CA LEU B 13 45.41 -1.59 -47.57
C LEU B 13 46.80 -1.78 -47.01
N ASN B 14 47.50 -0.71 -46.76
CA ASN B 14 48.88 -0.79 -46.19
C ASN B 14 48.97 -1.57 -44.85
N GLN B 15 47.96 -1.32 -43.93
CA GLN B 15 47.85 -2.04 -42.72
C GLN B 15 47.60 -3.55 -42.95
N GLY B 16 47.16 -4.03 -44.13
CA GLY B 16 46.71 -5.35 -44.42
C GLY B 16 45.19 -5.51 -44.23
N TYR B 17 44.34 -4.43 -44.20
CA TYR B 17 42.93 -4.61 -43.96
C TYR B 17 42.23 -4.92 -45.21
N ARG B 18 41.11 -5.69 -45.11
CA ARG B 18 40.40 -6.02 -46.37
C ARG B 18 39.52 -4.82 -46.58
N ILE B 19 38.94 -4.80 -47.85
CA ILE B 19 38.01 -3.86 -48.34
C ILE B 19 36.53 -4.40 -48.52
N GLY B 20 35.59 -3.69 -47.98
CA GLY B 20 34.24 -3.95 -48.28
C GLY B 20 33.46 -2.74 -48.59
N THR B 21 32.31 -2.91 -49.30
CA THR B 21 31.43 -1.82 -49.61
C THR B 21 29.94 -2.21 -49.35
N GLU B 22 29.08 -1.36 -49.05
CA GLU B 22 27.68 -1.54 -48.82
C GLU B 22 26.86 -0.36 -49.42
N HIS B 23 25.63 -0.62 -49.80
CA HIS B 23 24.96 0.41 -50.68
C HIS B 23 23.56 0.36 -50.16
N ALA B 24 22.91 1.49 -50.32
CA ALA B 24 21.50 1.62 -50.02
C ALA B 24 20.96 2.92 -50.53
N ASP B 25 19.60 3.03 -50.79
CA ASP B 25 19.05 4.18 -51.44
C ASP B 25 18.72 5.10 -50.25
N LYS B 26 18.03 6.18 -50.52
CA LYS B 26 18.08 7.34 -49.70
C LYS B 26 17.10 6.95 -48.45
N ARG B 27 16.01 6.42 -48.73
CA ARG B 27 15.12 5.70 -47.79
C ARG B 27 15.74 4.62 -46.96
N ARG B 28 16.39 3.61 -47.66
CA ARG B 28 17.16 2.58 -46.92
C ARG B 28 18.23 3.09 -46.00
N PHE B 29 18.90 4.06 -46.57
CA PHE B 29 19.91 4.86 -45.84
C PHE B 29 19.50 5.55 -44.60
N ARG B 30 18.41 6.29 -44.65
CA ARG B 30 17.57 6.75 -43.51
C ARG B 30 17.23 5.78 -42.52
N THR B 31 16.77 4.61 -42.95
CA THR B 31 16.48 3.52 -41.97
C THR B 31 17.73 2.70 -41.55
N SER B 32 18.93 3.16 -41.79
CA SER B 32 20.22 2.50 -41.49
C SER B 32 20.29 1.03 -42.17
N SER B 33 19.60 0.86 -43.26
CA SER B 33 19.49 -0.37 -43.99
C SER B 33 20.58 -0.40 -45.13
N TRP B 34 21.58 -1.18 -44.96
CA TRP B 34 22.64 -1.31 -45.98
C TRP B 34 22.47 -2.73 -46.59
N GLN B 35 23.09 -2.88 -47.74
CA GLN B 35 23.07 -4.15 -48.50
C GLN B 35 24.44 -4.57 -48.86
N PRO B 36 24.75 -5.80 -48.95
CA PRO B 36 26.05 -6.24 -49.42
C PRO B 36 26.35 -5.89 -50.90
N CYS B 37 27.65 -5.59 -51.20
CA CYS B 37 28.08 -5.37 -52.54
C CYS B 37 28.95 -6.50 -53.03
N ALA B 38 29.24 -6.51 -54.31
CA ALA B 38 29.98 -7.58 -54.90
C ALA B 38 31.44 -7.67 -54.30
N PRO B 39 31.97 -8.95 -54.13
CA PRO B 39 33.15 -9.08 -53.37
C PRO B 39 34.29 -8.32 -53.99
N ILE B 40 35.20 -7.67 -53.20
CA ILE B 40 36.46 -7.15 -53.80
C ILE B 40 37.49 -8.07 -53.24
N GLN B 41 37.74 -9.09 -54.00
CA GLN B 41 38.67 -10.17 -53.57
C GLN B 41 40.03 -9.79 -54.23
N SER B 42 40.63 -8.72 -53.76
CA SER B 42 42.01 -8.42 -54.26
C SER B 42 42.74 -7.57 -53.32
N THR B 43 44.02 -7.93 -53.04
CA THR B 43 44.80 -7.09 -52.11
C THR B 43 45.59 -5.93 -52.93
N ASN B 44 45.80 -6.08 -54.32
CA ASN B 44 46.46 -5.11 -55.08
C ASN B 44 45.68 -3.75 -55.05
N GLU B 45 46.38 -2.69 -54.84
CA GLU B 45 45.67 -1.39 -54.75
C GLU B 45 44.89 -1.09 -56.07
N ARG B 46 45.55 -1.34 -57.24
CA ARG B 46 44.91 -0.96 -58.54
C ARG B 46 43.62 -1.69 -58.74
N GLN B 47 43.61 -3.02 -58.47
CA GLN B 47 42.50 -3.86 -58.78
C GLN B 47 41.33 -3.37 -57.74
N VAL B 48 41.70 -3.16 -56.44
CA VAL B 48 40.74 -2.66 -55.40
C VAL B 48 40.05 -1.32 -55.88
N LEU B 49 40.83 -0.32 -56.13
CA LEU B 49 40.36 0.84 -56.73
C LEU B 49 39.53 0.77 -57.94
N SER B 50 39.96 -0.13 -58.92
CA SER B 50 39.09 -0.32 -60.06
C SER B 50 37.75 -0.98 -59.63
N GLU B 51 37.81 -1.91 -58.63
CA GLU B 51 36.49 -2.61 -58.36
C GLU B 51 35.56 -1.71 -57.59
N LEU B 52 36.13 -0.88 -56.67
CA LEU B 52 35.40 0.20 -56.06
C LEU B 52 34.78 1.16 -56.95
N GLU B 53 35.54 1.58 -58.06
CA GLU B 53 34.91 2.54 -58.90
C GLU B 53 33.83 1.84 -59.69
N ASN B 54 33.95 0.56 -60.09
CA ASN B 54 32.96 -0.16 -60.86
C ASN B 54 31.64 -0.21 -59.95
N CYS B 55 31.83 -0.53 -58.63
CA CYS B 55 30.72 -0.68 -57.73
C CYS B 55 29.90 0.69 -57.54
N LEU B 56 30.66 1.73 -57.38
CA LEU B 56 30.12 3.10 -57.42
C LEU B 56 29.38 3.46 -58.62
N SER B 57 29.90 3.10 -59.76
CA SER B 57 29.19 3.26 -61.00
C SER B 57 27.97 2.41 -61.03
N GLU B 58 27.96 1.10 -60.44
CA GLU B 58 26.85 0.20 -60.40
C GLU B 58 25.62 0.86 -59.69
N HIS B 59 25.89 1.67 -58.63
CA HIS B 59 24.84 2.02 -57.74
C HIS B 59 24.80 3.61 -57.77
N GLU B 60 24.87 4.23 -58.93
CA GLU B 60 24.59 5.69 -59.11
C GLU B 60 23.46 6.25 -58.40
N GLY B 61 23.62 7.35 -57.77
CA GLY B 61 22.56 7.96 -57.01
C GLY B 61 22.06 7.28 -55.72
N GLU B 62 22.92 6.35 -55.14
CA GLU B 62 22.58 5.67 -53.84
C GLU B 62 23.80 5.93 -52.91
N TYR B 63 23.54 6.14 -51.65
CA TYR B 63 24.55 6.02 -50.62
C TYR B 63 25.47 4.85 -50.69
N VAL B 64 26.86 5.13 -50.57
CA VAL B 64 27.77 4.01 -50.62
C VAL B 64 28.70 4.27 -49.39
N ARG B 65 29.05 3.20 -48.69
CA ARG B 65 29.77 3.43 -47.41
C ARG B 65 30.94 2.42 -47.60
N LEU B 66 32.17 2.98 -47.25
CA LEU B 66 33.43 2.19 -47.30
C LEU B 66 33.90 1.84 -45.92
N LEU B 67 34.54 0.72 -45.79
CA LEU B 67 34.76 0.11 -44.51
C LEU B 67 36.10 -0.56 -44.57
N GLY B 68 36.64 -0.79 -43.29
CA GLY B 68 37.85 -1.52 -43.12
C GLY B 68 37.66 -2.80 -42.27
N ILE B 69 38.20 -3.89 -42.73
CA ILE B 69 37.87 -5.25 -42.17
C ILE B 69 39.19 -5.83 -41.83
N ASP B 70 39.35 -6.31 -40.55
CA ASP B 70 40.37 -7.25 -40.17
C ASP B 70 39.95 -8.64 -40.24
N THR B 71 40.43 -9.34 -41.21
CA THR B 71 40.00 -10.70 -41.45
C THR B 71 40.28 -11.57 -40.27
N ASN B 72 41.52 -11.54 -39.61
CA ASN B 72 41.79 -12.36 -38.40
C ASN B 72 40.74 -12.21 -37.27
N THR B 73 40.52 -11.01 -36.84
CA THR B 73 39.45 -10.70 -35.83
C THR B 73 37.96 -10.81 -36.29
N ARG B 74 37.74 -10.83 -37.63
CA ARG B 74 36.44 -10.92 -38.18
C ARG B 74 35.51 -9.85 -37.66
N SER B 75 36.00 -8.64 -37.69
CA SER B 75 35.30 -7.48 -37.05
C SER B 75 35.64 -6.23 -37.70
N ARG B 76 34.85 -5.25 -37.42
CA ARG B 76 34.99 -3.99 -38.18
C ARG B 76 36.06 -3.18 -37.51
N VAL B 77 36.81 -2.37 -38.22
CA VAL B 77 37.78 -1.39 -37.66
C VAL B 77 37.63 -0.02 -38.19
N PHE B 78 36.74 0.28 -39.24
CA PHE B 78 36.66 1.62 -39.70
C PHE B 78 35.35 1.87 -40.39
N GLU B 79 34.71 2.90 -40.22
CA GLU B 79 33.44 3.39 -40.92
C GLU B 79 33.70 4.63 -41.69
N ALA B 80 33.14 4.70 -42.93
CA ALA B 80 33.18 5.85 -43.69
C ALA B 80 32.24 6.12 -44.77
N LEU B 81 31.61 7.20 -44.91
CA LEU B 81 30.48 7.35 -45.86
C LEU B 81 31.17 8.03 -46.98
N ILE B 82 31.41 7.27 -48.09
CA ILE B 82 32.14 7.73 -49.32
C ILE B 82 31.29 8.43 -50.34
N GLN B 83 30.10 8.06 -50.61
CA GLN B 83 29.35 8.63 -51.68
C GLN B 83 27.86 8.87 -51.25
N ARG B 84 27.27 9.85 -51.78
CA ARG B 84 25.93 10.23 -51.63
C ARG B 84 25.23 10.59 -52.89
N PRO B 85 23.85 10.46 -52.90
CA PRO B 85 23.18 10.43 -54.19
C PRO B 85 23.45 11.66 -54.99
N ASP B 86 23.19 12.88 -54.43
CA ASP B 86 23.57 14.17 -55.11
C ASP B 86 25.04 14.19 -55.41
N TYR C 1 -0.42 49.84 -27.17
CA TYR C 1 0.25 48.94 -26.30
C TYR C 1 0.66 49.91 -25.10
N LYS C 2 1.48 51.00 -25.33
CA LYS C 2 1.81 51.96 -24.25
C LYS C 2 0.60 52.51 -23.63
N LEU C 3 -0.39 52.77 -24.43
CA LEU C 3 -1.69 53.32 -23.87
C LEU C 3 -2.37 52.20 -23.09
N THR C 4 -2.03 50.94 -23.15
CA THR C 4 -2.57 49.74 -22.39
C THR C 4 -1.63 49.12 -21.31
N TYR C 5 -0.36 49.30 -21.47
CA TYR C 5 0.64 48.50 -20.75
C TYR C 5 1.75 49.51 -20.15
N TYR C 6 1.70 50.90 -20.35
CA TYR C 6 2.58 51.83 -19.81
C TYR C 6 1.84 52.79 -18.80
N THR C 7 2.01 52.63 -17.55
CA THR C 7 1.26 53.35 -16.50
C THR C 7 2.31 53.87 -15.61
N PRO C 8 3.01 54.96 -16.06
CA PRO C 8 4.09 55.63 -15.22
C PRO C 8 3.55 56.07 -13.81
N ASP C 9 2.27 56.54 -13.78
CA ASP C 9 1.69 57.00 -12.58
C ASP C 9 1.18 55.87 -11.65
N TYR C 10 1.11 54.72 -12.14
CA TYR C 10 0.86 53.46 -11.33
C TYR C 10 1.84 53.24 -10.10
N THR C 11 1.19 52.94 -9.02
CA THR C 11 1.88 52.65 -7.73
C THR C 11 1.79 51.09 -7.65
N PRO C 12 2.83 50.32 -7.70
CA PRO C 12 2.64 48.90 -7.41
C PRO C 12 2.10 48.67 -6.02
N LYS C 13 1.00 47.90 -5.93
CA LYS C 13 0.51 47.25 -4.69
C LYS C 13 1.49 46.23 -4.21
N ASP C 14 1.53 46.06 -2.90
CA ASP C 14 2.35 45.11 -2.24
C ASP C 14 1.91 43.76 -2.51
N THR C 15 0.74 43.53 -2.96
CA THR C 15 0.31 42.24 -3.53
C THR C 15 0.72 41.93 -4.95
N ASP C 16 1.44 42.87 -5.67
CA ASP C 16 1.94 42.65 -7.00
C ASP C 16 3.20 41.87 -6.98
N LEU C 17 3.82 41.68 -8.19
CA LEU C 17 5.05 41.05 -8.30
C LEU C 17 5.92 41.82 -9.22
N LEU C 18 7.18 42.20 -8.89
CA LEU C 18 7.86 43.19 -9.60
C LEU C 18 9.00 42.46 -10.16
N ALA C 19 9.23 42.62 -11.50
CA ALA C 19 10.35 42.02 -12.15
C ALA C 19 11.11 43.15 -12.89
N ALA C 20 12.49 43.21 -12.69
CA ALA C 20 13.29 44.20 -13.30
C ALA C 20 13.94 43.68 -14.51
N PHE C 21 13.79 44.32 -15.72
CA PHE C 21 14.30 43.91 -17.00
C PHE C 21 15.42 44.90 -17.49
N ARG C 22 16.59 44.51 -17.90
CA ARG C 22 17.51 45.33 -18.58
C ARG C 22 17.25 45.02 -20.11
N PHE C 23 17.08 45.98 -20.91
CA PHE C 23 16.75 45.65 -22.34
C PHE C 23 17.34 46.64 -23.26
N SER C 24 17.77 46.17 -24.47
CA SER C 24 18.17 46.99 -25.57
C SER C 24 17.28 46.89 -26.83
N PRO C 25 16.45 47.83 -27.16
CA PRO C 25 15.55 47.61 -28.26
C PRO C 25 16.23 47.67 -29.58
N GLN C 26 15.53 47.33 -30.63
CA GLN C 26 15.88 47.51 -32.01
C GLN C 26 15.89 48.95 -32.38
N PRO C 27 16.77 49.34 -33.37
CA PRO C 27 16.71 50.69 -33.83
C PRO C 27 15.37 51.05 -34.33
N GLY C 28 14.92 52.34 -34.05
CA GLY C 28 13.62 52.79 -34.46
C GLY C 28 12.56 52.65 -33.36
N VAL C 29 12.68 51.56 -32.52
CA VAL C 29 11.65 51.18 -31.64
C VAL C 29 11.86 52.11 -30.50
N PRO C 30 10.87 52.98 -30.04
CA PRO C 30 11.10 53.67 -28.79
C PRO C 30 11.11 52.82 -27.48
N ALA C 31 11.96 53.35 -26.55
CA ALA C 31 12.26 52.55 -25.29
C ALA C 31 11.00 52.23 -24.55
N ASP C 32 10.12 53.25 -24.37
CA ASP C 32 8.85 53.06 -23.73
C ASP C 32 7.86 51.99 -24.41
N GLU C 33 7.75 52.05 -25.68
CA GLU C 33 6.94 51.07 -26.42
C GLU C 33 7.55 49.75 -26.40
N ALA C 34 8.94 49.70 -26.44
CA ALA C 34 9.59 48.43 -26.29
C ALA C 34 9.27 47.82 -24.95
N GLY C 35 9.38 48.64 -23.86
CA GLY C 35 8.98 48.05 -22.60
C GLY C 35 7.54 47.68 -22.42
N ALA C 36 6.63 48.43 -23.12
CA ALA C 36 5.20 48.06 -23.19
C ALA C 36 5.02 46.65 -23.88
N ALA C 37 5.71 46.45 -24.98
CA ALA C 37 5.67 45.18 -25.67
C ALA C 37 6.13 44.07 -24.79
N ILE C 38 7.24 44.31 -24.03
CA ILE C 38 7.80 43.30 -23.08
C ILE C 38 6.67 43.05 -22.04
N ALA C 39 6.00 44.13 -21.57
CA ALA C 39 4.85 43.82 -20.69
C ALA C 39 3.78 43.01 -21.23
N ALA C 40 3.34 43.33 -22.48
CA ALA C 40 2.26 42.66 -23.09
C ALA C 40 2.46 41.26 -23.44
N GLU C 41 3.69 40.92 -23.94
CA GLU C 41 3.99 39.61 -24.35
C GLU C 41 3.78 38.53 -23.25
N SER C 42 4.02 38.90 -21.96
CA SER C 42 4.05 37.92 -20.84
C SER C 42 2.71 37.77 -20.10
N SER C 43 2.09 38.82 -19.69
CA SER C 43 0.76 38.89 -19.04
C SER C 43 -0.46 38.57 -19.83
N THR C 44 -0.49 39.02 -21.11
CA THR C 44 -1.51 38.66 -22.13
C THR C 44 -1.03 38.21 -23.44
N GLY C 45 0.25 38.32 -23.83
CA GLY C 45 0.67 38.03 -25.15
C GLY C 45 0.44 39.12 -26.10
N THR C 46 -0.85 39.54 -26.24
CA THR C 46 -1.20 40.63 -27.11
C THR C 46 -1.89 41.68 -26.39
N THR C 49 -6.27 40.00 -30.48
CA THR C 49 -7.61 40.07 -30.15
C THR C 49 -8.32 38.84 -30.55
N VAL C 50 -9.26 38.36 -29.76
CA VAL C 50 -10.15 37.25 -30.01
C VAL C 50 -11.52 37.57 -29.36
N TRP C 51 -12.49 36.74 -29.62
CA TRP C 51 -13.85 36.90 -29.05
C TRP C 51 -13.86 36.64 -27.57
N THR C 52 -13.09 35.66 -27.15
CA THR C 52 -13.05 35.29 -25.76
C THR C 52 -12.53 36.42 -24.74
N ASP C 53 -11.74 37.39 -25.27
CA ASP C 53 -10.98 38.27 -24.46
C ASP C 53 -12.01 39.08 -23.62
N LEU C 54 -13.06 39.54 -24.25
CA LEU C 54 -14.10 40.34 -23.56
C LEU C 54 -14.91 39.57 -22.56
N LEU C 55 -14.81 38.27 -22.47
CA LEU C 55 -15.37 37.49 -21.40
C LEU C 55 -14.65 37.52 -20.10
N THR C 56 -13.68 38.37 -19.91
CA THR C 56 -12.84 38.35 -18.69
C THR C 56 -12.60 39.83 -18.34
N ASP C 57 -11.84 40.05 -17.22
CA ASP C 57 -11.42 41.30 -16.86
C ASP C 57 -9.94 41.34 -17.37
N MET C 58 -9.86 41.96 -18.59
CA MET C 58 -8.59 42.31 -19.18
C MET C 58 -7.67 42.91 -18.20
N ASP C 59 -8.10 44.05 -17.60
CA ASP C 59 -7.22 44.88 -16.84
C ASP C 59 -6.65 44.13 -15.68
N ARG C 60 -7.53 43.33 -14.99
CA ARG C 60 -7.15 42.66 -13.78
C ARG C 60 -5.84 41.74 -14.11
N TYR C 61 -5.50 41.47 -15.43
CA TYR C 61 -4.56 40.30 -15.64
C TYR C 61 -3.46 40.85 -16.50
N LYS C 62 -2.95 42.07 -16.15
CA LYS C 62 -2.09 42.91 -17.02
C LYS C 62 -0.84 43.17 -16.25
N GLY C 63 0.24 43.36 -16.93
CA GLY C 63 1.58 43.49 -16.46
C GLY C 63 1.91 44.97 -16.79
N LYS C 64 2.03 45.74 -15.80
CA LYS C 64 1.97 47.16 -15.84
C LYS C 64 3.42 47.70 -15.85
N CYS C 65 3.94 48.31 -16.95
CA CYS C 65 5.13 49.07 -16.89
C CYS C 65 4.90 50.39 -16.25
N TYR C 66 5.35 50.52 -14.96
CA TYR C 66 5.12 51.76 -14.17
C TYR C 66 6.39 52.59 -14.06
N HIS C 67 7.64 52.15 -14.60
CA HIS C 67 8.87 52.97 -14.46
C HIS C 67 9.83 52.45 -15.57
N ILE C 68 10.38 53.35 -16.33
CA ILE C 68 11.40 53.09 -17.30
C ILE C 68 12.50 54.17 -17.13
N GLU C 69 13.83 53.72 -17.11
CA GLU C 69 14.94 54.62 -17.21
C GLU C 69 16.08 54.09 -18.03
N PRO C 70 16.88 54.99 -18.58
CA PRO C 70 18.07 54.51 -19.24
C PRO C 70 19.14 54.08 -18.26
N VAL C 71 20.16 53.42 -18.75
CA VAL C 71 21.30 52.89 -17.97
C VAL C 71 22.30 53.98 -17.91
N GLN C 72 22.80 54.29 -16.66
CA GLN C 72 23.68 55.52 -16.57
C GLN C 72 25.01 55.10 -17.30
N GLY C 73 25.54 55.96 -18.05
CA GLY C 73 26.83 55.72 -18.72
C GLY C 73 26.76 54.58 -19.76
N GLU C 74 25.53 54.32 -20.30
CA GLU C 74 25.31 53.35 -21.30
C GLU C 74 24.29 53.85 -22.36
N GLU C 75 24.39 53.48 -23.59
CA GLU C 75 23.45 53.95 -24.63
C GLU C 75 22.65 52.76 -25.25
N ASN C 76 21.38 53.05 -25.69
CA ASN C 76 20.56 51.89 -26.16
C ASN C 76 20.47 50.78 -25.06
N SER C 77 20.24 51.21 -23.78
CA SER C 77 19.94 50.31 -22.74
C SER C 77 19.03 50.99 -21.66
N TYR C 78 18.14 50.23 -21.04
CA TYR C 78 17.29 50.92 -20.06
C TYR C 78 16.86 49.85 -19.09
N PHE C 79 16.42 50.20 -17.94
CA PHE C 79 15.82 49.40 -16.90
C PHE C 79 14.32 49.46 -16.89
N ALA C 80 13.54 48.33 -16.99
CA ALA C 80 12.06 48.29 -16.98
C ALA C 80 11.71 47.64 -15.61
N PHE C 81 10.77 48.22 -14.92
CA PHE C 81 10.06 47.53 -13.87
C PHE C 81 8.64 47.26 -14.17
N ILE C 82 8.21 45.94 -14.03
CA ILE C 82 6.93 45.52 -14.46
C ILE C 82 6.27 45.01 -13.22
N ALA C 83 5.01 45.28 -13.08
CA ALA C 83 4.19 44.70 -11.91
C ALA C 83 3.17 43.64 -12.42
N TYR C 84 3.09 42.53 -11.63
CA TYR C 84 2.23 41.46 -11.94
C TYR C 84 1.37 41.11 -10.77
N PRO C 85 -0.03 41.01 -11.02
CA PRO C 85 -0.85 40.75 -9.86
C PRO C 85 -0.59 39.32 -9.28
N LEU C 86 -0.83 39.17 -8.02
CA LEU C 86 -0.68 37.84 -7.35
C LEU C 86 -1.51 36.84 -8.01
N ASP C 87 -2.70 37.20 -8.55
CA ASP C 87 -3.61 36.21 -9.15
C ASP C 87 -2.91 35.41 -10.22
N LEU C 88 -2.03 36.05 -10.95
CA LEU C 88 -1.68 35.44 -12.26
C LEU C 88 -0.98 34.09 -11.93
N PHE C 89 -0.42 33.82 -10.66
CA PHE C 89 0.58 32.83 -10.40
C PHE C 89 0.00 31.72 -9.57
N GLU C 90 0.58 30.50 -9.73
CA GLU C 90 0.23 29.34 -8.86
C GLU C 90 0.99 29.41 -7.48
N GLU C 91 0.48 28.81 -6.52
CA GLU C 91 1.03 28.64 -5.10
C GLU C 91 1.98 27.58 -5.04
N GLY C 92 3.21 27.89 -4.53
CA GLY C 92 4.21 26.89 -4.29
C GLY C 92 4.93 26.38 -5.49
N SER C 93 4.84 27.04 -6.69
CA SER C 93 5.41 26.62 -7.93
C SER C 93 6.36 27.69 -8.34
N VAL C 94 7.67 27.55 -7.89
CA VAL C 94 8.74 28.17 -8.54
C VAL C 94 8.63 27.99 -10.12
N THR C 95 8.17 26.78 -10.56
CA THR C 95 8.17 26.54 -11.97
C THR C 95 7.26 27.47 -12.66
N ASN C 96 6.09 27.65 -12.12
CA ASN C 96 5.09 28.62 -12.63
C ASN C 96 5.65 30.04 -12.73
N ILE C 97 6.38 30.40 -11.77
CA ILE C 97 6.99 31.71 -11.72
C ILE C 97 7.90 31.82 -12.90
N LEU C 98 8.82 30.90 -13.01
CA LEU C 98 9.82 30.92 -14.12
C LEU C 98 9.01 30.93 -15.46
N THR C 99 7.97 30.17 -15.66
CA THR C 99 7.38 30.14 -17.03
C THR C 99 6.72 31.45 -17.24
N SER C 100 6.00 32.03 -16.34
CA SER C 100 5.33 33.38 -16.52
C SER C 100 6.30 34.39 -16.76
N ILE C 101 7.38 34.43 -15.93
CA ILE C 101 8.20 35.65 -16.08
C ILE C 101 8.98 35.53 -17.35
N VAL C 102 9.63 34.35 -17.56
CA VAL C 102 10.70 34.23 -18.50
C VAL C 102 10.31 33.02 -19.51
N GLY C 103 8.99 32.68 -19.73
CA GLY C 103 8.61 31.55 -20.61
C GLY C 103 8.94 31.78 -22.04
N ASN C 104 8.56 33.00 -22.57
CA ASN C 104 8.69 33.30 -24.02
C ASN C 104 9.29 34.65 -24.24
N VAL C 105 9.42 35.53 -23.28
CA VAL C 105 9.79 36.97 -23.54
C VAL C 105 11.06 37.06 -24.21
N PHE C 106 12.08 36.17 -23.92
CA PHE C 106 13.32 36.18 -24.64
C PHE C 106 13.26 35.69 -26.05
N GLY C 107 12.11 35.24 -26.62
CA GLY C 107 11.86 35.15 -28.08
C GLY C 107 11.36 36.42 -28.79
N PHE C 108 11.06 37.54 -28.04
CA PHE C 108 10.46 38.70 -28.63
C PHE C 108 11.49 39.47 -29.51
N LYS C 109 11.21 39.71 -30.76
CA LYS C 109 12.21 40.16 -31.69
C LYS C 109 12.78 41.53 -31.49
N ALA C 110 11.81 42.45 -31.23
CA ALA C 110 12.26 43.89 -31.21
C ALA C 110 13.27 44.20 -30.16
N ILE C 111 13.57 43.37 -29.19
CA ILE C 111 14.58 43.66 -28.21
C ILE C 111 15.82 42.99 -28.65
N ARG C 112 16.87 43.80 -28.97
CA ARG C 112 18.12 43.26 -29.36
C ARG C 112 18.70 42.31 -28.21
N SER C 113 18.58 42.72 -26.98
CA SER C 113 19.03 41.91 -25.83
C SER C 113 18.20 42.19 -24.62
N LEU C 114 17.95 41.14 -23.77
CA LEU C 114 17.09 41.31 -22.64
C LEU C 114 17.64 40.56 -21.39
N ARG C 115 17.31 40.97 -20.20
CA ARG C 115 17.60 40.31 -19.01
C ARG C 115 16.58 40.56 -17.98
N LEU C 116 16.48 39.68 -17.03
CA LEU C 116 15.84 40.00 -15.77
C LEU C 116 16.91 40.15 -14.61
N GLU C 117 16.94 41.36 -13.96
CA GLU C 117 17.92 41.59 -12.99
C GLU C 117 17.45 41.12 -11.65
N ASP C 118 16.12 41.34 -11.34
CA ASP C 118 15.66 41.05 -10.04
C ASP C 118 14.09 40.80 -10.02
N ILE C 119 13.60 40.20 -8.97
CA ILE C 119 12.18 40.04 -8.78
C ILE C 119 11.95 40.60 -7.31
N ARG C 120 10.81 41.15 -6.99
CA ARG C 120 10.31 41.32 -5.60
C ARG C 120 9.02 40.48 -5.51
N PHE C 121 9.15 39.34 -4.77
CA PHE C 121 8.07 38.38 -4.50
C PHE C 121 7.23 38.90 -3.38
N PRO C 122 5.92 39.18 -3.57
CA PRO C 122 5.15 39.71 -2.47
C PRO C 122 5.13 38.79 -1.31
N VAL C 123 5.17 39.29 -0.11
CA VAL C 123 5.08 38.47 1.07
C VAL C 123 3.94 37.39 1.09
N ALA C 124 2.83 37.71 0.53
CA ALA C 124 1.77 36.78 0.37
C ALA C 124 2.19 35.64 -0.49
N LEU C 125 2.77 35.92 -1.54
CA LEU C 125 3.23 34.91 -2.45
C LEU C 125 4.45 34.10 -1.84
N VAL C 126 5.25 34.76 -1.05
CA VAL C 126 6.20 34.10 -0.20
C VAL C 126 5.58 32.97 0.67
N LYS C 127 4.63 33.30 1.40
CA LYS C 127 4.14 32.39 2.37
C LYS C 127 3.59 31.14 1.89
N THR C 128 3.16 31.07 0.69
CA THR C 128 2.76 29.78 0.07
C THR C 128 3.84 28.65 -0.03
N PHE C 129 5.13 29.06 -0.19
CA PHE C 129 6.32 28.13 -0.19
C PHE C 129 6.75 27.71 1.15
N GLN C 130 7.19 26.41 1.23
CA GLN C 130 7.84 25.97 2.35
C GLN C 130 9.19 26.57 2.68
N GLY C 131 9.91 27.18 1.63
CA GLY C 131 11.14 27.86 1.94
C GLY C 131 12.21 26.83 2.38
N PRO C 132 13.24 27.21 3.04
CA PRO C 132 14.33 26.22 3.24
C PRO C 132 13.92 25.13 4.16
N PRO C 133 14.37 23.92 4.09
CA PRO C 133 13.85 22.86 4.93
C PRO C 133 13.95 23.21 6.38
N HIS C 134 15.18 23.69 6.82
CA HIS C 134 15.50 23.84 8.30
C HIS C 134 15.83 25.25 8.55
N GLY C 135 16.56 25.86 7.65
CA GLY C 135 17.15 27.19 7.88
C GLY C 135 18.51 27.26 8.56
N ILE C 136 19.16 28.46 8.51
CA ILE C 136 20.59 28.60 8.90
C ILE C 136 20.65 28.24 10.42
N GLN C 137 19.76 28.79 11.19
CA GLN C 137 19.80 28.65 12.61
C GLN C 137 19.45 27.18 13.03
N VAL C 138 18.50 26.63 12.41
CA VAL C 138 18.06 25.26 12.74
C VAL C 138 19.25 24.32 12.31
N GLU C 139 19.63 24.39 11.09
CA GLU C 139 20.93 23.75 10.72
C GLU C 139 22.05 23.86 11.62
N ARG C 140 22.41 25.07 11.95
CA ARG C 140 23.59 25.36 12.72
C ARG C 140 23.40 24.73 14.14
N ASP C 141 22.14 24.67 14.68
CA ASP C 141 21.85 23.94 15.96
C ASP C 141 22.01 22.47 15.78
N LEU C 142 21.52 21.92 14.60
CA LEU C 142 21.49 20.45 14.57
C LEU C 142 22.86 19.89 14.38
N LEU C 143 23.61 20.45 13.45
CA LEU C 143 25.03 20.22 13.38
C LEU C 143 25.89 20.64 14.53
N ASN C 144 25.40 21.52 15.43
CA ASN C 144 26.22 21.82 16.55
C ASN C 144 27.33 22.76 16.40
N LYS C 145 27.44 23.40 15.16
CA LYS C 145 28.71 24.02 14.71
C LYS C 145 28.55 25.48 14.98
N TYR C 146 29.42 26.14 15.70
CA TYR C 146 29.16 27.49 16.06
C TYR C 146 30.49 28.19 16.08
N GLY C 147 30.53 29.52 16.13
CA GLY C 147 31.67 30.34 16.26
C GLY C 147 32.56 30.47 14.98
N ARG C 148 32.35 29.53 13.95
CA ARG C 148 32.89 29.61 12.63
C ARG C 148 32.05 29.30 11.47
N PRO C 149 32.47 29.82 10.25
CA PRO C 149 31.95 29.27 9.06
C PRO C 149 32.51 27.85 8.79
N MET C 150 31.68 27.12 7.99
CA MET C 150 31.87 25.73 7.78
C MET C 150 32.87 25.48 6.61
N LEU C 151 33.44 24.23 6.53
CA LEU C 151 34.54 24.06 5.54
C LEU C 151 34.11 22.76 4.80
N GLY C 152 34.41 22.68 3.53
CA GLY C 152 34.09 21.63 2.60
C GLY C 152 35.26 21.26 1.69
N CYS C 153 35.40 20.07 1.27
CA CYS C 153 36.44 19.53 0.32
C CYS C 153 35.83 18.71 -0.71
N THR C 154 35.81 19.26 -1.99
CA THR C 154 35.26 18.54 -3.09
C THR C 154 36.33 17.40 -3.42
N ILE C 155 35.92 16.19 -3.33
CA ILE C 155 36.81 15.08 -3.49
C ILE C 155 37.33 15.00 -4.88
N LYS C 156 38.62 14.60 -5.02
CA LYS C 156 39.15 14.63 -6.37
C LYS C 156 39.87 13.23 -6.52
N PRO C 157 40.04 12.79 -7.74
CA PRO C 157 39.51 13.27 -9.01
C PRO C 157 38.02 13.09 -9.10
N LYS C 158 37.36 13.92 -9.95
CA LYS C 158 35.92 13.96 -10.00
C LYS C 158 35.43 12.48 -10.29
N LEU C 159 35.85 11.91 -11.44
CA LEU C 159 35.43 10.56 -11.90
C LEU C 159 36.61 9.60 -11.59
N GLY C 160 36.37 8.37 -11.90
CA GLY C 160 37.31 7.29 -11.87
C GLY C 160 37.42 6.59 -10.47
N LEU C 161 37.49 7.38 -9.42
CA LEU C 161 37.46 6.88 -8.08
C LEU C 161 36.53 5.80 -7.72
N SER C 162 37.09 4.66 -7.09
CA SER C 162 36.22 3.60 -6.75
C SER C 162 35.43 3.94 -5.46
N ALA C 163 34.46 3.21 -5.19
CA ALA C 163 33.68 3.37 -3.95
C ALA C 163 34.49 3.37 -2.77
N LYS C 164 35.37 2.34 -2.74
CA LYS C 164 36.20 1.97 -1.58
C LYS C 164 37.17 3.08 -1.35
N ASN C 165 37.92 3.36 -2.38
CA ASN C 165 38.82 4.58 -2.41
C ASN C 165 38.16 5.85 -2.13
N TYR C 166 36.97 6.06 -2.76
CA TYR C 166 36.09 7.19 -2.39
C TYR C 166 35.80 7.45 -0.96
N GLY C 167 35.26 6.47 -0.29
CA GLY C 167 35.08 6.58 1.10
C GLY C 167 36.40 6.66 1.87
N ARG C 168 37.48 6.11 1.38
CA ARG C 168 38.80 6.26 2.01
C ARG C 168 39.18 7.67 2.08
N ALA C 169 39.10 8.38 0.92
CA ALA C 169 39.49 9.75 0.84
C ALA C 169 38.51 10.65 1.65
N VAL C 170 37.19 10.37 1.54
CA VAL C 170 36.25 11.02 2.52
C VAL C 170 36.55 10.92 3.93
N TYR C 171 36.72 9.74 4.44
CA TYR C 171 37.39 9.61 5.75
C TYR C 171 38.59 10.38 6.02
N GLU C 172 39.68 10.28 5.27
CA GLU C 172 40.79 11.13 5.46
C GLU C 172 40.49 12.59 5.65
N CYS C 173 39.83 13.22 4.64
CA CYS C 173 39.67 14.57 4.61
C CYS C 173 38.74 15.03 5.71
N LEU C 174 37.70 14.31 5.95
CA LEU C 174 36.87 14.54 7.06
C LEU C 174 37.56 14.45 8.35
N ARG C 175 38.39 13.46 8.51
CA ARG C 175 39.15 13.40 9.81
C ARG C 175 39.98 14.58 9.98
N GLY C 176 40.67 15.11 8.87
CA GLY C 176 41.51 16.25 9.09
C GLY C 176 40.91 17.45 9.82
N GLY C 177 39.63 17.54 9.85
CA GLY C 177 38.84 18.60 10.51
C GLY C 177 37.83 19.38 9.70
N LEU C 178 37.89 19.26 8.40
CA LEU C 178 36.72 19.61 7.65
C LEU C 178 35.36 19.16 8.05
N ASP C 179 34.38 20.03 7.88
CA ASP C 179 33.07 19.81 8.43
C ASP C 179 32.41 18.93 7.42
N PHE C 180 32.63 19.05 6.05
CA PHE C 180 31.80 18.19 5.19
C PHE C 180 32.75 17.98 4.03
N THR C 181 32.23 17.05 3.11
CA THR C 181 32.74 16.66 1.84
C THR C 181 31.69 16.67 0.83
N LYS C 182 31.94 16.95 -0.48
CA LYS C 182 30.93 16.89 -1.57
C LYS C 182 31.38 16.02 -2.64
N ASP C 183 30.49 15.46 -3.31
CA ASP C 183 30.73 15.04 -4.71
C ASP C 183 30.98 16.04 -5.69
N ASP C 184 31.63 15.74 -6.74
CA ASP C 184 31.41 16.60 -7.93
C ASP C 184 29.91 16.40 -8.31
N GLU C 185 29.34 17.44 -8.78
CA GLU C 185 27.98 17.34 -9.42
C GLU C 185 27.95 16.18 -10.44
N ASN C 186 28.99 15.77 -11.04
CA ASN C 186 28.94 14.74 -12.03
C ASN C 186 28.78 13.36 -11.46
N ILE C 187 28.83 13.11 -10.12
CA ILE C 187 29.26 11.80 -9.72
C ILE C 187 27.98 11.25 -9.03
N ASN C 188 27.11 10.52 -9.82
CA ASN C 188 26.17 9.70 -9.16
C ASN C 188 26.19 8.22 -9.37
N SER C 189 26.10 7.69 -10.61
CA SER C 189 26.13 6.26 -10.75
C SER C 189 26.99 5.87 -11.90
N GLN C 190 28.12 6.42 -12.11
CA GLN C 190 28.90 6.17 -13.34
C GLN C 190 29.31 4.65 -13.44
N PRO C 191 29.55 4.05 -14.58
CA PRO C 191 29.92 2.61 -14.66
C PRO C 191 30.99 2.20 -13.70
N PHE C 192 32.06 2.92 -13.56
CA PHE C 192 33.05 2.63 -12.54
C PHE C 192 32.49 2.53 -11.04
N GLN C 193 31.42 3.31 -10.79
CA GLN C 193 30.85 3.55 -9.49
C GLN C 193 29.30 3.65 -9.25
N ARG C 194 28.79 2.84 -8.40
CA ARG C 194 27.41 2.72 -8.22
C ARG C 194 26.94 3.55 -7.01
N TRP C 195 25.79 4.16 -7.12
CA TRP C 195 25.35 5.13 -6.18
C TRP C 195 25.32 4.37 -4.75
N ARG C 196 24.62 3.29 -4.68
CA ARG C 196 24.22 2.67 -3.34
C ARG C 196 25.40 2.29 -2.57
N ASP C 197 26.39 1.61 -3.20
CA ASP C 197 27.59 1.25 -2.52
C ASP C 197 28.33 2.52 -1.97
N ARG C 198 28.09 3.65 -2.58
CA ARG C 198 28.85 4.83 -2.32
C ARG C 198 28.31 5.57 -1.03
N PHE C 199 26.95 5.78 -0.95
CA PHE C 199 26.26 5.90 0.31
C PHE C 199 26.75 4.96 1.38
N LEU C 200 26.78 3.68 1.07
CA LEU C 200 27.17 2.74 2.15
C LEU C 200 28.63 3.01 2.64
N PHE C 201 29.61 3.20 1.70
CA PHE C 201 30.89 3.60 2.05
C PHE C 201 31.13 4.94 2.80
N VAL C 202 30.50 5.89 2.25
CA VAL C 202 30.46 7.13 2.87
C VAL C 202 29.87 7.15 4.35
N ALA C 203 28.80 6.46 4.48
CA ALA C 203 28.27 6.32 5.88
C ALA C 203 29.22 5.68 6.71
N ASP C 204 29.89 4.57 6.24
CA ASP C 204 30.88 3.99 7.19
C ASP C 204 31.97 5.07 7.63
N ALA C 205 32.51 5.79 6.67
CA ALA C 205 33.54 6.75 6.84
C ALA C 205 33.10 7.84 7.74
N ILE C 206 31.87 8.40 7.57
CA ILE C 206 31.40 9.42 8.40
C ILE C 206 31.30 8.96 9.82
N HIS C 207 30.76 7.73 10.03
CA HIS C 207 30.55 7.31 11.34
C HIS C 207 31.91 7.08 12.08
N LYS C 208 32.87 6.60 11.38
CA LYS C 208 34.21 6.45 11.91
C LYS C 208 34.80 7.79 12.24
N SER C 209 34.67 8.68 11.39
CA SER C 209 35.16 10.13 11.65
C SER C 209 34.52 10.69 12.84
N GLN C 210 33.18 10.53 12.94
CA GLN C 210 32.40 11.10 14.09
C GLN C 210 32.78 10.44 15.38
N ALA C 211 33.06 9.10 15.39
CA ALA C 211 33.61 8.42 16.49
C ALA C 211 34.92 8.96 16.94
N GLU C 212 35.76 9.19 16.06
CA GLU C 212 37.16 9.48 16.49
C GLU C 212 37.34 11.05 16.84
N THR C 213 36.96 11.90 15.85
CA THR C 213 37.06 13.31 15.98
C THR C 213 36.35 13.85 17.11
N GLY C 214 35.03 13.39 17.31
CA GLY C 214 34.05 13.99 18.14
C GLY C 214 33.31 15.13 17.65
N GLU C 215 33.22 15.28 16.25
CA GLU C 215 32.44 16.32 15.65
C GLU C 215 31.53 15.77 14.64
N ILE C 216 30.28 16.37 14.55
CA ILE C 216 29.32 15.98 13.56
C ILE C 216 30.11 16.05 12.21
N LYS C 217 30.12 14.96 11.48
CA LYS C 217 30.60 14.81 10.09
C LYS C 217 29.44 14.45 9.12
N GLY C 218 29.65 14.84 7.92
CA GLY C 218 28.59 14.66 6.91
C GLY C 218 29.29 14.77 5.55
N HIS C 219 28.79 14.14 4.45
CA HIS C 219 29.12 14.45 3.12
C HIS C 219 27.95 14.94 2.38
N TYR C 220 28.06 15.57 1.23
CA TYR C 220 27.07 16.06 0.38
C TYR C 220 26.68 15.05 -0.74
N LEU C 221 25.59 14.41 -0.59
CA LEU C 221 25.32 13.10 -1.11
C LEU C 221 24.52 13.40 -2.30
N ASN C 222 25.03 13.30 -3.49
CA ASN C 222 24.28 13.65 -4.67
C ASN C 222 23.24 12.63 -4.96
N VAL C 223 21.98 12.89 -4.53
CA VAL C 223 20.90 11.98 -4.72
C VAL C 223 20.12 12.28 -6.07
N THR C 224 20.48 13.34 -6.86
CA THR C 224 19.92 13.54 -8.16
C THR C 224 19.82 12.19 -8.92
N ALA C 225 18.65 11.95 -9.57
CA ALA C 225 18.53 10.60 -10.17
C ALA C 225 17.71 10.78 -11.40
N PRO C 226 17.83 9.87 -12.33
CA PRO C 226 17.15 10.12 -13.62
C PRO C 226 15.62 10.34 -13.45
N THR C 227 15.02 9.87 -12.37
CA THR C 227 13.55 9.85 -12.26
C THR C 227 13.26 10.24 -10.75
N CYS C 228 12.11 10.97 -10.50
CA CYS C 228 11.61 11.18 -9.18
C CYS C 228 11.58 9.85 -8.37
N GLU C 229 11.24 8.72 -8.93
CA GLU C 229 11.22 7.44 -8.17
C GLU C 229 12.60 7.10 -7.69
N GLU C 230 13.62 7.26 -8.57
CA GLU C 230 14.99 6.98 -8.22
C GLU C 230 15.48 7.90 -7.21
N MET C 231 15.15 9.21 -7.36
CA MET C 231 15.67 10.16 -6.42
C MET C 231 15.13 9.93 -5.07
N MET C 232 13.85 9.62 -5.00
CA MET C 232 13.26 9.21 -3.80
C MET C 232 13.80 8.07 -3.09
N LYS C 233 13.98 6.96 -3.87
CA LYS C 233 14.81 5.94 -3.49
C LYS C 233 16.14 6.27 -2.87
N ARG C 234 16.92 7.08 -3.53
CA ARG C 234 18.38 7.20 -3.14
C ARG C 234 18.21 7.98 -1.73
N ALA C 235 17.45 9.04 -1.69
CA ALA C 235 17.30 9.92 -0.51
C ALA C 235 16.71 9.18 0.63
N GLU C 236 15.70 8.39 0.35
CA GLU C 236 15.27 7.46 1.48
C GLU C 236 16.28 6.54 2.08
N PHE C 237 17.03 5.87 1.23
CA PHE C 237 18.14 5.18 1.63
C PHE C 237 19.28 5.83 2.47
N ALA C 238 19.64 7.02 1.94
CA ALA C 238 20.61 7.87 2.57
C ALA C 238 20.11 8.19 4.01
N LYS C 239 18.80 8.54 4.14
CA LYS C 239 18.33 8.78 5.56
C LYS C 239 18.40 7.58 6.34
N GLU C 240 18.08 6.37 5.80
CA GLU C 240 18.05 5.12 6.63
C GLU C 240 19.36 5.05 7.36
N LEU C 241 20.50 5.24 6.60
CA LEU C 241 21.80 5.19 7.18
C LEU C 241 22.11 6.18 8.25
N GLY C 242 21.27 7.29 8.40
CA GLY C 242 21.49 8.31 9.45
C GLY C 242 22.30 9.45 9.04
N MET C 243 22.45 9.77 7.79
CA MET C 243 23.11 10.94 7.32
C MET C 243 22.41 12.23 7.62
N PRO C 244 23.18 13.35 7.85
CA PRO C 244 22.51 14.59 8.07
C PRO C 244 22.18 15.42 6.87
N ILE C 245 22.80 15.16 5.62
CA ILE C 245 22.72 16.05 4.56
C ILE C 245 22.71 15.31 3.20
N ILE C 246 22.24 15.95 2.20
CA ILE C 246 22.36 15.46 0.87
C ILE C 246 22.74 16.62 -0.10
N MET C 247 22.95 16.27 -1.41
CA MET C 247 23.25 17.15 -2.50
C MET C 247 22.29 16.97 -3.62
N HIS C 248 21.93 18.01 -4.32
CA HIS C 248 21.11 17.80 -5.48
C HIS C 248 21.29 19.11 -6.43
N ASP C 249 20.90 19.02 -7.68
CA ASP C 249 21.36 20.09 -8.61
C ASP C 249 20.21 20.63 -9.42
N PHE C 250 19.96 21.91 -9.46
CA PHE C 250 18.56 22.43 -9.73
C PHE C 250 18.42 22.86 -11.16
N LEU C 251 19.34 23.67 -11.64
CA LEU C 251 19.40 23.75 -13.03
C LEU C 251 19.40 22.55 -13.83
N THR C 252 20.04 21.46 -13.30
CA THR C 252 20.10 20.25 -14.20
C THR C 252 18.89 19.51 -13.94
N ALA C 253 18.65 19.08 -12.75
CA ALA C 253 17.65 18.06 -12.58
C ALA C 253 16.23 18.66 -12.76
N GLY C 254 16.02 19.91 -12.29
CA GLY C 254 14.73 20.51 -12.28
C GLY C 254 14.36 21.11 -10.89
N PHE C 255 13.87 22.33 -10.89
CA PHE C 255 12.99 22.81 -9.85
C PHE C 255 11.88 21.93 -9.23
N THR C 256 11.00 21.32 -9.99
CA THR C 256 10.05 20.47 -9.37
C THR C 256 10.57 19.45 -8.53
N ALA C 257 11.52 18.71 -9.03
CA ALA C 257 12.20 17.65 -8.23
C ALA C 257 12.77 18.21 -6.97
N ASN C 258 13.32 19.39 -6.93
CA ASN C 258 13.68 20.15 -5.78
C ASN C 258 12.69 20.49 -4.79
N THR C 259 11.63 21.00 -5.21
CA THR C 259 10.59 21.38 -4.34
C THR C 259 10.12 20.02 -3.64
N THR C 260 9.99 18.97 -4.41
CA THR C 260 9.76 17.62 -3.85
C THR C 260 10.75 17.17 -2.82
N LEU C 261 11.94 17.24 -3.17
CA LEU C 261 13.00 16.71 -2.36
C LEU C 261 13.06 17.54 -1.13
N ALA C 262 12.95 18.90 -1.12
CA ALA C 262 12.87 19.77 -0.01
C ALA C 262 11.65 19.42 0.90
N LYS C 263 10.45 19.18 0.24
CA LYS C 263 9.34 18.70 1.11
C LYS C 263 9.71 17.44 1.80
N TRP C 264 10.24 16.51 1.09
CA TRP C 264 10.43 15.17 1.77
C TRP C 264 11.52 15.38 2.93
N CYS C 265 12.68 16.03 2.58
CA CYS C 265 13.67 16.18 3.61
C CYS C 265 13.21 16.98 4.79
N ARG C 266 12.25 17.98 4.55
CA ARG C 266 11.57 18.73 5.56
C ARG C 266 10.78 17.83 6.46
N ASP C 267 10.01 16.94 5.87
CA ASP C 267 9.43 15.86 6.58
C ASP C 267 10.27 14.87 7.21
N ASN C 268 11.47 14.67 6.77
CA ASN C 268 12.36 13.64 7.36
C ASN C 268 13.72 14.20 7.92
N GLY C 269 13.75 15.53 8.26
CA GLY C 269 14.77 16.07 9.08
C GLY C 269 16.20 15.89 8.47
N VAL C 270 16.40 16.05 7.21
CA VAL C 270 17.62 15.91 6.51
C VAL C 270 18.07 17.25 5.90
N LEU C 271 19.32 17.61 5.94
CA LEU C 271 19.79 18.83 5.35
C LEU C 271 19.87 18.61 3.81
N LEU C 272 19.74 19.74 3.07
CA LEU C 272 19.83 19.72 1.65
C LEU C 272 20.80 20.73 1.18
N HIS C 273 21.78 20.29 0.41
CA HIS C 273 22.68 21.15 -0.20
C HIS C 273 22.44 21.17 -1.74
N ILE C 274 22.69 22.33 -2.32
CA ILE C 274 22.38 22.64 -3.66
C ILE C 274 23.67 23.00 -4.45
N HIS C 275 23.71 22.59 -5.77
CA HIS C 275 24.73 23.02 -6.64
C HIS C 275 23.94 23.72 -7.85
N ARG C 276 24.61 24.53 -8.54
CA ARG C 276 24.14 25.48 -9.53
C ARG C 276 24.77 25.31 -10.96
N ALA C 277 24.96 24.10 -11.37
CA ALA C 277 25.66 23.76 -12.52
C ALA C 277 24.76 24.31 -13.72
N MET C 278 25.32 24.75 -14.80
CA MET C 278 24.74 25.57 -15.82
C MET C 278 24.39 26.98 -15.47
N HIS C 279 24.69 27.46 -14.28
CA HIS C 279 24.34 28.91 -13.94
C HIS C 279 24.92 29.83 -14.88
N ALA C 280 26.14 29.56 -15.27
CA ALA C 280 26.72 30.26 -16.43
C ALA C 280 26.01 30.33 -17.69
N VAL C 281 25.34 29.27 -18.05
CA VAL C 281 24.51 29.33 -19.21
C VAL C 281 23.29 30.36 -18.99
N ILE C 282 23.03 30.94 -17.79
CA ILE C 282 22.00 31.89 -17.62
C ILE C 282 22.56 33.26 -17.19
N ASP C 283 23.80 33.42 -16.67
CA ASP C 283 24.19 34.65 -15.96
C ASP C 283 25.34 35.25 -16.54
N ARG C 284 26.29 34.55 -17.22
CA ARG C 284 27.57 35.05 -17.43
C ARG C 284 27.73 36.37 -18.13
N GLN C 285 27.09 36.51 -19.24
CA GLN C 285 27.33 37.60 -20.11
C GLN C 285 26.85 38.78 -19.24
N ARG C 286 27.23 40.05 -19.62
CA ARG C 286 26.68 41.27 -19.00
C ARG C 286 25.32 41.75 -19.67
N ASN C 287 24.92 41.30 -20.89
CA ASN C 287 23.79 41.67 -21.66
C ASN C 287 22.46 40.86 -21.60
N HIS C 288 22.54 39.52 -21.91
CA HIS C 288 21.45 38.61 -21.91
C HIS C 288 21.48 37.41 -21.02
N GLY C 289 20.41 37.10 -20.23
CA GLY C 289 20.31 35.87 -19.38
C GLY C 289 19.28 36.22 -18.27
N ILE C 290 19.46 35.57 -17.17
CA ILE C 290 18.78 35.95 -15.91
C ILE C 290 19.95 35.96 -14.82
N HIS C 291 19.97 36.95 -13.98
CA HIS C 291 21.14 37.18 -13.21
C HIS C 291 21.02 36.07 -12.14
N PHE C 292 22.18 35.62 -11.59
CA PHE C 292 22.20 34.58 -10.52
C PHE C 292 21.40 34.81 -9.21
N ARG C 293 21.35 36.01 -8.77
CA ARG C 293 20.58 36.47 -7.71
C ARG C 293 19.11 36.00 -7.85
N VAL C 294 18.51 36.15 -8.99
CA VAL C 294 17.16 35.73 -9.19
C VAL C 294 16.95 34.26 -9.01
N LEU C 295 17.87 33.47 -9.51
CA LEU C 295 17.82 32.05 -9.36
C LEU C 295 17.94 31.65 -7.92
N ALA C 296 18.92 32.27 -7.20
CA ALA C 296 19.09 32.04 -5.73
C ALA C 296 17.76 32.39 -4.95
N LYS C 297 17.09 33.50 -5.36
CA LYS C 297 15.84 33.88 -4.79
C LYS C 297 14.80 32.81 -4.98
N CYS C 298 14.71 32.33 -6.20
CA CYS C 298 13.84 31.24 -6.52
C CYS C 298 14.11 29.95 -5.85
N LEU C 299 15.30 29.57 -5.80
CA LEU C 299 15.70 28.40 -5.07
C LEU C 299 15.34 28.54 -3.56
N ARG C 300 15.89 29.55 -2.82
CA ARG C 300 15.38 29.63 -1.42
C ARG C 300 13.94 29.56 -1.27
N LEU C 301 13.12 30.21 -2.01
CA LEU C 301 11.74 29.78 -2.16
C LEU C 301 11.37 28.38 -2.28
N SER C 302 11.97 27.70 -3.19
CA SER C 302 11.80 26.28 -3.34
C SER C 302 12.24 25.50 -2.04
N GLY C 303 13.44 25.87 -1.48
CA GLY C 303 13.95 25.32 -0.27
C GLY C 303 15.29 24.66 -0.42
N GLY C 304 16.33 25.17 0.36
CA GLY C 304 17.61 24.52 0.45
C GLY C 304 18.41 25.11 1.57
N ASP C 305 19.46 24.44 1.97
CA ASP C 305 20.23 24.83 3.13
C ASP C 305 21.57 25.38 2.72
N HIS C 306 22.11 24.88 1.54
CA HIS C 306 23.37 25.42 1.11
C HIS C 306 23.21 25.89 -0.37
N LEU C 307 24.11 26.82 -0.81
CA LEU C 307 24.16 27.20 -2.18
C LEU C 307 25.45 27.75 -2.59
N HIS C 308 25.99 27.24 -3.77
CA HIS C 308 27.22 27.77 -4.28
C HIS C 308 27.05 29.25 -4.73
N SER C 309 28.01 30.05 -4.44
CA SER C 309 27.99 31.53 -4.56
C SER C 309 29.30 32.04 -5.08
N GLY C 310 30.28 31.29 -5.55
CA GLY C 310 31.48 31.70 -6.23
C GLY C 310 32.60 32.03 -5.29
N THR C 311 33.79 32.18 -5.84
CA THR C 311 34.95 32.38 -5.05
C THR C 311 35.02 33.85 -4.52
N VAL C 312 34.88 34.75 -5.42
CA VAL C 312 34.71 36.12 -5.20
C VAL C 312 36.10 36.59 -4.93
N ASP C 319 30.93 40.44 -9.65
CA ASP C 319 31.44 41.60 -8.98
C ASP C 319 31.20 41.51 -7.50
N LYS C 320 32.15 42.08 -6.69
CA LYS C 320 32.14 41.90 -5.29
C LYS C 320 30.88 42.58 -4.64
N ALA C 321 30.49 43.72 -5.15
CA ALA C 321 29.25 44.23 -4.73
C ALA C 321 28.04 43.30 -4.99
N SER C 322 27.96 42.70 -6.27
CA SER C 322 26.84 41.82 -6.53
C SER C 322 26.80 40.58 -5.56
N THR C 323 28.00 40.03 -5.22
CA THR C 323 28.19 38.85 -4.45
C THR C 323 27.61 39.25 -3.15
N LEU C 324 27.93 40.36 -2.53
CA LEU C 324 27.59 40.80 -1.21
C LEU C 324 26.05 41.07 -1.28
N GLY C 325 25.52 41.67 -2.40
CA GLY C 325 24.10 41.82 -2.53
C GLY C 325 23.29 40.57 -2.45
N PHE C 326 23.49 39.59 -3.36
CA PHE C 326 22.61 38.44 -3.27
C PHE C 326 22.87 37.50 -2.20
N VAL C 327 24.09 37.43 -1.61
CA VAL C 327 24.32 36.63 -0.39
C VAL C 327 23.48 37.17 0.80
N ASP C 328 23.40 38.54 0.93
CA ASP C 328 22.59 39.14 1.88
C ASP C 328 21.06 38.90 1.57
N LEU C 329 20.61 39.08 0.36
CA LEU C 329 19.30 38.55 -0.09
C LEU C 329 18.92 37.22 0.31
N MET C 330 19.81 36.31 0.14
CA MET C 330 19.62 34.91 0.68
C MET C 330 19.91 34.70 2.14
N ARG C 331 20.42 35.65 2.86
CA ARG C 331 20.77 35.55 4.30
C ARG C 331 19.65 36.21 5.21
N GLU C 332 19.37 37.41 4.98
CA GLU C 332 18.65 38.26 5.96
C GLU C 332 17.13 38.14 5.55
N ASP C 333 16.34 38.27 6.53
CA ASP C 333 14.93 38.50 6.36
C ASP C 333 14.45 39.72 5.63
N HIS C 334 15.04 40.90 5.98
CA HIS C 334 14.83 42.18 5.27
C HIS C 334 16.09 42.64 4.59
N ILE C 335 15.96 43.13 3.33
CA ILE C 335 16.97 43.79 2.55
C ILE C 335 16.43 45.16 1.95
N GLU C 336 17.18 46.17 2.08
CA GLU C 336 16.85 47.43 1.50
C GLU C 336 17.46 47.57 0.08
N ALA C 337 16.77 48.24 -0.80
CA ALA C 337 17.20 48.39 -2.21
C ALA C 337 18.44 49.10 -2.29
N ASP C 338 19.38 48.62 -3.24
CA ASP C 338 20.67 49.13 -3.48
C ASP C 338 21.13 48.80 -4.85
N ARG C 339 21.11 49.81 -5.76
CA ARG C 339 21.51 49.59 -7.14
C ARG C 339 22.99 49.44 -7.25
N SER C 340 23.84 50.07 -6.29
CA SER C 340 25.29 49.73 -6.35
C SER C 340 25.50 48.21 -6.17
N ARG C 341 24.91 47.65 -5.18
CA ARG C 341 24.87 46.26 -5.03
C ARG C 341 23.88 45.44 -5.93
N GLY C 342 23.00 46.06 -6.67
CA GLY C 342 22.09 45.55 -7.63
C GLY C 342 20.80 44.99 -7.01
N VAL C 343 20.37 45.48 -5.78
CA VAL C 343 19.17 45.01 -5.16
C VAL C 343 18.17 46.09 -5.66
N PHE C 344 17.45 45.79 -6.78
CA PHE C 344 16.36 46.56 -7.28
C PHE C 344 15.23 46.81 -6.37
N PHE C 345 14.87 46.00 -5.40
CA PHE C 345 13.59 46.25 -4.81
C PHE C 345 13.91 45.94 -3.33
N THR C 346 13.19 46.65 -2.42
CA THR C 346 13.05 46.21 -1.01
C THR C 346 12.33 44.94 -0.93
N GLN C 347 12.85 44.00 -0.09
CA GLN C 347 12.25 42.71 0.07
C GLN C 347 12.10 42.38 1.51
N ASP C 348 10.93 41.78 1.88
CA ASP C 348 10.78 41.14 3.10
C ASP C 348 10.48 39.66 2.98
N TRP C 349 10.63 38.89 4.03
CA TRP C 349 10.35 37.43 4.09
C TRP C 349 9.61 36.91 5.22
N ALA C 350 9.02 37.79 6.10
CA ALA C 350 8.16 37.38 7.15
C ALA C 350 8.76 36.26 7.92
N SER C 351 10.06 36.45 8.24
CA SER C 351 10.81 35.51 9.02
C SER C 351 11.07 34.16 8.42
N MET C 352 10.90 33.95 7.13
CA MET C 352 11.21 32.69 6.52
C MET C 352 12.75 32.54 6.67
N PRO C 353 13.28 31.39 7.15
CA PRO C 353 14.68 31.32 7.46
C PRO C 353 15.56 31.49 6.20
N GLY C 354 16.84 31.90 6.41
CA GLY C 354 17.81 31.99 5.31
C GLY C 354 18.52 30.74 4.93
N VAL C 355 19.52 30.85 4.14
CA VAL C 355 20.21 29.67 3.56
C VAL C 355 21.74 29.96 3.76
N LEU C 356 22.53 28.92 3.85
CA LEU C 356 23.96 29.05 3.96
C LEU C 356 24.74 29.29 2.64
N PRO C 357 25.60 30.33 2.54
CA PRO C 357 26.23 30.58 1.22
C PRO C 357 27.25 29.49 1.12
N VAL C 358 27.70 29.13 -0.03
CA VAL C 358 28.87 28.22 -0.34
C VAL C 358 29.81 28.84 -1.26
N ALA C 359 31.17 28.86 -1.06
CA ALA C 359 32.09 29.33 -2.06
C ALA C 359 33.07 28.27 -2.30
N SER C 360 33.52 28.05 -3.59
CA SER C 360 34.43 26.89 -3.78
C SER C 360 35.45 27.42 -4.88
N GLY C 361 36.27 26.49 -5.47
CA GLY C 361 37.13 26.82 -6.62
C GLY C 361 38.55 27.05 -6.25
N GLY C 362 39.03 26.15 -5.35
CA GLY C 362 40.47 26.24 -5.06
C GLY C 362 40.69 27.57 -4.42
N ILE C 363 40.15 27.76 -3.24
CA ILE C 363 39.99 29.11 -2.65
C ILE C 363 41.18 29.75 -2.18
N HIS C 364 42.43 29.13 -2.28
CA HIS C 364 43.69 29.87 -2.00
C HIS C 364 43.75 30.27 -0.57
N VAL C 365 44.00 29.41 0.33
CA VAL C 365 43.89 29.63 1.79
C VAL C 365 44.58 30.96 2.17
N TRP C 366 45.67 31.34 1.41
CA TRP C 366 46.09 32.70 1.61
C TRP C 366 45.06 33.81 1.48
N HIS C 367 44.18 33.79 0.51
CA HIS C 367 42.97 34.63 0.42
C HIS C 367 41.82 34.25 1.44
N MET C 368 42.00 33.13 2.20
CA MET C 368 40.87 32.76 3.07
C MET C 368 40.52 33.94 4.10
N PRO C 369 41.42 34.62 4.75
CA PRO C 369 41.05 35.70 5.71
C PRO C 369 40.11 36.77 5.05
N ALA C 370 40.37 37.10 3.73
CA ALA C 370 39.46 37.98 2.92
C ALA C 370 38.11 37.38 2.83
N LEU C 371 38.05 36.12 2.52
CA LEU C 371 36.76 35.39 2.43
C LEU C 371 35.99 35.43 3.79
N VAL C 372 36.71 35.22 4.87
CA VAL C 372 35.95 35.43 6.17
C VAL C 372 35.48 36.92 6.31
N GLU C 373 36.27 37.84 6.00
CA GLU C 373 35.83 39.22 5.91
C GLU C 373 34.60 39.39 5.17
N ILE C 374 34.59 38.92 3.98
CA ILE C 374 33.51 39.24 3.01
C ILE C 374 32.21 38.67 3.46
N PHE C 375 32.22 37.41 3.79
CA PHE C 375 31.07 36.54 3.96
C PHE C 375 30.45 36.61 5.26
N GLY C 376 31.24 36.69 6.35
CA GLY C 376 30.62 36.72 7.69
C GLY C 376 30.53 35.31 8.20
N ASP C 377 30.17 35.17 9.43
CA ASP C 377 30.24 33.85 10.11
C ASP C 377 29.42 32.84 9.41
N ASP C 378 28.14 33.23 9.02
CA ASP C 378 27.25 32.15 8.53
C ASP C 378 27.49 31.88 7.10
N SER C 379 28.39 30.91 6.80
CA SER C 379 28.82 30.65 5.47
C SER C 379 29.49 29.25 5.43
N VAL C 380 29.79 28.75 4.28
CA VAL C 380 30.51 27.54 4.06
C VAL C 380 31.62 27.75 2.99
N LEU C 381 32.77 27.23 3.25
CA LEU C 381 33.90 27.33 2.31
C LEU C 381 34.25 25.98 1.74
N GLN C 382 34.12 25.72 0.51
CA GLN C 382 34.40 24.45 -0.02
C GLN C 382 35.81 24.67 -0.67
N PHE C 383 36.55 23.56 -0.95
CA PHE C 383 37.95 23.50 -1.28
C PHE C 383 38.21 22.49 -2.44
N GLY C 384 38.41 23.01 -3.63
CA GLY C 384 38.75 22.19 -4.75
C GLY C 384 40.24 21.88 -4.84
N GLY C 393 44.57 18.38 -0.79
CA GLY C 393 43.31 17.91 -0.29
C GLY C 393 43.43 16.60 0.43
N ASN C 394 44.31 16.54 1.38
CA ASN C 394 44.50 15.29 2.23
C ASN C 394 44.30 15.60 3.68
N ALA C 395 44.50 14.65 4.51
CA ALA C 395 44.36 14.84 5.97
C ALA C 395 45.25 15.94 6.60
N PRO C 396 46.51 15.98 6.39
CA PRO C 396 47.26 17.10 6.80
C PRO C 396 46.89 18.45 6.15
N GLY C 397 46.57 18.44 4.90
CA GLY C 397 46.09 19.72 4.28
C GLY C 397 44.76 20.23 4.90
N ALA C 398 43.87 19.32 5.19
CA ALA C 398 42.61 19.57 5.77
C ALA C 398 42.94 20.14 7.24
N THR C 399 43.83 19.48 7.94
CA THR C 399 44.17 20.07 9.28
C THR C 399 44.68 21.53 9.13
N ALA C 400 45.59 21.84 8.17
CA ALA C 400 46.19 23.11 8.06
C ALA C 400 45.02 24.12 7.71
N ASN C 401 44.11 23.71 6.79
CA ASN C 401 42.99 24.52 6.40
C ASN C 401 42.12 24.78 7.54
N ARG C 402 41.72 23.82 8.35
CA ARG C 402 40.93 24.12 9.57
C ARG C 402 41.65 25.15 10.48
N VAL C 403 42.89 24.83 10.97
CA VAL C 403 43.61 25.71 11.84
C VAL C 403 43.69 27.06 11.27
N ALA C 404 43.88 27.28 10.02
CA ALA C 404 43.79 28.66 9.46
C ALA C 404 42.46 29.21 9.65
N LEU C 405 41.32 28.45 9.36
CA LEU C 405 40.04 28.96 9.69
C LEU C 405 40.02 29.48 11.07
N GLU C 406 40.51 28.68 12.07
CA GLU C 406 40.50 29.20 13.35
C GLU C 406 41.03 30.50 13.65
N ALA C 407 42.27 30.57 13.26
CA ALA C 407 43.22 31.59 13.49
C ALA C 407 42.59 32.91 12.94
N CYS C 408 42.03 32.84 11.70
CA CYS C 408 41.42 34.02 11.16
C CYS C 408 40.26 34.52 11.88
N VAL C 409 39.34 33.59 12.29
CA VAL C 409 38.16 33.97 13.10
C VAL C 409 38.56 34.53 14.43
N GLN C 410 39.55 33.93 15.04
CA GLN C 410 39.95 34.30 16.36
C GLN C 410 40.47 35.76 16.34
N ALA C 411 41.31 35.98 15.29
CA ALA C 411 41.92 37.31 15.03
C ALA C 411 40.89 38.31 14.79
N ARG C 412 39.86 37.95 13.94
CA ARG C 412 38.76 38.86 13.75
C ARG C 412 38.13 39.24 15.05
N ASN C 413 37.87 38.27 15.88
CA ASN C 413 37.26 38.50 17.17
C ASN C 413 38.23 39.29 18.09
N GLU C 414 39.51 39.15 17.86
CA GLU C 414 40.44 40.02 18.64
C GLU C 414 40.18 41.55 18.33
N GLY C 415 39.51 41.91 17.17
CA GLY C 415 39.48 43.25 16.69
C GLY C 415 40.57 43.64 15.68
N ARG C 416 41.53 42.73 15.38
CA ARG C 416 42.57 43.00 14.37
C ARG C 416 41.88 43.06 13.04
N ASP C 417 42.29 44.07 12.16
CA ASP C 417 41.72 44.05 10.84
C ASP C 417 42.16 42.90 9.99
N LEU C 418 41.17 42.14 9.42
CA LEU C 418 41.56 40.95 8.63
C LEU C 418 42.27 41.29 7.39
N TYR C 419 41.70 42.24 6.61
CA TYR C 419 42.37 42.56 5.39
C TYR C 419 43.78 43.05 5.47
N ARG C 420 44.04 43.94 6.40
CA ARG C 420 45.41 44.50 6.58
C ARG C 420 46.37 43.44 7.21
N GLU C 421 45.88 42.54 8.03
CA GLU C 421 46.73 41.69 8.83
C GLU C 421 46.63 40.22 8.36
N GLY C 422 46.11 39.84 7.21
CA GLY C 422 45.94 38.47 6.82
C GLY C 422 47.25 37.66 6.82
N GLY C 423 48.26 38.23 6.32
CA GLY C 423 49.53 37.60 6.26
C GLY C 423 50.15 37.33 7.65
N ASP C 424 50.14 38.38 8.54
CA ASP C 424 50.58 38.22 9.95
C ASP C 424 49.82 37.18 10.69
N ILE C 425 48.42 37.22 10.57
CA ILE C 425 47.66 36.10 11.22
C ILE C 425 48.15 34.72 10.71
N LEU C 426 48.23 34.55 9.34
CA LEU C 426 48.48 33.24 8.86
C LEU C 426 49.81 32.76 9.30
N ARG C 427 50.86 33.62 9.17
CA ARG C 427 52.11 33.16 9.55
C ARG C 427 52.38 32.86 11.00
N GLU C 428 51.76 33.83 11.86
CA GLU C 428 51.85 33.63 13.23
C GLU C 428 51.21 32.29 13.65
N ALA C 429 50.00 31.95 13.05
CA ALA C 429 49.35 30.70 13.29
C ALA C 429 50.22 29.55 12.88
N GLY C 430 50.84 29.67 11.74
CA GLY C 430 51.70 28.65 11.22
C GLY C 430 52.97 28.45 12.08
N LYS C 431 53.38 29.55 12.90
CA LYS C 431 54.58 29.34 13.67
C LYS C 431 54.56 28.08 14.62
N TRP C 432 53.38 27.79 15.11
CA TRP C 432 52.98 26.58 15.89
C TRP C 432 52.29 25.42 15.13
N SER C 433 51.99 25.52 13.90
CA SER C 433 51.38 24.48 13.20
C SER C 433 52.22 24.03 12.05
N PRO C 434 52.90 22.83 12.09
CA PRO C 434 53.74 22.38 10.88
C PRO C 434 52.83 22.34 9.69
N GLU C 435 51.59 21.95 9.79
CA GLU C 435 50.76 21.63 8.59
C GLU C 435 50.45 22.92 7.92
N LEU C 436 50.14 24.02 8.75
CA LEU C 436 49.86 25.29 8.15
C LEU C 436 51.06 26.02 7.61
N ALA C 437 52.25 25.80 8.26
CA ALA C 437 53.49 26.27 7.73
C ALA C 437 53.75 25.68 6.38
N ALA C 438 53.51 24.39 6.24
CA ALA C 438 53.71 23.71 4.99
C ALA C 438 52.81 24.26 3.93
N ALA C 439 51.56 24.46 4.26
CA ALA C 439 50.61 25.01 3.35
C ALA C 439 51.05 26.35 2.86
N LEU C 440 51.46 27.20 3.77
CA LEU C 440 51.85 28.56 3.44
C LEU C 440 53.07 28.56 2.58
N ASP C 441 54.01 27.67 2.71
CA ASP C 441 55.25 27.66 2.03
C ASP C 441 54.87 27.32 0.52
N LEU C 442 53.64 26.81 0.21
CA LEU C 442 53.18 26.69 -1.14
C LEU C 442 52.48 27.92 -1.58
N LYS D 1 -42.01 14.95 -21.63
CA LYS D 1 -43.14 14.73 -20.80
C LYS D 1 -43.35 15.68 -19.68
N GLU D 2 -42.72 15.43 -18.58
CA GLU D 2 -42.54 16.44 -17.55
C GLU D 2 -41.23 17.13 -17.66
N ARG D 3 -40.41 17.09 -18.82
CA ARG D 3 -39.08 17.49 -18.85
C ARG D 3 -38.96 18.95 -18.54
N ARG D 4 -37.91 19.32 -17.76
CA ARG D 4 -37.76 20.65 -17.27
C ARG D 4 -36.45 21.21 -17.64
N PHE D 5 -36.24 22.48 -17.35
CA PHE D 5 -34.92 23.01 -17.87
C PHE D 5 -34.60 24.08 -16.71
N GLU D 6 -33.29 24.52 -16.61
CA GLU D 6 -32.86 25.31 -15.44
C GLU D 6 -33.72 26.38 -14.90
N THR D 7 -34.05 27.43 -15.79
CA THR D 7 -34.50 28.71 -15.21
C THR D 7 -35.68 29.12 -15.97
N PHE D 8 -36.75 29.57 -15.26
CA PHE D 8 -37.99 29.97 -15.88
C PHE D 8 -38.74 28.88 -16.59
N SER D 9 -38.34 27.58 -16.54
CA SER D 9 -38.93 26.50 -17.27
C SER D 9 -40.30 26.18 -16.71
N TYR D 10 -40.46 26.11 -15.45
CA TYR D 10 -41.81 26.07 -14.82
C TYR D 10 -42.69 27.17 -15.06
N LEU D 11 -42.22 28.40 -15.41
CA LEU D 11 -43.09 29.49 -15.75
C LEU D 11 -43.65 29.23 -17.04
N PRO D 12 -44.75 29.92 -17.50
CA PRO D 12 -45.27 29.65 -18.81
C PRO D 12 -44.27 29.95 -19.89
N PRO D 13 -44.38 29.37 -21.14
CA PRO D 13 -43.33 29.62 -22.10
C PRO D 13 -43.27 31.17 -22.34
N LEU D 14 -42.10 31.75 -21.97
CA LEU D 14 -41.99 33.21 -21.91
C LEU D 14 -42.45 33.83 -23.20
N SER D 15 -43.32 34.92 -23.04
CA SER D 15 -43.74 35.67 -24.11
C SER D 15 -42.63 36.47 -24.67
N ASP D 16 -42.78 36.91 -25.89
CA ASP D 16 -41.77 37.79 -26.53
C ASP D 16 -41.52 38.99 -25.71
N ARG D 17 -42.55 39.65 -25.33
CA ARG D 17 -42.31 40.74 -24.37
C ARG D 17 -41.50 40.36 -23.04
N GLN D 18 -41.86 39.30 -22.43
CA GLN D 18 -41.06 38.85 -21.20
C GLN D 18 -39.55 38.55 -21.59
N ILE D 19 -39.34 38.01 -22.77
CA ILE D 19 -38.01 37.87 -23.25
C ILE D 19 -37.35 39.17 -23.36
N ALA D 20 -38.07 40.17 -23.93
CA ALA D 20 -37.54 41.48 -24.13
C ALA D 20 -37.14 42.09 -22.84
N ALA D 21 -38.00 41.91 -21.76
CA ALA D 21 -37.74 42.47 -20.47
C ALA D 21 -36.50 41.88 -19.88
N GLN D 22 -36.35 40.49 -19.98
CA GLN D 22 -35.16 39.87 -19.46
C GLN D 22 -33.86 40.45 -20.16
N ILE D 23 -33.89 40.55 -21.42
CA ILE D 23 -32.75 41.06 -22.19
C ILE D 23 -32.43 42.41 -21.80
N GLU D 24 -33.48 43.26 -21.63
CA GLU D 24 -33.28 44.73 -21.21
C GLU D 24 -32.62 44.68 -19.86
N TYR D 25 -33.10 44.04 -18.87
CA TYR D 25 -32.23 43.82 -17.66
C TYR D 25 -30.84 43.44 -17.89
N MET D 26 -30.55 42.45 -18.70
CA MET D 26 -29.23 42.06 -18.85
C MET D 26 -28.45 43.29 -19.25
N ILE D 27 -29.02 44.09 -20.27
CA ILE D 27 -28.30 45.19 -20.84
C ILE D 27 -27.89 46.19 -19.73
N GLU D 28 -28.93 46.75 -19.01
CA GLU D 28 -28.59 47.61 -17.91
C GLU D 28 -27.57 47.16 -16.95
N GLN D 29 -27.58 45.88 -16.64
CA GLN D 29 -26.46 45.38 -15.76
C GLN D 29 -25.22 44.89 -16.64
N GLY D 30 -25.12 45.23 -17.86
CA GLY D 30 -23.88 45.01 -18.63
C GLY D 30 -23.56 43.59 -18.95
N PHE D 31 -24.56 42.65 -19.26
CA PHE D 31 -24.26 41.27 -19.46
C PHE D 31 -24.48 41.10 -20.94
N HIS D 32 -23.46 40.86 -21.76
CA HIS D 32 -23.50 40.81 -23.20
C HIS D 32 -24.18 39.42 -23.57
N PRO D 33 -25.32 39.38 -24.30
CA PRO D 33 -26.06 38.14 -24.49
C PRO D 33 -25.25 37.13 -25.24
N LEU D 34 -25.40 35.92 -24.87
CA LEU D 34 -24.93 34.82 -25.68
C LEU D 34 -26.11 33.85 -26.04
N ILE D 35 -26.28 33.57 -27.29
CA ILE D 35 -27.42 32.73 -27.77
C ILE D 35 -26.82 31.42 -28.16
N GLU D 36 -27.53 30.31 -27.84
CA GLU D 36 -26.93 29.01 -27.83
C GLU D 36 -28.00 27.89 -27.92
N PHE D 37 -27.62 26.74 -28.39
CA PHE D 37 -28.59 25.68 -28.78
C PHE D 37 -27.89 24.29 -28.86
N ASN D 38 -28.58 23.30 -28.57
CA ASN D 38 -28.38 21.94 -28.92
C ASN D 38 -29.65 21.32 -29.39
N GLU D 39 -29.53 20.26 -30.23
CA GLU D 39 -30.71 19.48 -30.67
C GLU D 39 -31.44 18.81 -29.44
N HIS D 40 -30.64 18.33 -28.44
CA HIS D 40 -31.18 17.65 -27.28
C HIS D 40 -31.05 18.54 -25.96
N SER D 41 -31.58 18.05 -24.87
CA SER D 41 -31.45 18.70 -23.62
C SER D 41 -31.07 17.68 -22.49
N ASN D 42 -29.80 17.61 -22.17
CA ASN D 42 -29.19 16.69 -21.25
C ASN D 42 -28.59 17.35 -20.06
N PRO D 43 -28.98 17.16 -18.83
CA PRO D 43 -28.16 17.73 -17.77
C PRO D 43 -26.64 17.45 -17.70
N GLU D 44 -26.26 16.26 -18.00
CA GLU D 44 -24.90 15.88 -17.92
C GLU D 44 -24.01 16.67 -19.03
N GLU D 45 -24.60 16.94 -20.17
CA GLU D 45 -23.86 17.59 -21.33
C GLU D 45 -23.78 19.03 -21.08
N PHE D 46 -22.70 19.47 -20.47
CA PHE D 46 -22.68 20.88 -19.98
C PHE D 46 -22.72 21.88 -21.16
N TYR D 47 -22.04 21.62 -22.25
CA TYR D 47 -21.76 22.54 -23.32
C TYR D 47 -22.78 22.40 -24.49
N TRP D 48 -22.98 23.56 -25.15
CA TRP D 48 -24.04 23.73 -26.18
C TRP D 48 -23.40 24.52 -27.33
N THR D 49 -24.16 24.80 -28.30
CA THR D 49 -23.69 25.51 -29.45
C THR D 49 -24.28 26.99 -29.37
N MET D 50 -23.49 27.91 -28.93
CA MET D 50 -23.60 29.30 -29.22
C MET D 50 -23.81 29.66 -30.75
N TRP D 51 -24.69 30.75 -31.04
CA TRP D 51 -25.11 31.18 -32.28
C TRP D 51 -24.27 32.15 -32.91
N LYS D 52 -23.03 31.67 -33.20
CA LYS D 52 -21.99 32.20 -34.12
C LYS D 52 -21.25 33.40 -33.48
N LEU D 53 -21.63 33.94 -32.25
CA LEU D 53 -21.05 35.09 -31.66
C LEU D 53 -21.72 35.23 -30.19
N PRO D 54 -21.05 35.90 -29.32
CA PRO D 54 -21.87 36.63 -28.26
C PRO D 54 -22.13 38.08 -28.75
N LEU D 55 -23.27 38.68 -28.32
CA LEU D 55 -23.63 40.01 -28.71
C LEU D 55 -23.07 41.02 -27.78
N PHE D 56 -21.87 41.43 -28.09
CA PHE D 56 -21.13 42.45 -27.28
C PHE D 56 -21.71 43.87 -27.52
N ASP D 57 -21.92 44.23 -28.84
CA ASP D 57 -22.23 45.66 -29.08
C ASP D 57 -23.73 45.64 -29.12
N CYS D 58 -24.39 45.31 -28.04
CA CYS D 58 -25.80 45.24 -27.80
C CYS D 58 -26.32 46.54 -27.24
N LYS D 59 -27.24 47.18 -27.93
CA LYS D 59 -27.90 48.45 -27.40
C LYS D 59 -29.34 48.19 -27.04
N SER D 60 -30.05 47.42 -27.90
CA SER D 60 -31.40 46.95 -27.75
C SER D 60 -31.63 45.54 -27.36
N PRO D 61 -32.71 45.13 -26.87
CA PRO D 61 -33.10 43.68 -26.90
C PRO D 61 -33.64 43.16 -28.27
N GLN D 62 -34.03 44.10 -29.18
CA GLN D 62 -34.56 43.66 -30.43
C GLN D 62 -33.72 42.94 -31.45
N GLN D 63 -32.49 43.28 -31.51
CA GLN D 63 -31.58 42.58 -32.29
C GLN D 63 -31.34 41.08 -31.70
N VAL D 64 -31.34 40.96 -30.40
CA VAL D 64 -31.17 39.72 -29.77
C VAL D 64 -32.47 38.92 -30.10
N LEU D 65 -33.64 39.50 -30.00
CA LEU D 65 -34.75 38.83 -30.55
C LEU D 65 -34.67 38.41 -31.97
N ASP D 66 -34.23 39.26 -32.79
CA ASP D 66 -34.12 38.97 -34.25
C ASP D 66 -33.12 37.78 -34.49
N GLU D 67 -31.97 37.74 -33.72
CA GLU D 67 -31.01 36.60 -33.73
C GLU D 67 -31.76 35.30 -33.32
N VAL D 68 -32.54 35.37 -32.27
CA VAL D 68 -33.28 34.26 -31.84
C VAL D 68 -34.26 33.84 -32.85
N ARG D 69 -34.88 34.88 -33.59
CA ARG D 69 -35.80 34.52 -34.61
C ARG D 69 -35.35 33.70 -35.72
N GLU D 70 -34.18 34.20 -36.22
CA GLU D 70 -33.42 33.57 -37.27
C GLU D 70 -33.02 32.21 -36.88
N CYS D 71 -32.49 32.06 -35.62
CA CYS D 71 -32.02 30.80 -35.14
C CYS D 71 -33.13 29.82 -35.05
N ARG D 72 -34.24 30.14 -34.49
CA ARG D 72 -35.42 29.26 -34.60
C ARG D 72 -35.85 28.95 -36.00
N SER D 73 -35.86 29.86 -36.88
CA SER D 73 -36.28 29.62 -38.22
C SER D 73 -35.43 28.66 -38.87
N GLU D 74 -34.04 28.76 -38.71
CA GLU D 74 -33.14 27.73 -39.19
C GLU D 74 -32.89 26.52 -38.32
N TYR D 75 -33.34 26.58 -37.07
CA TYR D 75 -33.28 25.54 -35.99
C TYR D 75 -34.60 25.39 -35.33
N GLY D 76 -35.63 25.21 -36.11
CA GLY D 76 -36.94 25.16 -35.62
C GLY D 76 -37.17 24.00 -34.64
N ASP D 77 -36.35 22.88 -34.81
CA ASP D 77 -36.39 21.65 -34.06
C ASP D 77 -35.33 21.63 -33.01
N CYS D 78 -34.84 22.70 -32.45
CA CYS D 78 -33.72 22.63 -31.46
C CYS D 78 -34.02 23.66 -30.41
N TYR D 79 -33.42 23.50 -29.27
CA TYR D 79 -33.66 24.29 -28.01
C TYR D 79 -32.72 25.52 -28.21
N ILE D 80 -33.09 26.61 -27.67
CA ILE D 80 -32.30 27.86 -27.79
C ILE D 80 -32.28 28.43 -26.31
N ARG D 81 -31.05 28.97 -25.97
CA ARG D 81 -31.01 29.73 -24.70
C ARG D 81 -30.31 31.00 -24.89
N VAL D 82 -30.50 31.92 -23.96
CA VAL D 82 -29.70 33.06 -23.70
C VAL D 82 -28.96 33.07 -22.48
N ALA D 83 -27.64 33.35 -22.50
CA ALA D 83 -26.80 33.59 -21.32
C ALA D 83 -26.20 34.96 -21.13
N GLY D 84 -26.06 35.32 -19.89
CA GLY D 84 -25.54 36.66 -19.51
C GLY D 84 -24.23 36.49 -18.71
N PHE D 85 -23.14 37.26 -19.13
CA PHE D 85 -21.79 37.11 -18.54
C PHE D 85 -21.34 38.38 -17.92
N ASP D 86 -21.00 38.33 -16.60
CA ASP D 86 -20.36 39.43 -15.95
C ASP D 86 -18.87 39.14 -15.80
N ASN D 87 -18.13 39.67 -16.74
CA ASN D 87 -16.71 39.46 -16.74
C ASN D 87 -16.09 40.07 -15.51
N ILE D 88 -16.72 41.13 -14.88
CA ILE D 88 -16.09 41.64 -13.71
C ILE D 88 -16.00 40.75 -12.58
N LYS D 89 -17.19 40.25 -12.17
CA LYS D 89 -17.21 39.08 -11.24
C LYS D 89 -16.91 37.77 -11.86
N GLN D 90 -16.53 37.67 -13.15
CA GLN D 90 -16.20 36.36 -13.75
C GLN D 90 -17.29 35.38 -13.52
N CYS D 91 -18.53 35.73 -13.63
CA CYS D 91 -19.63 34.77 -13.42
C CYS D 91 -20.66 34.94 -14.41
N GLN D 92 -21.33 33.81 -14.79
CA GLN D 92 -22.28 33.82 -15.77
C GLN D 92 -23.66 33.76 -14.99
N THR D 93 -24.51 34.69 -15.25
CA THR D 93 -25.59 35.18 -14.47
C THR D 93 -26.99 35.05 -15.01
N VAL D 94 -27.21 34.62 -16.23
CA VAL D 94 -28.53 34.32 -16.71
C VAL D 94 -28.42 33.13 -17.59
N SER D 95 -29.51 32.27 -17.52
CA SER D 95 -29.52 31.29 -18.54
C SER D 95 -30.92 30.74 -18.55
N PHE D 96 -31.64 30.70 -19.65
CA PHE D 96 -33.00 30.22 -19.65
C PHE D 96 -33.41 29.89 -20.97
N ILE D 97 -34.54 29.14 -21.09
CA ILE D 97 -35.05 28.70 -22.41
C ILE D 97 -35.64 29.83 -23.11
N VAL D 98 -35.46 29.87 -24.47
CA VAL D 98 -36.26 30.71 -25.32
C VAL D 98 -36.83 29.89 -26.54
N HIS D 99 -36.72 28.52 -26.63
CA HIS D 99 -37.32 27.78 -27.71
C HIS D 99 -37.33 26.38 -27.22
N ARG D 100 -38.35 25.65 -27.54
CA ARG D 100 -38.29 24.12 -27.56
C ARG D 100 -38.90 23.59 -28.79
N PRO D 101 -38.44 22.38 -29.20
CA PRO D 101 -38.88 21.91 -30.50
C PRO D 101 -40.40 21.60 -30.52
N LYS E 1 42.35 10.83 22.61
CA LYS E 1 43.52 10.70 21.79
C LYS E 1 43.83 11.85 21.00
N GLU E 2 43.07 12.05 19.90
CA GLU E 2 43.07 13.22 19.11
C GLU E 2 41.78 14.09 19.24
N ARG E 3 40.90 13.94 20.17
CA ARG E 3 39.56 14.42 20.27
C ARG E 3 39.54 15.91 20.31
N ARG E 4 38.58 16.50 19.64
CA ARG E 4 38.54 18.00 19.34
C ARG E 4 37.21 18.42 19.91
N PHE E 5 36.96 19.69 19.72
CA PHE E 5 35.71 20.32 20.22
C PHE E 5 35.47 21.53 19.16
N GLU E 6 34.17 21.93 19.00
CA GLU E 6 33.64 22.63 17.85
C GLU E 6 34.53 23.67 17.39
N THR E 7 35.03 24.50 18.24
CA THR E 7 35.65 25.73 17.82
C THR E 7 36.80 26.02 18.69
N PHE E 8 37.93 26.49 18.07
CA PHE E 8 39.00 26.89 18.88
C PHE E 8 39.80 25.73 19.61
N SER E 9 39.44 24.49 19.49
CA SER E 9 40.19 23.32 19.80
C SER E 9 41.41 23.09 19.11
N TYR E 10 41.33 23.32 17.78
CA TYR E 10 42.47 23.19 16.93
C TYR E 10 43.50 24.17 17.26
N LEU E 11 43.10 25.41 17.84
CA LEU E 11 44.16 26.42 18.02
C LEU E 11 44.70 25.99 19.50
N PRO E 12 45.86 26.58 19.85
CA PRO E 12 46.39 26.25 21.15
C PRO E 12 45.44 26.59 22.26
N PRO E 13 45.53 25.81 23.44
CA PRO E 13 44.53 26.00 24.54
C PRO E 13 44.60 27.45 24.90
N LEU E 14 43.40 28.15 24.67
CA LEU E 14 43.27 29.54 24.96
C LEU E 14 43.59 29.86 26.32
N SER E 15 44.45 30.95 26.51
CA SER E 15 44.93 31.33 27.87
C SER E 15 43.86 32.30 28.24
N ASP E 16 44.02 32.85 29.48
CA ASP E 16 43.01 33.77 30.08
C ASP E 16 42.95 35.01 29.26
N ARG E 17 44.14 35.50 28.67
CA ARG E 17 44.01 36.57 27.81
C ARG E 17 42.99 36.42 26.72
N GLN E 18 43.26 35.36 25.92
CA GLN E 18 42.49 35.21 24.66
C GLN E 18 41.05 34.93 24.95
N ILE E 19 40.69 34.22 25.99
CA ILE E 19 39.35 33.98 26.46
C ILE E 19 38.72 35.36 26.82
N ALA E 20 39.46 36.17 27.52
CA ALA E 20 38.91 37.51 27.84
C ALA E 20 38.58 38.22 26.65
N ALA E 21 39.49 38.15 25.63
CA ALA E 21 39.29 38.90 24.36
C ALA E 21 37.92 38.42 23.76
N GLN E 22 37.71 37.12 23.71
CA GLN E 22 36.52 36.57 23.14
C GLN E 22 35.33 37.03 23.86
N ILE E 23 35.39 37.00 25.22
CA ILE E 23 34.28 37.52 26.06
C ILE E 23 33.95 38.93 25.72
N GLU E 24 35.00 39.79 25.83
CA GLU E 24 34.82 41.18 25.35
C GLU E 24 34.09 41.22 24.07
N TYR E 25 34.52 40.61 23.00
CA TYR E 25 34.09 40.85 21.68
C TYR E 25 32.59 40.47 21.76
N MET E 26 32.21 39.34 22.31
CA MET E 26 30.79 39.15 22.52
C MET E 26 29.98 40.19 23.27
N ILE E 27 30.52 40.70 24.36
CA ILE E 27 29.96 41.88 25.09
C ILE E 27 29.66 43.05 24.11
N GLU E 28 30.61 43.50 23.37
CA GLU E 28 30.27 44.65 22.51
C GLU E 28 29.20 44.30 21.52
N GLN E 29 29.23 43.10 21.03
CA GLN E 29 28.23 42.73 20.09
C GLN E 29 26.86 42.53 20.79
N GLY E 30 26.71 42.41 22.19
CA GLY E 30 25.49 42.28 22.89
C GLY E 30 25.16 40.88 23.24
N PHE E 31 26.14 39.83 23.22
CA PHE E 31 25.59 38.51 23.29
C PHE E 31 25.95 38.11 24.68
N HIS E 32 24.95 37.90 25.50
CA HIS E 32 25.23 37.80 26.95
C HIS E 32 25.71 36.41 27.16
N PRO E 33 26.82 36.13 27.97
CA PRO E 33 27.41 34.81 27.91
C PRO E 33 26.46 33.78 28.57
N LEU E 34 26.64 32.60 28.19
CA LEU E 34 26.07 31.45 28.91
C LEU E 34 27.19 30.47 29.07
N ILE E 35 27.16 29.66 30.21
CA ILE E 35 28.25 28.69 30.52
C ILE E 35 27.63 27.35 30.69
N GLU E 36 28.11 26.28 30.10
CA GLU E 36 27.60 24.98 30.37
C GLU E 36 28.62 23.98 30.21
N PHE E 37 28.39 22.72 30.81
CA PHE E 37 29.49 21.75 31.07
C PHE E 37 28.98 20.34 31.03
N ASN E 38 29.84 19.43 30.81
CA ASN E 38 29.50 17.97 30.92
C ASN E 38 30.68 17.18 31.17
N GLU E 39 30.43 15.97 31.72
CA GLU E 39 31.53 15.01 32.01
C GLU E 39 32.04 14.40 30.75
N HIS E 40 31.45 14.47 29.61
CA HIS E 40 31.99 14.05 28.36
C HIS E 40 31.79 15.15 27.28
N SER E 41 32.11 14.81 25.96
CA SER E 41 31.80 15.66 24.86
C SER E 41 31.49 14.78 23.74
N ASN E 42 30.17 14.58 23.48
CA ASN E 42 29.79 13.78 22.28
C ASN E 42 29.08 14.68 21.22
N PRO E 43 29.49 14.66 20.02
CA PRO E 43 28.77 15.47 19.06
C PRO E 43 27.30 15.30 18.81
N GLU E 44 26.91 14.00 18.81
CA GLU E 44 25.54 13.63 18.91
C GLU E 44 24.89 14.20 20.19
N GLU E 45 25.67 14.45 21.32
CA GLU E 45 25.13 14.98 22.51
C GLU E 45 24.98 16.54 22.40
N PHE E 46 23.70 17.02 22.37
CA PHE E 46 23.53 18.46 22.05
C PHE E 46 23.76 19.33 23.23
N TYR E 47 23.02 19.06 24.35
CA TYR E 47 23.01 19.94 25.44
C TYR E 47 23.98 19.51 26.48
N TRP E 48 24.69 20.48 27.10
CA TRP E 48 25.30 20.28 28.32
C TRP E 48 24.68 21.19 29.42
N THR E 49 25.16 21.06 30.63
CA THR E 49 24.49 21.53 31.79
C THR E 49 24.96 23.00 31.95
N MET E 50 24.09 23.91 31.86
CA MET E 50 24.38 25.32 32.18
C MET E 50 24.66 25.69 33.57
N TRP E 51 25.53 26.72 33.76
CA TRP E 51 26.15 26.97 35.03
C TRP E 51 25.43 27.86 35.95
N LYS E 52 24.18 27.51 36.13
CA LYS E 52 23.21 27.99 37.07
C LYS E 52 22.66 29.35 36.78
N LEU E 53 23.10 30.07 35.78
CA LEU E 53 22.52 31.21 35.17
C LEU E 53 23.14 31.64 33.81
N PRO E 54 22.42 32.25 32.95
CA PRO E 54 22.99 33.07 31.90
C PRO E 54 23.35 34.52 32.41
N LEU E 55 24.55 34.98 32.21
CA LEU E 55 25.05 36.32 32.63
C LEU E 55 24.54 37.32 31.66
N PHE E 56 23.19 37.55 31.65
CA PHE E 56 22.51 38.80 31.24
C PHE E 56 23.05 40.14 31.61
N ASP E 57 23.27 40.40 32.93
CA ASP E 57 23.72 41.69 33.24
C ASP E 57 25.23 41.68 33.29
N CYS E 58 25.87 41.42 32.12
CA CYS E 58 27.33 41.32 31.89
C CYS E 58 27.79 42.68 31.45
N LYS E 59 28.83 43.18 32.06
CA LYS E 59 29.46 44.39 31.62
C LYS E 59 30.92 44.18 31.35
N SER E 60 31.66 43.27 32.10
CA SER E 60 33.02 43.08 31.90
C SER E 60 33.37 41.63 31.91
N PRO E 61 34.39 41.10 31.30
CA PRO E 61 34.64 39.67 31.32
C PRO E 61 34.83 38.96 32.63
N GLN E 62 35.42 39.61 33.61
CA GLN E 62 35.95 38.96 34.70
C GLN E 62 35.02 38.17 35.51
N GLN E 63 33.71 38.51 35.53
CA GLN E 63 32.72 37.76 36.33
C GLN E 63 32.63 36.42 35.50
N VAL E 64 32.66 36.42 34.12
CA VAL E 64 32.54 35.19 33.32
C VAL E 64 33.79 34.33 33.76
N LEU E 65 34.89 34.97 33.88
CA LEU E 65 36.12 34.19 34.26
C LEU E 65 35.96 33.56 35.62
N ASP E 66 35.49 34.33 36.57
CA ASP E 66 35.28 33.84 37.91
C ASP E 66 34.25 32.58 37.92
N GLU E 67 33.03 32.64 37.24
CA GLU E 67 32.21 31.48 37.02
C GLU E 67 32.82 30.35 36.34
N VAL E 68 33.57 30.62 35.32
CA VAL E 68 34.47 29.55 34.77
C VAL E 68 35.43 28.91 35.72
N ARG E 69 36.23 29.67 36.44
CA ARG E 69 37.10 29.13 37.43
C ARG E 69 36.29 28.34 38.50
N GLU E 70 35.22 28.86 38.89
CA GLU E 70 34.39 28.14 39.79
C GLU E 70 34.02 26.81 39.22
N CYS E 71 33.37 26.81 38.03
CA CYS E 71 32.83 25.51 37.53
C CYS E 71 33.99 24.44 37.41
N ARG E 72 35.22 24.91 37.08
CA ARG E 72 36.34 24.05 37.03
C ARG E 72 36.73 23.59 38.40
N SER E 73 36.61 24.41 39.40
CA SER E 73 36.81 24.12 40.84
C SER E 73 35.87 22.94 41.31
N GLU E 74 34.52 23.02 40.93
CA GLU E 74 33.66 21.93 41.28
C GLU E 74 33.94 20.68 40.41
N TYR E 75 34.17 20.91 39.09
CA TYR E 75 34.13 19.81 38.08
C TYR E 75 35.31 19.89 37.22
N GLY E 76 36.47 19.97 37.93
CA GLY E 76 37.73 19.94 37.17
C GLY E 76 37.94 18.81 36.22
N ASP E 77 37.24 17.64 36.33
CA ASP E 77 37.21 16.57 35.45
C ASP E 77 36.01 16.64 34.41
N CYS E 78 35.58 17.84 34.08
CA CYS E 78 34.50 18.03 33.13
C CYS E 78 34.81 19.17 32.21
N TYR E 79 34.15 19.16 31.01
CA TYR E 79 34.46 20.18 29.92
C TYR E 79 33.51 21.25 30.14
N ILE E 80 33.80 22.42 29.64
CA ILE E 80 32.98 23.68 29.94
C ILE E 80 33.10 24.44 28.57
N ARG E 81 31.96 24.89 27.96
CA ARG E 81 32.06 25.91 26.99
C ARG E 81 31.57 27.27 27.53
N VAL E 82 31.80 28.23 26.70
CA VAL E 82 31.18 29.58 26.84
C VAL E 82 30.46 29.74 25.56
N ALA E 83 29.18 30.21 25.64
CA ALA E 83 28.32 30.51 24.53
C ALA E 83 27.79 31.96 24.46
N GLY E 84 27.47 32.40 23.30
CA GLY E 84 26.77 33.68 23.12
C GLY E 84 25.63 33.59 22.17
N PHE E 85 24.47 34.32 22.48
CA PHE E 85 23.33 34.26 21.71
C PHE E 85 22.90 35.68 21.23
N ASP E 86 22.63 35.77 19.89
CA ASP E 86 21.90 36.87 19.33
C ASP E 86 20.48 36.78 19.35
N ASN E 87 19.75 37.25 20.33
CA ASN E 87 18.37 37.08 20.46
C ASN E 87 17.59 37.79 19.25
N ILE E 88 18.15 38.84 18.72
CA ILE E 88 17.61 39.50 17.57
C ILE E 88 17.61 38.55 16.32
N LYS E 89 18.74 38.14 15.93
CA LYS E 89 18.87 37.08 14.99
C LYS E 89 18.34 35.75 15.43
N GLN E 90 18.06 35.51 16.74
CA GLN E 90 17.55 34.28 17.24
C GLN E 90 18.49 33.17 16.96
N CYS E 91 19.85 33.45 16.97
CA CYS E 91 20.91 32.57 16.55
C CYS E 91 21.95 32.45 17.62
N GLN E 92 22.47 31.20 17.80
CA GLN E 92 23.65 30.99 18.60
C GLN E 92 24.89 31.29 17.82
N THR E 93 25.71 32.27 18.32
CA THR E 93 26.75 32.92 17.59
C THR E 93 28.12 32.67 18.04
N VAL E 94 28.29 32.29 19.37
CA VAL E 94 29.53 31.86 19.95
C VAL E 94 29.32 30.64 20.80
N SER E 95 30.20 29.68 20.66
CA SER E 95 30.27 28.58 21.58
C SER E 95 31.60 27.96 21.56
N PHE E 96 32.50 28.16 22.58
CA PHE E 96 33.79 27.59 22.54
C PHE E 96 34.17 27.05 23.88
N ILE E 97 35.07 26.04 23.76
CA ILE E 97 35.50 25.42 25.04
C ILE E 97 36.33 26.43 25.77
N VAL E 98 36.30 26.36 27.17
CA VAL E 98 37.31 26.95 27.96
C VAL E 98 38.03 25.99 28.94
N HIS E 99 37.62 24.70 29.11
CA HIS E 99 38.31 23.82 29.90
C HIS E 99 38.30 22.48 29.33
N ARG E 100 39.33 21.65 29.67
CA ARG E 100 39.30 20.29 29.43
C ARG E 100 39.68 19.47 30.73
N PRO E 101 39.26 18.31 30.99
CA PRO E 101 39.62 17.60 32.27
C PRO E 101 41.15 17.38 32.40
N LEU F 1 -57.47 -7.73 40.66
CA LEU F 1 -56.07 -7.80 40.93
C LEU F 1 -55.71 -9.10 41.55
N SER F 2 -54.53 -9.67 41.15
CA SER F 2 -54.02 -10.97 41.75
C SER F 2 -53.37 -10.73 43.08
N SER F 3 -53.29 -11.75 43.88
CA SER F 3 -52.67 -11.61 45.16
C SER F 3 -51.27 -11.14 45.02
N GLU F 4 -50.51 -11.73 43.97
CA GLU F 4 -48.97 -11.58 43.89
C GLU F 4 -48.86 -9.99 43.59
N VAL F 5 -49.73 -9.41 42.69
CA VAL F 5 -49.69 -8.02 42.39
C VAL F 5 -49.98 -7.21 43.61
N ILE F 6 -50.96 -7.63 44.37
CA ILE F 6 -51.35 -6.92 45.63
C ILE F 6 -50.13 -6.81 46.59
N THR F 7 -49.44 -8.01 46.77
CA THR F 7 -48.31 -8.12 47.63
C THR F 7 -47.11 -7.28 47.10
N GLN F 8 -46.75 -7.34 45.84
CA GLN F 8 -45.95 -6.26 45.18
C GLN F 8 -46.34 -4.85 45.38
N VAL F 9 -47.53 -4.36 45.15
CA VAL F 9 -47.84 -3.01 45.37
C VAL F 9 -47.79 -2.58 46.86
N ARG F 10 -48.20 -3.42 47.71
CA ARG F 10 -47.96 -3.25 49.19
C ARG F 10 -46.53 -3.09 49.48
N SER F 11 -45.63 -3.89 48.97
CA SER F 11 -44.24 -3.77 49.27
C SER F 11 -43.67 -2.42 48.75
N LEU F 12 -44.07 -2.12 47.48
CA LEU F 12 -43.70 -0.79 46.91
C LEU F 12 -44.15 0.48 47.68
N LEU F 13 -45.39 0.43 48.08
CA LEU F 13 -45.92 1.52 48.93
C LEU F 13 -45.40 1.64 50.29
N ASN F 14 -45.04 0.60 50.94
CA ASN F 14 -44.38 0.48 52.30
C ASN F 14 -43.06 1.18 52.34
N GLN F 15 -42.24 0.99 51.25
CA GLN F 15 -41.00 1.61 51.10
C GLN F 15 -41.18 3.14 50.86
N GLY F 16 -42.38 3.73 50.61
CA GLY F 16 -42.61 5.10 50.04
C GLY F 16 -42.45 5.38 48.61
N TYR F 17 -42.46 4.25 47.73
CA TYR F 17 -42.34 4.48 46.32
C TYR F 17 -43.61 4.94 45.69
N ARG F 18 -43.57 5.69 44.55
CA ARG F 18 -44.83 6.02 44.00
C ARG F 18 -45.18 4.97 43.00
N ILE F 19 -46.41 5.04 42.55
CA ILE F 19 -46.97 4.03 41.62
C ILE F 19 -47.22 4.71 40.32
N GLY F 20 -46.78 4.07 39.19
CA GLY F 20 -47.26 4.41 37.90
C GLY F 20 -47.48 3.21 37.03
N THR F 21 -48.27 3.48 35.90
CA THR F 21 -48.73 2.42 35.04
C THR F 21 -48.53 3.01 33.58
N GLU F 22 -48.22 2.02 32.66
CA GLU F 22 -48.14 2.29 31.25
C GLU F 22 -48.75 1.19 30.46
N HIS F 23 -49.31 1.55 29.20
CA HIS F 23 -50.25 0.63 28.54
C HIS F 23 -49.72 0.63 27.14
N ALA F 24 -49.94 -0.49 26.39
CA ALA F 24 -49.64 -0.55 25.00
C ALA F 24 -50.29 -1.82 24.33
N ASP F 25 -50.68 -1.69 23.09
CA ASP F 25 -51.25 -2.80 22.36
C ASP F 25 -50.20 -3.78 21.95
N LYS F 26 -50.61 -4.86 21.33
CA LYS F 26 -49.76 -6.00 21.13
C LYS F 26 -48.57 -5.65 20.17
N ARG F 27 -48.90 -5.00 18.99
CA ARG F 27 -47.85 -4.44 18.21
C ARG F 27 -46.92 -3.39 18.87
N ARG F 28 -47.32 -2.41 19.64
CA ARG F 28 -46.40 -1.55 20.30
C ARG F 28 -45.66 -2.29 21.38
N PHE F 29 -46.40 -3.21 22.11
CA PHE F 29 -45.68 -4.06 23.02
C PHE F 29 -44.48 -4.99 22.51
N ARG F 30 -44.67 -5.62 21.39
CA ARG F 30 -43.57 -6.08 20.57
C ARG F 30 -42.38 -5.22 20.37
N THR F 31 -42.61 -3.96 20.12
CA THR F 31 -41.60 -2.98 19.91
C THR F 31 -41.31 -2.08 21.09
N SER F 32 -41.56 -2.56 22.36
CA SER F 32 -41.17 -1.82 23.53
C SER F 32 -41.71 -0.37 23.48
N SER F 33 -42.84 -0.15 22.93
CA SER F 33 -43.59 1.07 22.89
C SER F 33 -44.65 1.15 23.91
N TRP F 34 -44.52 2.18 24.88
CA TRP F 34 -45.43 2.22 25.96
C TRP F 34 -45.96 3.69 25.96
N GLN F 35 -47.16 3.91 26.59
CA GLN F 35 -47.71 5.17 26.69
C GLN F 35 -48.08 5.51 28.17
N PRO F 36 -48.05 6.76 28.56
CA PRO F 36 -48.45 7.15 29.89
C PRO F 36 -49.95 6.83 30.16
N CYS F 37 -50.17 6.39 31.43
CA CYS F 37 -51.57 6.20 31.89
C CYS F 37 -51.98 7.29 32.81
N ALA F 38 -53.28 7.14 33.24
CA ALA F 38 -53.81 8.21 34.11
C ALA F 38 -53.02 8.28 35.46
N PRO F 39 -52.58 9.46 35.83
CA PRO F 39 -51.65 9.49 37.03
C PRO F 39 -52.38 9.04 38.32
N ILE F 40 -51.73 8.27 39.11
CA ILE F 40 -52.31 7.75 40.36
C ILE F 40 -51.81 8.61 41.45
N GLN F 41 -52.55 9.70 41.80
CA GLN F 41 -51.93 10.61 42.73
C GLN F 41 -52.56 10.26 44.06
N SER F 42 -51.98 9.14 44.71
CA SER F 42 -52.48 8.78 46.00
C SER F 42 -51.58 7.81 46.68
N THR F 43 -51.27 8.05 47.93
CA THR F 43 -50.33 7.21 48.68
C THR F 43 -51.10 6.04 49.47
N ASN F 44 -52.41 6.30 49.84
CA ASN F 44 -53.23 5.30 50.45
C ASN F 44 -53.34 4.02 49.54
N GLU F 45 -53.17 2.78 50.18
CA GLU F 45 -53.19 1.56 49.45
C GLU F 45 -54.50 1.37 48.79
N ARG F 46 -55.56 1.62 49.50
CA ARG F 46 -56.91 1.34 48.96
C ARG F 46 -57.16 2.16 47.67
N GLN F 47 -56.85 3.47 47.70
CA GLN F 47 -57.09 4.34 46.59
C GLN F 47 -56.17 3.92 45.49
N VAL F 48 -54.84 3.64 45.77
CA VAL F 48 -54.03 3.13 44.70
C VAL F 48 -54.51 1.91 43.98
N LEU F 49 -54.72 0.80 44.74
CA LEU F 49 -55.43 -0.33 44.23
C LEU F 49 -56.72 -0.09 43.41
N SER F 50 -57.58 0.75 43.92
CA SER F 50 -58.75 1.09 43.15
C SER F 50 -58.37 1.75 41.86
N GLU F 51 -57.32 2.67 41.82
CA GLU F 51 -57.14 3.39 40.58
C GLU F 51 -56.48 2.42 39.58
N LEU F 52 -55.57 1.50 40.01
CA LEU F 52 -55.00 0.50 39.21
C LEU F 52 -56.00 -0.34 38.67
N GLU F 53 -56.96 -0.82 39.41
CA GLU F 53 -57.97 -1.77 38.88
C GLU F 53 -58.76 -0.98 37.74
N ASN F 54 -59.14 0.31 38.04
CA ASN F 54 -59.89 1.15 37.07
C ASN F 54 -59.09 1.31 35.73
N CYS F 55 -57.71 1.58 35.85
CA CYS F 55 -56.86 1.70 34.71
C CYS F 55 -56.80 0.42 33.96
N LEU F 56 -56.69 -0.79 34.58
CA LEU F 56 -56.80 -2.16 33.95
C LEU F 56 -58.08 -2.31 33.22
N SER F 57 -59.16 -1.97 33.86
CA SER F 57 -60.40 -2.01 33.15
C SER F 57 -60.53 -1.11 31.98
N GLU F 58 -59.80 0.04 32.03
CA GLU F 58 -59.79 1.09 30.97
C GLU F 58 -59.23 0.40 29.78
N HIS F 59 -58.15 -0.42 29.86
CA HIS F 59 -57.33 -0.75 28.67
C HIS F 59 -57.37 -2.34 28.57
N GLU F 60 -58.60 -2.93 28.74
CA GLU F 60 -58.84 -4.30 28.39
C GLU F 60 -58.29 -4.87 27.13
N GLY F 61 -57.60 -5.99 27.23
CA GLY F 61 -56.87 -6.63 26.18
C GLY F 61 -55.67 -5.99 25.62
N GLU F 62 -55.06 -5.12 26.39
CA GLU F 62 -53.70 -4.53 26.15
C GLU F 62 -52.69 -4.82 27.31
N TYR F 63 -51.45 -5.03 26.92
CA TYR F 63 -50.36 -5.02 27.85
C TYR F 63 -50.28 -3.87 28.88
N VAL F 64 -50.17 -4.24 30.19
CA VAL F 64 -50.15 -3.16 31.20
C VAL F 64 -48.89 -3.54 32.01
N ARG F 65 -48.12 -2.59 32.32
CA ARG F 65 -46.87 -2.82 33.08
C ARG F 65 -46.81 -1.96 34.30
N LEU F 66 -46.49 -2.44 35.47
CA LEU F 66 -46.50 -1.75 36.72
C LEU F 66 -45.09 -1.48 37.10
N LEU F 67 -44.87 -0.40 37.83
CA LEU F 67 -43.47 0.05 37.96
C LEU F 67 -43.41 0.74 39.36
N GLY F 68 -42.23 0.81 39.85
CA GLY F 68 -41.87 1.49 41.11
C GLY F 68 -41.02 2.70 40.91
N ILE F 69 -41.43 3.87 41.51
CA ILE F 69 -40.74 5.13 41.13
C ILE F 69 -40.36 5.72 42.44
N ASP F 70 -39.12 6.10 42.58
CA ASP F 70 -38.62 6.95 43.59
C ASP F 70 -38.60 8.38 43.28
N THR F 71 -39.56 9.15 43.88
CA THR F 71 -39.72 10.51 43.58
C THR F 71 -38.35 11.32 43.80
N ASN F 72 -37.66 11.04 44.95
CA ASN F 72 -36.51 11.85 45.22
C ASN F 72 -35.41 11.81 44.21
N THR F 73 -35.04 10.60 43.89
CA THR F 73 -34.12 10.33 42.75
C THR F 73 -34.72 10.43 41.31
N ARG F 74 -35.94 10.21 41.20
CA ARG F 74 -36.67 10.34 39.93
C ARG F 74 -36.20 9.31 38.96
N SER F 75 -36.00 8.09 39.44
CA SER F 75 -35.40 6.99 38.74
C SER F 75 -36.17 5.74 38.94
N ARG F 76 -36.08 4.77 37.94
CA ARG F 76 -36.91 3.64 38.11
C ARG F 76 -36.21 2.58 38.90
N VAL F 77 -36.90 1.99 39.79
CA VAL F 77 -36.42 0.90 40.73
C VAL F 77 -37.04 -0.44 40.57
N PHE F 78 -38.17 -0.62 39.80
CA PHE F 78 -38.76 -1.84 39.52
C PHE F 78 -39.48 -1.79 38.22
N GLU F 79 -39.40 -2.90 37.45
CA GLU F 79 -40.09 -3.25 36.31
C GLU F 79 -41.00 -4.59 36.55
N ALA F 80 -42.24 -4.54 36.13
CA ALA F 80 -43.10 -5.64 36.24
C ALA F 80 -44.21 -5.66 35.26
N LEU F 81 -44.41 -6.81 34.45
CA LEU F 81 -45.45 -6.76 33.49
C LEU F 81 -46.68 -7.49 34.25
N ILE F 82 -47.67 -6.77 34.55
CA ILE F 82 -48.79 -7.13 35.34
C ILE F 82 -49.97 -7.81 34.54
N GLN F 83 -50.20 -7.36 33.37
CA GLN F 83 -51.32 -7.82 32.59
C GLN F 83 -50.86 -7.96 31.17
N ARG F 84 -51.56 -8.92 30.45
CA ARG F 84 -51.43 -9.32 29.05
C ARG F 84 -52.77 -9.39 28.38
N PRO F 85 -52.79 -9.21 27.08
CA PRO F 85 -54.15 -9.23 26.48
C PRO F 85 -55.00 -10.51 26.71
N ASP F 86 -54.54 -11.63 26.50
CA ASP F 86 -55.20 -12.87 26.72
C ASP F 86 -55.56 -13.05 28.26
N TYR G 1 47.38 20.78 -20.93
CA TYR G 1 46.28 21.24 -21.72
C TYR G 1 46.42 20.91 -23.09
N LYS G 2 46.79 21.83 -24.06
CA LYS G 2 46.81 21.39 -25.48
C LYS G 2 47.62 20.17 -25.64
N LEU G 3 48.73 20.01 -24.95
CA LEU G 3 49.47 18.79 -25.08
C LEU G 3 48.64 17.61 -24.63
N THR G 4 47.94 17.68 -23.46
CA THR G 4 47.29 16.56 -22.81
C THR G 4 45.84 16.29 -23.46
N TYR G 5 45.10 17.23 -23.82
CA TYR G 5 43.65 17.24 -24.29
C TYR G 5 43.57 17.39 -25.73
N TYR G 6 44.46 18.16 -26.44
CA TYR G 6 44.33 18.34 -27.86
C TYR G 6 45.20 17.30 -28.65
N THR G 7 44.57 16.39 -29.27
CA THR G 7 45.21 15.32 -30.07
C THR G 7 44.64 15.38 -31.45
N PRO G 8 45.13 16.22 -32.32
CA PRO G 8 44.58 16.17 -33.75
C PRO G 8 44.67 14.93 -34.52
N ASP G 9 45.37 13.86 -34.01
CA ASP G 9 45.61 12.60 -34.66
C ASP G 9 44.64 11.51 -34.30
N TYR G 10 44.18 11.51 -33.07
CA TYR G 10 42.95 10.72 -32.59
C TYR G 10 41.80 10.67 -33.47
N THR G 11 41.27 9.41 -33.68
CA THR G 11 40.06 9.21 -34.43
C THR G 11 38.81 9.01 -33.46
N PRO G 12 37.76 9.78 -33.49
CA PRO G 12 36.64 9.56 -32.64
C PRO G 12 36.01 8.14 -32.85
N LYS G 13 35.54 7.54 -31.78
CA LYS G 13 35.05 6.20 -31.88
C LYS G 13 33.46 6.32 -31.89
N ASP G 14 32.82 5.24 -32.44
CA ASP G 14 31.36 5.14 -32.24
C ASP G 14 30.93 5.01 -30.83
N THR G 15 31.84 4.63 -29.98
CA THR G 15 31.68 4.66 -28.55
C THR G 15 31.97 5.95 -27.85
N ASP G 16 32.01 7.09 -28.51
CA ASP G 16 32.43 8.31 -27.89
C ASP G 16 31.36 9.41 -28.20
N LEU G 17 31.30 10.42 -27.37
CA LEU G 17 30.27 11.43 -27.48
C LEU G 17 30.85 12.74 -27.91
N LEU G 18 30.23 13.58 -28.70
CA LEU G 18 30.99 14.64 -29.32
C LEU G 18 30.21 15.94 -28.81
N ALA G 19 30.87 17.07 -28.67
CA ALA G 19 30.31 18.31 -28.30
C ALA G 19 30.90 19.52 -29.10
N ALA G 20 30.05 20.30 -29.70
CA ALA G 20 30.44 21.30 -30.56
C ALA G 20 30.35 22.70 -29.88
N PHE G 21 31.47 23.47 -29.92
CA PHE G 21 31.54 24.71 -29.28
C PHE G 21 31.92 25.75 -30.19
N ARG G 22 31.12 26.74 -30.48
CA ARG G 22 31.47 27.94 -31.30
C ARG G 22 32.14 28.92 -30.28
N PHE G 23 33.49 29.04 -30.22
CA PHE G 23 34.08 29.71 -29.04
C PHE G 23 34.91 30.79 -29.67
N SER G 24 34.96 31.98 -29.00
CA SER G 24 35.86 33.07 -29.29
C SER G 24 36.74 33.36 -28.12
N PRO G 25 38.03 32.92 -28.08
CA PRO G 25 38.81 33.21 -26.93
C PRO G 25 39.02 34.61 -26.54
N GLN G 26 39.09 34.88 -25.21
CA GLN G 26 39.63 36.07 -24.63
C GLN G 26 40.89 36.42 -25.24
N PRO G 27 41.17 37.79 -25.38
CA PRO G 27 42.43 38.28 -26.02
C PRO G 27 43.64 37.75 -25.34
N GLY G 28 44.70 37.41 -26.14
CA GLY G 28 45.91 36.82 -25.62
C GLY G 28 45.83 35.27 -25.52
N VAL G 29 44.65 34.61 -25.74
CA VAL G 29 44.50 33.22 -25.51
C VAL G 29 44.40 32.62 -26.96
N PRO G 30 45.37 31.84 -27.38
CA PRO G 30 45.21 31.28 -28.71
C PRO G 30 44.03 30.22 -28.77
N ALA G 31 43.61 30.09 -30.01
CA ALA G 31 42.42 29.25 -30.28
C ALA G 31 42.65 27.75 -29.83
N ASP G 32 43.75 27.21 -30.21
CA ASP G 32 44.11 25.90 -29.82
C ASP G 32 44.21 25.57 -28.35
N GLU G 33 44.91 26.40 -27.54
CA GLU G 33 44.87 26.39 -26.12
C GLU G 33 43.53 26.78 -25.61
N ALA G 34 42.79 27.60 -26.25
CA ALA G 34 41.47 27.79 -25.85
C ALA G 34 40.62 26.59 -25.88
N GLY G 35 40.69 25.86 -26.96
CA GLY G 35 40.01 24.50 -27.04
C GLY G 35 40.55 23.50 -26.01
N ALA G 36 41.80 23.59 -25.73
CA ALA G 36 42.39 22.81 -24.67
C ALA G 36 41.82 23.03 -23.30
N ALA G 37 41.71 24.28 -23.00
CA ALA G 37 41.01 24.75 -21.73
C ALA G 37 39.62 24.40 -21.67
N ILE G 38 38.83 24.55 -22.77
CA ILE G 38 37.44 24.08 -22.83
C ILE G 38 37.37 22.55 -22.54
N ALA G 39 38.17 21.80 -23.17
CA ALA G 39 38.10 20.31 -23.10
C ALA G 39 38.38 19.99 -21.60
N ALA G 40 39.41 20.66 -21.02
CA ALA G 40 39.75 20.46 -19.62
C ALA G 40 38.60 20.81 -18.74
N GLU G 41 37.95 21.91 -18.89
CA GLU G 41 36.76 22.32 -18.10
C GLU G 41 35.56 21.35 -17.94
N SER G 42 35.07 20.81 -19.08
CA SER G 42 33.87 20.05 -19.06
C SER G 42 33.84 18.66 -18.61
N SER G 43 35.07 18.01 -18.49
CA SER G 43 35.25 16.70 -17.95
C SER G 43 36.04 16.59 -16.70
N THR G 44 37.14 17.29 -16.63
CA THR G 44 38.05 17.18 -15.52
C THR G 44 38.19 18.60 -14.76
N GLY G 45 37.83 19.69 -15.32
CA GLY G 45 38.22 21.05 -14.87
C GLY G 45 39.63 21.54 -15.27
N THR G 46 40.60 20.72 -15.05
CA THR G 46 42.02 21.13 -15.23
C THR G 46 42.58 20.17 -16.23
N THR G 49 47.80 19.31 -8.39
CA THR G 49 47.61 17.81 -8.32
C THR G 49 47.37 17.35 -6.92
N VAL G 50 46.82 16.19 -6.76
CA VAL G 50 46.57 15.56 -5.50
C VAL G 50 47.06 14.06 -5.50
N TRP G 51 47.20 13.47 -4.33
CA TRP G 51 47.68 12.12 -4.20
C TRP G 51 46.74 11.16 -4.80
N THR G 52 45.39 11.34 -4.60
CA THR G 52 44.43 10.46 -5.17
C THR G 52 44.59 10.28 -6.71
N ASP G 53 45.07 11.26 -7.41
CA ASP G 53 45.08 11.31 -8.81
C ASP G 53 45.78 10.19 -9.36
N LEU G 54 46.90 9.63 -8.78
CA LEU G 54 47.55 8.55 -9.34
C LEU G 54 46.97 7.26 -8.84
N LEU G 55 45.78 7.14 -8.32
CA LEU G 55 44.99 5.90 -8.13
C LEU G 55 44.05 5.52 -9.22
N THR G 56 44.14 6.12 -10.46
CA THR G 56 43.16 5.93 -11.45
C THR G 56 43.93 5.98 -12.72
N ASP G 57 43.25 6.00 -13.78
CA ASP G 57 43.73 6.11 -15.19
C ASP G 57 43.25 7.36 -15.83
N MET G 58 44.09 8.47 -15.76
CA MET G 58 43.59 9.71 -16.38
C MET G 58 43.24 9.47 -17.88
N ASP G 59 43.97 8.72 -18.57
CA ASP G 59 43.80 8.58 -19.99
C ASP G 59 42.40 7.96 -20.35
N ARG G 60 41.95 7.04 -19.54
CA ARG G 60 40.64 6.47 -19.70
C ARG G 60 39.54 7.54 -19.49
N TYR G 61 39.82 8.80 -18.90
CA TYR G 61 38.86 9.78 -18.51
C TYR G 61 39.22 11.11 -19.01
N LYS G 62 39.58 11.21 -20.39
CA LYS G 62 40.16 12.38 -20.94
C LYS G 62 39.43 12.82 -22.16
N GLY G 63 38.68 13.97 -22.05
CA GLY G 63 38.05 14.62 -23.22
C GLY G 63 39.07 14.99 -24.21
N LYS G 64 38.79 14.70 -25.51
CA LYS G 64 39.79 14.88 -26.59
C LYS G 64 39.12 15.87 -27.59
N CYS G 65 39.81 17.02 -27.86
CA CYS G 65 39.43 17.92 -28.97
C CYS G 65 40.29 17.52 -30.11
N TYR G 66 39.63 16.98 -31.25
CA TYR G 66 40.34 16.61 -32.44
C TYR G 66 40.20 17.54 -33.59
N HIS G 67 39.59 18.81 -33.43
CA HIS G 67 39.40 19.65 -34.56
C HIS G 67 39.15 21.06 -34.14
N ILE G 68 39.93 21.97 -34.67
CA ILE G 68 39.62 23.41 -34.35
C ILE G 68 39.78 24.09 -35.77
N GLU G 69 38.86 24.96 -36.12
CA GLU G 69 38.91 25.69 -37.35
C GLU G 69 38.25 27.09 -37.20
N PRO G 70 38.84 28.13 -37.68
CA PRO G 70 38.21 29.48 -37.67
C PRO G 70 36.87 29.48 -38.35
N VAL G 71 35.88 30.16 -37.98
CA VAL G 71 34.58 30.28 -38.58
C VAL G 71 34.69 31.09 -39.83
N GLN G 72 34.03 30.62 -40.93
CA GLN G 72 34.01 31.34 -42.15
C GLN G 72 33.30 32.71 -41.97
N GLY G 73 33.85 33.72 -42.52
CA GLY G 73 33.24 35.05 -42.39
C GLY G 73 33.09 35.64 -40.99
N GLU G 74 33.89 35.10 -39.99
CA GLU G 74 33.90 35.61 -38.68
C GLU G 74 35.25 35.62 -38.22
N GLU G 75 35.56 36.54 -37.26
CA GLU G 75 36.95 36.74 -36.79
C GLU G 75 37.08 36.40 -35.37
N ASN G 76 38.15 35.73 -35.01
CA ASN G 76 38.35 35.29 -33.66
C ASN G 76 37.26 34.20 -33.15
N SER G 77 36.69 33.53 -34.12
CA SER G 77 35.59 32.55 -33.88
C SER G 77 35.96 31.18 -34.35
N TYR G 78 35.79 30.05 -33.59
CA TYR G 78 36.34 28.88 -34.13
C TYR G 78 35.35 27.78 -33.54
N PHE G 79 35.32 26.57 -34.09
CA PHE G 79 34.57 25.43 -33.65
C PHE G 79 35.52 24.39 -32.87
N ALA G 80 35.33 24.14 -31.59
CA ALA G 80 36.06 23.04 -30.87
C ALA G 80 35.04 21.87 -30.90
N PHE G 81 35.40 20.80 -31.56
CA PHE G 81 34.76 19.50 -31.59
C PHE G 81 35.52 18.61 -30.53
N ILE G 82 34.80 18.09 -29.58
CA ILE G 82 35.56 17.49 -28.46
C ILE G 82 34.82 16.21 -28.31
N ALA G 83 35.46 15.09 -28.32
CA ALA G 83 34.94 13.77 -28.08
C ALA G 83 35.03 13.43 -26.63
N TYR G 84 34.33 12.34 -26.22
CA TYR G 84 34.11 12.06 -24.84
C TYR G 84 33.96 10.50 -24.59
N PRO G 85 34.52 9.83 -23.56
CA PRO G 85 34.50 8.37 -23.58
C PRO G 85 33.11 7.94 -23.21
N LEU G 86 33.04 6.63 -23.09
CA LEU G 86 31.77 5.92 -22.80
C LEU G 86 31.43 5.65 -21.39
N ASP G 87 32.33 5.97 -20.34
CA ASP G 87 32.14 5.86 -18.94
C ASP G 87 31.88 7.09 -18.17
N LEU G 88 32.00 8.29 -18.85
CA LEU G 88 32.00 9.44 -17.99
C LEU G 88 30.61 9.63 -17.27
N PHE G 89 29.45 9.15 -17.82
CA PHE G 89 28.13 9.57 -17.49
C PHE G 89 27.46 8.40 -16.84
N GLU G 90 26.22 8.57 -16.45
CA GLU G 90 25.35 7.41 -16.04
C GLU G 90 24.38 7.02 -17.20
N GLU G 91 23.91 5.80 -17.18
CA GLU G 91 22.91 5.37 -18.09
C GLU G 91 21.60 6.17 -17.88
N GLY G 92 20.98 6.50 -19.03
CA GLY G 92 19.56 6.85 -18.95
C GLY G 92 19.25 8.14 -18.17
N SER G 93 20.15 9.17 -18.23
CA SER G 93 19.85 10.35 -17.37
C SER G 93 20.35 11.48 -18.22
N VAL G 94 19.44 12.19 -18.86
CA VAL G 94 19.70 13.51 -19.33
C VAL G 94 20.39 14.37 -18.32
N THR G 95 20.00 14.26 -17.09
CA THR G 95 20.44 15.17 -16.07
C THR G 95 21.93 15.14 -15.95
N ASN G 96 22.51 13.92 -15.74
CA ASN G 96 23.87 13.64 -15.57
C ASN G 96 24.59 14.12 -16.80
N ILE G 97 24.02 13.95 -17.97
CA ILE G 97 24.70 14.49 -19.12
C ILE G 97 24.93 15.91 -19.10
N LEU G 98 23.85 16.63 -18.95
CA LEU G 98 24.01 18.05 -18.98
C LEU G 98 24.90 18.42 -17.84
N THR G 99 24.86 17.71 -16.68
CA THR G 99 25.64 18.17 -15.60
C THR G 99 27.15 17.98 -16.14
N SER G 100 27.49 16.91 -16.73
CA SER G 100 28.89 16.67 -17.15
C SER G 100 29.23 17.61 -18.18
N ILE G 101 28.50 17.84 -19.24
CA ILE G 101 28.97 18.63 -20.35
C ILE G 101 29.04 20.00 -19.99
N VAL G 102 27.88 20.56 -19.54
CA VAL G 102 27.66 21.96 -19.24
C VAL G 102 27.67 22.31 -17.80
N GLY G 103 28.27 21.40 -16.92
CA GLY G 103 28.14 21.75 -15.48
C GLY G 103 28.98 22.97 -15.04
N ASN G 104 30.10 23.11 -15.60
CA ASN G 104 30.97 24.29 -15.33
C ASN G 104 31.63 24.94 -16.58
N VAL G 105 31.51 24.46 -17.75
CA VAL G 105 32.34 24.93 -18.87
C VAL G 105 32.04 26.35 -19.22
N PHE G 106 30.70 26.70 -19.25
CA PHE G 106 30.14 27.97 -19.26
C PHE G 106 30.55 28.96 -18.30
N GLY G 107 30.98 28.59 -17.14
CA GLY G 107 31.44 29.46 -16.09
C GLY G 107 32.94 29.80 -16.20
N PHE G 108 33.71 29.42 -17.24
CA PHE G 108 35.11 29.56 -17.22
C PHE G 108 35.48 31.01 -17.62
N LYS G 109 36.67 31.51 -17.40
CA LYS G 109 37.15 32.85 -17.81
C LYS G 109 37.65 33.00 -19.19
N ALA G 110 38.52 32.05 -19.62
CA ALA G 110 39.32 32.37 -20.83
C ALA G 110 38.57 32.63 -22.10
N ILE G 111 37.32 32.10 -22.17
CA ILE G 111 36.53 32.25 -23.36
C ILE G 111 35.54 33.36 -23.21
N ARG G 112 35.71 34.40 -23.97
CA ARG G 112 34.74 35.47 -23.92
C ARG G 112 33.30 35.14 -24.16
N SER G 113 32.96 34.39 -25.17
CA SER G 113 31.60 33.66 -25.21
C SER G 113 31.74 32.29 -25.71
N LEU G 114 31.00 31.39 -25.18
CA LEU G 114 31.03 30.04 -25.60
C LEU G 114 29.53 29.63 -25.91
N ARG G 115 29.23 28.91 -26.97
CA ARG G 115 27.91 28.54 -27.27
C ARG G 115 28.05 26.97 -27.64
N LEU G 116 27.32 26.05 -26.98
CA LEU G 116 27.35 24.67 -27.32
C LEU G 116 26.43 24.45 -28.40
N GLU G 117 26.97 23.98 -29.58
CA GLU G 117 26.21 24.01 -30.73
C GLU G 117 25.46 22.66 -30.95
N ASP G 118 26.05 21.52 -30.66
CA ASP G 118 25.79 20.20 -31.13
C ASP G 118 26.41 19.17 -30.22
N ILE G 119 25.67 18.07 -29.94
CA ILE G 119 26.24 16.88 -29.49
C ILE G 119 25.99 15.69 -30.32
N ARG G 120 26.94 14.66 -30.16
CA ARG G 120 26.71 13.41 -30.90
C ARG G 120 26.78 12.23 -29.88
N PHE G 121 25.60 11.76 -29.34
CA PHE G 121 25.58 10.60 -28.42
C PHE G 121 26.08 9.24 -28.98
N PRO G 122 26.85 8.45 -28.30
CA PRO G 122 27.12 7.14 -28.80
C PRO G 122 25.94 6.22 -28.64
N VAL G 123 25.74 5.30 -29.62
CA VAL G 123 24.57 4.48 -29.66
C VAL G 123 24.35 3.76 -28.30
N ALA G 124 25.37 3.34 -27.74
CA ALA G 124 25.40 2.72 -26.38
C ALA G 124 24.62 3.53 -25.41
N LEU G 125 24.81 4.81 -25.28
CA LEU G 125 23.93 5.64 -24.51
C LEU G 125 22.55 5.87 -25.02
N VAL G 126 22.43 6.04 -26.28
CA VAL G 126 21.08 6.10 -26.89
C VAL G 126 20.21 4.94 -26.55
N LYS G 127 20.73 3.76 -26.40
CA LYS G 127 20.03 2.55 -26.04
C LYS G 127 19.60 2.44 -24.60
N THR G 128 20.00 3.31 -23.71
CA THR G 128 19.72 3.14 -22.30
C THR G 128 18.50 3.89 -21.81
N PHE G 129 17.80 4.72 -22.62
CA PHE G 129 16.66 5.60 -22.13
C PHE G 129 15.46 4.81 -22.54
N GLN G 130 14.33 5.42 -22.29
CA GLN G 130 13.08 4.88 -22.71
C GLN G 130 12.78 5.53 -24.02
N GLY G 131 13.10 6.91 -24.24
CA GLY G 131 12.86 7.67 -25.44
C GLY G 131 11.35 8.08 -25.35
N PRO G 132 10.87 8.60 -26.52
CA PRO G 132 9.47 9.06 -26.60
C PRO G 132 8.56 7.95 -26.28
N PRO G 133 7.41 8.27 -25.60
CA PRO G 133 6.50 7.18 -25.19
C PRO G 133 6.03 6.22 -26.30
N HIS G 134 5.64 6.77 -27.37
CA HIS G 134 5.03 6.00 -28.42
C HIS G 134 5.77 6.17 -29.72
N GLY G 135 6.24 7.36 -30.03
CA GLY G 135 6.67 7.71 -31.43
C GLY G 135 5.69 8.30 -32.35
N ILE G 136 6.16 8.88 -33.43
CA ILE G 136 5.29 9.62 -34.39
C ILE G 136 4.32 8.56 -34.99
N GLN G 137 4.92 7.52 -35.40
CA GLN G 137 4.07 6.51 -36.07
C GLN G 137 3.01 6.04 -35.19
N VAL G 138 3.36 5.72 -33.98
CA VAL G 138 2.40 5.09 -33.03
C VAL G 138 1.45 6.27 -32.68
N GLU G 139 1.85 7.50 -32.47
CA GLU G 139 0.94 8.55 -32.18
C GLU G 139 -0.02 8.70 -33.23
N ARG G 140 0.46 8.67 -34.51
CA ARG G 140 -0.56 8.68 -35.59
C ARG G 140 -1.43 7.57 -35.60
N ASP G 141 -0.99 6.40 -35.26
CA ASP G 141 -1.89 5.25 -35.08
C ASP G 141 -2.90 5.51 -34.03
N LEU G 142 -2.55 6.04 -32.90
CA LEU G 142 -3.52 6.23 -31.80
C LEU G 142 -4.53 7.24 -32.15
N LEU G 143 -4.09 8.31 -32.77
CA LEU G 143 -4.97 9.30 -33.26
C LEU G 143 -5.58 8.87 -34.66
N ASN G 144 -5.15 7.88 -35.33
CA ASN G 144 -5.72 7.43 -36.57
C ASN G 144 -5.68 8.38 -37.73
N LYS G 145 -4.64 9.32 -37.80
CA LYS G 145 -4.64 10.44 -38.66
C LYS G 145 -3.33 10.40 -39.44
N TYR G 146 -3.32 10.66 -40.74
CA TYR G 146 -2.17 10.20 -41.45
C TYR G 146 -2.12 11.17 -42.59
N GLY G 147 -0.92 11.29 -43.28
CA GLY G 147 -0.83 12.00 -44.54
C GLY G 147 -0.79 13.52 -44.66
N ARG G 148 -1.21 14.14 -43.54
CA ARG G 148 -1.02 15.57 -43.24
C ARG G 148 -0.37 16.03 -41.89
N PRO G 149 -0.03 17.29 -41.74
CA PRO G 149 0.34 17.73 -40.42
C PRO G 149 -0.85 17.92 -39.54
N MET G 150 -0.69 18.27 -38.32
CA MET G 150 -1.71 18.37 -37.32
C MET G 150 -2.04 19.75 -36.94
N LEU G 151 -3.27 20.11 -36.67
CA LEU G 151 -3.64 21.42 -36.33
C LEU G 151 -3.91 21.54 -34.80
N GLY G 152 -3.26 22.55 -34.15
CA GLY G 152 -3.54 22.86 -32.83
C GLY G 152 -3.83 24.35 -32.60
N CYS G 153 -4.69 24.74 -31.62
CA CYS G 153 -4.88 26.17 -31.27
C CYS G 153 -4.78 26.48 -29.82
N THR G 154 -4.31 27.66 -29.50
CA THR G 154 -3.95 27.86 -28.08
C THR G 154 -5.06 28.67 -27.61
N ILE G 155 -5.40 28.52 -26.38
CA ILE G 155 -6.60 29.19 -25.82
C ILE G 155 -6.19 30.64 -25.44
N LYS G 156 -6.93 31.60 -25.91
CA LYS G 156 -6.75 32.97 -25.59
C LYS G 156 -7.94 33.53 -24.95
N PRO G 157 -7.92 34.60 -24.04
CA PRO G 157 -6.69 35.09 -23.47
C PRO G 157 -6.05 34.08 -22.56
N LYS G 158 -4.72 34.24 -22.39
CA LYS G 158 -4.02 33.19 -21.63
C LYS G 158 -4.58 33.05 -20.25
N LEU G 159 -5.11 34.05 -19.60
CA LEU G 159 -5.50 33.91 -18.26
C LEU G 159 -6.90 34.60 -18.28
N GLY G 160 -7.54 34.59 -17.06
CA GLY G 160 -8.86 35.10 -16.82
C GLY G 160 -9.99 34.18 -17.11
N LEU G 161 -9.84 33.34 -18.21
CA LEU G 161 -10.98 32.45 -18.54
C LEU G 161 -11.39 31.52 -17.50
N SER G 162 -12.74 31.41 -17.28
CA SER G 162 -13.25 30.51 -16.35
C SER G 162 -13.19 29.12 -16.86
N ALA G 163 -13.28 28.11 -16.03
CA ALA G 163 -13.18 26.75 -16.46
C ALA G 163 -14.26 26.61 -17.44
N LYS G 164 -15.55 27.07 -17.15
CA LYS G 164 -16.70 26.89 -18.00
C LYS G 164 -16.44 27.53 -19.33
N ASN G 165 -16.04 28.83 -19.32
CA ASN G 165 -15.62 29.47 -20.46
C ASN G 165 -14.48 28.69 -21.27
N TYR G 166 -13.60 28.07 -20.57
CA TYR G 166 -12.31 27.62 -21.11
C TYR G 166 -12.77 26.41 -21.85
N GLY G 167 -13.58 25.53 -21.30
CA GLY G 167 -14.09 24.41 -22.05
C GLY G 167 -15.03 24.83 -23.18
N ARG G 168 -15.67 25.92 -23.11
CA ARG G 168 -16.47 26.48 -24.28
C ARG G 168 -15.62 26.75 -25.39
N ALA G 169 -14.50 27.47 -25.13
CA ALA G 169 -13.58 27.81 -26.16
C ALA G 169 -12.91 26.55 -26.76
N VAL G 170 -12.53 25.62 -25.91
CA VAL G 170 -12.05 24.34 -26.33
C VAL G 170 -12.98 23.72 -27.30
N TYR G 171 -14.16 23.56 -26.92
CA TYR G 171 -15.18 22.91 -27.78
C TYR G 171 -15.27 23.58 -29.07
N GLU G 172 -15.27 24.93 -29.12
CA GLU G 172 -15.38 25.65 -30.36
C GLU G 172 -14.16 25.47 -31.19
N CYS G 173 -13.00 25.54 -30.72
CA CYS G 173 -11.87 25.31 -31.51
C CYS G 173 -11.91 23.98 -32.08
N LEU G 174 -12.27 22.99 -31.35
CA LEU G 174 -12.34 21.55 -31.76
C LEU G 174 -13.45 21.32 -32.70
N ARG G 175 -14.67 21.60 -32.42
CA ARG G 175 -15.77 21.38 -33.39
C ARG G 175 -15.48 22.04 -34.68
N GLY G 176 -14.93 23.22 -34.69
CA GLY G 176 -14.69 23.90 -36.02
C GLY G 176 -13.68 23.15 -36.82
N GLY G 177 -12.88 22.16 -36.28
CA GLY G 177 -12.05 21.27 -37.13
C GLY G 177 -10.62 21.11 -36.72
N LEU G 178 -10.03 22.02 -35.99
CA LEU G 178 -8.78 21.78 -35.20
C LEU G 178 -8.87 20.57 -34.43
N ASP G 179 -7.78 19.87 -34.31
CA ASP G 179 -7.74 18.61 -33.52
C ASP G 179 -7.32 18.89 -32.10
N PHE G 180 -6.40 19.81 -31.92
CA PHE G 180 -5.66 20.03 -30.60
C PHE G 180 -5.82 21.39 -30.15
N THR G 181 -5.96 21.46 -28.75
CA THR G 181 -6.03 22.65 -27.93
C THR G 181 -4.93 22.78 -26.92
N LYS G 182 -4.44 24.06 -26.71
CA LYS G 182 -3.14 24.17 -26.02
C LYS G 182 -3.49 25.00 -24.82
N ASP G 183 -3.08 24.64 -23.63
CA ASP G 183 -3.17 25.41 -22.47
C ASP G 183 -2.06 26.38 -22.50
N ASP G 184 -2.29 27.64 -22.37
CA ASP G 184 -1.24 28.62 -22.46
C ASP G 184 -0.31 28.25 -21.26
N GLU G 185 0.97 28.46 -21.43
CA GLU G 185 1.95 27.80 -20.60
C GLU G 185 1.80 28.06 -19.15
N ASN G 186 1.48 29.33 -18.82
CA ASN G 186 1.57 29.84 -17.44
C ASN G 186 0.29 29.12 -16.76
N ILE G 187 -0.77 28.70 -17.48
CA ILE G 187 -1.93 28.12 -16.87
C ILE G 187 -1.46 26.77 -16.26
N ASN G 188 -1.39 26.60 -14.97
CA ASN G 188 -1.31 25.34 -14.39
C ASN G 188 -2.48 25.01 -13.42
N SER G 189 -2.66 25.85 -12.32
CA SER G 189 -3.68 25.82 -11.31
C SER G 189 -4.17 27.17 -10.87
N GLN G 190 -4.00 28.21 -11.59
CA GLN G 190 -4.32 29.55 -11.04
C GLN G 190 -5.61 29.81 -10.35
N PRO G 191 -5.66 30.68 -9.38
CA PRO G 191 -6.73 30.72 -8.45
C PRO G 191 -8.09 30.93 -9.14
N PHE G 192 -8.10 31.71 -10.19
CA PHE G 192 -9.30 31.84 -11.06
C PHE G 192 -9.59 30.50 -11.82
N GLN G 193 -8.75 29.60 -11.96
CA GLN G 193 -8.92 28.27 -12.68
C GLN G 193 -8.17 27.28 -11.85
N ARG G 194 -8.92 26.49 -11.01
CA ARG G 194 -8.37 25.26 -10.39
C ARG G 194 -8.28 24.15 -11.36
N TRP G 195 -7.18 23.46 -11.35
CA TRP G 195 -6.79 22.55 -12.31
C TRP G 195 -7.83 21.36 -12.55
N ARG G 196 -8.45 20.87 -11.43
CA ARG G 196 -9.11 19.66 -11.44
C ARG G 196 -10.36 19.99 -12.20
N ASP G 197 -11.01 21.26 -12.01
CA ASP G 197 -12.30 21.56 -12.58
C ASP G 197 -12.06 21.75 -14.05
N ARG G 198 -10.97 22.34 -14.47
CA ARG G 198 -10.47 22.32 -15.82
C ARG G 198 -10.36 21.03 -16.48
N PHE G 199 -9.63 20.11 -15.88
CA PHE G 199 -9.69 18.70 -16.40
C PHE G 199 -11.06 18.19 -16.64
N LEU G 200 -11.97 18.26 -15.71
CA LEU G 200 -13.23 17.69 -16.00
C LEU G 200 -13.88 18.39 -17.13
N PHE G 201 -13.87 19.74 -17.16
CA PHE G 201 -14.58 20.37 -18.24
C PHE G 201 -14.01 20.13 -19.60
N VAL G 202 -12.71 20.15 -19.71
CA VAL G 202 -12.19 19.69 -20.97
C VAL G 202 -12.72 18.33 -21.31
N ALA G 203 -12.63 17.40 -20.27
CA ALA G 203 -12.96 16.01 -20.68
C ALA G 203 -14.39 16.02 -21.28
N ASP G 204 -15.27 16.65 -20.64
CA ASP G 204 -16.66 16.48 -21.07
C ASP G 204 -16.81 17.26 -22.50
N ALA G 205 -16.10 18.44 -22.69
CA ALA G 205 -16.13 19.18 -24.01
C ALA G 205 -15.51 18.28 -25.19
N ILE G 206 -14.41 17.68 -24.95
CA ILE G 206 -13.74 16.86 -25.93
C ILE G 206 -14.66 15.71 -26.22
N HIS G 207 -15.31 15.11 -25.14
CA HIS G 207 -16.10 13.91 -25.50
C HIS G 207 -17.14 14.35 -26.48
N LYS G 208 -17.83 15.42 -26.18
CA LYS G 208 -18.98 15.83 -26.95
C LYS G 208 -18.70 16.35 -28.26
N SER G 209 -17.46 16.98 -28.44
CA SER G 209 -16.87 17.32 -29.70
C SER G 209 -16.57 16.09 -30.50
N GLN G 210 -15.97 15.13 -29.90
CA GLN G 210 -15.75 13.94 -30.58
C GLN G 210 -17.12 13.29 -31.07
N ALA G 211 -18.10 13.36 -30.28
CA ALA G 211 -19.38 12.81 -30.59
C ALA G 211 -20.00 13.49 -31.87
N GLU G 212 -19.98 14.80 -31.91
CA GLU G 212 -20.53 15.49 -33.04
C GLU G 212 -19.63 15.31 -34.31
N THR G 213 -18.34 15.46 -34.13
CA THR G 213 -17.44 15.67 -35.23
C THR G 213 -17.12 14.38 -35.92
N GLY G 214 -16.95 13.34 -35.15
CA GLY G 214 -16.36 12.09 -35.67
C GLY G 214 -14.90 12.01 -36.12
N GLU G 215 -14.16 13.01 -35.55
CA GLU G 215 -12.70 12.95 -35.29
C GLU G 215 -12.24 12.63 -33.91
N ILE G 216 -11.20 11.73 -33.71
CA ILE G 216 -10.57 11.76 -32.43
C ILE G 216 -10.03 13.08 -32.13
N LYS G 217 -10.45 13.66 -31.04
CA LYS G 217 -9.85 14.86 -30.55
C LYS G 217 -8.85 14.56 -29.53
N GLY G 218 -8.06 15.64 -29.18
CA GLY G 218 -7.16 15.62 -28.02
C GLY G 218 -7.00 17.02 -27.54
N HIS G 219 -7.01 17.31 -26.29
CA HIS G 219 -6.45 18.50 -25.68
C HIS G 219 -5.16 18.42 -25.02
N TYR G 220 -4.29 19.44 -25.26
CA TYR G 220 -3.11 19.52 -24.54
C TYR G 220 -3.26 19.82 -23.10
N LEU G 221 -2.96 18.96 -22.16
CA LEU G 221 -3.18 19.14 -20.76
C LEU G 221 -1.92 19.30 -20.06
N ASN G 222 -1.52 20.57 -19.81
CA ASN G 222 -0.39 20.86 -19.00
C ASN G 222 -0.57 20.26 -17.57
N VAL G 223 0.35 19.31 -17.27
CA VAL G 223 0.41 18.68 -15.94
C VAL G 223 1.64 19.24 -15.10
N THR G 224 2.44 20.16 -15.57
CA THR G 224 3.65 20.54 -14.92
C THR G 224 3.12 21.09 -13.52
N ALA G 225 3.68 20.65 -12.47
CA ALA G 225 3.28 20.84 -11.04
C ALA G 225 4.30 21.46 -10.21
N PRO G 226 3.98 22.01 -9.04
CA PRO G 226 4.97 22.42 -8.10
C PRO G 226 5.85 21.22 -7.62
N THR G 227 5.21 20.04 -7.41
CA THR G 227 5.87 18.89 -6.74
C THR G 227 5.47 17.65 -7.46
N CYS G 228 6.40 16.66 -7.41
CA CYS G 228 6.37 15.33 -8.05
C CYS G 228 5.07 14.67 -7.70
N GLU G 229 4.60 14.69 -6.42
CA GLU G 229 3.36 14.08 -6.06
C GLU G 229 2.24 14.69 -6.79
N GLU G 230 2.18 16.05 -6.79
CA GLU G 230 1.13 16.73 -7.38
C GLU G 230 1.03 16.56 -8.85
N MET G 231 2.20 16.55 -9.53
CA MET G 231 2.24 16.36 -11.00
C MET G 231 1.64 14.90 -11.21
N MET G 232 2.10 13.92 -10.39
CA MET G 232 1.57 12.57 -10.63
C MET G 232 0.14 12.53 -10.46
N LYS G 233 -0.43 12.91 -9.34
CA LYS G 233 -1.92 12.99 -9.19
C LYS G 233 -2.63 13.61 -10.33
N ARG G 234 -2.25 14.80 -10.69
CA ARG G 234 -2.96 15.37 -11.81
C ARG G 234 -2.86 14.42 -13.09
N ALA G 235 -1.75 13.76 -13.31
CA ALA G 235 -1.57 12.81 -14.35
C ALA G 235 -2.49 11.56 -14.30
N GLU G 236 -2.62 10.92 -13.08
CA GLU G 236 -3.63 9.86 -12.91
C GLU G 236 -4.97 10.44 -13.27
N PHE G 237 -5.24 11.67 -12.90
CA PHE G 237 -6.73 12.05 -12.96
C PHE G 237 -6.88 12.32 -14.44
N ALA G 238 -5.87 12.90 -15.28
CA ALA G 238 -5.99 13.04 -16.65
C ALA G 238 -6.27 11.62 -17.37
N LYS G 239 -5.57 10.57 -17.08
CA LYS G 239 -5.85 9.22 -17.69
C LYS G 239 -7.20 8.72 -17.30
N GLU G 240 -7.60 8.97 -16.00
CA GLU G 240 -8.84 8.47 -15.47
C GLU G 240 -10.00 8.93 -16.31
N LEU G 241 -9.87 10.18 -16.92
CA LEU G 241 -10.93 10.63 -17.91
C LEU G 241 -10.61 10.17 -19.26
N GLY G 242 -9.74 9.15 -19.50
CA GLY G 242 -9.41 8.68 -20.85
C GLY G 242 -8.63 9.72 -21.67
N MET G 243 -7.98 10.75 -21.07
CA MET G 243 -7.29 11.72 -21.82
C MET G 243 -6.10 11.09 -22.60
N PRO G 244 -6.01 11.24 -23.88
CA PRO G 244 -4.90 10.56 -24.60
C PRO G 244 -3.63 11.36 -24.57
N ILE G 245 -3.56 12.69 -24.19
CA ILE G 245 -2.34 13.44 -24.31
C ILE G 245 -2.23 14.46 -23.25
N ILE G 246 -0.96 14.72 -22.77
CA ILE G 246 -0.71 15.67 -21.72
C ILE G 246 0.55 16.60 -22.16
N MET G 247 0.82 17.67 -21.37
CA MET G 247 1.90 18.57 -21.64
C MET G 247 2.73 18.78 -20.41
N HIS G 248 4.10 18.91 -20.61
CA HIS G 248 5.00 19.16 -19.52
C HIS G 248 6.16 20.05 -20.07
N ASP G 249 6.79 20.76 -19.21
CA ASP G 249 8.06 21.41 -19.32
C ASP G 249 9.27 20.80 -18.92
N PHE G 250 10.26 20.72 -19.85
CA PHE G 250 11.53 20.09 -19.59
C PHE G 250 12.59 21.08 -19.14
N LEU G 251 12.50 22.40 -19.47
CA LEU G 251 13.45 23.36 -19.03
C LEU G 251 13.12 23.84 -17.66
N THR G 252 11.97 24.42 -17.49
CA THR G 252 11.60 25.11 -16.21
C THR G 252 11.37 24.12 -15.10
N ALA G 253 10.48 23.09 -15.37
CA ALA G 253 10.32 22.03 -14.42
C ALA G 253 11.49 21.15 -14.32
N GLY G 254 12.13 20.85 -15.49
CA GLY G 254 13.39 20.18 -15.57
C GLY G 254 13.31 18.86 -16.20
N PHE G 255 14.36 17.96 -15.94
CA PHE G 255 14.58 16.87 -16.85
C PHE G 255 14.17 15.62 -16.02
N THR G 256 14.52 15.52 -14.67
CA THR G 256 14.18 14.41 -13.90
C THR G 256 12.60 14.23 -13.83
N ALA G 257 11.90 15.31 -13.62
CA ALA G 257 10.46 15.29 -13.59
C ALA G 257 9.89 14.84 -14.97
N ASN G 258 10.43 15.42 -16.08
CA ASN G 258 9.94 15.12 -17.44
C ASN G 258 10.11 13.70 -17.75
N THR G 259 11.35 13.13 -17.44
CA THR G 259 11.62 11.79 -17.67
C THR G 259 10.72 10.88 -16.79
N THR G 260 10.51 11.26 -15.60
CA THR G 260 9.65 10.39 -14.74
C THR G 260 8.19 10.38 -15.37
N LEU G 261 7.73 11.53 -15.79
CA LEU G 261 6.43 11.66 -16.38
C LEU G 261 6.32 10.86 -17.63
N ALA G 262 7.40 10.91 -18.50
CA ALA G 262 7.42 10.13 -19.78
C ALA G 262 7.35 8.59 -19.49
N LYS G 263 8.15 8.19 -18.56
CA LYS G 263 8.10 6.80 -18.19
C LYS G 263 6.76 6.35 -17.68
N TRP G 264 6.14 7.19 -16.78
CA TRP G 264 4.84 6.84 -16.31
C TRP G 264 3.86 6.78 -17.43
N CYS G 265 3.94 7.73 -18.33
CA CYS G 265 3.06 7.76 -19.52
C CYS G 265 3.22 6.53 -20.34
N ARG G 266 4.44 6.13 -20.56
CA ARG G 266 4.73 4.87 -21.18
C ARG G 266 4.06 3.70 -20.52
N ASP G 267 4.04 3.72 -19.23
CA ASP G 267 3.35 2.67 -18.44
C ASP G 267 1.88 2.81 -18.54
N ASN G 268 1.30 4.05 -18.87
CA ASN G 268 -0.17 4.35 -18.82
C ASN G 268 -0.68 4.78 -20.21
N GLY G 269 0.07 4.53 -21.35
CA GLY G 269 -0.59 4.72 -22.61
C GLY G 269 -1.06 6.06 -22.96
N VAL G 270 -0.37 7.17 -22.55
CA VAL G 270 -0.91 8.54 -22.73
C VAL G 270 0.23 9.25 -23.52
N LEU G 271 -0.11 9.82 -24.60
CA LEU G 271 0.75 10.76 -25.25
C LEU G 271 1.24 11.90 -24.45
N LEU G 272 2.40 12.38 -24.77
CA LEU G 272 3.05 13.47 -23.97
C LEU G 272 3.61 14.51 -24.86
N HIS G 273 2.95 15.64 -24.93
CA HIS G 273 3.43 16.73 -25.64
C HIS G 273 4.40 17.51 -24.80
N ILE G 274 5.37 18.27 -25.38
CA ILE G 274 6.28 19.07 -24.68
C ILE G 274 6.14 20.51 -25.06
N HIS G 275 6.38 21.37 -24.14
CA HIS G 275 6.79 22.69 -24.41
C HIS G 275 8.25 23.16 -23.99
N ARG G 276 8.74 24.06 -24.86
CA ARG G 276 10.01 24.65 -24.80
C ARG G 276 10.32 25.89 -23.94
N ALA G 277 9.48 26.17 -23.02
CA ALA G 277 9.60 27.36 -22.23
C ALA G 277 10.87 27.63 -21.49
N MET G 278 11.37 28.93 -21.48
CA MET G 278 12.68 29.29 -20.99
C MET G 278 13.82 28.99 -21.89
N HIS G 279 13.62 28.51 -23.08
CA HIS G 279 14.65 28.20 -24.02
C HIS G 279 15.41 29.38 -24.38
N ALA G 280 14.80 30.55 -24.69
CA ALA G 280 15.50 31.65 -25.30
C ALA G 280 16.32 32.44 -24.36
N VAL G 281 16.21 32.20 -22.95
CA VAL G 281 17.32 32.52 -22.20
C VAL G 281 18.66 31.76 -22.58
N ILE G 282 18.60 30.76 -23.38
CA ILE G 282 19.71 29.77 -23.47
C ILE G 282 20.26 29.91 -24.92
N ASP G 283 19.47 30.30 -25.99
CA ASP G 283 19.73 30.00 -27.37
C ASP G 283 19.63 31.18 -28.20
N ARG G 284 18.92 32.31 -27.82
CA ARG G 284 18.85 33.40 -28.70
C ARG G 284 20.09 34.03 -29.18
N GLN G 285 21.17 33.82 -28.45
CA GLN G 285 22.40 34.50 -28.71
C GLN G 285 23.00 33.56 -29.71
N ARG G 286 23.36 33.96 -30.83
CA ARG G 286 24.21 33.27 -31.74
C ARG G 286 25.59 33.05 -31.27
N ASN G 287 26.08 33.81 -30.24
CA ASN G 287 27.50 33.75 -29.83
C ASN G 287 27.63 33.14 -28.46
N HIS G 288 26.66 32.87 -27.67
CA HIS G 288 26.87 32.17 -26.44
C HIS G 288 25.58 31.35 -26.04
N GLY G 289 25.75 30.35 -25.23
CA GLY G 289 24.62 29.55 -24.71
C GLY G 289 24.60 28.10 -25.27
N ILE G 290 23.35 27.56 -25.54
CA ILE G 290 23.31 26.24 -26.09
C ILE G 290 22.33 26.41 -27.20
N HIS G 291 22.66 25.72 -28.35
CA HIS G 291 21.74 25.69 -29.55
C HIS G 291 20.74 24.58 -29.43
N PHE G 292 19.53 24.84 -29.87
CA PHE G 292 18.43 24.04 -29.52
C PHE G 292 18.45 22.58 -30.15
N ARG G 293 19.21 22.34 -31.09
CA ARG G 293 19.47 20.99 -31.53
C ARG G 293 20.01 20.11 -30.34
N VAL G 294 20.86 20.65 -29.57
CA VAL G 294 21.32 19.86 -28.39
C VAL G 294 20.14 19.58 -27.40
N LEU G 295 19.40 20.58 -27.08
CA LEU G 295 18.31 20.46 -26.15
C LEU G 295 17.30 19.48 -26.65
N ALA G 296 16.93 19.60 -27.90
CA ALA G 296 15.99 18.66 -28.54
C ALA G 296 16.48 17.28 -28.42
N LYS G 297 17.81 17.08 -28.66
CA LYS G 297 18.36 15.80 -28.77
C LYS G 297 18.29 15.18 -27.43
N CYS G 298 18.56 16.00 -26.37
CA CYS G 298 18.49 15.52 -25.00
C CYS G 298 17.08 15.14 -24.64
N LEU G 299 16.13 15.97 -25.00
CA LEU G 299 14.80 15.56 -24.76
C LEU G 299 14.34 14.34 -25.50
N ARG G 300 14.63 14.28 -26.77
CA ARG G 300 14.25 13.07 -27.45
C ARG G 300 14.86 11.79 -26.84
N LEU G 301 16.05 11.93 -26.15
CA LEU G 301 16.46 10.87 -25.27
C LEU G 301 15.54 10.78 -24.10
N SER G 302 15.12 11.78 -23.45
CA SER G 302 14.31 11.76 -22.30
C SER G 302 12.93 11.04 -22.66
N GLY G 303 12.28 11.41 -23.80
CA GLY G 303 10.99 11.00 -24.16
C GLY G 303 9.87 12.05 -24.19
N GLY G 304 9.36 12.37 -25.42
CA GLY G 304 8.24 13.22 -25.57
C GLY G 304 7.67 13.21 -27.00
N ASP G 305 6.39 13.20 -27.11
CA ASP G 305 5.70 13.08 -28.45
C ASP G 305 5.81 14.20 -29.34
N HIS G 306 5.76 15.49 -28.88
CA HIS G 306 5.70 16.79 -29.61
C HIS G 306 6.85 17.73 -28.95
N LEU G 307 7.09 18.75 -29.68
CA LEU G 307 7.98 19.78 -29.35
C LEU G 307 7.90 21.03 -30.17
N HIS G 308 8.03 22.17 -29.67
CA HIS G 308 8.11 23.44 -30.34
C HIS G 308 9.40 23.59 -31.05
N SER G 309 9.34 24.07 -32.22
CA SER G 309 10.53 24.37 -33.05
C SER G 309 10.45 25.75 -33.77
N GLY G 310 9.49 26.60 -33.57
CA GLY G 310 9.46 27.97 -34.11
C GLY G 310 8.64 28.10 -35.36
N THR G 311 8.26 29.43 -35.58
CA THR G 311 7.51 29.82 -36.74
C THR G 311 8.27 29.87 -37.97
N VAL G 312 9.51 30.29 -37.98
CA VAL G 312 10.48 30.28 -39.03
C VAL G 312 10.10 31.47 -39.79
N ASP G 319 16.69 30.80 -38.64
CA ASP G 319 17.19 30.31 -39.88
C ASP G 319 16.38 29.15 -40.36
N LYS G 320 15.74 29.30 -41.56
CA LYS G 320 15.26 28.17 -42.31
C LYS G 320 16.07 26.93 -42.44
N ALA G 321 17.29 27.06 -42.75
CA ALA G 321 18.15 25.93 -42.98
C ALA G 321 18.44 25.21 -41.71
N SER G 322 18.81 25.92 -40.68
CA SER G 322 19.15 25.31 -39.34
C SER G 322 17.84 24.78 -38.89
N THR G 323 16.60 25.41 -39.18
CA THR G 323 15.34 24.86 -38.78
C THR G 323 15.22 23.44 -39.23
N LEU G 324 15.28 23.31 -40.57
CA LEU G 324 15.21 22.05 -41.20
C LEU G 324 16.19 21.13 -40.64
N GLY G 325 17.50 21.54 -40.41
CA GLY G 325 18.46 20.69 -39.80
C GLY G 325 17.95 20.04 -38.57
N PHE G 326 17.66 20.88 -37.48
CA PHE G 326 17.26 20.20 -36.23
C PHE G 326 15.88 19.61 -36.21
N VAL G 327 14.92 20.04 -37.06
CA VAL G 327 13.69 19.39 -37.36
C VAL G 327 13.84 17.89 -37.85
N ASP G 328 14.70 17.72 -38.89
CA ASP G 328 14.90 16.45 -39.49
C ASP G 328 15.66 15.72 -38.41
N LEU G 329 16.48 16.39 -37.65
CA LEU G 329 17.09 15.68 -36.56
C LEU G 329 16.28 15.08 -35.50
N MET G 330 15.24 15.81 -35.02
CA MET G 330 14.14 15.22 -34.22
C MET G 330 13.15 14.32 -34.84
N ARG G 331 12.84 14.36 -36.16
CA ARG G 331 12.03 13.37 -36.73
C ARG G 331 12.93 12.18 -37.15
N GLU G 332 13.91 12.39 -37.92
CA GLU G 332 14.61 11.36 -38.79
C GLU G 332 15.45 10.39 -37.91
N ASP G 333 15.52 9.19 -38.32
CA ASP G 333 16.29 8.15 -37.57
C ASP G 333 17.77 8.35 -37.73
N HIS G 334 18.28 8.63 -38.87
CA HIS G 334 19.77 8.74 -38.99
C HIS G 334 19.99 10.01 -39.85
N ILE G 335 21.01 10.81 -39.59
CA ILE G 335 21.09 12.10 -40.28
C ILE G 335 22.61 12.15 -40.60
N GLU G 336 22.95 12.81 -41.63
CA GLU G 336 24.31 13.09 -42.02
C GLU G 336 24.78 14.48 -41.44
N ALA G 337 26.13 14.69 -41.39
CA ALA G 337 26.78 15.96 -40.98
C ALA G 337 26.57 16.94 -42.17
N ASP G 338 26.01 18.11 -41.96
CA ASP G 338 25.86 19.12 -42.92
C ASP G 338 25.80 20.52 -42.25
N ARG G 339 26.75 21.34 -42.64
CA ARG G 339 26.95 22.59 -41.96
C ARG G 339 25.99 23.63 -42.33
N SER G 340 25.55 23.64 -43.64
CA SER G 340 24.50 24.55 -44.17
C SER G 340 23.22 24.41 -43.39
N ARG G 341 22.84 23.27 -43.04
CA ARG G 341 21.70 23.09 -42.08
C ARG G 341 22.10 23.01 -40.55
N GLY G 342 23.29 23.31 -40.19
CA GLY G 342 23.76 23.27 -38.85
C GLY G 342 23.93 21.95 -38.19
N VAL G 343 24.07 20.85 -38.88
CA VAL G 343 24.18 19.56 -38.31
C VAL G 343 25.64 19.32 -38.46
N PHE G 344 26.37 19.20 -37.41
CA PHE G 344 27.77 18.97 -37.41
C PHE G 344 28.17 17.54 -37.38
N PHE G 345 27.33 16.55 -37.33
CA PHE G 345 27.93 15.16 -37.31
C PHE G 345 26.88 14.36 -37.98
N THR G 346 27.27 13.07 -38.16
CA THR G 346 26.34 12.02 -38.62
C THR G 346 25.85 11.20 -37.48
N GLN G 347 24.50 11.15 -37.30
CA GLN G 347 23.92 10.57 -36.13
C GLN G 347 23.04 9.33 -36.52
N ASP G 348 23.03 8.39 -35.70
CA ASP G 348 21.99 7.32 -35.62
C ASP G 348 21.23 7.21 -34.26
N TRP G 349 19.99 6.82 -34.30
CA TRP G 349 19.19 6.55 -33.05
C TRP G 349 19.11 5.11 -32.65
N ALA G 350 19.47 4.12 -33.51
CA ALA G 350 19.16 2.72 -33.19
C ALA G 350 17.72 2.55 -32.85
N SER G 351 16.88 3.09 -33.66
CA SER G 351 15.36 2.88 -33.62
C SER G 351 14.62 3.51 -32.51
N MET G 352 15.21 4.57 -31.88
CA MET G 352 14.50 5.21 -30.85
C MET G 352 13.39 6.08 -31.58
N PRO G 353 12.13 6.04 -31.24
CA PRO G 353 11.14 6.71 -32.05
C PRO G 353 11.32 8.28 -32.04
N GLY G 354 10.69 8.90 -33.07
CA GLY G 354 10.65 10.33 -33.43
C GLY G 354 9.78 11.19 -32.57
N VAL G 355 9.90 12.56 -32.76
CA VAL G 355 9.03 13.50 -32.09
C VAL G 355 8.50 14.36 -33.15
N LEU G 356 7.13 14.57 -33.12
CA LEU G 356 6.58 15.68 -33.93
C LEU G 356 7.05 17.06 -33.67
N PRO G 357 7.39 17.88 -34.73
CA PRO G 357 7.65 19.23 -34.48
C PRO G 357 6.39 20.04 -34.34
N VAL G 358 6.51 21.24 -33.71
CA VAL G 358 5.39 22.17 -33.45
C VAL G 358 5.88 23.52 -33.77
N ALA G 359 5.01 24.35 -34.44
CA ALA G 359 5.39 25.76 -34.67
C ALA G 359 4.26 26.58 -33.98
N SER G 360 4.54 27.91 -33.73
CA SER G 360 3.49 28.76 -33.10
C SER G 360 3.81 30.16 -33.46
N GLY G 361 3.13 31.10 -32.84
CA GLY G 361 3.47 32.53 -32.98
C GLY G 361 2.85 33.29 -34.17
N GLY G 362 1.45 33.23 -34.30
CA GLY G 362 0.83 34.10 -35.30
C GLY G 362 1.02 33.60 -36.75
N ILE G 363 0.46 32.40 -37.06
CA ILE G 363 0.83 31.68 -38.22
C ILE G 363 0.23 32.17 -39.44
N HIS G 364 -0.84 33.08 -39.41
CA HIS G 364 -1.22 33.86 -40.61
C HIS G 364 -1.64 32.88 -41.67
N VAL G 365 -2.78 32.16 -41.64
CA VAL G 365 -3.19 30.98 -42.45
C VAL G 365 -2.99 31.23 -43.90
N TRP G 366 -3.03 32.47 -44.47
CA TRP G 366 -2.49 32.63 -45.76
C TRP G 366 -0.93 32.45 -45.98
N HIS G 367 -0.20 32.17 -44.99
CA HIS G 367 1.13 31.65 -45.06
C HIS G 367 1.12 30.16 -45.05
N MET G 368 -0.02 29.41 -45.01
CA MET G 368 0.00 27.94 -44.81
C MET G 368 0.83 27.27 -45.87
N PRO G 369 0.70 27.55 -47.22
CA PRO G 369 1.34 26.62 -48.14
C PRO G 369 2.82 26.44 -48.05
N ALA G 370 3.52 27.50 -47.81
CA ALA G 370 4.97 27.45 -47.51
C ALA G 370 5.22 26.59 -46.32
N LEU G 371 4.37 26.67 -45.32
CA LEU G 371 4.52 25.90 -44.12
C LEU G 371 4.38 24.42 -44.28
N VAL G 372 3.35 23.99 -45.06
CA VAL G 372 3.23 22.61 -45.45
C VAL G 372 4.44 22.24 -46.25
N GLU G 373 4.87 22.94 -47.21
CA GLU G 373 5.96 22.51 -48.06
C GLU G 373 7.21 22.30 -47.25
N ILE G 374 7.55 23.26 -46.43
CA ILE G 374 8.82 23.22 -45.65
C ILE G 374 8.92 22.14 -44.64
N PHE G 375 7.87 21.94 -43.88
CA PHE G 375 7.52 20.80 -42.97
C PHE G 375 7.02 19.53 -43.45
N GLY G 376 5.86 19.56 -44.15
CA GLY G 376 5.28 18.38 -44.68
C GLY G 376 4.25 17.81 -43.82
N ASP G 377 4.12 16.53 -43.84
CA ASP G 377 2.91 15.85 -43.29
C ASP G 377 3.20 15.53 -41.75
N ASP G 378 4.44 15.25 -41.43
CA ASP G 378 4.84 15.02 -40.09
C ASP G 378 5.18 16.26 -39.22
N SER G 379 4.25 16.99 -38.90
CA SER G 379 4.42 18.17 -38.00
C SER G 379 3.05 18.57 -37.30
N VAL G 380 3.08 19.58 -36.46
CA VAL G 380 1.81 19.97 -35.93
C VAL G 380 1.93 21.59 -36.04
N LEU G 381 0.92 22.35 -36.35
CA LEU G 381 1.07 23.76 -36.44
C LEU G 381 0.12 24.29 -35.44
N GLN G 382 0.46 25.31 -34.73
CA GLN G 382 -0.19 25.70 -33.53
C GLN G 382 -0.53 27.24 -33.84
N PHE G 383 -1.71 27.82 -33.47
CA PHE G 383 -2.22 29.05 -34.11
C PHE G 383 -2.73 29.91 -32.99
N GLY G 384 -2.36 31.13 -32.99
CA GLY G 384 -2.77 32.10 -32.02
C GLY G 384 -4.16 32.60 -32.24
N GLY G 393 -9.90 32.57 -33.29
CA GLY G 393 -10.09 31.45 -32.36
C GLY G 393 -11.52 31.06 -32.13
N ASN G 394 -12.35 31.10 -33.23
CA ASN G 394 -13.72 30.75 -33.28
C ASN G 394 -13.93 29.44 -34.11
N ALA G 395 -15.09 28.77 -33.91
CA ALA G 395 -15.33 27.60 -34.78
C ALA G 395 -15.28 27.91 -36.23
N PRO G 396 -15.89 28.94 -36.75
CA PRO G 396 -15.61 29.21 -38.20
C PRO G 396 -14.21 29.40 -38.61
N GLY G 397 -13.41 30.07 -37.73
CA GLY G 397 -12.02 30.22 -37.97
C GLY G 397 -11.23 28.95 -38.06
N ALA G 398 -11.50 28.04 -37.19
CA ALA G 398 -11.00 26.65 -37.17
C ALA G 398 -11.53 26.04 -38.49
N THR G 399 -12.77 26.24 -38.85
CA THR G 399 -13.22 25.63 -40.12
C THR G 399 -12.41 26.09 -41.36
N ALA G 400 -12.18 27.43 -41.48
CA ALA G 400 -11.42 27.96 -42.50
C ALA G 400 -9.98 27.37 -42.50
N ASN G 401 -9.34 27.31 -41.27
CA ASN G 401 -8.03 26.83 -41.13
C ASN G 401 -7.92 25.36 -41.63
N ARG G 402 -8.81 24.52 -41.18
CA ARG G 402 -8.87 23.11 -41.58
C ARG G 402 -9.05 23.02 -43.12
N VAL G 403 -9.99 23.72 -43.66
CA VAL G 403 -10.16 23.80 -45.08
C VAL G 403 -8.86 24.14 -45.86
N ALA G 404 -8.18 25.21 -45.37
CA ALA G 404 -7.03 25.67 -46.06
C ALA G 404 -5.94 24.65 -46.05
N LEU G 405 -5.67 24.02 -44.80
CA LEU G 405 -4.91 22.80 -44.79
C LEU G 405 -5.31 21.75 -45.78
N GLU G 406 -6.65 21.39 -45.85
CA GLU G 406 -6.99 20.20 -46.68
C GLU G 406 -6.70 20.58 -48.16
N ALA G 407 -7.05 21.75 -48.55
CA ALA G 407 -6.83 22.23 -49.94
C ALA G 407 -5.31 22.23 -50.28
N CYS G 408 -4.47 22.76 -49.34
CA CYS G 408 -3.04 22.78 -49.52
C CYS G 408 -2.53 21.44 -49.74
N VAL G 409 -2.89 20.46 -48.96
CA VAL G 409 -2.28 19.09 -49.06
C VAL G 409 -2.71 18.51 -50.32
N GLN G 410 -4.02 18.62 -50.69
CA GLN G 410 -4.49 18.20 -51.99
C GLN G 410 -3.69 18.73 -53.12
N ALA G 411 -3.41 20.00 -53.09
CA ALA G 411 -2.76 20.66 -54.17
C ALA G 411 -1.36 20.17 -54.32
N ARG G 412 -0.63 20.07 -53.14
CA ARG G 412 0.71 19.43 -53.10
C ARG G 412 0.65 18.09 -53.61
N ASN G 413 -0.42 17.26 -53.38
CA ASN G 413 -0.61 15.97 -53.97
C ASN G 413 -0.70 16.06 -55.51
N GLU G 414 -1.45 16.98 -56.00
CA GLU G 414 -1.57 17.22 -57.41
C GLU G 414 -0.19 17.41 -58.17
N GLY G 415 0.89 17.77 -57.42
CA GLY G 415 2.16 18.24 -58.05
C GLY G 415 2.23 19.73 -58.28
N ARG G 416 1.20 20.52 -58.09
CA ARG G 416 1.32 21.95 -58.17
C ARG G 416 2.35 22.43 -57.11
N ASP G 417 3.39 23.21 -57.56
CA ASP G 417 4.21 23.91 -56.69
C ASP G 417 3.43 24.72 -55.75
N LEU G 418 3.59 24.44 -54.39
CA LEU G 418 3.00 25.36 -53.39
C LEU G 418 3.36 26.74 -53.35
N TYR G 419 4.64 27.02 -53.56
CA TYR G 419 5.17 28.41 -53.45
C TYR G 419 4.51 29.30 -54.40
N ARG G 420 4.44 28.91 -55.59
CA ARG G 420 3.89 29.76 -56.68
C ARG G 420 2.43 29.98 -56.71
N GLU G 421 1.72 28.86 -56.47
CA GLU G 421 0.29 28.75 -56.52
C GLU G 421 -0.43 28.82 -55.13
N GLY G 422 0.23 29.18 -54.06
CA GLY G 422 -0.49 29.13 -52.78
C GLY G 422 -1.75 30.03 -52.87
N GLY G 423 -1.57 31.24 -53.28
CA GLY G 423 -2.66 32.23 -53.30
C GLY G 423 -3.82 31.81 -54.14
N ASP G 424 -3.52 31.20 -55.32
CA ASP G 424 -4.58 30.70 -56.25
C ASP G 424 -5.30 29.55 -55.65
N ILE G 425 -4.57 28.56 -54.98
CA ILE G 425 -5.22 27.53 -54.22
C ILE G 425 -6.15 28.00 -53.23
N LEU G 426 -5.65 28.92 -52.37
CA LEU G 426 -6.46 29.36 -51.26
C LEU G 426 -7.80 29.99 -51.82
N ARG G 427 -7.68 30.89 -52.89
CA ARG G 427 -8.77 31.51 -53.45
C ARG G 427 -9.79 30.47 -54.00
N GLU G 428 -9.27 29.43 -54.78
CA GLU G 428 -10.10 28.40 -55.32
C GLU G 428 -10.78 27.65 -54.25
N ALA G 429 -10.03 27.36 -53.15
CA ALA G 429 -10.67 26.64 -52.02
C ALA G 429 -11.88 27.52 -51.39
N GLY G 430 -11.55 28.83 -51.23
CA GLY G 430 -12.52 29.81 -50.66
C GLY G 430 -13.72 30.02 -51.52
N LYS G 431 -13.59 29.82 -52.91
CA LYS G 431 -14.78 30.12 -53.64
C LYS G 431 -16.06 29.30 -53.29
N TRP G 432 -15.79 28.02 -52.81
CA TRP G 432 -16.74 27.18 -52.14
C TRP G 432 -16.67 27.07 -50.69
N SER G 433 -15.85 27.74 -50.02
CA SER G 433 -15.72 27.72 -48.53
C SER G 433 -15.95 29.20 -48.12
N PRO G 434 -17.19 29.61 -47.72
CA PRO G 434 -17.39 31.01 -47.23
C PRO G 434 -16.55 31.33 -46.05
N GLU G 435 -16.25 30.27 -45.20
CA GLU G 435 -15.37 30.43 -44.03
C GLU G 435 -14.00 30.82 -44.44
N LEU G 436 -13.44 30.09 -45.39
CA LEU G 436 -12.17 30.39 -45.90
C LEU G 436 -12.20 31.70 -46.71
N ALA G 437 -13.25 32.01 -47.45
CA ALA G 437 -13.28 33.25 -48.17
C ALA G 437 -13.12 34.40 -47.24
N ALA G 438 -13.90 34.39 -46.09
CA ALA G 438 -13.81 35.42 -45.11
C ALA G 438 -12.38 35.49 -44.49
N ALA G 439 -11.83 34.36 -44.16
CA ALA G 439 -10.51 34.28 -43.63
C ALA G 439 -9.53 34.94 -44.54
N LEU G 440 -9.73 34.79 -45.79
CA LEU G 440 -8.90 35.48 -46.81
C LEU G 440 -9.18 36.95 -46.82
N ASP G 441 -10.44 37.30 -46.77
CA ASP G 441 -10.68 38.71 -46.78
C ASP G 441 -9.98 39.51 -45.79
N LEU G 442 -9.62 38.88 -44.64
CA LEU G 442 -8.92 39.73 -43.62
C LEU G 442 -7.46 39.63 -43.88
N TYR H 1 -30.18 -46.91 -1.14
CA TYR H 1 -29.46 -46.89 0.10
C TYR H 1 -28.33 -48.03 0.13
N LYS H 2 -28.45 -49.13 0.82
CA LYS H 2 -27.48 -50.14 0.87
C LYS H 2 -27.01 -50.41 -0.45
N LEU H 3 -27.96 -50.70 -1.40
CA LEU H 3 -27.57 -51.21 -2.66
C LEU H 3 -26.52 -50.22 -3.37
N THR H 4 -26.48 -48.90 -3.03
CA THR H 4 -25.58 -47.91 -3.55
C THR H 4 -24.58 -47.36 -2.50
N TYR H 5 -24.79 -47.43 -1.24
CA TYR H 5 -23.94 -46.85 -0.11
C TYR H 5 -23.51 -47.96 0.88
N TYR H 6 -23.47 -49.15 0.54
CA TYR H 6 -22.90 -50.29 1.28
C TYR H 6 -21.99 -51.24 0.46
N THR H 7 -20.71 -51.17 0.70
CA THR H 7 -19.74 -51.87 -0.11
C THR H 7 -18.80 -52.71 0.78
N PRO H 8 -19.34 -53.66 1.45
CA PRO H 8 -18.56 -54.43 2.48
C PRO H 8 -17.15 -55.01 1.99
N ASP H 9 -17.09 -55.29 0.60
CA ASP H 9 -15.99 -55.99 0.15
C ASP H 9 -14.93 -54.85 -0.36
N TYR H 10 -15.27 -53.54 -0.27
CA TYR H 10 -14.45 -52.51 -0.84
C TYR H 10 -13.23 -52.27 0.02
N THR H 11 -12.07 -52.56 -0.52
CA THR H 11 -10.83 -52.20 0.10
C THR H 11 -10.46 -50.67 -0.19
N PRO H 12 -10.36 -49.84 0.82
CA PRO H 12 -10.07 -48.50 0.43
C PRO H 12 -8.72 -48.22 -0.36
N LYS H 13 -8.72 -47.43 -1.32
CA LYS H 13 -7.58 -46.84 -1.95
C LYS H 13 -6.78 -46.04 -0.98
N ASP H 14 -5.47 -45.93 -1.40
CA ASP H 14 -4.46 -45.43 -0.57
C ASP H 14 -4.87 -43.91 -0.23
N THR H 15 -5.24 -43.33 -1.34
CA THR H 15 -5.75 -41.89 -1.38
C THR H 15 -7.05 -41.65 -0.72
N ASP H 16 -7.86 -42.63 -0.42
CA ASP H 16 -9.15 -42.46 0.28
C ASP H 16 -8.96 -41.82 1.59
N LEU H 17 -9.97 -41.03 2.04
CA LEU H 17 -10.05 -40.58 3.44
C LEU H 17 -11.01 -41.57 4.04
N LEU H 18 -10.75 -42.08 5.22
CA LEU H 18 -11.55 -42.96 6.02
C LEU H 18 -11.94 -42.36 7.29
N ALA H 19 -13.17 -42.42 7.73
CA ALA H 19 -13.68 -41.85 8.91
C ALA H 19 -14.40 -42.84 9.69
N ALA H 20 -14.04 -43.20 10.95
CA ALA H 20 -14.64 -44.27 11.68
C ALA H 20 -15.72 -43.68 12.46
N PHE H 21 -16.92 -44.35 12.48
CA PHE H 21 -18.11 -43.84 13.22
C PHE H 21 -18.60 -44.84 14.16
N ARG H 22 -19.03 -44.42 15.29
CA ARG H 22 -19.73 -45.27 16.32
C ARG H 22 -21.12 -44.81 16.31
N PHE H 23 -22.17 -45.66 16.23
CA PHE H 23 -23.52 -45.19 16.16
C PHE H 23 -24.41 -46.17 16.83
N SER H 24 -25.50 -45.71 17.36
CA SER H 24 -26.62 -46.43 17.90
C SER H 24 -27.93 -46.06 17.12
N PRO H 25 -28.39 -46.96 16.28
CA PRO H 25 -29.61 -46.53 15.53
C PRO H 25 -31.00 -46.54 16.21
N GLN H 26 -32.02 -46.20 15.47
CA GLN H 26 -33.38 -46.01 16.02
C GLN H 26 -33.91 -47.51 16.09
N PRO H 27 -34.88 -47.75 16.94
CA PRO H 27 -35.61 -49.06 16.81
C PRO H 27 -36.23 -49.23 15.45
N GLY H 28 -35.81 -50.39 14.77
CA GLY H 28 -36.38 -50.78 13.51
C GLY H 28 -35.39 -50.75 12.39
N VAL H 29 -34.47 -49.73 12.41
CA VAL H 29 -33.63 -49.51 11.21
C VAL H 29 -32.46 -50.58 11.33
N PRO H 30 -32.23 -51.45 10.44
CA PRO H 30 -31.08 -52.37 10.67
C PRO H 30 -29.72 -51.64 10.56
N ALA H 31 -28.71 -52.22 11.14
CA ALA H 31 -27.43 -51.60 11.22
C ALA H 31 -26.90 -51.31 9.87
N ASP H 32 -26.97 -52.22 8.94
CA ASP H 32 -26.54 -51.96 7.61
C ASP H 32 -27.19 -50.83 6.87
N GLU H 33 -28.45 -50.60 7.12
CA GLU H 33 -29.21 -49.63 6.38
C GLU H 33 -28.86 -48.33 7.04
N ALA H 34 -28.65 -48.25 8.40
CA ALA H 34 -28.17 -47.04 9.10
C ALA H 34 -26.79 -46.72 8.46
N GLY H 35 -25.92 -47.67 8.27
CA GLY H 35 -24.63 -47.49 7.65
C GLY H 35 -24.72 -46.98 6.25
N ALA H 36 -25.61 -47.52 5.50
CA ALA H 36 -25.78 -46.94 4.10
C ALA H 36 -26.20 -45.54 4.16
N ALA H 37 -27.14 -45.25 4.99
CA ALA H 37 -27.57 -43.84 5.14
C ALA H 37 -26.46 -42.99 5.62
N ILE H 38 -25.68 -43.31 6.69
CA ILE H 38 -24.62 -42.45 7.25
C ILE H 38 -23.63 -42.10 6.22
N ALA H 39 -23.25 -43.10 5.37
CA ALA H 39 -22.56 -42.86 4.19
C ALA H 39 -23.03 -41.83 3.18
N ALA H 40 -24.33 -42.05 2.97
CA ALA H 40 -25.10 -41.22 2.09
C ALA H 40 -25.23 -39.75 2.37
N GLU H 41 -25.69 -39.42 3.56
CA GLU H 41 -26.01 -37.95 3.74
C GLU H 41 -24.75 -37.14 3.78
N SER H 42 -23.54 -37.75 4.17
CA SER H 42 -22.28 -37.09 4.20
C SER H 42 -21.81 -36.76 2.82
N SER H 43 -22.17 -37.56 1.75
CA SER H 43 -21.60 -37.35 0.38
C SER H 43 -22.62 -36.79 -0.54
N THR H 44 -23.78 -37.49 -0.67
CA THR H 44 -24.82 -37.26 -1.69
C THR H 44 -26.23 -36.93 -1.14
N GLY H 45 -26.50 -37.15 0.17
CA GLY H 45 -27.70 -36.53 0.65
C GLY H 45 -28.88 -37.51 0.38
N THR H 46 -29.15 -37.72 -0.96
CA THR H 46 -30.23 -38.54 -1.39
C THR H 46 -29.78 -39.52 -2.39
N THR H 49 -33.51 -37.23 -6.30
CA THR H 49 -33.04 -37.35 -7.63
C THR H 49 -33.55 -36.05 -8.31
N VAL H 50 -32.88 -35.62 -9.32
CA VAL H 50 -33.08 -34.43 -10.08
C VAL H 50 -32.59 -34.61 -11.55
N TRP H 51 -33.14 -33.78 -12.48
CA TRP H 51 -32.73 -33.83 -13.94
C TRP H 51 -31.21 -33.47 -13.95
N THR H 52 -30.67 -32.63 -13.12
CA THR H 52 -29.26 -32.41 -13.19
C THR H 52 -28.36 -33.63 -12.80
N ASP H 53 -28.88 -34.70 -12.29
CA ASP H 53 -28.19 -35.90 -12.00
C ASP H 53 -27.49 -36.58 -13.09
N LEU H 54 -28.17 -36.99 -14.20
CA LEU H 54 -27.42 -37.75 -15.23
C LEU H 54 -26.45 -36.94 -15.99
N LEU H 55 -26.31 -35.58 -15.78
CA LEU H 55 -25.14 -34.83 -16.27
C LEU H 55 -23.96 -34.96 -15.40
N THR H 56 -23.90 -35.87 -14.34
CA THR H 56 -22.82 -36.02 -13.40
C THR H 56 -22.41 -37.42 -13.30
N ASP H 57 -21.18 -37.64 -12.93
CA ASP H 57 -20.64 -38.90 -12.48
C ASP H 57 -20.82 -38.91 -10.91
N MET H 58 -22.05 -39.23 -10.43
CA MET H 58 -22.27 -39.60 -9.10
C MET H 58 -21.35 -40.62 -8.62
N ASP H 59 -21.20 -41.74 -9.30
CA ASP H 59 -20.59 -42.98 -8.70
C ASP H 59 -19.15 -42.58 -8.21
N ARG H 60 -18.49 -41.62 -8.94
CA ARG H 60 -17.22 -41.14 -8.57
C ARG H 60 -17.13 -40.49 -7.20
N TYR H 61 -18.11 -39.66 -6.87
CA TYR H 61 -17.90 -38.83 -5.60
C TYR H 61 -18.78 -39.47 -4.48
N LYS H 62 -19.04 -40.87 -4.46
CA LYS H 62 -19.92 -41.45 -3.50
C LYS H 62 -19.16 -41.81 -2.34
N GLY H 63 -19.74 -41.57 -1.14
CA GLY H 63 -19.11 -42.01 0.11
C GLY H 63 -19.54 -43.46 0.30
N LYS H 64 -18.57 -44.42 0.22
CA LYS H 64 -18.79 -45.85 0.20
C LYS H 64 -18.60 -46.45 1.60
N CYS H 65 -19.55 -47.07 2.17
CA CYS H 65 -19.41 -47.68 3.51
C CYS H 65 -18.88 -49.04 3.32
N TYR H 66 -17.63 -49.36 3.50
CA TYR H 66 -17.10 -50.61 3.08
C TYR H 66 -16.84 -51.54 4.32
N HIS H 67 -17.10 -51.19 5.65
CA HIS H 67 -16.91 -52.13 6.72
C HIS H 67 -17.89 -51.68 7.87
N ILE H 68 -18.73 -52.51 8.28
CA ILE H 68 -19.50 -52.42 9.45
C ILE H 68 -19.19 -53.59 10.43
N GLU H 69 -18.95 -53.26 11.72
CA GLU H 69 -18.83 -54.25 12.75
C GLU H 69 -19.58 -53.84 13.95
N PRO H 70 -20.07 -54.73 14.77
CA PRO H 70 -20.66 -54.34 16.09
C PRO H 70 -19.59 -53.92 17.11
N VAL H 71 -19.99 -53.20 18.13
CA VAL H 71 -18.98 -52.79 19.14
C VAL H 71 -18.97 -53.90 20.13
N GLN H 72 -17.75 -54.42 20.47
CA GLN H 72 -17.62 -55.62 21.24
C GLN H 72 -18.18 -55.44 22.61
N GLY H 73 -18.97 -56.31 23.18
CA GLY H 73 -19.54 -56.19 24.49
C GLY H 73 -20.54 -55.09 24.59
N GLU H 74 -21.18 -54.56 23.48
CA GLU H 74 -22.16 -53.55 23.51
C GLU H 74 -23.28 -53.88 22.60
N GLU H 75 -24.57 -53.53 23.05
CA GLU H 75 -25.75 -53.80 22.25
C GLU H 75 -26.28 -52.53 21.66
N ASN H 76 -26.74 -52.61 20.36
CA ASN H 76 -27.27 -51.48 19.67
C ASN H 76 -26.20 -50.45 19.42
N SER H 77 -25.02 -50.91 19.16
CA SER H 77 -23.88 -49.99 18.77
C SER H 77 -23.01 -50.61 17.72
N TYR H 78 -22.44 -49.89 16.78
CA TYR H 78 -21.58 -50.69 15.84
C TYR H 78 -20.60 -49.65 15.33
N PHE H 79 -19.55 -50.15 14.69
CA PHE H 79 -18.49 -49.26 14.15
C PHE H 79 -18.62 -49.34 12.67
N ALA H 80 -18.62 -48.14 12.00
CA ALA H 80 -18.68 -48.06 10.53
C ALA H 80 -17.44 -47.44 9.97
N PHE H 81 -16.89 -48.03 8.80
CA PHE H 81 -15.91 -47.39 8.04
C PHE H 81 -16.47 -46.99 6.64
N ILE H 82 -16.30 -45.77 6.29
CA ILE H 82 -16.86 -45.24 5.01
C ILE H 82 -15.65 -44.55 4.32
N ALA H 83 -15.43 -44.86 3.10
CA ALA H 83 -14.53 -44.19 2.12
C ALA H 83 -14.93 -42.92 1.48
N TYR H 84 -14.05 -41.97 1.26
CA TYR H 84 -14.60 -40.70 0.71
C TYR H 84 -13.49 -40.26 -0.22
N PRO H 85 -13.70 -40.18 -1.57
CA PRO H 85 -12.64 -39.85 -2.43
C PRO H 85 -11.96 -38.58 -2.05
N LEU H 86 -10.61 -38.56 -2.17
CA LEU H 86 -9.94 -37.33 -1.94
C LEU H 86 -10.42 -36.08 -2.53
N ASP H 87 -10.99 -36.24 -3.70
CA ASP H 87 -11.66 -35.09 -4.35
C ASP H 87 -12.78 -34.48 -3.58
N LEU H 88 -13.34 -35.09 -2.65
CA LEU H 88 -14.34 -34.63 -1.78
C LEU H 88 -14.09 -33.50 -0.80
N PHE H 89 -12.82 -32.94 -0.66
CA PHE H 89 -12.65 -31.93 0.32
C PHE H 89 -11.71 -31.02 -0.35
N GLU H 90 -11.45 -29.72 0.07
CA GLU H 90 -10.86 -28.67 -0.62
C GLU H 90 -9.47 -28.79 -0.11
N GLU H 91 -8.47 -28.57 -0.87
CA GLU H 91 -7.06 -28.68 -0.60
C GLU H 91 -6.67 -27.81 0.63
N GLY H 92 -6.14 -28.42 1.62
CA GLY H 92 -5.65 -27.73 2.74
C GLY H 92 -6.68 -26.95 3.44
N SER H 93 -7.94 -27.53 3.51
CA SER H 93 -8.99 -26.71 4.17
C SER H 93 -9.56 -27.74 5.30
N VAL H 94 -9.33 -27.36 6.54
CA VAL H 94 -9.76 -28.14 7.65
C VAL H 94 -11.30 -27.93 7.80
N THR H 95 -11.71 -26.69 7.88
CA THR H 95 -13.08 -26.36 8.00
C THR H 95 -13.88 -27.13 7.04
N ASN H 96 -13.44 -27.33 5.77
CA ASN H 96 -14.37 -27.87 4.85
C ASN H 96 -14.49 -29.38 5.16
N ILE H 97 -13.42 -30.03 5.55
CA ILE H 97 -13.57 -31.43 5.86
C ILE H 97 -14.52 -31.64 7.00
N LEU H 98 -14.40 -30.82 8.03
CA LEU H 98 -15.39 -30.97 9.16
C LEU H 98 -16.74 -30.62 8.66
N THR H 99 -16.96 -29.56 8.04
CA THR H 99 -18.34 -29.37 7.43
C THR H 99 -18.78 -30.66 6.68
N SER H 100 -18.00 -31.25 5.80
CA SER H 100 -18.47 -32.32 4.99
C SER H 100 -18.78 -33.50 5.81
N ILE H 101 -17.82 -33.98 6.54
CA ILE H 101 -17.93 -35.21 7.23
C ILE H 101 -18.93 -35.12 8.32
N VAL H 102 -18.89 -34.00 9.09
CA VAL H 102 -19.64 -33.81 10.37
C VAL H 102 -20.68 -32.66 10.37
N GLY H 103 -20.95 -32.04 9.19
CA GLY H 103 -21.72 -30.85 9.12
C GLY H 103 -23.19 -31.06 9.52
N ASN H 104 -23.87 -31.96 8.85
CA ASN H 104 -25.29 -32.32 9.20
C ASN H 104 -25.55 -33.73 9.53
N VAL H 105 -24.69 -34.63 9.28
CA VAL H 105 -24.79 -36.10 9.55
C VAL H 105 -25.29 -36.38 11.07
N PHE H 106 -24.80 -35.60 11.99
CA PHE H 106 -25.35 -35.51 13.39
C PHE H 106 -26.86 -35.21 13.57
N GLY H 107 -27.44 -34.55 12.61
CA GLY H 107 -28.87 -34.40 12.56
C GLY H 107 -29.77 -35.42 11.94
N PHE H 108 -29.16 -36.55 11.43
CA PHE H 108 -30.00 -37.51 10.68
C PHE H 108 -30.88 -38.28 11.62
N LYS H 109 -32.17 -38.15 11.52
CA LYS H 109 -33.08 -38.68 12.56
C LYS H 109 -32.97 -40.12 12.81
N ALA H 110 -32.52 -40.93 11.81
CA ALA H 110 -32.42 -42.35 11.96
C ALA H 110 -31.31 -42.83 12.85
N ILE H 111 -30.56 -41.98 13.52
CA ILE H 111 -29.51 -42.42 14.45
C ILE H 111 -29.85 -41.85 15.76
N ARG H 112 -29.92 -42.71 16.81
CA ARG H 112 -30.12 -42.24 18.20
C ARG H 112 -28.92 -41.49 18.69
N SER H 113 -27.77 -42.07 18.47
CA SER H 113 -26.48 -41.36 18.77
C SER H 113 -25.45 -41.75 17.77
N LEU H 114 -24.62 -40.75 17.40
CA LEU H 114 -23.46 -40.98 16.43
C LEU H 114 -22.24 -40.38 16.98
N ARG H 115 -21.08 -40.98 16.61
CA ARG H 115 -19.82 -40.30 16.65
C ARG H 115 -18.91 -40.43 15.57
N LEU H 116 -18.18 -39.44 15.17
CA LEU H 116 -16.87 -39.53 14.56
C LEU H 116 -15.74 -39.89 15.39
N GLU H 117 -15.13 -41.00 15.21
CA GLU H 117 -14.16 -41.54 16.19
C GLU H 117 -12.69 -41.31 15.71
N ASP H 118 -12.45 -41.50 14.38
CA ASP H 118 -11.12 -41.24 13.79
C ASP H 118 -11.24 -40.81 12.35
N ILE H 119 -10.24 -40.13 11.70
CA ILE H 119 -10.06 -40.20 10.29
C ILE H 119 -8.70 -40.71 9.96
N ARG H 120 -8.51 -41.28 8.67
CA ARG H 120 -7.27 -41.58 8.13
C ARG H 120 -7.03 -40.42 7.19
N PHE H 121 -6.10 -39.62 7.58
CA PHE H 121 -5.74 -38.51 6.66
C PHE H 121 -4.74 -39.08 5.75
N PRO H 122 -5.07 -39.30 4.44
CA PRO H 122 -4.05 -39.91 3.62
C PRO H 122 -2.89 -38.99 3.37
N VAL H 123 -1.73 -39.55 3.21
CA VAL H 123 -0.47 -38.87 3.05
C VAL H 123 -0.70 -37.68 2.05
N ALA H 124 -1.38 -37.95 0.91
CA ALA H 124 -1.61 -36.92 -0.05
C ALA H 124 -2.50 -35.86 0.58
N LEU H 125 -3.51 -36.15 1.26
CA LEU H 125 -4.27 -35.08 1.84
C LEU H 125 -3.50 -34.42 3.08
N VAL H 126 -2.78 -35.18 3.86
CA VAL H 126 -1.80 -34.64 4.77
C VAL H 126 -0.89 -33.58 4.31
N LYS H 127 -0.29 -33.76 3.18
CA LYS H 127 0.62 -32.80 2.63
C LYS H 127 0.12 -31.41 2.57
N THR H 128 -1.05 -31.22 2.01
CA THR H 128 -1.48 -29.82 1.71
C THR H 128 -1.47 -28.85 2.85
N PHE H 129 -1.91 -29.33 4.06
CA PHE H 129 -1.92 -28.51 5.24
C PHE H 129 -0.54 -28.03 5.79
N GLN H 130 -0.40 -26.69 5.99
CA GLN H 130 0.80 -26.13 6.51
C GLN H 130 1.33 -26.64 7.78
N GLY H 131 0.44 -27.25 8.63
CA GLY H 131 0.85 -27.97 9.76
C GLY H 131 1.30 -27.08 10.91
N PRO H 132 1.92 -27.67 11.92
CA PRO H 132 2.44 -26.83 12.98
C PRO H 132 3.43 -25.78 12.45
N PRO H 133 3.40 -24.54 13.05
CA PRO H 133 4.36 -23.55 12.57
C PRO H 133 5.83 -24.05 12.74
N HIS H 134 6.10 -24.63 13.79
CA HIS H 134 7.39 -25.08 14.12
C HIS H 134 7.47 -26.66 14.57
N GLY H 135 6.49 -27.24 15.21
CA GLY H 135 6.62 -28.57 15.78
C GLY H 135 7.51 -28.82 16.99
N ILE H 136 8.05 -30.02 17.08
CA ILE H 136 8.85 -30.37 18.27
C ILE H 136 10.24 -29.92 18.01
N GLN H 137 10.86 -30.45 16.98
CA GLN H 137 12.39 -30.35 16.96
C GLN H 137 12.83 -28.95 16.72
N VAL H 138 12.19 -28.28 15.80
CA VAL H 138 12.38 -26.81 15.61
C VAL H 138 12.00 -26.06 16.83
N GLU H 139 10.92 -26.32 17.48
CA GLU H 139 10.66 -25.60 18.75
C GLU H 139 11.75 -25.84 19.73
N ARG H 140 12.27 -27.00 19.86
CA ARG H 140 13.32 -27.22 20.81
C ARG H 140 14.59 -26.41 20.42
N ASP H 141 14.90 -26.36 19.09
CA ASP H 141 15.90 -25.51 18.56
C ASP H 141 15.87 -24.09 18.79
N LEU H 142 14.67 -23.59 18.57
CA LEU H 142 14.35 -22.17 18.81
C LEU H 142 14.44 -21.83 20.35
N LEU H 143 14.21 -22.81 21.20
CA LEU H 143 14.25 -22.63 22.59
C LEU H 143 15.62 -23.15 23.20
N ASN H 144 16.48 -23.89 22.46
CA ASN H 144 17.74 -24.40 22.79
C ASN H 144 17.63 -25.45 23.99
N LYS H 145 16.52 -26.11 24.17
CA LYS H 145 16.24 -27.00 25.27
C LYS H 145 16.20 -28.43 24.79
N TYR H 146 16.82 -29.45 25.47
CA TYR H 146 16.78 -30.81 24.90
C TYR H 146 16.93 -31.68 26.05
N GLY H 147 16.62 -33.00 25.97
CA GLY H 147 17.01 -33.88 27.09
C GLY H 147 16.00 -33.91 28.24
N ARG H 148 14.91 -33.11 28.19
CA ARG H 148 13.94 -33.03 29.31
C ARG H 148 12.70 -32.36 28.79
N PRO H 149 11.57 -32.46 29.44
CA PRO H 149 10.32 -31.82 28.81
C PRO H 149 10.27 -30.46 29.43
N MET H 150 9.63 -29.49 28.72
CA MET H 150 9.50 -28.13 29.23
C MET H 150 8.45 -28.04 30.28
N LEU H 151 8.49 -26.94 31.07
CA LEU H 151 7.68 -26.82 32.21
C LEU H 151 7.05 -25.47 32.28
N GLY H 152 5.71 -25.42 32.58
CA GLY H 152 4.88 -24.20 32.59
C GLY H 152 4.00 -24.18 33.80
N CYS H 153 3.65 -22.93 34.19
CA CYS H 153 2.50 -22.58 35.09
C CYS H 153 1.50 -21.72 34.53
N THR H 154 0.22 -21.90 34.98
CA THR H 154 -0.84 -21.03 34.60
C THR H 154 -0.95 -19.90 35.50
N ILE H 155 -1.31 -18.76 34.97
CA ILE H 155 -1.29 -17.57 35.69
C ILE H 155 -2.61 -17.46 36.39
N LYS H 156 -2.58 -17.34 37.76
CA LYS H 156 -3.78 -17.17 38.54
C LYS H 156 -3.72 -15.85 39.39
N PRO H 157 -4.87 -15.26 39.83
CA PRO H 157 -6.25 -15.70 39.52
C PRO H 157 -6.62 -15.43 38.09
N LYS H 158 -7.58 -16.17 37.58
CA LYS H 158 -7.89 -16.15 36.18
C LYS H 158 -8.20 -14.76 35.72
N LEU H 159 -8.80 -13.88 36.68
CA LEU H 159 -9.17 -12.60 36.17
C LEU H 159 -9.22 -11.67 37.44
N GLY H 160 -8.88 -10.45 37.26
CA GLY H 160 -8.87 -9.41 38.26
C GLY H 160 -7.63 -8.51 38.43
N LEU H 161 -6.43 -9.03 37.98
CA LEU H 161 -5.20 -8.31 37.95
C LEU H 161 -5.10 -7.06 37.22
N SER H 162 -3.96 -6.27 37.63
CA SER H 162 -3.68 -5.12 36.83
C SER H 162 -2.50 -5.54 36.06
N ALA H 163 -2.39 -4.96 34.91
CA ALA H 163 -1.46 -5.54 33.88
C ALA H 163 -0.01 -5.56 34.48
N LYS H 164 0.33 -4.42 35.15
CA LYS H 164 1.44 -4.53 36.04
C LYS H 164 1.52 -5.68 37.06
N ASN H 165 0.44 -6.00 37.67
CA ASN H 165 0.41 -7.16 38.61
C ASN H 165 0.50 -8.46 37.84
N TYR H 166 0.00 -8.51 36.70
CA TYR H 166 -0.08 -9.82 36.01
C TYR H 166 1.44 -9.97 35.54
N GLY H 167 2.14 -8.96 35.05
CA GLY H 167 3.57 -9.08 34.73
C GLY H 167 4.42 -9.37 35.92
N ARG H 168 4.17 -8.69 36.99
CA ARG H 168 4.78 -9.24 38.26
C ARG H 168 4.69 -10.78 38.47
N ALA H 169 3.54 -11.29 38.45
CA ALA H 169 3.27 -12.73 38.68
C ALA H 169 3.99 -13.54 37.74
N VAL H 170 4.04 -13.10 36.51
CA VAL H 170 4.70 -13.81 35.48
C VAL H 170 6.17 -13.85 35.71
N TYR H 171 6.77 -12.69 35.92
CA TYR H 171 8.15 -12.60 36.43
C TYR H 171 8.40 -13.63 37.55
N GLU H 172 7.50 -13.72 38.46
CA GLU H 172 7.94 -14.54 39.68
C GLU H 172 7.87 -16.01 39.20
N CYS H 173 6.93 -16.42 38.32
CA CYS H 173 6.83 -17.76 37.88
C CYS H 173 7.99 -18.12 37.02
N LEU H 174 8.35 -17.30 36.05
CA LEU H 174 9.59 -17.51 35.27
C LEU H 174 10.85 -17.52 35.90
N ARG H 175 11.08 -16.58 36.77
CA ARG H 175 12.33 -16.69 37.67
C ARG H 175 12.18 -17.96 38.63
N GLY H 176 11.02 -18.52 38.85
CA GLY H 176 10.90 -19.75 39.60
C GLY H 176 11.64 -20.94 39.10
N GLY H 177 11.86 -20.99 37.82
CA GLY H 177 12.36 -22.19 37.10
C GLY H 177 11.53 -22.83 36.00
N LEU H 178 10.34 -22.39 35.76
CA LEU H 178 9.60 -22.65 34.52
C LEU H 178 10.03 -21.96 33.29
N ASP H 179 10.12 -22.68 32.22
CA ASP H 179 10.59 -22.15 31.00
C ASP H 179 9.41 -21.21 30.62
N PHE H 180 8.17 -21.64 30.81
CA PHE H 180 7.00 -20.97 30.23
C PHE H 180 5.93 -20.58 31.19
N THR H 181 5.17 -19.62 30.84
CA THR H 181 4.02 -19.10 31.48
C THR H 181 2.94 -18.91 30.54
N LYS H 182 1.69 -18.55 31.00
CA LYS H 182 0.55 -18.47 30.13
C LYS H 182 -0.55 -17.57 30.45
N ASP H 183 -1.28 -17.14 29.45
CA ASP H 183 -2.52 -16.47 29.75
C ASP H 183 -3.62 -17.27 30.27
N ASP H 184 -4.64 -16.74 30.84
CA ASP H 184 -5.82 -17.61 31.05
C ASP H 184 -6.65 -17.31 29.71
N GLU H 185 -7.24 -18.45 29.21
CA GLU H 185 -8.09 -18.43 28.05
C GLU H 185 -9.23 -17.47 28.25
N ASN H 186 -9.60 -17.01 29.48
CA ASN H 186 -10.69 -16.12 29.65
C ASN H 186 -10.21 -14.63 29.61
N ILE H 187 -8.92 -14.38 29.01
CA ILE H 187 -8.32 -13.11 29.02
C ILE H 187 -7.98 -12.67 27.64
N ASN H 188 -8.74 -11.77 26.94
CA ASN H 188 -8.11 -11.22 25.70
C ASN H 188 -8.03 -9.74 25.86
N SER H 189 -9.19 -8.97 26.19
CA SER H 189 -9.15 -7.50 26.27
C SER H 189 -9.91 -6.92 27.40
N GLN H 190 -10.01 -7.60 28.58
CA GLN H 190 -10.92 -7.23 29.53
C GLN H 190 -10.86 -5.73 29.93
N PRO H 191 -11.96 -5.02 29.99
CA PRO H 191 -11.83 -3.55 30.15
C PRO H 191 -10.97 -3.01 31.34
N PHE H 192 -11.03 -3.70 32.47
CA PHE H 192 -10.18 -3.21 33.51
C PHE H 192 -8.67 -3.39 33.13
N GLN H 193 -8.21 -4.27 32.16
CA GLN H 193 -6.85 -4.50 31.95
C GLN H 193 -6.75 -4.70 30.46
N ARG H 194 -6.19 -3.81 29.68
CA ARG H 194 -6.29 -3.96 28.21
C ARG H 194 -5.11 -4.70 27.67
N TRP H 195 -5.22 -5.19 26.46
CA TRP H 195 -4.21 -6.11 25.89
C TRP H 195 -2.91 -5.41 25.70
N ARG H 196 -2.83 -4.13 25.41
CA ARG H 196 -1.62 -3.53 24.92
C ARG H 196 -0.78 -3.36 26.23
N ASP H 197 -1.38 -2.95 27.34
CA ASP H 197 -0.67 -2.93 28.64
C ASP H 197 -0.19 -4.29 29.02
N ARG H 198 -1.04 -5.29 29.07
CA ARG H 198 -0.53 -6.58 29.25
C ARG H 198 0.65 -7.10 28.49
N PHE H 199 0.70 -6.81 27.22
CA PHE H 199 1.71 -7.32 26.38
C PHE H 199 3.01 -6.63 26.64
N LEU H 200 2.96 -5.33 26.80
CA LEU H 200 4.13 -4.56 27.14
C LEU H 200 4.63 -5.05 28.45
N PHE H 201 3.72 -5.18 29.45
CA PHE H 201 4.22 -5.65 30.78
C PHE H 201 4.87 -6.99 30.79
N VAL H 202 4.19 -7.98 30.29
CA VAL H 202 4.71 -9.32 30.24
C VAL H 202 6.05 -9.36 29.43
N ALA H 203 6.14 -8.59 28.38
CA ALA H 203 7.33 -8.48 27.63
C ALA H 203 8.52 -8.01 28.39
N ASP H 204 8.38 -6.90 29.00
CA ASP H 204 9.34 -6.45 29.97
C ASP H 204 9.76 -7.48 31.04
N ALA H 205 8.85 -8.27 31.43
CA ALA H 205 9.02 -9.11 32.58
C ALA H 205 9.93 -10.29 32.07
N ILE H 206 9.66 -10.76 30.88
CA ILE H 206 10.43 -11.81 30.29
C ILE H 206 11.79 -11.28 30.02
N HIS H 207 11.92 -10.12 29.41
CA HIS H 207 13.30 -9.65 29.16
C HIS H 207 14.09 -9.63 30.42
N LYS H 208 13.46 -9.27 31.50
CA LYS H 208 14.14 -9.21 32.83
C LYS H 208 14.52 -10.64 33.31
N SER H 209 13.57 -11.66 33.09
CA SER H 209 13.82 -13.00 33.42
C SER H 209 14.96 -13.54 32.64
N GLN H 210 15.00 -13.32 31.35
CA GLN H 210 16.10 -13.83 30.49
C GLN H 210 17.38 -13.26 30.91
N ALA H 211 17.41 -11.91 31.10
CA ALA H 211 18.71 -11.36 31.55
C ALA H 211 19.09 -11.90 32.88
N GLU H 212 18.11 -12.34 33.76
CA GLU H 212 18.42 -12.76 35.10
C GLU H 212 19.03 -14.24 35.11
N THR H 213 18.44 -15.08 34.32
CA THR H 213 18.77 -16.51 34.31
C THR H 213 19.76 -16.86 33.09
N GLY H 214 19.67 -16.12 32.02
CA GLY H 214 20.29 -16.47 30.79
C GLY H 214 19.82 -17.65 29.99
N GLU H 215 18.62 -18.09 30.19
CA GLU H 215 18.03 -19.24 29.53
C GLU H 215 16.77 -18.68 28.90
N ILE H 216 16.34 -19.29 27.84
CA ILE H 216 15.13 -18.87 27.16
C ILE H 216 13.99 -18.77 28.02
N LYS H 217 13.31 -17.65 28.08
CA LYS H 217 12.16 -17.49 28.94
C LYS H 217 11.16 -16.88 27.98
N GLY H 218 9.84 -17.17 28.40
CA GLY H 218 8.70 -16.86 27.56
C GLY H 218 7.40 -16.97 28.29
N HIS H 219 6.29 -16.48 27.65
CA HIS H 219 4.93 -16.57 28.25
C HIS H 219 4.01 -16.73 27.07
N TYR H 220 3.02 -17.71 27.17
CA TYR H 220 2.00 -17.84 26.23
C TYR H 220 0.99 -16.64 26.33
N LEU H 221 1.06 -15.77 25.40
CA LEU H 221 0.16 -14.56 25.37
C LEU H 221 -1.00 -14.80 24.58
N ASN H 222 -2.20 -14.20 24.77
CA ASN H 222 -3.43 -14.51 24.11
C ASN H 222 -3.73 -13.46 23.20
N VAL H 223 -3.94 -13.82 21.95
CA VAL H 223 -4.27 -12.89 20.84
C VAL H 223 -5.68 -13.04 20.36
N THR H 224 -6.47 -14.08 20.76
CA THR H 224 -7.84 -14.25 20.41
C THR H 224 -8.63 -12.92 20.58
N ALA H 225 -9.44 -12.59 19.53
CA ALA H 225 -10.03 -11.32 19.33
C ALA H 225 -11.46 -11.33 18.97
N PRO H 226 -12.22 -10.31 18.99
CA PRO H 226 -13.50 -10.32 18.23
C PRO H 226 -13.44 -10.59 16.83
N THR H 227 -12.40 -10.10 16.11
CA THR H 227 -12.28 -10.09 14.63
C THR H 227 -10.84 -10.41 14.23
N CYS H 228 -10.72 -11.08 13.04
CA CYS H 228 -9.41 -11.27 12.38
C CYS H 228 -8.44 -10.06 12.40
N GLU H 229 -8.86 -8.82 12.05
CA GLU H 229 -7.95 -7.74 11.89
C GLU H 229 -7.12 -7.31 13.23
N GLU H 230 -7.82 -7.16 14.30
CA GLU H 230 -7.22 -6.94 15.60
C GLU H 230 -6.41 -8.12 15.93
N MET H 231 -6.73 -9.34 15.59
CA MET H 231 -5.99 -10.56 15.79
C MET H 231 -4.60 -10.74 15.12
N MET H 232 -4.52 -10.44 13.80
CA MET H 232 -3.24 -9.96 13.18
C MET H 232 -2.55 -8.90 13.98
N LYS H 233 -3.31 -7.92 14.44
CA LYS H 233 -2.63 -6.78 15.11
C LYS H 233 -2.05 -7.26 16.38
N ARG H 234 -2.71 -8.15 17.15
CA ARG H 234 -2.06 -8.73 18.25
C ARG H 234 -0.89 -9.53 18.01
N ALA H 235 -0.94 -10.37 17.01
CA ALA H 235 0.22 -11.22 16.62
C ALA H 235 1.42 -10.30 16.29
N GLU H 236 1.15 -9.17 15.47
CA GLU H 236 2.17 -8.25 15.09
C GLU H 236 2.85 -7.61 16.32
N PHE H 237 1.98 -7.14 17.35
CA PHE H 237 2.45 -6.42 18.46
C PHE H 237 3.36 -7.40 19.28
N ALA H 238 2.91 -8.61 19.47
CA ALA H 238 3.66 -9.60 20.19
C ALA H 238 5.05 -9.85 19.52
N LYS H 239 5.06 -9.95 18.20
CA LYS H 239 6.28 -10.09 17.47
C LYS H 239 7.18 -8.94 17.70
N GLU H 240 6.65 -7.77 17.64
CA GLU H 240 7.40 -6.55 18.01
C GLU H 240 8.10 -6.45 19.31
N LEU H 241 7.70 -7.27 20.25
CA LEU H 241 8.36 -7.33 21.53
C LEU H 241 9.24 -8.46 21.75
N GLY H 242 9.72 -9.23 20.72
CA GLY H 242 10.59 -10.35 20.95
C GLY H 242 9.92 -11.47 21.68
N MET H 243 8.56 -11.54 21.68
CA MET H 243 7.84 -12.62 22.40
C MET H 243 7.96 -13.96 21.75
N PRO H 244 8.33 -14.97 22.43
CA PRO H 244 8.52 -16.29 21.74
C PRO H 244 7.30 -16.96 21.22
N ILE H 245 6.25 -16.93 21.96
CA ILE H 245 5.08 -17.81 21.71
C ILE H 245 3.74 -17.14 22.24
N ILE H 246 2.67 -17.46 21.63
CA ILE H 246 1.30 -16.93 21.82
C ILE H 246 0.27 -18.09 22.01
N MET H 247 -0.98 -17.75 22.04
CA MET H 247 -2.16 -18.58 22.48
C MET H 247 -3.21 -18.26 21.48
N HIS H 248 -4.09 -19.17 21.42
CA HIS H 248 -5.24 -19.19 20.55
C HIS H 248 -6.29 -20.04 21.10
N ASP H 249 -7.53 -19.82 20.75
CA ASP H 249 -8.63 -20.69 21.20
C ASP H 249 -9.43 -21.21 19.96
N PHE H 250 -8.96 -22.46 19.57
CA PHE H 250 -9.35 -22.82 18.24
C PHE H 250 -10.79 -23.23 18.13
N LEU H 251 -11.52 -23.48 19.27
CA LEU H 251 -12.99 -23.77 19.27
C LEU H 251 -13.87 -22.58 19.40
N THR H 252 -13.35 -21.52 19.98
CA THR H 252 -14.29 -20.41 20.24
C THR H 252 -14.15 -19.45 18.96
N ALA H 253 -12.88 -19.34 18.41
CA ALA H 253 -12.63 -18.57 17.16
C ALA H 253 -12.66 -19.51 15.90
N GLY H 254 -12.67 -20.86 16.03
CA GLY H 254 -12.74 -21.89 14.98
C GLY H 254 -11.44 -22.10 14.27
N PHE H 255 -11.63 -22.94 13.16
CA PHE H 255 -10.45 -23.22 12.33
C PHE H 255 -9.89 -22.14 11.50
N THR H 256 -10.66 -21.56 10.54
CA THR H 256 -9.93 -20.66 9.61
C THR H 256 -9.03 -19.55 10.23
N ALA H 257 -9.49 -19.10 11.47
CA ALA H 257 -8.65 -18.34 12.36
C ALA H 257 -7.25 -18.93 12.86
N ASN H 258 -7.26 -20.09 13.32
CA ASN H 258 -6.00 -20.79 13.74
C ASN H 258 -5.16 -21.09 12.58
N THR H 259 -5.67 -21.42 11.42
CA THR H 259 -4.96 -21.72 10.27
C THR H 259 -4.29 -20.50 9.73
N THR H 260 -5.00 -19.31 9.82
CA THR H 260 -4.39 -18.05 9.55
C THR H 260 -3.25 -17.75 10.38
N LEU H 261 -3.40 -17.97 11.65
CA LEU H 261 -2.31 -17.87 12.54
C LEU H 261 -1.22 -18.86 12.33
N ALA H 262 -1.51 -20.00 11.86
CA ALA H 262 -0.47 -21.02 11.58
C ALA H 262 0.44 -20.57 10.48
N LYS H 263 -0.16 -20.09 9.36
CA LYS H 263 0.62 -19.49 8.24
C LYS H 263 1.38 -18.29 8.71
N TRP H 264 0.69 -17.40 9.48
CA TRP H 264 1.26 -16.15 9.88
C TRP H 264 2.49 -16.49 10.79
N CYS H 265 2.34 -17.41 11.70
CA CYS H 265 3.45 -17.82 12.59
C CYS H 265 4.71 -18.40 11.87
N ARG H 266 4.39 -19.30 11.00
CA ARG H 266 5.42 -19.86 10.10
C ARG H 266 6.12 -18.77 9.36
N ASP H 267 5.30 -17.72 8.87
CA ASP H 267 5.92 -16.60 8.23
C ASP H 267 6.70 -15.61 9.14
N ASN H 268 6.38 -15.60 10.47
CA ASN H 268 6.88 -14.75 11.49
C ASN H 268 7.88 -15.29 12.59
N GLY H 269 8.15 -16.57 12.55
CA GLY H 269 9.09 -17.19 13.49
C GLY H 269 8.67 -17.02 14.91
N VAL H 270 7.41 -17.10 15.16
CA VAL H 270 6.86 -16.88 16.51
C VAL H 270 6.05 -18.10 16.78
N LEU H 271 6.32 -18.74 17.90
CA LEU H 271 5.66 -19.97 18.24
C LEU H 271 4.25 -19.77 18.49
N LEU H 272 3.46 -20.80 18.28
CA LEU H 272 1.97 -20.78 18.42
C LEU H 272 1.50 -21.69 19.62
N HIS H 273 0.63 -21.27 20.48
CA HIS H 273 -0.02 -22.33 21.34
C HIS H 273 -1.44 -22.49 20.91
N ILE H 274 -2.07 -23.69 21.24
CA ILE H 274 -3.46 -23.92 20.98
C ILE H 274 -4.08 -24.24 22.37
N HIS H 275 -5.08 -23.50 22.72
CA HIS H 275 -5.95 -23.74 23.79
C HIS H 275 -7.26 -24.51 23.45
N ARG H 276 -7.82 -25.32 24.29
CA ARG H 276 -8.92 -26.19 24.00
C ARG H 276 -10.24 -25.87 24.77
N ALA H 277 -10.56 -24.61 24.87
CA ALA H 277 -11.75 -24.19 25.54
C ALA H 277 -12.93 -24.79 24.83
N MET H 278 -13.88 -25.28 25.58
CA MET H 278 -15.05 -25.98 25.11
C MET H 278 -14.79 -27.43 24.77
N HIS H 279 -13.53 -27.98 24.89
CA HIS H 279 -13.18 -29.29 24.30
C HIS H 279 -14.16 -30.43 24.80
N ALA H 280 -14.62 -30.30 26.08
CA ALA H 280 -15.54 -31.24 26.64
C ALA H 280 -16.93 -31.20 25.98
N VAL H 281 -17.27 -30.17 25.25
CA VAL H 281 -18.62 -30.03 24.65
C VAL H 281 -18.75 -31.15 23.69
N ILE H 282 -17.74 -31.55 22.96
CA ILE H 282 -17.93 -32.43 21.78
C ILE H 282 -17.67 -33.93 22.17
N ASP H 283 -16.56 -34.19 22.80
CA ASP H 283 -15.98 -35.57 22.86
C ASP H 283 -16.25 -36.22 24.24
N ARG H 284 -16.72 -35.44 25.17
CA ARG H 284 -16.82 -35.86 26.51
C ARG H 284 -17.61 -37.09 26.85
N GLN H 285 -18.86 -37.20 26.28
CA GLN H 285 -19.69 -38.31 26.58
C GLN H 285 -19.08 -39.45 25.97
N ARG H 286 -19.39 -40.77 26.37
CA ARG H 286 -19.05 -42.02 25.79
C ARG H 286 -19.83 -42.57 24.66
N ASN H 287 -20.86 -41.81 24.16
CA ASN H 287 -21.75 -42.33 23.22
C ASN H 287 -21.94 -41.48 21.93
N HIS H 288 -21.46 -40.18 21.97
CA HIS H 288 -21.85 -39.21 21.02
C HIS H 288 -20.78 -38.22 20.80
N GLY H 289 -20.84 -37.49 19.67
CA GLY H 289 -19.95 -36.35 19.42
C GLY H 289 -18.81 -36.68 18.53
N ILE H 290 -17.56 -36.11 18.86
CA ILE H 290 -16.50 -36.52 18.00
C ILE H 290 -15.39 -36.82 18.97
N HIS H 291 -14.69 -37.92 18.85
CA HIS H 291 -13.64 -38.09 19.89
C HIS H 291 -12.45 -37.12 19.65
N PHE H 292 -11.66 -36.85 20.72
CA PHE H 292 -10.92 -35.68 20.82
C PHE H 292 -9.76 -35.91 19.76
N ARG H 293 -9.15 -37.11 19.56
CA ARG H 293 -8.05 -37.28 18.59
C ARG H 293 -8.34 -36.82 17.24
N VAL H 294 -9.55 -36.89 16.72
CA VAL H 294 -9.87 -36.23 15.47
C VAL H 294 -9.56 -34.72 15.53
N LEU H 295 -9.99 -34.08 16.58
CA LEU H 295 -9.73 -32.68 16.77
C LEU H 295 -8.26 -32.44 16.78
N ALA H 296 -7.55 -33.22 17.55
CA ALA H 296 -6.10 -33.11 17.63
C ALA H 296 -5.48 -33.23 16.27
N LYS H 297 -5.88 -34.15 15.55
CA LYS H 297 -5.29 -34.43 14.18
C LYS H 297 -5.55 -33.29 13.24
N CYS H 298 -6.79 -32.77 13.24
CA CYS H 298 -7.19 -31.59 12.56
C CYS H 298 -6.49 -30.36 12.87
N LEU H 299 -6.24 -30.15 14.11
CA LEU H 299 -5.24 -29.25 14.52
C LEU H 299 -3.83 -29.43 14.03
N ARG H 300 -3.41 -30.64 13.96
CA ARG H 300 -2.04 -30.82 13.56
C ARG H 300 -2.00 -30.36 12.17
N LEU H 301 -3.00 -30.88 11.31
CA LEU H 301 -3.08 -30.30 10.00
C LEU H 301 -3.10 -28.75 9.89
N SER H 302 -4.10 -28.10 10.56
CA SER H 302 -4.26 -26.74 10.50
C SER H 302 -2.95 -26.00 10.97
N GLY H 303 -2.40 -26.44 12.04
CA GLY H 303 -1.22 -25.96 12.64
C GLY H 303 -1.26 -25.44 14.03
N GLY H 304 -0.46 -25.93 14.93
CA GLY H 304 -0.21 -25.34 16.27
C GLY H 304 0.98 -26.13 16.85
N ASP H 305 1.97 -25.39 17.43
CA ASP H 305 3.14 -25.84 18.13
C ASP H 305 2.75 -26.71 19.36
N HIS H 306 1.79 -26.27 20.08
CA HIS H 306 1.32 -26.74 21.34
C HIS H 306 -0.16 -26.98 21.31
N LEU H 307 -0.64 -27.76 22.21
CA LEU H 307 -1.98 -28.26 22.40
C LEU H 307 -2.15 -28.83 23.75
N HIS H 308 -3.25 -28.41 24.43
CA HIS H 308 -3.59 -29.14 25.69
C HIS H 308 -3.97 -30.57 25.39
N SER H 309 -3.56 -31.51 26.29
CA SER H 309 -4.06 -32.80 26.37
C SER H 309 -4.85 -33.17 27.57
N GLY H 310 -5.21 -32.16 28.49
CA GLY H 310 -5.93 -32.49 29.74
C GLY H 310 -5.03 -32.75 30.88
N THR H 311 -5.47 -33.76 31.69
CA THR H 311 -4.76 -34.14 32.94
C THR H 311 -4.36 -35.52 32.91
N VAL H 312 -5.28 -36.42 32.42
CA VAL H 312 -5.00 -37.91 32.39
C VAL H 312 -4.91 -38.38 33.87
N ASP H 319 -8.66 -41.28 29.97
CA ASP H 319 -8.13 -42.72 29.95
C ASP H 319 -6.71 -42.63 29.59
N LYS H 320 -5.99 -43.78 29.42
CA LYS H 320 -4.54 -43.76 29.14
C LYS H 320 -4.25 -44.28 27.80
N ALA H 321 -4.86 -45.45 27.44
CA ALA H 321 -4.43 -46.09 26.22
C ALA H 321 -4.75 -45.15 24.92
N SER H 322 -5.96 -44.84 24.73
CA SER H 322 -6.26 -43.69 23.83
C SER H 322 -5.58 -42.47 24.03
N THR H 323 -5.13 -42.14 25.22
CA THR H 323 -4.45 -40.94 25.44
C THR H 323 -3.17 -40.90 24.67
N LEU H 324 -2.45 -42.05 24.90
CA LEU H 324 -1.19 -42.29 24.28
C LEU H 324 -1.49 -42.39 22.81
N GLY H 325 -2.60 -43.04 22.37
CA GLY H 325 -2.98 -43.07 20.95
C GLY H 325 -2.89 -41.75 20.30
N PHE H 326 -3.66 -40.73 20.85
CA PHE H 326 -3.67 -39.52 20.09
C PHE H 326 -2.43 -38.60 20.29
N VAL H 327 -1.81 -38.68 21.50
CA VAL H 327 -0.51 -38.25 21.68
C VAL H 327 0.58 -38.69 20.65
N ASP H 328 0.71 -39.94 20.45
CA ASP H 328 1.34 -40.46 19.27
C ASP H 328 0.91 -40.06 17.90
N LEU H 329 -0.33 -40.03 17.68
CA LEU H 329 -0.84 -39.46 16.41
C LEU H 329 -0.41 -38.11 16.24
N MET H 330 -0.24 -37.27 17.22
CA MET H 330 0.29 -35.95 17.15
C MET H 330 1.81 -35.82 17.49
N ARG H 331 2.58 -36.93 17.67
CA ARG H 331 4.01 -36.87 17.65
C ARG H 331 4.74 -37.72 16.57
N GLU H 332 4.46 -38.96 16.39
CA GLU H 332 5.17 -39.76 15.49
C GLU H 332 4.60 -39.64 14.04
N ASP H 333 5.34 -40.07 13.10
CA ASP H 333 4.94 -39.69 11.73
C ASP H 333 4.35 -41.06 11.22
N HIS H 334 4.51 -42.22 11.83
CA HIS H 334 3.74 -43.49 11.41
C HIS H 334 3.40 -44.11 12.67
N ILE H 335 2.04 -44.30 12.90
CA ILE H 335 1.45 -45.07 13.95
C ILE H 335 0.60 -46.13 13.41
N GLU H 336 0.86 -47.38 13.71
CA GLU H 336 0.07 -48.50 13.35
C GLU H 336 -1.32 -48.41 13.91
N ALA H 337 -2.27 -48.98 13.23
CA ALA H 337 -3.73 -49.01 13.56
C ALA H 337 -3.73 -49.73 14.85
N ASP H 338 -4.28 -49.26 15.94
CA ASP H 338 -4.23 -49.85 17.24
C ASP H 338 -5.53 -49.55 17.85
N ARG H 339 -6.48 -50.40 17.75
CA ARG H 339 -7.81 -50.42 18.50
C ARG H 339 -7.77 -50.10 19.91
N SER H 340 -6.98 -50.81 20.71
CA SER H 340 -6.94 -50.69 22.19
C SER H 340 -6.48 -49.25 22.63
N ARG H 341 -5.58 -48.71 21.95
CA ARG H 341 -5.30 -47.18 21.96
C ARG H 341 -6.17 -46.33 21.24
N GLY H 342 -7.34 -46.81 20.73
CA GLY H 342 -8.22 -45.99 19.89
C GLY H 342 -7.67 -45.42 18.57
N VAL H 343 -6.61 -46.04 18.10
CA VAL H 343 -6.03 -45.63 16.80
C VAL H 343 -6.78 -46.64 15.86
N PHE H 344 -7.83 -46.28 15.25
CA PHE H 344 -8.52 -47.02 14.26
C PHE H 344 -7.86 -47.23 12.86
N PHE H 345 -6.87 -46.42 12.57
CA PHE H 345 -6.28 -46.35 11.21
C PHE H 345 -4.73 -46.18 11.36
N THR H 346 -4.10 -46.50 10.21
CA THR H 346 -2.61 -46.31 10.19
C THR H 346 -2.42 -44.96 9.57
N GLN H 347 -1.53 -44.17 10.14
CA GLN H 347 -1.35 -42.85 9.73
C GLN H 347 0.08 -42.59 9.40
N ASP H 348 0.35 -42.84 8.09
CA ASP H 348 1.49 -42.14 7.48
C ASP H 348 1.36 -40.63 7.38
N TRP H 349 2.23 -39.98 8.02
CA TRP H 349 2.17 -38.45 8.15
C TRP H 349 3.18 -37.81 7.24
N ALA H 350 3.88 -38.55 6.26
CA ALA H 350 4.72 -37.75 5.34
C ALA H 350 5.90 -36.98 5.83
N SER H 351 6.48 -37.53 6.86
CA SER H 351 7.41 -36.72 7.61
C SER H 351 6.96 -35.46 8.38
N MET H 352 5.61 -35.24 8.49
CA MET H 352 5.09 -34.08 9.03
C MET H 352 5.50 -33.93 10.46
N PRO H 353 6.08 -32.72 10.82
CA PRO H 353 6.69 -32.57 12.13
C PRO H 353 5.70 -32.56 13.20
N GLY H 354 6.06 -33.19 14.34
CA GLY H 354 5.07 -33.45 15.33
C GLY H 354 4.81 -32.29 16.22
N VAL H 355 3.78 -32.43 17.11
CA VAL H 355 3.35 -31.49 18.02
C VAL H 355 3.74 -31.85 19.37
N LEU H 356 4.21 -30.89 20.12
CA LEU H 356 4.35 -31.02 21.54
C LEU H 356 3.14 -31.00 22.40
N PRO H 357 2.72 -32.13 23.05
CA PRO H 357 1.53 -32.07 23.82
C PRO H 357 1.70 -31.32 25.08
N VAL H 358 0.58 -30.79 25.63
CA VAL H 358 0.64 -29.95 26.79
C VAL H 358 -0.28 -30.58 27.77
N ALA H 359 0.24 -30.97 28.89
CA ALA H 359 -0.59 -31.54 29.99
C ALA H 359 -0.78 -30.55 31.09
N SER H 360 -1.97 -30.36 31.58
CA SER H 360 -2.25 -29.29 32.50
C SER H 360 -3.32 -29.86 33.50
N GLY H 361 -3.92 -28.92 34.28
CA GLY H 361 -4.97 -29.28 35.26
C GLY H 361 -4.41 -29.68 36.63
N GLY H 362 -3.52 -28.78 37.24
CA GLY H 362 -3.11 -29.14 38.53
C GLY H 362 -2.23 -30.32 38.42
N ILE H 363 -1.08 -30.31 37.84
CA ILE H 363 -0.30 -31.43 37.51
C ILE H 363 0.32 -32.05 38.79
N HIS H 364 0.09 -31.54 40.11
CA HIS H 364 0.33 -32.45 41.25
C HIS H 364 1.67 -33.02 41.33
N VAL H 365 2.72 -32.14 41.53
CA VAL H 365 4.13 -32.31 41.11
C VAL H 365 4.61 -33.73 41.54
N TRP H 366 4.15 -34.30 42.57
CA TRP H 366 4.37 -35.65 42.97
C TRP H 366 4.18 -36.66 41.86
N HIS H 367 3.34 -36.44 40.90
CA HIS H 367 3.01 -37.37 39.87
C HIS H 367 3.80 -37.12 38.54
N MET H 368 4.74 -36.29 38.49
CA MET H 368 5.43 -36.13 37.18
C MET H 368 6.13 -37.36 36.68
N PRO H 369 6.72 -38.27 37.59
CA PRO H 369 7.39 -39.47 37.02
C PRO H 369 6.46 -40.27 36.07
N ALA H 370 5.25 -40.52 36.50
CA ALA H 370 4.24 -41.13 35.67
C ALA H 370 3.96 -40.22 34.56
N LEU H 371 3.87 -38.87 34.72
CA LEU H 371 3.51 -38.06 33.61
C LEU H 371 4.52 -38.32 32.44
N VAL H 372 5.75 -38.12 32.75
CA VAL H 372 6.61 -37.78 31.64
C VAL H 372 7.06 -39.25 31.16
N GLU H 373 7.16 -40.30 32.01
CA GLU H 373 7.22 -41.66 31.43
C GLU H 373 6.00 -41.93 30.48
N ILE H 374 4.78 -41.40 30.76
CA ILE H 374 3.67 -41.36 29.74
C ILE H 374 3.93 -40.55 28.44
N PHE H 375 4.51 -39.42 28.57
CA PHE H 375 4.44 -38.37 27.53
C PHE H 375 5.89 -38.10 26.86
N GLY H 376 6.90 -38.25 27.63
CA GLY H 376 8.30 -38.46 27.20
C GLY H 376 8.99 -37.14 27.30
N ASP H 377 10.23 -37.10 26.91
CA ASP H 377 10.93 -35.79 26.90
C ASP H 377 10.26 -34.80 25.93
N ASP H 378 9.78 -35.30 24.81
CA ASP H 378 9.03 -34.50 23.88
C ASP H 378 7.66 -34.36 24.44
N SER H 379 7.53 -33.59 25.44
CA SER H 379 6.17 -33.21 25.99
C SER H 379 6.35 -31.88 26.80
N VAL H 380 5.26 -31.21 27.08
CA VAL H 380 5.29 -29.87 27.72
C VAL H 380 4.43 -30.12 28.91
N LEU H 381 4.80 -29.70 30.10
CA LEU H 381 4.09 -30.24 31.21
C LEU H 381 3.63 -28.92 31.98
N GLN H 382 2.43 -28.56 31.81
CA GLN H 382 2.00 -27.22 32.07
C GLN H 382 1.28 -27.44 33.51
N PHE H 383 1.45 -26.52 34.37
CA PHE H 383 1.02 -26.50 35.80
C PHE H 383 -0.02 -25.49 35.92
N GLY H 384 -0.95 -25.71 36.82
CA GLY H 384 -2.06 -24.82 36.98
C GLY H 384 -1.70 -23.55 37.69
N GLY H 393 1.81 -20.65 44.01
CA GLY H 393 2.51 -20.36 42.73
C GLY H 393 3.52 -19.20 42.85
N ASN H 394 4.59 -19.45 43.49
CA ASN H 394 5.74 -18.62 43.64
C ASN H 394 6.97 -19.28 43.12
N ALA H 395 8.07 -18.57 43.14
CA ALA H 395 9.31 -19.00 42.57
C ALA H 395 9.78 -20.37 43.21
N PRO H 396 9.75 -20.50 44.49
CA PRO H 396 10.22 -21.75 45.04
C PRO H 396 9.54 -23.02 44.63
N GLY H 397 8.25 -22.95 44.44
CA GLY H 397 7.48 -24.08 43.98
C GLY H 397 7.88 -24.54 42.57
N ALA H 398 8.02 -23.61 41.67
CA ALA H 398 8.40 -23.84 40.28
C ALA H 398 9.84 -24.39 40.45
N THR H 399 10.74 -23.75 41.22
CA THR H 399 12.12 -24.31 41.17
C THR H 399 12.04 -25.81 41.58
N ALA H 400 11.28 -26.11 42.67
CA ALA H 400 11.18 -27.43 43.18
C ALA H 400 10.72 -28.28 41.96
N ASN H 401 9.75 -27.84 41.09
CA ASN H 401 9.06 -28.72 40.25
C ASN H 401 10.19 -29.05 39.13
N ARG H 402 10.96 -28.06 38.76
CA ARG H 402 12.20 -28.27 37.86
C ARG H 402 13.13 -29.19 38.48
N VAL H 403 13.36 -29.16 39.84
CA VAL H 403 14.23 -30.08 40.46
C VAL H 403 13.83 -31.46 40.19
N ALA H 404 12.61 -31.74 40.56
CA ALA H 404 12.03 -33.01 40.52
C ALA H 404 12.16 -33.48 39.05
N LEU H 405 11.89 -32.54 38.07
CA LEU H 405 11.85 -32.97 36.70
C LEU H 405 13.28 -33.55 36.36
N GLU H 406 14.28 -32.75 36.68
CA GLU H 406 15.71 -33.04 36.28
C GLU H 406 16.15 -34.33 36.98
N ALA H 407 15.78 -34.50 38.24
CA ALA H 407 16.07 -35.72 39.00
C ALA H 407 15.53 -36.88 38.34
N CYS H 408 14.21 -36.79 37.86
CA CYS H 408 13.56 -37.99 37.27
C CYS H 408 14.17 -38.33 35.88
N VAL H 409 14.45 -37.33 35.09
CA VAL H 409 15.15 -37.39 33.76
C VAL H 409 16.50 -38.06 34.15
N GLN H 410 17.24 -37.56 35.02
CA GLN H 410 18.54 -38.32 35.22
C GLN H 410 18.29 -39.73 35.62
N ALA H 411 17.39 -39.96 36.46
CA ALA H 411 17.19 -41.31 37.02
C ALA H 411 16.74 -42.28 35.89
N ARG H 412 15.82 -41.85 35.05
CA ARG H 412 15.54 -42.76 33.84
C ARG H 412 16.77 -42.96 33.03
N ASN H 413 17.57 -41.88 32.73
CA ASN H 413 18.59 -41.96 31.75
C ASN H 413 19.66 -42.85 32.26
N GLU H 414 19.98 -42.74 33.49
CA GLU H 414 20.98 -43.66 34.05
C GLU H 414 20.37 -45.10 34.27
N GLY H 415 19.09 -45.35 34.13
CA GLY H 415 18.43 -46.68 34.17
C GLY H 415 17.40 -46.94 35.21
N ARG H 416 16.89 -46.00 35.87
CA ARG H 416 16.09 -46.25 37.11
C ARG H 416 14.62 -46.35 36.63
N ASP H 417 13.88 -47.27 37.20
CA ASP H 417 12.45 -47.31 37.01
C ASP H 417 11.66 -46.32 37.79
N LEU H 418 11.22 -45.28 37.13
CA LEU H 418 10.30 -44.20 37.68
C LEU H 418 9.02 -44.55 38.22
N TYR H 419 8.35 -45.41 37.58
CA TYR H 419 7.09 -45.84 38.11
C TYR H 419 7.10 -46.38 39.50
N ARG H 420 8.18 -47.05 39.87
CA ARG H 420 8.47 -47.58 41.16
C ARG H 420 9.49 -46.71 42.07
N GLU H 421 10.46 -46.09 41.44
CA GLU H 421 11.38 -45.34 42.19
C GLU H 421 10.99 -43.83 42.24
N GLY H 422 9.79 -43.41 41.91
CA GLY H 422 9.46 -41.97 41.81
C GLY H 422 9.65 -41.36 43.22
N GLY H 423 9.15 -42.01 44.21
CA GLY H 423 9.37 -41.43 45.54
C GLY H 423 10.77 -41.29 46.05
N ASP H 424 11.60 -42.25 45.75
CA ASP H 424 12.97 -42.33 46.07
C ASP H 424 13.73 -41.29 45.41
N ILE H 425 13.65 -41.10 44.15
CA ILE H 425 14.30 -40.10 43.36
C ILE H 425 13.86 -38.68 43.84
N LEU H 426 12.59 -38.50 44.01
CA LEU H 426 12.07 -37.24 44.44
C LEU H 426 12.65 -36.84 45.75
N ARG H 427 12.67 -37.80 46.73
CA ARG H 427 13.26 -37.50 48.00
C ARG H 427 14.71 -37.13 47.97
N GLU H 428 15.46 -37.97 47.19
CA GLU H 428 16.92 -37.75 46.94
C GLU H 428 17.17 -36.40 46.37
N ALA H 429 16.39 -36.01 45.44
CA ALA H 429 16.43 -34.60 44.87
C ALA H 429 16.16 -33.50 45.86
N GLY H 430 15.14 -33.75 46.64
CA GLY H 430 14.77 -32.87 47.70
C GLY H 430 15.83 -32.77 48.80
N LYS H 431 16.69 -33.81 49.05
CA LYS H 431 17.67 -33.74 50.08
C LYS H 431 18.65 -32.48 49.86
N TRP H 432 19.32 -32.39 48.60
CA TRP H 432 20.06 -31.21 48.33
C TRP H 432 19.32 -29.96 47.98
N SER H 433 17.97 -30.09 47.67
CA SER H 433 17.14 -28.92 47.19
C SER H 433 16.25 -28.67 48.43
N PRO H 434 16.57 -27.64 49.19
CA PRO H 434 15.50 -27.19 50.20
C PRO H 434 14.19 -26.75 49.61
N GLU H 435 14.15 -26.34 48.39
CA GLU H 435 12.91 -25.81 47.77
C GLU H 435 12.01 -27.08 47.43
N LEU H 436 12.64 -28.13 46.82
CA LEU H 436 11.85 -29.40 46.63
C LEU H 436 11.55 -30.15 47.89
N ALA H 437 12.44 -29.93 48.97
CA ALA H 437 12.02 -30.39 50.25
C ALA H 437 10.74 -29.72 50.83
N ALA H 438 10.74 -28.36 50.73
CA ALA H 438 9.50 -27.60 51.15
C ALA H 438 8.33 -27.98 50.31
N ALA H 439 8.46 -28.39 49.07
CA ALA H 439 7.42 -28.77 48.18
C ALA H 439 6.91 -30.13 48.50
N LEU H 440 7.76 -31.19 48.69
CA LEU H 440 7.30 -32.48 49.27
C LEU H 440 6.75 -32.36 50.64
N ASP H 441 7.20 -31.38 51.47
CA ASP H 441 6.46 -31.18 52.67
C ASP H 441 5.00 -30.91 52.58
N LEU H 442 4.54 -30.37 51.41
CA LEU H 442 3.14 -29.87 51.38
C LEU H 442 2.37 -30.98 50.75
N TYR I 1 -47.91 20.66 23.03
CA TYR I 1 -46.43 20.58 23.07
C TYR I 1 -46.14 20.01 24.40
N LYS I 2 -46.42 20.63 25.60
CA LYS I 2 -46.36 20.00 26.86
C LYS I 2 -47.06 18.73 26.83
N LEU I 3 -48.28 18.71 26.18
CA LEU I 3 -49.08 17.46 26.04
C LEU I 3 -48.27 16.39 25.25
N THR I 4 -47.40 16.74 24.35
CA THR I 4 -46.50 15.92 23.61
C THR I 4 -45.01 15.75 24.10
N TYR I 5 -44.46 16.63 24.82
CA TYR I 5 -43.08 16.53 25.21
C TYR I 5 -42.97 16.86 26.78
N TYR I 6 -44.05 16.83 27.62
CA TYR I 6 -43.90 16.97 29.05
C TYR I 6 -44.71 15.67 29.55
N THR I 7 -44.02 14.74 30.16
CA THR I 7 -44.58 13.54 30.69
C THR I 7 -44.07 13.47 32.06
N PRO I 8 -44.68 14.29 32.98
CA PRO I 8 -44.18 14.41 34.40
C PRO I 8 -44.16 13.12 35.14
N ASP I 9 -45.02 12.17 34.86
CA ASP I 9 -45.03 10.88 35.42
C ASP I 9 -44.09 9.81 34.79
N TYR I 10 -43.68 10.03 33.51
CA TYR I 10 -42.56 9.30 33.06
C TYR I 10 -41.34 9.29 33.87
N THR I 11 -40.66 8.09 33.93
CA THR I 11 -39.45 8.04 34.65
C THR I 11 -38.40 7.46 33.62
N PRO I 12 -37.21 7.97 33.59
CA PRO I 12 -36.35 7.44 32.55
C PRO I 12 -35.96 6.03 32.73
N LYS I 13 -35.81 5.31 31.65
CA LYS I 13 -35.14 3.96 31.67
C LYS I 13 -33.65 4.09 31.75
N ASP I 14 -33.00 3.09 32.28
CA ASP I 14 -31.53 3.14 32.50
C ASP I 14 -30.75 3.30 31.27
N THR I 15 -31.41 2.97 30.16
CA THR I 15 -30.77 3.14 28.84
C THR I 15 -31.02 4.50 28.17
N ASP I 16 -31.83 5.43 28.76
CA ASP I 16 -31.88 6.80 28.35
C ASP I 16 -30.80 7.69 28.56
N LEU I 17 -30.77 8.76 27.80
CA LEU I 17 -29.76 9.87 28.03
C LEU I 17 -30.40 11.06 28.68
N LEU I 18 -29.80 11.54 29.74
CA LEU I 18 -30.63 12.52 30.52
C LEU I 18 -29.79 13.75 30.38
N ALA I 19 -30.46 14.90 30.10
CA ALA I 19 -29.77 16.14 29.93
C ALA I 19 -30.39 17.12 30.81
N ALA I 20 -29.62 17.91 31.62
CA ALA I 20 -30.10 18.87 32.56
C ALA I 20 -29.93 20.18 31.92
N PHE I 21 -30.98 20.93 31.62
CA PHE I 21 -30.95 22.22 31.06
C PHE I 21 -31.40 23.29 31.98
N ARG I 22 -30.59 24.34 32.32
CA ARG I 22 -30.91 25.44 33.17
C ARG I 22 -31.40 26.44 32.16
N PHE I 23 -32.61 27.05 32.29
CA PHE I 23 -33.27 27.99 31.44
C PHE I 23 -33.97 29.11 31.99
N SER I 24 -33.90 30.31 31.28
CA SER I 24 -34.59 31.48 31.96
C SER I 24 -35.54 31.87 30.87
N PRO I 25 -36.75 31.33 30.81
CA PRO I 25 -37.54 31.59 29.62
C PRO I 25 -37.84 33.10 29.42
N GLN I 26 -37.96 33.58 28.21
CA GLN I 26 -38.53 34.82 27.74
C GLN I 26 -39.86 35.03 28.28
N PRO I 27 -40.17 36.29 28.66
CA PRO I 27 -41.44 36.62 29.28
C PRO I 27 -42.67 36.22 28.39
N GLY I 28 -43.68 35.78 29.11
CA GLY I 28 -44.91 35.20 28.49
C GLY I 28 -44.96 33.72 28.30
N VAL I 29 -43.81 32.95 28.49
CA VAL I 29 -43.78 31.55 28.15
C VAL I 29 -43.74 30.91 29.57
N PRO I 30 -44.71 30.04 30.03
CA PRO I 30 -44.57 29.43 31.28
C PRO I 30 -43.39 28.43 31.30
N ALA I 31 -42.87 28.18 32.43
CA ALA I 31 -41.68 27.33 32.58
C ALA I 31 -41.80 25.95 32.15
N ASP I 32 -42.93 25.33 32.44
CA ASP I 32 -43.29 24.08 31.84
C ASP I 32 -43.37 23.99 30.29
N GLU I 33 -43.97 25.04 29.65
CA GLU I 33 -44.00 25.13 28.26
C GLU I 33 -42.61 25.26 27.71
N ALA I 34 -41.74 26.15 28.39
CA ALA I 34 -40.41 26.32 27.99
C ALA I 34 -39.62 24.94 28.00
N GLY I 35 -39.73 24.12 29.08
CA GLY I 35 -39.14 22.81 29.10
C GLY I 35 -39.70 21.83 28.11
N ALA I 36 -40.97 21.90 27.79
CA ALA I 36 -41.53 21.14 26.65
C ALA I 36 -40.96 21.59 25.40
N ALA I 37 -40.81 22.99 25.23
CA ALA I 37 -40.15 23.39 23.96
C ALA I 37 -38.79 22.84 23.89
N ILE I 38 -37.93 22.96 24.88
CA ILE I 38 -36.49 22.51 24.94
C ILE I 38 -36.54 21.02 24.52
N ALA I 39 -37.36 20.29 25.14
CA ALA I 39 -37.45 18.90 24.79
C ALA I 39 -37.76 18.75 23.38
N ALA I 40 -38.64 19.48 22.81
CA ALA I 40 -38.97 19.53 21.45
C ALA I 40 -37.81 19.89 20.48
N GLU I 41 -36.98 20.88 20.76
CA GLU I 41 -36.12 21.26 19.62
C GLU I 41 -35.10 20.11 19.27
N SER I 42 -34.38 19.77 20.22
CA SER I 42 -33.33 18.72 20.19
C SER I 42 -33.78 17.32 19.95
N SER I 43 -35.06 17.00 20.29
CA SER I 43 -35.58 15.63 20.08
C SER I 43 -36.60 15.60 19.02
N THR I 44 -37.28 16.70 18.58
CA THR I 44 -37.96 16.85 17.27
C THR I 44 -37.71 18.13 16.40
N GLY I 45 -37.33 19.22 16.90
CA GLY I 45 -37.49 20.46 16.19
C GLY I 45 -38.97 20.89 16.36
N THR I 46 -39.86 20.06 15.65
CA THR I 46 -41.28 20.31 15.63
C THR I 46 -41.99 19.37 16.55
N THR I 49 -46.29 19.97 10.67
CA THR I 49 -46.50 18.54 10.35
C THR I 49 -46.23 18.26 8.84
N VAL I 50 -46.22 17.05 8.48
CA VAL I 50 -45.82 16.49 7.16
C VAL I 50 -46.38 15.02 7.00
N TRP I 51 -46.64 14.64 5.78
CA TRP I 51 -47.17 13.33 5.43
C TRP I 51 -46.26 12.25 5.90
N THR I 52 -44.93 12.50 5.84
CA THR I 52 -43.92 11.51 6.30
C THR I 52 -44.01 11.22 7.85
N ASP I 53 -44.68 12.11 8.64
CA ASP I 53 -44.69 11.98 10.06
C ASP I 53 -45.16 10.67 10.47
N LEU I 54 -46.23 10.24 9.89
CA LEU I 54 -46.97 9.05 10.40
C LEU I 54 -46.46 7.74 9.90
N LEU I 55 -45.58 7.68 8.87
CA LEU I 55 -44.81 6.52 8.61
C LEU I 55 -44.00 5.98 9.69
N THR I 56 -43.63 6.70 10.68
CA THR I 56 -42.74 6.23 11.67
C THR I 56 -43.63 6.23 13.03
N ASP I 57 -43.12 5.64 14.06
CA ASP I 57 -43.75 5.78 15.32
C ASP I 57 -42.98 6.97 16.03
N MET I 58 -43.75 8.16 16.09
CA MET I 58 -43.24 9.34 16.61
C MET I 58 -42.77 9.15 17.97
N ASP I 59 -43.55 8.45 18.77
CA ASP I 59 -43.30 8.22 20.17
C ASP I 59 -41.93 7.79 20.53
N ARG I 60 -41.49 6.79 19.84
CA ARG I 60 -40.17 6.17 20.11
C ARG I 60 -39.16 7.28 20.00
N TYR I 61 -39.32 8.27 19.09
CA TYR I 61 -38.18 9.09 18.79
C TYR I 61 -38.50 10.47 19.41
N LYS I 62 -39.13 10.57 20.59
CA LYS I 62 -39.42 11.88 21.27
C LYS I 62 -38.55 12.08 22.41
N GLY I 63 -38.38 13.29 22.83
CA GLY I 63 -37.56 13.65 23.95
C GLY I 63 -38.55 14.10 24.99
N LYS I 64 -38.49 13.46 26.19
CA LYS I 64 -39.35 13.79 27.26
C LYS I 64 -38.63 14.57 28.30
N CYS I 65 -39.20 15.77 28.65
CA CYS I 65 -38.79 16.50 29.89
C CYS I 65 -39.68 15.94 30.94
N TYR I 66 -39.13 14.98 31.78
CA TYR I 66 -39.93 14.24 32.70
C TYR I 66 -40.02 14.98 34.06
N HIS I 67 -39.41 16.20 34.34
CA HIS I 67 -39.28 16.88 35.58
C HIS I 67 -38.87 18.31 35.37
N ILE I 68 -39.57 19.22 36.01
CA ILE I 68 -39.17 20.66 36.03
C ILE I 68 -39.21 21.14 37.44
N GLU I 69 -38.12 21.88 37.88
CA GLU I 69 -38.10 22.53 39.16
C GLU I 69 -37.55 23.93 39.06
N PRO I 70 -37.80 24.86 39.96
CA PRO I 70 -37.09 26.14 39.97
C PRO I 70 -35.76 25.94 40.63
N VAL I 71 -34.89 26.99 40.45
CA VAL I 71 -33.58 26.98 41.01
C VAL I 71 -33.57 27.58 42.35
N GLN I 72 -33.02 27.01 43.39
CA GLN I 72 -33.04 27.54 44.72
C GLN I 72 -32.33 28.85 44.78
N GLY I 73 -32.93 29.81 45.41
CA GLY I 73 -32.32 31.09 45.63
C GLY I 73 -32.12 31.90 44.33
N GLU I 74 -32.84 31.58 43.17
CA GLU I 74 -32.82 32.33 41.95
C GLU I 74 -34.22 32.45 41.46
N GLU I 75 -34.42 33.55 40.69
CA GLU I 75 -35.73 33.97 40.27
C GLU I 75 -35.71 33.97 38.71
N ASN I 76 -36.92 33.56 38.23
CA ASN I 76 -36.98 33.25 36.78
C ASN I 76 -36.05 32.13 36.23
N SER I 77 -35.72 31.13 37.10
CA SER I 77 -34.71 30.15 36.79
C SER I 77 -35.27 28.65 37.04
N TYR I 78 -34.94 27.69 36.21
CA TYR I 78 -35.51 26.34 36.56
C TYR I 78 -34.50 25.46 36.00
N PHE I 79 -34.57 24.13 36.39
CA PHE I 79 -33.82 23.08 35.83
C PHE I 79 -34.87 22.19 35.02
N ALA I 80 -34.50 21.79 33.77
CA ALA I 80 -35.28 20.76 33.00
C ALA I 80 -34.40 19.55 32.99
N PHE I 81 -35.01 18.32 33.24
CA PHE I 81 -34.33 17.10 33.20
C PHE I 81 -35.09 16.32 32.01
N ILE I 82 -34.30 15.89 30.97
CA ILE I 82 -34.96 15.44 29.83
C ILE I 82 -34.29 14.18 29.52
N ALA I 83 -35.03 13.06 29.24
CA ALA I 83 -34.52 11.81 28.88
C ALA I 83 -34.60 11.59 27.41
N TYR I 84 -33.70 10.86 26.87
CA TYR I 84 -33.44 10.60 25.50
C TYR I 84 -33.40 9.10 25.07
N PRO I 85 -34.15 8.58 24.20
CA PRO I 85 -33.99 7.18 23.87
C PRO I 85 -32.57 6.87 23.36
N LEU I 86 -32.03 5.68 23.75
CA LEU I 86 -30.68 5.35 23.23
C LEU I 86 -30.64 5.29 21.73
N ASP I 87 -31.71 5.05 21.02
CA ASP I 87 -31.68 4.95 19.60
C ASP I 87 -31.25 6.25 18.86
N LEU I 88 -31.31 7.35 19.53
CA LEU I 88 -31.21 8.69 18.89
C LEU I 88 -29.74 8.94 18.37
N PHE I 89 -28.71 8.29 18.87
CA PHE I 89 -27.38 8.91 18.64
C PHE I 89 -26.63 7.74 18.02
N GLU I 90 -25.61 7.97 17.18
CA GLU I 90 -24.62 6.95 16.77
C GLU I 90 -23.69 6.57 17.94
N GLU I 91 -23.43 5.29 18.01
CA GLU I 91 -22.63 4.64 19.00
C GLU I 91 -21.22 5.04 18.90
N GLY I 92 -20.60 5.43 19.99
CA GLY I 92 -19.27 5.97 19.98
C GLY I 92 -18.95 7.32 19.32
N SER I 93 -19.94 8.16 19.18
CA SER I 93 -19.78 9.47 18.52
C SER I 93 -20.20 10.58 19.40
N VAL I 94 -19.21 11.16 20.18
CA VAL I 94 -19.44 12.39 20.95
C VAL I 94 -19.97 13.49 20.08
N THR I 95 -19.39 13.77 18.90
CA THR I 95 -19.86 14.73 18.04
C THR I 95 -21.34 14.63 17.78
N ASN I 96 -21.79 13.46 17.43
CA ASN I 96 -23.28 13.34 17.21
C ASN I 96 -24.09 13.59 18.36
N ILE I 97 -23.54 13.30 19.57
CA ILE I 97 -24.33 13.59 20.68
C ILE I 97 -24.49 15.05 20.87
N LEU I 98 -23.45 15.74 20.84
CA LEU I 98 -23.53 17.15 20.97
C LEU I 98 -24.45 17.76 19.87
N THR I 99 -24.29 17.30 18.67
CA THR I 99 -25.00 17.84 17.55
C THR I 99 -26.56 17.67 17.87
N SER I 100 -26.96 16.43 18.30
CA SER I 100 -28.39 16.27 18.64
C SER I 100 -28.78 17.17 19.85
N ILE I 101 -28.00 17.18 20.98
CA ILE I 101 -28.56 17.80 22.13
C ILE I 101 -28.53 19.25 21.92
N VAL I 102 -27.32 19.79 21.56
CA VAL I 102 -27.07 21.25 21.63
C VAL I 102 -26.83 21.80 20.25
N GLY I 103 -27.19 21.07 19.09
CA GLY I 103 -26.92 21.55 17.80
C GLY I 103 -27.69 22.78 17.44
N ASN I 104 -29.02 22.82 17.85
CA ASN I 104 -29.86 23.95 17.58
C ASN I 104 -30.74 24.47 18.65
N VAL I 105 -30.67 23.84 19.86
CA VAL I 105 -31.63 24.30 20.93
C VAL I 105 -31.25 25.66 21.46
N PHE I 106 -29.97 25.90 21.60
CA PHE I 106 -29.24 27.17 21.75
C PHE I 106 -29.58 28.27 20.89
N GLY I 107 -29.92 27.97 19.63
CA GLY I 107 -30.41 28.98 18.71
C GLY I 107 -31.89 29.39 18.81
N PHE I 108 -32.66 29.02 19.91
CA PHE I 108 -34.07 29.00 19.91
C PHE I 108 -34.38 30.41 20.36
N LYS I 109 -35.59 30.87 20.32
CA LYS I 109 -35.92 32.21 20.61
C LYS I 109 -36.55 32.31 22.04
N ALA I 110 -37.57 31.36 22.37
CA ALA I 110 -38.23 31.59 23.55
C ALA I 110 -37.52 31.68 24.81
N ILE I 111 -36.29 31.03 24.80
CA ILE I 111 -35.44 31.05 26.01
C ILE I 111 -34.54 32.32 26.04
N ARG I 112 -34.51 32.96 27.11
CA ARG I 112 -33.60 34.12 27.17
C ARG I 112 -32.21 33.68 27.29
N SER I 113 -31.96 32.73 28.15
CA SER I 113 -30.68 32.10 28.24
C SER I 113 -30.80 30.71 28.58
N LEU I 114 -30.04 29.74 27.94
CA LEU I 114 -30.05 28.37 28.34
C LEU I 114 -28.58 27.84 28.63
N ARG I 115 -28.45 26.95 29.59
CA ARG I 115 -27.11 26.44 29.73
C ARG I 115 -27.37 24.92 29.96
N LEU I 116 -26.72 24.05 29.23
CA LEU I 116 -26.70 22.64 29.54
C LEU I 116 -25.89 22.40 30.76
N GLU I 117 -26.40 21.70 31.75
CA GLU I 117 -25.77 21.42 33.02
C GLU I 117 -25.08 20.08 32.96
N ASP I 118 -25.71 19.03 32.67
CA ASP I 118 -24.97 17.72 32.87
C ASP I 118 -25.68 16.71 32.01
N ILE I 119 -24.99 15.68 31.61
CA ILE I 119 -25.58 14.58 30.93
C ILE I 119 -25.37 13.28 31.77
N ARG I 120 -26.38 12.34 31.73
CA ARG I 120 -26.27 11.10 32.37
C ARG I 120 -26.34 10.07 31.10
N PHE I 121 -25.15 9.78 30.63
CA PHE I 121 -25.05 8.98 29.43
C PHE I 121 -25.36 7.48 29.94
N PRO I 122 -26.37 6.86 29.36
CA PRO I 122 -26.63 5.55 29.83
C PRO I 122 -25.49 4.57 29.69
N VAL I 123 -25.37 3.67 30.64
CA VAL I 123 -24.32 2.73 30.65
C VAL I 123 -24.03 2.08 29.26
N ALA I 124 -25.04 1.71 28.63
CA ALA I 124 -24.96 1.17 27.36
C ALA I 124 -24.34 2.08 26.37
N LEU I 125 -24.81 3.29 26.40
CA LEU I 125 -24.13 4.30 25.55
C LEU I 125 -22.66 4.51 26.01
N VAL I 126 -22.29 4.43 27.24
CA VAL I 126 -20.88 4.61 27.66
C VAL I 126 -20.08 3.45 26.99
N LYS I 127 -20.63 2.26 27.03
CA LYS I 127 -19.75 1.17 26.46
C LYS I 127 -19.47 1.26 25.01
N THR I 128 -20.14 2.00 24.19
CA THR I 128 -19.79 2.28 22.88
C THR I 128 -18.55 3.25 22.57
N PHE I 129 -17.92 3.80 23.65
CA PHE I 129 -16.80 4.78 23.59
C PHE I 129 -15.67 4.01 24.37
N GLN I 130 -14.46 3.92 23.76
CA GLN I 130 -13.40 3.23 24.32
C GLN I 130 -12.94 3.90 25.58
N GLY I 131 -13.03 5.27 25.62
CA GLY I 131 -12.65 6.01 26.77
C GLY I 131 -11.26 6.53 26.71
N PRO I 132 -10.71 6.90 27.83
CA PRO I 132 -9.34 7.32 27.92
C PRO I 132 -8.37 6.26 27.32
N PRO I 133 -7.41 6.55 26.56
CA PRO I 133 -6.63 5.51 25.80
C PRO I 133 -6.00 4.53 26.87
N HIS I 134 -5.54 5.08 28.10
CA HIS I 134 -4.86 4.30 29.09
C HIS I 134 -5.59 4.34 30.45
N GLY I 135 -6.06 5.49 30.83
CA GLY I 135 -6.60 5.70 32.10
C GLY I 135 -5.53 6.06 33.16
N ILE I 136 -5.97 6.46 34.33
CA ILE I 136 -5.05 6.75 35.47
C ILE I 136 -4.18 5.58 35.75
N GLN I 137 -4.70 4.42 36.01
CA GLN I 137 -3.88 3.26 36.42
C GLN I 137 -2.80 2.75 35.51
N VAL I 138 -3.20 2.63 34.28
CA VAL I 138 -2.24 2.30 33.19
C VAL I 138 -1.24 3.48 33.10
N GLU I 139 -1.62 4.70 33.18
CA GLU I 139 -0.74 5.85 33.18
C GLU I 139 0.35 5.73 34.31
N ARG I 140 -0.16 5.43 35.44
CA ARG I 140 0.79 5.26 36.61
C ARG I 140 1.71 4.14 36.38
N ASP I 141 1.17 3.01 35.70
CA ASP I 141 2.05 1.91 35.50
C ASP I 141 3.12 2.05 34.52
N LEU I 142 2.72 2.66 33.44
CA LEU I 142 3.70 3.16 32.38
C LEU I 142 4.66 4.11 32.83
N LEU I 143 4.28 5.10 33.58
CA LEU I 143 5.28 6.01 34.24
C LEU I 143 6.02 5.48 35.42
N ASN I 144 5.60 4.44 36.10
CA ASN I 144 6.22 3.76 37.19
C ASN I 144 6.44 4.78 38.44
N LYS I 145 5.72 6.01 38.39
CA LYS I 145 5.78 6.95 39.46
C LYS I 145 4.50 6.55 40.35
N TYR I 146 4.63 6.67 41.64
CA TYR I 146 3.53 6.36 42.57
C TYR I 146 3.52 7.29 43.74
N GLY I 147 2.40 7.43 44.39
CA GLY I 147 2.24 8.06 45.67
C GLY I 147 2.29 9.55 45.84
N ARG I 148 2.29 10.30 44.79
CA ARG I 148 2.36 11.74 44.80
C ARG I 148 1.69 12.34 43.52
N PRO I 149 1.00 13.52 43.67
CA PRO I 149 0.64 14.23 42.48
C PRO I 149 1.75 14.69 41.57
N MET I 150 1.52 14.64 40.28
CA MET I 150 2.62 14.87 39.26
C MET I 150 2.88 16.34 39.13
N LEU I 151 4.06 16.61 38.43
CA LEU I 151 4.49 18.03 38.41
C LEU I 151 4.60 18.29 36.88
N GLY I 152 4.06 19.39 36.43
CA GLY I 152 4.06 19.82 35.07
C GLY I 152 4.52 21.31 35.10
N CYS I 153 5.16 21.74 34.04
CA CYS I 153 5.50 23.19 33.84
C CYS I 153 5.42 23.42 32.39
N THR I 154 5.19 24.74 32.10
CA THR I 154 5.11 25.22 30.75
C THR I 154 6.42 26.05 30.46
N ILE I 155 6.86 25.92 29.23
CA ILE I 155 7.96 26.72 28.78
C ILE I 155 7.35 28.14 28.56
N LYS I 156 8.18 29.12 28.99
CA LYS I 156 7.96 30.55 28.69
C LYS I 156 9.12 31.14 28.02
N PRO I 157 9.07 32.31 27.20
CA PRO I 157 7.82 32.92 26.86
C PRO I 157 7.09 31.99 25.87
N LYS I 158 5.86 32.23 25.66
CA LYS I 158 5.04 31.41 24.73
C LYS I 158 5.60 31.45 23.35
N LEU I 159 6.40 32.38 22.91
CA LEU I 159 6.82 32.37 21.53
C LEU I 159 8.29 33.01 21.60
N GLY I 160 9.06 32.76 20.63
CA GLY I 160 10.33 33.31 20.32
C GLY I 160 11.49 32.31 20.49
N LEU I 161 11.40 31.43 21.36
CA LEU I 161 12.57 30.48 21.67
C LEU I 161 12.87 29.63 20.55
N SER I 162 14.17 29.39 20.26
CA SER I 162 14.71 28.56 19.21
C SER I 162 14.41 27.14 19.52
N ALA I 163 14.26 26.25 18.61
CA ALA I 163 14.08 24.81 19.07
C ALA I 163 15.23 24.30 20.01
N LYS I 164 16.43 24.64 19.63
CA LYS I 164 17.63 24.36 20.45
C LYS I 164 17.55 25.09 21.87
N ASN I 165 17.18 26.36 21.86
CA ASN I 165 17.00 27.09 23.16
C ASN I 165 15.80 26.68 23.97
N TYR I 166 14.77 26.31 23.25
CA TYR I 166 13.45 25.87 23.79
C TYR I 166 13.77 24.62 24.48
N GLY I 167 14.56 23.69 23.77
CA GLY I 167 14.97 22.40 24.37
C GLY I 167 15.89 22.56 25.58
N ARG I 168 16.79 23.56 25.53
CA ARG I 168 17.50 23.98 26.65
C ARG I 168 16.58 24.18 27.83
N ALA I 169 15.57 25.08 27.67
CA ALA I 169 14.64 25.39 28.73
C ALA I 169 14.01 24.14 29.29
N VAL I 170 13.63 23.25 28.33
CA VAL I 170 12.90 22.01 28.72
C VAL I 170 13.76 21.13 29.52
N TYR I 171 14.98 20.97 29.09
CA TYR I 171 16.01 20.30 29.90
C TYR I 171 16.25 20.82 31.34
N GLU I 172 16.44 22.04 31.47
CA GLU I 172 16.60 22.67 32.82
C GLU I 172 15.33 22.44 33.72
N CYS I 173 14.17 22.58 33.14
CA CYS I 173 12.93 22.36 33.85
C CYS I 173 12.82 20.89 34.33
N LEU I 174 13.11 19.92 33.40
CA LEU I 174 13.03 18.53 33.79
C LEU I 174 14.03 18.16 34.79
N ARG I 175 15.32 18.50 34.52
CA ARG I 175 16.40 18.03 35.32
C ARG I 175 16.19 18.65 36.67
N GLY I 176 15.62 19.93 36.85
CA GLY I 176 15.54 20.41 38.24
C GLY I 176 14.57 19.56 39.07
N GLY I 177 13.72 18.77 38.56
CA GLY I 177 12.92 17.76 39.31
C GLY I 177 11.41 17.73 39.05
N LEU I 178 10.90 18.40 38.08
CA LEU I 178 9.65 18.22 37.41
C LEU I 178 9.50 17.00 36.56
N ASP I 179 8.41 16.22 36.80
CA ASP I 179 8.12 15.12 36.03
C ASP I 179 7.85 15.53 34.61
N PHE I 180 7.08 16.57 34.43
CA PHE I 180 6.46 16.92 33.19
C PHE I 180 6.71 18.30 32.85
N THR I 181 6.85 18.48 31.51
CA THR I 181 6.93 19.74 30.73
C THR I 181 5.79 19.71 29.67
N LYS I 182 5.44 20.86 29.17
CA LYS I 182 4.41 20.96 28.17
C LYS I 182 4.59 22.02 27.12
N ASP I 183 4.19 21.74 25.84
CA ASP I 183 4.06 22.77 24.86
C ASP I 183 2.94 23.75 25.34
N ASP I 184 3.13 25.01 24.86
CA ASP I 184 2.00 25.90 24.89
C ASP I 184 0.97 25.54 23.77
N GLU I 185 -0.29 25.61 24.09
CA GLU I 185 -1.37 25.26 23.12
C GLU I 185 -1.24 25.92 21.79
N ASN I 186 -0.66 27.18 21.78
CA ASN I 186 -0.52 27.97 20.53
C ASN I 186 0.41 27.29 19.56
N ILE I 187 1.47 26.67 20.04
CA ILE I 187 2.64 26.27 19.21
C ILE I 187 2.18 25.10 18.41
N ASN I 188 1.96 25.24 17.05
CA ASN I 188 2.03 24.02 16.29
C ASN I 188 3.17 23.95 15.24
N SER I 189 3.27 24.90 14.24
CA SER I 189 4.38 25.00 13.44
C SER I 189 4.83 26.36 13.19
N GLN I 190 4.90 27.25 14.08
CA GLN I 190 5.18 28.63 13.76
C GLN I 190 6.58 28.77 13.05
N PRO I 191 6.69 29.71 12.07
CA PRO I 191 7.94 29.88 11.28
C PRO I 191 9.16 29.89 12.15
N PHE I 192 9.06 30.53 13.35
CA PHE I 192 10.13 30.54 14.23
C PHE I 192 10.38 29.17 14.79
N GLN I 193 9.30 28.45 15.14
CA GLN I 193 9.58 26.99 15.50
C GLN I 193 8.74 26.01 14.64
N ARG I 194 9.53 25.19 13.83
CA ARG I 194 8.80 24.11 13.05
C ARG I 194 8.81 22.86 14.02
N TRP I 195 7.86 22.07 13.94
CA TRP I 195 7.57 21.12 14.93
C TRP I 195 8.55 20.03 14.90
N ARG I 196 9.09 19.58 13.78
CA ARG I 196 9.81 18.32 13.72
C ARG I 196 11.16 18.60 14.42
N ASP I 197 11.87 19.82 14.17
CA ASP I 197 13.11 20.12 14.78
C ASP I 197 12.85 20.31 16.33
N ARG I 198 11.65 20.86 16.69
CA ARG I 198 11.22 21.09 18.04
C ARG I 198 11.33 19.73 18.64
N PHE I 199 10.67 18.73 17.98
CA PHE I 199 10.51 17.35 18.51
C PHE I 199 11.80 16.65 18.83
N LEU I 200 12.71 16.80 17.82
CA LEU I 200 14.03 16.11 17.94
C LEU I 200 14.86 16.72 19.02
N PHE I 201 14.89 18.10 19.06
CA PHE I 201 15.48 18.72 20.29
C PHE I 201 14.99 18.31 21.63
N VAL I 202 13.70 18.36 21.80
CA VAL I 202 13.10 18.27 23.10
C VAL I 202 13.20 16.75 23.42
N ALA I 203 12.93 15.78 22.48
CA ALA I 203 13.09 14.41 22.76
C ALA I 203 14.45 14.13 23.28
N ASP I 204 15.46 14.70 22.77
CA ASP I 204 16.85 14.32 23.14
C ASP I 204 16.96 14.87 24.53
N ALA I 205 16.36 16.11 24.86
CA ALA I 205 16.50 16.72 26.19
C ALA I 205 15.87 15.71 27.27
N ILE I 206 14.66 15.17 26.96
CA ILE I 206 13.95 14.32 27.87
C ILE I 206 14.92 13.09 27.97
N HIS I 207 15.48 12.58 26.90
CA HIS I 207 16.31 11.34 27.02
C HIS I 207 17.50 11.55 28.10
N LYS I 208 18.09 12.78 28.03
CA LYS I 208 19.26 13.11 28.80
C LYS I 208 18.91 13.40 30.21
N SER I 209 17.74 14.06 30.43
CA SER I 209 17.15 14.14 31.71
C SER I 209 16.78 12.82 32.31
N GLN I 210 16.11 11.84 31.53
CA GLN I 210 16.06 10.48 31.92
C GLN I 210 17.27 9.83 32.38
N ALA I 211 18.35 9.87 31.55
CA ALA I 211 19.52 9.18 31.83
C ALA I 211 20.18 9.70 33.16
N GLU I 212 20.28 11.00 33.30
CA GLU I 212 20.82 11.60 34.49
C GLU I 212 20.13 11.45 35.87
N THR I 213 18.86 11.66 35.76
CA THR I 213 17.89 11.33 36.86
C THR I 213 17.76 9.88 37.17
N GLY I 214 17.70 9.05 36.20
CA GLY I 214 17.11 7.74 36.36
C GLY I 214 15.58 7.60 36.56
N GLU I 215 14.88 8.53 36.12
CA GLU I 215 13.41 8.79 36.27
C GLU I 215 12.77 9.01 34.94
N ILE I 216 11.76 8.25 34.57
CA ILE I 216 11.05 8.48 33.40
C ILE I 216 10.52 9.93 33.35
N LYS I 217 10.78 10.64 32.22
CA LYS I 217 10.44 12.07 32.09
C LYS I 217 9.44 12.17 30.98
N GLY I 218 8.73 13.28 30.94
CA GLY I 218 7.60 13.43 30.00
C GLY I 218 7.53 14.95 29.60
N HIS I 219 7.18 15.29 28.32
CA HIS I 219 6.94 16.66 27.92
C HIS I 219 5.65 16.44 27.06
N TYR I 220 4.73 17.33 27.15
CA TYR I 220 3.57 17.31 26.34
C TYR I 220 3.78 17.87 25.00
N LEU I 221 3.86 16.93 23.91
CA LEU I 221 4.12 17.47 22.61
C LEU I 221 2.78 17.68 22.04
N ASN I 222 2.38 18.90 21.62
CA ASN I 222 1.27 19.18 20.78
C ASN I 222 1.33 18.50 19.47
N VAL I 223 0.20 17.84 19.07
CA VAL I 223 -0.07 17.42 17.72
C VAL I 223 -1.35 18.03 17.05
N THR I 224 -2.08 18.88 17.65
CA THR I 224 -2.97 19.76 16.95
C THR I 224 -2.32 20.33 15.74
N ALA I 225 -3.02 20.05 14.52
CA ALA I 225 -2.45 20.30 13.28
C ALA I 225 -3.61 20.83 12.33
N PRO I 226 -3.37 21.52 11.29
CA PRO I 226 -4.40 21.99 10.44
C PRO I 226 -5.31 20.82 9.90
N THR I 227 -4.69 19.64 9.63
CA THR I 227 -5.41 18.51 9.01
C THR I 227 -5.18 17.20 9.81
N CYS I 228 -6.12 16.28 9.72
CA CYS I 228 -6.01 14.93 10.02
C CYS I 228 -4.62 14.27 9.58
N GLU I 229 -4.23 14.40 8.35
CA GLU I 229 -3.07 13.67 7.94
C GLU I 229 -1.84 14.17 8.63
N GLU I 230 -1.62 15.52 8.57
CA GLU I 230 -0.68 16.20 9.50
C GLU I 230 -0.64 15.85 10.91
N MET I 231 -1.73 15.74 11.53
CA MET I 231 -1.79 15.31 12.94
C MET I 231 -1.29 13.84 13.10
N MET I 232 -1.68 12.94 12.09
CA MET I 232 -1.17 11.60 12.03
C MET I 232 0.39 11.60 11.92
N LYS I 233 1.01 12.41 11.03
CA LYS I 233 2.44 12.46 10.91
C LYS I 233 3.13 12.91 12.30
N ARG I 234 2.60 14.04 12.91
CA ARG I 234 3.23 14.48 14.14
C ARG I 234 3.11 13.40 15.24
N ALA I 235 1.91 12.75 15.33
CA ALA I 235 1.84 11.72 16.27
C ALA I 235 2.72 10.57 16.05
N GLU I 236 2.88 10.17 14.76
CA GLU I 236 3.73 9.09 14.35
C GLU I 236 5.22 9.44 14.79
N PHE I 237 5.67 10.75 14.55
CA PHE I 237 6.99 11.10 14.64
C PHE I 237 7.28 11.19 16.18
N ALA I 238 6.31 11.64 17.02
CA ALA I 238 6.41 11.49 18.44
C ALA I 238 6.60 10.09 18.81
N LYS I 239 5.88 9.10 18.20
CA LYS I 239 6.05 7.72 18.56
C LYS I 239 7.47 7.27 18.36
N GLU I 240 7.97 7.51 17.11
CA GLU I 240 9.16 6.95 16.69
C GLU I 240 10.36 7.43 17.58
N LEU I 241 10.23 8.66 18.18
CA LEU I 241 11.23 9.12 19.11
C LEU I 241 11.07 8.55 20.49
N GLY I 242 10.23 7.49 20.74
CA GLY I 242 10.02 7.00 22.07
C GLY I 242 9.36 7.97 22.95
N MET I 243 8.60 8.92 22.50
CA MET I 243 8.08 9.99 23.38
C MET I 243 6.90 9.40 24.20
N PRO I 244 7.00 9.33 25.55
CA PRO I 244 5.97 8.76 26.35
C PRO I 244 4.59 9.51 26.44
N ILE I 245 4.45 10.62 25.84
CA ILE I 245 3.20 11.43 25.95
C ILE I 245 3.10 12.43 24.84
N ILE I 246 1.82 12.78 24.42
CA ILE I 246 1.59 13.88 23.54
C ILE I 246 0.43 14.82 24.10
N MET I 247 0.07 15.72 23.32
CA MET I 247 -0.94 16.78 23.60
C MET I 247 -1.77 17.08 22.44
N HIS I 248 -3.02 17.41 22.67
CA HIS I 248 -3.97 17.87 21.69
C HIS I 248 -4.86 19.00 22.27
N ASP I 249 -5.51 19.80 21.46
CA ASP I 249 -6.35 20.91 21.81
C ASP I 249 -7.67 20.52 21.21
N PHE I 250 -8.43 19.73 21.91
CA PHE I 250 -9.63 19.07 21.34
C PHE I 250 -10.65 20.07 20.91
N LEU I 251 -10.84 21.19 21.72
CA LEU I 251 -12.11 21.84 21.60
C LEU I 251 -11.97 22.71 20.23
N THR I 252 -10.86 23.34 19.99
CA THR I 252 -10.49 23.95 18.75
C THR I 252 -10.46 23.01 17.70
N ALA I 253 -9.66 21.98 17.74
CA ALA I 253 -9.47 21.11 16.61
C ALA I 253 -10.71 20.38 16.27
N GLY I 254 -11.34 19.81 17.27
CA GLY I 254 -12.44 18.86 17.05
C GLY I 254 -12.59 17.70 18.04
N PHE I 255 -13.75 17.30 18.27
CA PHE I 255 -14.01 16.04 18.89
C PHE I 255 -13.70 14.87 17.92
N THR I 256 -14.10 14.92 16.63
CA THR I 256 -13.81 13.73 15.78
C THR I 256 -12.32 13.50 15.65
N ALA I 257 -11.58 14.55 15.40
CA ALA I 257 -10.06 14.43 15.44
C ALA I 257 -9.51 13.98 16.73
N ASN I 258 -10.13 14.54 17.81
CA ASN I 258 -9.70 13.96 19.10
C ASN I 258 -9.94 12.43 19.30
N THR I 259 -11.09 11.98 18.97
CA THR I 259 -11.40 10.51 18.95
C THR I 259 -10.43 9.77 18.10
N THR I 260 -10.07 10.35 16.99
CA THR I 260 -9.12 9.72 16.04
C THR I 260 -7.83 9.57 16.77
N LEU I 261 -7.37 10.63 17.37
CA LEU I 261 -6.12 10.61 18.15
C LEU I 261 -6.18 9.59 19.23
N ALA I 262 -7.33 9.43 19.95
CA ALA I 262 -7.58 8.51 20.93
C ALA I 262 -7.30 7.05 20.49
N LYS I 263 -7.93 6.84 19.24
CA LYS I 263 -7.72 5.50 18.61
C LYS I 263 -6.26 5.28 18.32
N TRP I 264 -5.59 6.29 17.64
CA TRP I 264 -4.22 6.08 17.26
C TRP I 264 -3.33 5.79 18.44
N CYS I 265 -3.48 6.57 19.48
CA CYS I 265 -2.60 6.49 20.61
C CYS I 265 -2.85 5.25 21.40
N ARG I 266 -4.15 4.93 21.66
CA ARG I 266 -4.46 3.67 22.23
C ARG I 266 -3.80 2.38 21.56
N ASP I 267 -3.92 2.40 20.25
CA ASP I 267 -3.36 1.29 19.55
C ASP I 267 -1.77 1.30 19.66
N ASN I 268 -1.22 2.54 19.51
CA ASN I 268 0.20 2.71 19.66
C ASN I 268 0.71 2.87 21.01
N GLY I 269 -0.12 2.73 22.08
CA GLY I 269 0.27 2.84 23.43
C GLY I 269 0.84 4.10 23.98
N VAL I 270 0.35 5.19 23.52
CA VAL I 270 0.93 6.47 23.61
C VAL I 270 0.07 7.22 24.57
N LEU I 271 0.64 7.86 25.66
CA LEU I 271 -0.16 8.61 26.60
C LEU I 271 -0.55 9.93 26.02
N LEU I 272 -1.77 10.32 26.23
CA LEU I 272 -2.42 11.54 25.71
C LEU I 272 -2.69 12.54 26.75
N HIS I 273 -2.30 13.77 26.49
CA HIS I 273 -2.75 14.89 27.27
C HIS I 273 -3.68 15.75 26.46
N ILE I 274 -4.65 16.33 27.11
CA ILE I 274 -5.61 17.17 26.46
C ILE I 274 -5.59 18.61 27.05
N HIS I 275 -5.46 19.63 26.15
CA HIS I 275 -5.44 21.00 26.58
C HIS I 275 -6.95 21.46 26.50
N ARG I 276 -7.30 22.61 26.98
CA ARG I 276 -8.64 22.99 27.12
C ARG I 276 -8.86 24.41 26.63
N ALA I 277 -8.31 24.69 25.41
CA ALA I 277 -8.36 26.00 24.80
C ALA I 277 -9.84 26.37 24.41
N MET I 278 -10.23 27.67 24.41
CA MET I 278 -11.53 28.12 24.10
C MET I 278 -12.65 27.92 25.04
N HIS I 279 -12.39 27.23 26.19
CA HIS I 279 -13.43 26.58 26.93
C HIS I 279 -14.35 27.73 27.49
N ALA I 280 -13.71 28.94 27.86
CA ALA I 280 -14.35 30.03 28.41
C ALA I 280 -15.33 30.61 27.46
N VAL I 281 -15.16 30.51 26.16
CA VAL I 281 -16.16 30.87 25.20
C VAL I 281 -17.50 30.14 25.48
N ILE I 282 -17.60 29.02 26.14
CA ILE I 282 -18.79 28.29 26.32
C ILE I 282 -19.28 28.34 27.84
N ASP I 283 -18.30 28.46 28.80
CA ASP I 283 -18.61 27.88 30.18
C ASP I 283 -18.54 28.99 31.18
N ARG I 284 -17.82 30.02 30.86
CA ARG I 284 -17.62 31.15 31.77
C ARG I 284 -18.79 31.75 32.45
N GLN I 285 -19.82 31.87 31.68
CA GLN I 285 -21.13 32.42 32.11
C GLN I 285 -21.98 31.32 32.85
N ARG I 286 -22.19 31.57 34.11
CA ARG I 286 -23.09 30.72 34.79
C ARG I 286 -24.51 30.71 34.31
N ASN I 287 -24.95 31.75 33.53
CA ASN I 287 -26.30 31.87 33.13
C ASN I 287 -26.50 31.36 31.65
N HIS I 288 -25.46 30.89 30.92
CA HIS I 288 -25.78 30.48 29.53
C HIS I 288 -24.65 29.59 29.13
N GLY I 289 -24.77 28.84 28.05
CA GLY I 289 -23.70 28.12 27.42
C GLY I 289 -23.68 26.62 27.81
N ILE I 290 -22.54 26.08 28.22
CA ILE I 290 -22.56 24.73 28.70
C ILE I 290 -21.60 24.79 29.85
N HIS I 291 -21.92 24.04 30.95
CA HIS I 291 -21.10 23.99 32.08
C HIS I 291 -20.01 22.93 31.66
N PHE I 292 -18.83 23.16 32.14
CA PHE I 292 -17.64 22.42 31.65
C PHE I 292 -17.68 20.89 31.89
N ARG I 293 -18.22 20.41 32.96
CA ARG I 293 -18.48 18.99 33.33
C ARG I 293 -19.06 18.27 32.16
N VAL I 294 -19.90 18.82 31.33
CA VAL I 294 -20.34 18.16 30.13
C VAL I 294 -19.23 17.93 29.23
N LEU I 295 -18.50 18.92 28.94
CA LEU I 295 -17.29 18.80 28.09
C LEU I 295 -16.36 17.82 28.66
N ALA I 296 -16.12 17.76 29.94
CA ALA I 296 -15.27 16.76 30.53
C ALA I 296 -15.79 15.39 30.24
N LYS I 297 -17.12 15.17 30.47
CA LYS I 297 -17.60 13.76 30.37
C LYS I 297 -17.47 13.38 28.83
N CYS I 298 -17.84 14.29 27.96
CA CYS I 298 -17.70 14.08 26.48
C CYS I 298 -16.32 13.85 26.10
N LEU I 299 -15.34 14.54 26.74
CA LEU I 299 -13.95 14.27 26.44
C LEU I 299 -13.58 12.88 26.84
N ARG I 300 -13.85 12.51 28.15
CA ARG I 300 -13.50 11.15 28.49
C ARG I 300 -14.23 10.10 27.71
N LEU I 301 -15.44 10.25 27.25
CA LEU I 301 -16.00 9.38 26.26
C LEU I 301 -15.15 9.40 24.96
N SER I 302 -14.79 10.52 24.54
CA SER I 302 -13.92 10.55 23.34
C SER I 302 -12.54 9.85 23.61
N GLY I 303 -12.01 10.04 24.78
CA GLY I 303 -10.78 9.49 25.24
C GLY I 303 -9.69 10.55 25.46
N GLY I 304 -9.28 10.74 26.75
CA GLY I 304 -8.04 11.46 27.07
C GLY I 304 -7.60 11.27 28.48
N ASP I 305 -6.31 10.91 28.67
CA ASP I 305 -5.77 10.68 29.97
C ASP I 305 -5.44 11.76 30.88
N HIS I 306 -5.42 13.03 30.35
CA HIS I 306 -5.30 14.24 31.20
C HIS I 306 -6.30 15.28 30.81
N LEU I 307 -6.58 16.23 31.73
CA LEU I 307 -7.40 17.37 31.42
C LEU I 307 -7.12 18.54 32.40
N HIS I 308 -7.02 19.73 31.87
CA HIS I 308 -6.88 20.98 32.72
C HIS I 308 -8.26 20.92 33.53
N SER I 309 -8.17 20.92 34.82
CA SER I 309 -9.18 21.22 35.78
C SER I 309 -9.20 22.60 36.35
N GLY I 310 -8.34 23.51 35.96
CA GLY I 310 -8.53 24.89 36.24
C GLY I 310 -7.62 25.17 37.45
N THR I 311 -7.54 26.36 37.81
CA THR I 311 -6.71 26.77 38.97
C THR I 311 -7.54 26.74 40.29
N VAL I 312 -8.92 26.77 40.24
CA VAL I 312 -9.74 26.63 41.46
C VAL I 312 -9.58 27.87 42.27
N ASP I 319 -15.84 27.63 41.54
CA ASP I 319 -16.40 26.93 42.61
C ASP I 319 -15.77 25.57 43.02
N LYS I 320 -15.31 25.55 44.33
CA LYS I 320 -14.45 24.39 44.70
C LYS I 320 -15.33 23.19 44.77
N ALA I 321 -16.58 23.27 45.27
CA ALA I 321 -17.43 22.16 45.32
C ALA I 321 -17.68 21.57 43.87
N SER I 322 -17.99 22.48 42.86
CA SER I 322 -18.31 21.99 41.57
C SER I 322 -16.96 21.38 41.03
N THR I 323 -15.79 21.90 41.37
CA THR I 323 -14.46 21.32 41.03
C THR I 323 -14.53 19.91 41.52
N LEU I 324 -14.76 19.73 42.78
CA LEU I 324 -14.67 18.40 43.29
C LEU I 324 -15.63 17.51 42.62
N GLY I 325 -16.87 18.02 42.39
CA GLY I 325 -17.85 17.25 41.68
C GLY I 325 -17.39 16.71 40.38
N PHE I 326 -17.09 17.67 39.37
CA PHE I 326 -16.72 17.10 38.16
C PHE I 326 -15.34 16.44 38.01
N VAL I 327 -14.44 16.82 38.87
CA VAL I 327 -13.12 16.14 39.01
C VAL I 327 -13.28 14.59 39.39
N ASP I 328 -13.94 14.32 40.47
CA ASP I 328 -14.60 13.00 40.69
C ASP I 328 -15.34 12.37 39.61
N LEU I 329 -16.04 13.14 38.90
CA LEU I 329 -16.74 12.66 37.77
C LEU I 329 -15.85 12.07 36.82
N MET I 330 -14.72 12.80 36.51
CA MET I 330 -13.74 12.38 35.55
C MET I 330 -12.58 11.60 36.23
N ARG I 331 -12.71 11.24 37.62
CA ARG I 331 -11.85 10.13 38.07
C ARG I 331 -12.65 8.91 38.38
N GLU I 332 -13.68 9.00 39.18
CA GLU I 332 -14.19 7.86 39.90
C GLU I 332 -15.02 7.18 38.88
N ASP I 333 -15.06 5.83 38.88
CA ASP I 333 -15.88 5.10 37.96
C ASP I 333 -17.40 5.21 38.35
N HIS I 334 -17.73 5.31 39.60
CA HIS I 334 -19.16 5.57 39.98
C HIS I 334 -19.28 6.83 40.87
N ILE I 335 -20.23 7.62 40.52
CA ILE I 335 -20.59 8.90 41.28
C ILE I 335 -22.03 8.96 41.64
N GLU I 336 -22.39 9.46 42.80
CA GLU I 336 -23.76 9.53 43.19
C GLU I 336 -24.15 10.91 42.95
N ALA I 337 -25.45 11.06 42.87
CA ALA I 337 -26.05 12.32 42.51
C ALA I 337 -25.96 13.20 43.67
N ASP I 338 -25.57 14.49 43.51
CA ASP I 338 -25.52 15.43 44.61
C ASP I 338 -25.45 16.78 44.15
N ARG I 339 -26.24 17.63 44.62
CA ARG I 339 -26.32 19.02 44.06
C ARG I 339 -25.43 19.98 44.70
N SER I 340 -24.92 19.76 45.89
CA SER I 340 -23.83 20.59 46.46
C SER I 340 -22.58 20.67 45.73
N ARG I 341 -22.07 19.54 45.30
CA ARG I 341 -21.10 19.56 44.24
C ARG I 341 -21.58 19.67 42.83
N GLY I 342 -22.80 19.88 42.58
CA GLY I 342 -23.38 20.03 41.23
C GLY I 342 -23.84 18.76 40.60
N VAL I 343 -23.58 17.63 41.02
CA VAL I 343 -23.83 16.41 40.21
C VAL I 343 -25.38 16.30 40.21
N PHE I 344 -26.01 16.46 39.01
CA PHE I 344 -27.40 16.11 38.65
C PHE I 344 -27.86 14.63 38.58
N PHE I 345 -27.08 13.64 38.19
CA PHE I 345 -27.71 12.42 37.95
C PHE I 345 -26.54 11.41 38.49
N THR I 346 -26.93 10.32 39.04
CA THR I 346 -26.03 9.21 39.24
C THR I 346 -25.60 8.64 37.95
N GLN I 347 -24.25 8.40 37.80
CA GLN I 347 -23.69 7.94 36.56
C GLN I 347 -22.80 6.65 36.84
N ASP I 348 -22.78 5.69 35.94
CA ASP I 348 -21.95 4.55 36.24
C ASP I 348 -20.96 4.55 34.98
N TRP I 349 -19.69 4.61 35.25
CA TRP I 349 -18.83 4.52 34.06
C TRP I 349 -18.35 3.06 33.81
N ALA I 350 -19.04 1.99 34.35
CA ALA I 350 -18.93 0.60 33.99
C ALA I 350 -17.52 0.13 34.09
N SER I 351 -16.85 0.41 35.25
CA SER I 351 -15.45 0.15 35.40
C SER I 351 -14.47 0.97 34.49
N MET I 352 -14.97 1.95 33.68
CA MET I 352 -14.16 2.59 32.70
C MET I 352 -13.09 3.48 33.42
N PRO I 353 -11.84 3.46 33.08
CA PRO I 353 -10.95 4.35 33.80
C PRO I 353 -11.28 5.82 33.78
N GLY I 354 -11.06 6.48 34.89
CA GLY I 354 -11.13 7.92 34.94
C GLY I 354 -9.93 8.59 34.36
N VAL I 355 -10.02 9.85 34.18
CA VAL I 355 -9.00 10.73 33.66
C VAL I 355 -8.28 11.51 34.83
N LEU I 356 -6.90 11.69 34.64
CA LEU I 356 -6.24 12.54 35.50
C LEU I 356 -6.57 13.99 35.45
N PRO I 357 -6.91 14.68 36.57
CA PRO I 357 -7.11 16.09 36.57
C PRO I 357 -5.76 16.87 36.63
N VAL I 358 -5.69 18.04 35.90
CA VAL I 358 -4.47 18.78 35.78
C VAL I 358 -4.73 20.13 36.33
N ALA I 359 -3.88 20.64 37.27
CA ALA I 359 -4.11 21.96 37.91
C ALA I 359 -3.08 22.94 37.28
N SER I 360 -3.49 24.18 36.86
CA SER I 360 -2.55 25.07 36.21
C SER I 360 -2.93 26.46 36.63
N GLY I 361 -2.26 27.45 36.06
CA GLY I 361 -2.59 28.89 36.34
C GLY I 361 -1.96 29.41 37.59
N GLY I 362 -0.66 29.33 37.67
CA GLY I 362 -0.07 29.89 38.93
C GLY I 362 -0.53 29.00 40.11
N ILE I 363 -0.07 27.78 40.12
CA ILE I 363 -0.28 26.95 41.27
C ILE I 363 0.54 27.38 42.52
N HIS I 364 1.47 28.46 42.42
CA HIS I 364 1.82 29.22 43.64
C HIS I 364 2.38 28.33 44.66
N VAL I 365 3.50 27.63 44.52
CA VAL I 365 3.88 26.44 45.19
C VAL I 365 3.58 26.60 46.77
N TRP I 366 3.69 27.78 47.42
CA TRP I 366 3.08 27.87 48.70
C TRP I 366 1.58 27.39 48.90
N HIS I 367 0.72 27.51 47.99
CA HIS I 367 -0.60 26.77 47.86
C HIS I 367 -0.45 25.26 47.51
N MET I 368 0.63 24.73 47.04
CA MET I 368 0.70 23.26 46.69
C MET I 368 0.12 22.37 47.87
N PRO I 369 0.36 22.57 49.20
CA PRO I 369 -0.31 21.68 50.14
C PRO I 369 -1.89 21.73 49.99
N ALA I 370 -2.45 22.94 49.67
CA ALA I 370 -3.85 23.08 49.43
C ALA I 370 -4.28 22.23 48.29
N LEU I 371 -3.46 22.23 47.15
CA LEU I 371 -3.88 21.46 46.09
C LEU I 371 -3.77 20.00 46.42
N VAL I 372 -2.66 19.56 47.06
CA VAL I 372 -2.46 18.17 47.39
C VAL I 372 -3.67 17.60 48.28
N GLU I 373 -4.10 18.38 49.24
CA GLU I 373 -5.23 18.02 50.05
C GLU I 373 -6.53 17.95 49.19
N ILE I 374 -6.78 19.02 48.31
CA ILE I 374 -7.90 19.03 47.44
C ILE I 374 -8.08 17.79 46.63
N PHE I 375 -7.07 17.35 46.04
CA PHE I 375 -7.17 16.54 44.81
C PHE I 375 -6.58 15.20 44.99
N GLY I 376 -5.53 14.95 45.86
CA GLY I 376 -5.04 13.66 46.08
C GLY I 376 -3.93 13.33 45.07
N ASP I 377 -3.24 12.24 45.28
CA ASP I 377 -2.17 11.84 44.41
C ASP I 377 -2.64 11.63 43.03
N ASP I 378 -3.95 11.25 42.88
CA ASP I 378 -4.47 11.16 41.49
C ASP I 378 -4.77 12.49 40.93
N SER I 379 -3.71 13.31 40.71
CA SER I 379 -3.94 14.67 40.16
C SER I 379 -2.50 15.12 39.72
N VAL I 380 -2.44 16.05 38.82
CA VAL I 380 -1.26 16.62 38.22
C VAL I 380 -1.21 18.08 38.44
N LEU I 381 0.05 18.61 38.83
CA LEU I 381 0.14 19.98 39.19
C LEU I 381 1.00 20.70 38.29
N GLN I 382 0.61 21.83 37.75
CA GLN I 382 1.25 22.37 36.59
C GLN I 382 1.65 23.73 37.09
N PHE I 383 2.93 24.23 36.91
CA PHE I 383 3.46 25.54 37.12
C PHE I 383 3.41 26.42 35.96
N GLY I 384 2.93 27.69 36.16
CA GLY I 384 2.69 28.62 35.04
C GLY I 384 3.22 29.98 35.53
N GLY I 393 11.02 29.34 35.39
CA GLY I 393 11.29 27.91 35.10
C GLY I 393 12.81 27.58 35.01
N ASN I 394 13.44 27.43 36.14
CA ASN I 394 14.85 27.16 36.19
C ASN I 394 15.01 25.85 37.06
N ALA I 395 16.12 25.21 36.94
CA ALA I 395 16.34 23.99 37.61
C ALA I 395 16.19 24.14 39.09
N PRO I 396 16.75 25.12 39.76
CA PRO I 396 16.45 25.20 41.23
C PRO I 396 15.06 25.35 41.62
N GLY I 397 14.32 26.11 40.90
CA GLY I 397 12.88 26.29 41.16
C GLY I 397 12.08 24.98 41.08
N ALA I 398 12.34 24.18 40.01
CA ALA I 398 11.73 22.90 39.75
C ALA I 398 12.30 22.02 41.00
N THR I 399 13.53 22.05 41.34
CA THR I 399 13.92 21.21 42.50
C THR I 399 13.10 21.61 43.64
N ALA I 400 12.97 22.88 43.94
CA ALA I 400 12.28 23.27 45.09
C ALA I 400 10.88 22.79 45.06
N ASN I 401 10.25 22.95 43.97
CA ASN I 401 8.82 22.54 43.90
C ASN I 401 8.67 21.09 44.17
N ARG I 402 9.51 20.29 43.57
CA ARG I 402 9.53 18.79 43.81
C ARG I 402 9.77 18.40 45.23
N VAL I 403 10.77 18.97 45.83
CA VAL I 403 11.05 18.78 47.28
C VAL I 403 9.73 19.05 47.93
N ALA I 404 9.13 20.17 47.78
CA ALA I 404 8.02 20.57 48.59
C ALA I 404 7.04 19.50 48.37
N LEU I 405 6.70 19.13 47.11
CA LEU I 405 5.74 18.09 46.86
C LEU I 405 6.01 16.84 47.76
N GLU I 406 7.19 16.30 47.66
CA GLU I 406 7.56 15.18 48.43
C GLU I 406 7.43 15.41 49.96
N ALA I 407 7.84 16.48 50.40
CA ALA I 407 7.80 16.82 51.86
C ALA I 407 6.29 16.81 52.40
N CYS I 408 5.36 17.46 51.65
CA CYS I 408 4.00 17.38 51.93
C CYS I 408 3.35 16.06 51.76
N VAL I 409 3.71 15.36 50.74
CA VAL I 409 3.28 13.91 50.56
C VAL I 409 3.72 13.12 51.86
N GLN I 410 4.95 13.21 52.20
CA GLN I 410 5.39 12.45 53.47
C GLN I 410 4.57 12.86 54.67
N ALA I 411 4.40 14.19 54.84
CA ALA I 411 3.63 14.65 55.97
C ALA I 411 2.23 14.15 56.02
N ARG I 412 1.50 14.20 54.94
CA ARG I 412 0.13 13.57 54.93
C ARG I 412 0.39 12.03 55.12
N ASN I 413 1.42 11.41 54.65
CA ASN I 413 1.63 10.02 54.60
C ASN I 413 1.93 9.48 55.98
N GLU I 414 2.67 10.31 56.83
CA GLU I 414 2.63 9.95 58.27
C GLU I 414 1.30 10.27 59.01
N GLY I 415 0.37 10.94 58.41
CA GLY I 415 -0.90 11.33 59.04
C GLY I 415 -1.09 12.83 59.32
N ARG I 416 -0.26 13.71 58.87
CA ARG I 416 -0.35 15.06 59.23
C ARG I 416 -1.39 15.76 58.42
N ASP I 417 -2.16 16.62 59.05
CA ASP I 417 -3.04 17.52 58.35
C ASP I 417 -2.17 18.58 57.62
N LEU I 418 -2.26 18.37 56.27
CA LEU I 418 -1.62 19.29 55.27
C LEU I 418 -2.04 20.67 55.31
N TYR I 419 -3.31 20.90 55.43
CA TYR I 419 -3.91 22.14 55.63
C TYR I 419 -3.34 23.10 56.61
N ARG I 420 -3.30 22.62 57.83
CA ARG I 420 -2.83 23.38 58.94
C ARG I 420 -1.39 23.46 59.07
N GLU I 421 -0.59 22.43 58.71
CA GLU I 421 0.88 22.32 58.76
C GLU I 421 1.67 22.56 57.44
N GLY I 422 1.06 23.01 56.39
CA GLY I 422 1.74 23.16 55.15
C GLY I 422 2.98 24.06 55.24
N GLY I 423 2.84 25.19 55.90
CA GLY I 423 3.92 26.06 56.13
C GLY I 423 5.05 25.41 56.95
N ASP I 424 4.68 24.67 57.98
CA ASP I 424 5.67 24.00 58.87
C ASP I 424 6.54 22.95 58.07
N ILE I 425 5.91 22.16 57.28
CA ILE I 425 6.49 21.14 56.38
C ILE I 425 7.36 22.05 55.49
N LEU I 426 6.94 23.10 54.89
CA LEU I 426 7.80 23.85 53.95
C LEU I 426 9.05 24.28 54.60
N ARG I 427 8.93 24.81 55.86
CA ARG I 427 10.10 25.26 56.51
C ARG I 427 11.02 24.11 56.80
N GLU I 428 10.47 23.00 57.21
CA GLU I 428 11.26 21.77 57.48
C GLU I 428 11.98 21.34 56.23
N ALA I 429 11.30 21.35 55.12
CA ALA I 429 11.87 20.91 53.87
C ALA I 429 12.99 21.77 53.38
N GLY I 430 12.81 23.08 53.47
CA GLY I 430 13.75 24.07 53.15
C GLY I 430 14.97 24.08 54.12
N LYS I 431 14.75 23.64 55.41
CA LYS I 431 15.99 23.44 56.21
C LYS I 431 17.07 22.58 55.70
N TRP I 432 16.71 21.36 55.24
CA TRP I 432 17.54 20.49 54.49
C TRP I 432 17.58 20.60 52.99
N SER I 433 16.84 21.58 52.40
CA SER I 433 16.82 21.77 50.96
C SER I 433 17.31 23.23 50.62
N PRO I 434 18.51 23.44 50.16
CA PRO I 434 18.87 24.81 49.85
C PRO I 434 18.03 25.38 48.82
N GLU I 435 17.79 24.60 47.72
CA GLU I 435 17.09 25.23 46.63
C GLU I 435 15.72 25.59 47.09
N LEU I 436 14.97 24.64 47.82
CA LEU I 436 13.72 25.00 48.41
C LEU I 436 13.75 26.04 49.48
N ALA I 437 14.84 26.15 50.17
CA ALA I 437 14.95 27.29 51.11
C ALA I 437 14.91 28.64 50.35
N ALA I 438 15.67 28.73 49.22
CA ALA I 438 15.65 29.91 48.38
C ALA I 438 14.25 30.14 47.75
N ALA I 439 13.63 29.08 47.28
CA ALA I 439 12.28 29.25 46.64
C ALA I 439 11.32 29.75 47.75
N LEU I 440 11.34 29.23 48.90
CA LEU I 440 10.54 29.76 50.02
C LEU I 440 10.79 31.16 50.35
N ASP I 441 12.01 31.61 50.16
CA ASP I 441 12.39 32.97 50.35
C ASP I 441 11.61 33.79 49.37
N LEU I 442 11.25 33.20 48.27
CA LEU I 442 10.48 33.88 47.25
C LEU I 442 9.03 33.86 47.58
N TYR J 1 16.76 -18.84 -50.55
CA TYR J 1 17.28 -18.67 -49.18
C TYR J 1 18.69 -18.21 -49.39
N LYS J 2 19.50 -18.97 -50.05
CA LYS J 2 20.88 -18.49 -50.42
C LYS J 2 20.83 -17.08 -50.94
N LEU J 3 20.05 -16.85 -51.96
CA LEU J 3 20.07 -15.61 -52.68
C LEU J 3 19.69 -14.38 -51.79
N THR J 4 19.00 -14.60 -50.58
CA THR J 4 18.58 -13.61 -49.66
C THR J 4 19.08 -13.67 -48.20
N TYR J 5 19.46 -14.81 -47.77
CA TYR J 5 19.94 -15.16 -46.39
C TYR J 5 21.36 -15.51 -46.25
N TYR J 6 22.16 -15.80 -47.34
CA TYR J 6 23.55 -16.00 -47.43
C TYR J 6 24.33 -14.89 -48.07
N THR J 7 25.09 -14.07 -47.21
CA THR J 7 25.71 -12.85 -47.67
C THR J 7 27.15 -12.84 -47.36
N PRO J 8 27.97 -13.73 -48.00
CA PRO J 8 29.37 -13.87 -47.73
C PRO J 8 30.20 -12.67 -47.54
N ASP J 9 29.90 -11.61 -48.34
CA ASP J 9 30.50 -10.35 -48.31
C ASP J 9 30.11 -9.46 -47.16
N TYR J 10 28.98 -9.71 -46.59
CA TYR J 10 28.41 -8.91 -45.48
C TYR J 10 29.30 -8.67 -44.32
N THR J 11 29.46 -7.37 -43.91
CA THR J 11 30.48 -7.11 -42.94
C THR J 11 29.69 -6.87 -41.63
N PRO J 12 29.88 -7.54 -40.58
CA PRO J 12 28.88 -7.40 -39.47
C PRO J 12 29.13 -6.18 -38.63
N LYS J 13 28.07 -5.30 -38.48
CA LYS J 13 28.13 -3.91 -37.91
C LYS J 13 28.53 -4.03 -36.48
N ASP J 14 29.06 -2.94 -35.75
CA ASP J 14 29.34 -2.87 -34.34
C ASP J 14 28.10 -3.08 -33.53
N THR J 15 27.04 -2.49 -33.96
CA THR J 15 25.76 -2.68 -33.32
C THR J 15 24.99 -4.05 -33.55
N ASP J 16 25.42 -4.81 -34.51
CA ASP J 16 24.79 -6.16 -34.83
C ASP J 16 24.90 -7.09 -33.68
N LEU J 17 24.08 -8.22 -33.82
CA LEU J 17 24.22 -9.18 -32.77
C LEU J 17 24.80 -10.38 -33.58
N LEU J 18 26.00 -10.80 -33.23
CA LEU J 18 26.66 -11.71 -34.21
C LEU J 18 26.53 -13.11 -33.55
N ALA J 19 26.40 -14.12 -34.28
CA ALA J 19 26.16 -15.42 -33.74
C ALA J 19 27.03 -16.39 -34.66
N ALA J 20 27.81 -17.30 -34.01
CA ALA J 20 28.70 -18.20 -34.56
C ALA J 20 28.25 -19.68 -34.44
N PHE J 21 27.79 -20.31 -35.56
CA PHE J 21 27.30 -21.69 -35.73
C PHE J 21 28.26 -22.70 -36.07
N ARG J 22 27.93 -24.00 -35.71
CA ARG J 22 28.71 -25.12 -36.10
C ARG J 22 27.62 -26.09 -36.44
N PHE J 23 27.37 -26.44 -37.68
CA PHE J 23 26.16 -27.14 -38.06
C PHE J 23 26.72 -28.20 -38.97
N SER J 24 25.97 -29.33 -39.11
CA SER J 24 26.27 -30.44 -39.96
C SER J 24 25.01 -30.80 -40.90
N PRO J 25 25.03 -30.35 -42.11
CA PRO J 25 23.81 -30.53 -42.88
C PRO J 25 23.49 -31.95 -43.24
N GLN J 26 22.26 -32.21 -43.53
CA GLN J 26 21.80 -33.65 -43.81
C GLN J 26 22.48 -33.84 -45.20
N PRO J 27 22.98 -35.08 -45.57
CA PRO J 27 23.22 -35.29 -46.96
C PRO J 27 22.22 -34.84 -48.04
N GLY J 28 22.73 -34.27 -49.10
CA GLY J 28 21.90 -33.58 -50.06
C GLY J 28 21.68 -32.13 -49.78
N VAL J 29 22.08 -31.62 -48.57
CA VAL J 29 21.84 -30.25 -48.20
C VAL J 29 23.25 -29.59 -48.27
N PRO J 30 23.52 -28.69 -49.15
CA PRO J 30 24.81 -28.04 -49.07
C PRO J 30 25.00 -27.09 -47.93
N ALA J 31 26.22 -26.84 -47.57
CA ALA J 31 26.56 -26.03 -46.35
C ALA J 31 25.99 -24.65 -46.46
N ASP J 32 26.20 -24.00 -47.64
CA ASP J 32 25.66 -22.71 -47.90
C ASP J 32 24.11 -22.53 -47.74
N GLU J 33 23.38 -23.45 -48.22
CA GLU J 33 21.96 -23.40 -48.29
C GLU J 33 21.47 -23.79 -46.85
N ALA J 34 22.08 -24.69 -46.14
CA ALA J 34 21.91 -25.05 -44.74
C ALA J 34 22.15 -23.63 -44.00
N GLY J 35 23.24 -22.98 -44.19
CA GLY J 35 23.43 -21.74 -43.42
C GLY J 35 22.36 -20.69 -43.70
N ALA J 36 21.94 -20.60 -44.92
CA ALA J 36 20.91 -19.70 -45.30
C ALA J 36 19.66 -20.00 -44.59
N ALA J 37 19.30 -21.26 -44.54
CA ALA J 37 18.12 -21.68 -43.87
C ALA J 37 18.18 -21.36 -42.42
N ILE J 38 19.23 -21.75 -41.80
CA ILE J 38 19.52 -21.53 -40.35
C ILE J 38 19.35 -20.09 -39.97
N ALA J 39 19.82 -19.20 -40.81
CA ALA J 39 19.48 -17.85 -40.74
C ALA J 39 18.02 -17.50 -40.77
N ALA J 40 17.31 -18.08 -41.80
CA ALA J 40 15.94 -17.77 -42.06
C ALA J 40 15.08 -18.25 -40.96
N GLU J 41 15.28 -19.53 -40.49
CA GLU J 41 14.26 -20.01 -39.51
C GLU J 41 14.43 -19.36 -38.08
N SER J 42 15.53 -18.61 -37.81
CA SER J 42 15.78 -18.03 -36.54
C SER J 42 15.18 -16.56 -36.45
N SER J 43 14.89 -15.86 -37.61
CA SER J 43 14.48 -14.52 -37.60
C SER J 43 13.06 -14.37 -38.22
N THR J 44 12.85 -14.98 -39.42
CA THR J 44 11.61 -14.75 -40.21
C THR J 44 10.74 -16.03 -40.27
N GLY J 45 11.36 -17.14 -40.39
CA GLY J 45 10.65 -18.42 -40.58
C GLY J 45 10.37 -18.85 -42.06
N THR J 46 10.44 -17.84 -43.04
CA THR J 46 10.37 -18.25 -44.41
C THR J 46 11.10 -17.15 -45.23
N THR J 49 3.66 -15.43 -50.06
CA THR J 49 3.47 -13.97 -50.25
C THR J 49 2.23 -13.51 -49.57
N VAL J 50 2.31 -13.60 -48.29
CA VAL J 50 1.18 -13.04 -47.51
C VAL J 50 1.04 -11.50 -47.76
N TRP J 51 -0.14 -10.95 -47.93
CA TRP J 51 -0.40 -9.56 -48.20
C TRP J 51 0.17 -8.82 -46.91
N THR J 52 0.26 -9.36 -45.73
CA THR J 52 0.86 -8.71 -44.66
C THR J 52 2.39 -8.33 -44.75
N ASP J 53 3.13 -9.09 -45.51
CA ASP J 53 4.60 -8.87 -45.66
C ASP J 53 4.88 -7.60 -46.38
N LEU J 54 4.21 -7.23 -47.40
CA LEU J 54 4.51 -5.97 -48.12
C LEU J 54 4.06 -4.73 -47.40
N LEU J 55 3.44 -4.80 -46.20
CA LEU J 55 3.34 -3.68 -45.34
C LEU J 55 4.50 -3.61 -44.39
N THR J 56 5.71 -4.19 -44.72
CA THR J 56 6.76 -4.27 -43.79
C THR J 56 8.09 -4.17 -44.47
N ASP J 57 9.22 -3.88 -43.65
CA ASP J 57 10.49 -3.89 -44.22
C ASP J 57 11.19 -5.14 -43.93
N MET J 58 10.93 -6.22 -44.78
CA MET J 58 11.42 -7.54 -44.51
C MET J 58 12.87 -7.43 -44.48
N ASP J 59 13.56 -6.77 -45.45
CA ASP J 59 14.97 -6.73 -45.63
C ASP J 59 15.66 -6.23 -44.33
N ARG J 60 15.01 -5.22 -43.62
CA ARG J 60 15.59 -4.61 -42.46
C ARG J 60 15.89 -5.46 -41.20
N TYR J 61 15.10 -6.46 -41.07
CA TYR J 61 15.15 -7.49 -40.00
C TYR J 61 15.64 -8.84 -40.41
N LYS J 62 16.36 -9.02 -41.48
CA LYS J 62 16.67 -10.31 -41.97
C LYS J 62 17.95 -10.58 -41.28
N GLY J 63 18.18 -11.79 -40.97
CA GLY J 63 19.49 -12.39 -40.63
C GLY J 63 20.38 -12.57 -41.82
N LYS J 64 21.39 -11.84 -41.93
CA LYS J 64 22.35 -11.88 -42.99
C LYS J 64 23.55 -12.83 -42.81
N CYS J 65 23.46 -14.08 -43.31
CA CYS J 65 24.49 -15.08 -42.94
C CYS J 65 25.74 -14.74 -43.68
N TYR J 66 26.73 -14.11 -43.09
CA TYR J 66 27.78 -13.53 -43.82
C TYR J 66 29.09 -14.27 -44.01
N HIS J 67 29.24 -15.51 -43.34
CA HIS J 67 30.40 -16.28 -43.45
C HIS J 67 30.13 -17.66 -43.20
N ILE J 68 30.53 -18.58 -44.04
CA ILE J 68 30.45 -20.04 -43.73
C ILE J 68 31.81 -20.54 -44.02
N GLU J 69 32.29 -21.46 -43.25
CA GLU J 69 33.65 -22.01 -43.41
C GLU J 69 33.75 -23.41 -42.85
N PRO J 70 34.34 -24.38 -43.50
CA PRO J 70 34.36 -25.78 -43.00
C PRO J 70 35.05 -25.90 -41.63
N VAL J 71 34.72 -26.90 -40.89
CA VAL J 71 35.29 -27.11 -39.54
C VAL J 71 36.62 -27.89 -39.78
N GLN J 72 37.74 -27.37 -39.21
CA GLN J 72 39.01 -27.95 -39.42
C GLN J 72 39.08 -29.31 -38.82
N GLY J 73 39.75 -30.23 -39.38
CA GLY J 73 40.03 -31.55 -38.87
C GLY J 73 38.80 -32.34 -38.56
N GLU J 74 37.68 -32.10 -39.36
CA GLU J 74 36.49 -32.84 -39.07
C GLU J 74 35.69 -32.82 -40.30
N GLU J 75 34.69 -33.80 -40.41
CA GLU J 75 33.91 -33.97 -41.60
C GLU J 75 32.46 -33.71 -41.34
N ASN J 76 31.76 -33.20 -42.33
CA ASN J 76 30.39 -32.83 -42.17
C ASN J 76 30.06 -31.82 -41.03
N SER J 77 30.88 -30.80 -40.95
CA SER J 77 30.63 -29.72 -39.94
C SER J 77 31.18 -28.40 -40.53
N TYR J 78 30.45 -27.25 -40.52
CA TYR J 78 30.93 -26.09 -41.09
C TYR J 78 30.59 -25.00 -39.97
N PHE J 79 31.34 -23.92 -40.00
CA PHE J 79 31.21 -22.70 -39.28
C PHE J 79 30.50 -21.57 -39.93
N ALA J 80 29.21 -21.29 -39.59
CA ALA J 80 28.42 -20.19 -40.21
C ALA J 80 28.32 -19.04 -39.26
N PHE J 81 28.54 -17.76 -39.67
CA PHE J 81 28.30 -16.60 -38.88
C PHE J 81 27.19 -15.81 -39.36
N ILE J 82 26.26 -15.48 -38.58
CA ILE J 82 24.97 -14.82 -38.90
C ILE J 82 24.95 -13.59 -38.09
N ALA J 83 24.57 -12.44 -38.72
CA ALA J 83 24.36 -11.16 -38.11
C ALA J 83 22.91 -10.84 -38.04
N TYR J 84 22.51 -10.17 -37.01
CA TYR J 84 21.22 -9.84 -36.61
C TYR J 84 21.15 -8.44 -36.13
N PRO J 85 20.18 -7.62 -36.70
CA PRO J 85 20.05 -6.31 -36.18
C PRO J 85 19.78 -6.16 -34.73
N LEU J 86 20.31 -5.17 -34.15
CA LEU J 86 20.08 -4.88 -32.72
C LEU J 86 18.54 -4.78 -32.40
N ASP J 87 17.72 -4.26 -33.31
CA ASP J 87 16.31 -4.08 -33.06
C ASP J 87 15.58 -5.35 -32.88
N LEU J 88 16.16 -6.42 -33.34
CA LEU J 88 15.42 -7.70 -33.22
C LEU J 88 15.19 -8.14 -31.83
N PHE J 89 15.71 -7.47 -30.73
CA PHE J 89 15.68 -8.19 -29.49
C PHE J 89 15.16 -7.08 -28.52
N GLU J 90 14.49 -7.47 -27.41
CA GLU J 90 13.73 -6.65 -26.55
C GLU J 90 14.75 -6.21 -25.56
N GLU J 91 14.58 -4.94 -25.02
CA GLU J 91 15.53 -4.36 -24.05
C GLU J 91 15.33 -4.97 -22.69
N GLY J 92 16.37 -5.08 -21.95
CA GLY J 92 16.35 -5.76 -20.68
C GLY J 92 16.16 -7.27 -20.55
N SER J 93 15.96 -7.97 -21.70
CA SER J 93 15.38 -9.33 -21.70
C SER J 93 16.34 -10.31 -22.24
N VAL J 94 17.08 -11.09 -21.38
CA VAL J 94 17.75 -12.28 -21.82
C VAL J 94 16.96 -13.35 -22.38
N THR J 95 15.89 -13.56 -21.70
CA THR J 95 14.84 -14.52 -22.27
C THR J 95 14.53 -14.12 -23.71
N ASN J 96 14.31 -12.91 -24.00
CA ASN J 96 14.05 -12.48 -25.39
C ASN J 96 15.08 -12.88 -26.39
N ILE J 97 16.32 -12.62 -26.15
CA ILE J 97 17.35 -12.87 -27.12
C ILE J 97 17.35 -14.44 -27.14
N LEU J 98 17.27 -15.16 -26.07
CA LEU J 98 17.27 -16.55 -26.12
C LEU J 98 16.20 -17.14 -26.95
N THR J 99 15.04 -16.61 -26.84
CA THR J 99 13.92 -17.05 -27.65
C THR J 99 14.33 -16.73 -29.16
N SER J 100 14.74 -15.57 -29.53
CA SER J 100 15.00 -15.21 -30.85
C SER J 100 16.18 -16.03 -31.44
N ILE J 101 17.14 -16.51 -30.67
CA ILE J 101 18.29 -17.08 -31.21
C ILE J 101 18.10 -18.53 -31.17
N VAL J 102 17.95 -19.08 -29.99
CA VAL J 102 18.07 -20.49 -29.78
C VAL J 102 16.65 -21.15 -29.54
N GLY J 103 15.58 -20.60 -30.01
CA GLY J 103 14.27 -21.10 -29.71
C GLY J 103 13.77 -22.15 -30.75
N ASN J 104 13.84 -21.79 -32.06
CA ASN J 104 13.13 -22.58 -33.14
C ASN J 104 14.10 -23.21 -34.08
N VAL J 105 15.16 -22.48 -34.60
CA VAL J 105 16.12 -23.06 -35.60
C VAL J 105 16.79 -24.44 -35.19
N PHE J 106 16.85 -24.70 -33.92
CA PHE J 106 16.95 -26.02 -33.33
C PHE J 106 16.09 -27.13 -33.79
N GLY J 107 14.93 -26.92 -34.19
CA GLY J 107 14.15 -27.94 -34.92
C GLY J 107 14.26 -28.16 -36.45
N PHE J 108 15.30 -27.63 -37.20
CA PHE J 108 15.13 -27.53 -38.60
C PHE J 108 15.65 -28.86 -39.06
N LYS J 109 14.74 -29.74 -39.61
CA LYS J 109 15.07 -31.10 -39.93
C LYS J 109 16.35 -31.31 -40.88
N ALA J 110 16.52 -30.44 -41.84
CA ALA J 110 17.54 -30.59 -42.84
C ALA J 110 18.91 -30.54 -42.22
N ILE J 111 19.11 -29.91 -41.01
CA ILE J 111 20.40 -29.88 -40.39
C ILE J 111 20.53 -31.17 -39.54
N ARG J 112 21.52 -31.98 -39.85
CA ARG J 112 21.78 -33.21 -39.08
C ARG J 112 22.08 -32.81 -37.67
N SER J 113 22.97 -31.90 -37.51
CA SER J 113 23.49 -31.53 -36.15
C SER J 113 23.82 -30.07 -36.09
N LEU J 114 23.50 -29.31 -34.93
CA LEU J 114 23.50 -27.83 -35.08
C LEU J 114 24.05 -27.40 -33.68
N ARG J 115 24.87 -26.42 -33.67
CA ARG J 115 25.39 -25.80 -32.48
C ARG J 115 25.77 -24.32 -32.69
N LEU J 116 25.02 -23.43 -32.17
CA LEU J 116 25.57 -22.08 -31.88
C LEU J 116 26.70 -22.15 -30.81
N GLU J 117 27.84 -21.45 -31.07
CA GLU J 117 29.01 -21.34 -30.20
C GLU J 117 29.26 -20.02 -29.54
N ASP J 118 29.05 -18.83 -30.21
CA ASP J 118 29.50 -17.60 -29.63
C ASP J 118 28.42 -16.52 -29.97
N ILE J 119 28.38 -15.49 -29.21
CA ILE J 119 27.62 -14.37 -29.68
C ILE J 119 28.38 -12.97 -29.37
N ARG J 120 28.35 -12.07 -30.32
CA ARG J 120 29.13 -10.84 -29.99
C ARG J 120 28.11 -9.92 -29.38
N PHE J 121 28.18 -9.64 -28.10
CA PHE J 121 27.18 -8.76 -27.59
C PHE J 121 27.55 -7.35 -27.80
N PRO J 122 26.79 -6.63 -28.69
CA PRO J 122 27.29 -5.27 -29.02
C PRO J 122 27.20 -4.38 -27.72
N VAL J 123 28.18 -3.52 -27.58
CA VAL J 123 28.32 -2.70 -26.43
C VAL J 123 26.95 -2.03 -26.06
N ALA J 124 26.23 -1.60 -27.05
CA ALA J 124 24.97 -1.07 -26.80
C ALA J 124 24.03 -1.97 -26.18
N LEU J 125 23.91 -3.17 -26.63
CA LEU J 125 22.86 -4.11 -26.03
C LEU J 125 23.47 -4.58 -24.64
N VAL J 126 24.78 -4.69 -24.44
CA VAL J 126 25.43 -4.78 -23.15
C VAL J 126 25.07 -3.81 -22.14
N LYS J 127 25.08 -2.51 -22.51
CA LYS J 127 24.78 -1.45 -21.52
C LYS J 127 23.38 -1.65 -20.91
N THR J 128 22.47 -1.97 -21.69
CA THR J 128 21.08 -1.87 -21.33
C THR J 128 20.64 -2.53 -20.05
N PHE J 129 21.34 -3.65 -19.76
CA PHE J 129 21.03 -4.51 -18.59
C PHE J 129 21.53 -3.97 -17.34
N GLN J 130 20.70 -4.25 -16.23
CA GLN J 130 21.16 -4.09 -14.88
C GLN J 130 22.55 -4.74 -14.69
N GLY J 131 22.91 -5.85 -15.39
CA GLY J 131 24.28 -6.37 -15.28
C GLY J 131 24.40 -7.05 -14.00
N PRO J 132 25.58 -7.27 -13.50
CA PRO J 132 25.68 -7.95 -12.18
C PRO J 132 25.46 -7.00 -11.06
N PRO J 133 25.06 -7.55 -9.89
CA PRO J 133 24.79 -6.66 -8.79
C PRO J 133 25.89 -5.95 -8.06
N HIS J 134 27.05 -6.53 -7.90
CA HIS J 134 28.17 -5.84 -7.38
C HIS J 134 29.45 -5.93 -8.27
N GLY J 135 29.62 -7.01 -8.92
CA GLY J 135 30.81 -7.29 -9.73
C GLY J 135 32.14 -7.66 -9.01
N ILE J 136 33.23 -7.64 -9.74
CA ILE J 136 34.42 -8.32 -9.12
C ILE J 136 34.80 -7.45 -7.99
N GLN J 137 35.15 -6.24 -8.27
CA GLN J 137 35.98 -5.43 -7.42
C GLN J 137 35.21 -4.86 -6.31
N VAL J 138 33.96 -4.40 -6.60
CA VAL J 138 33.08 -3.99 -5.50
C VAL J 138 32.76 -5.14 -4.60
N GLU J 139 32.48 -6.31 -5.08
CA GLU J 139 32.28 -7.43 -4.25
C GLU J 139 33.50 -7.68 -3.33
N ARG J 140 34.72 -7.61 -3.90
CA ARG J 140 35.94 -7.84 -3.10
C ARG J 140 35.92 -6.83 -2.00
N ASP J 141 35.66 -5.52 -2.26
CA ASP J 141 35.62 -4.50 -1.27
C ASP J 141 34.65 -4.59 -0.19
N LEU J 142 33.45 -4.91 -0.52
CA LEU J 142 32.44 -5.27 0.49
C LEU J 142 32.80 -6.37 1.38
N LEU J 143 33.45 -7.37 0.85
CA LEU J 143 33.98 -8.44 1.65
C LEU J 143 35.39 -8.06 2.26
N ASN J 144 36.06 -6.94 1.87
CA ASN J 144 37.31 -6.77 2.46
C ASN J 144 38.35 -7.76 2.05
N LYS J 145 38.18 -8.66 1.10
CA LYS J 145 38.99 -9.78 0.80
C LYS J 145 39.87 -9.40 -0.43
N TYR J 146 41.16 -9.44 -0.34
CA TYR J 146 41.90 -9.10 -1.53
C TYR J 146 43.13 -10.00 -1.51
N GLY J 147 43.89 -10.09 -2.54
CA GLY J 147 45.12 -10.79 -2.50
C GLY J 147 45.04 -12.29 -2.75
N ARG J 148 43.84 -12.94 -2.86
CA ARG J 148 43.84 -14.33 -3.03
C ARG J 148 42.47 -14.72 -3.52
N PRO J 149 42.30 -15.70 -4.35
CA PRO J 149 40.97 -16.21 -4.55
C PRO J 149 40.14 -16.64 -3.33
N MET J 150 38.74 -16.64 -3.57
CA MET J 150 37.79 -16.76 -2.43
C MET J 150 37.56 -18.19 -2.40
N LEU J 151 37.86 -18.81 -1.30
CA LEU J 151 37.52 -20.25 -1.08
C LEU J 151 36.11 -20.52 -0.65
N GLY J 152 35.62 -21.66 -0.98
CA GLY J 152 34.28 -22.11 -0.77
C GLY J 152 34.18 -23.58 -0.55
N CYS J 153 33.23 -23.97 0.17
CA CYS J 153 32.98 -25.39 0.57
C CYS J 153 31.54 -25.69 0.60
N THR J 154 31.22 -26.87 0.14
CA THR J 154 29.82 -27.38 -0.05
C THR J 154 29.52 -28.17 1.24
N ILE J 155 28.55 -27.73 1.99
CA ILE J 155 28.12 -28.43 3.15
C ILE J 155 27.45 -29.74 2.65
N LYS J 156 27.69 -30.83 3.47
CA LYS J 156 27.20 -32.11 3.17
C LYS J 156 26.59 -32.69 4.39
N PRO J 157 25.66 -33.69 4.36
CA PRO J 157 25.08 -34.25 3.10
C PRO J 157 24.13 -33.40 2.39
N LYS J 158 23.87 -33.72 1.10
CA LYS J 158 23.06 -32.82 0.25
C LYS J 158 21.76 -32.65 0.96
N LEU J 159 21.18 -33.60 1.67
CA LEU J 159 19.91 -33.43 2.26
C LEU J 159 19.99 -34.10 3.56
N GLY J 160 18.83 -34.24 4.24
CA GLY J 160 18.67 -35.00 5.49
C GLY J 160 19.00 -34.34 6.77
N LEU J 161 20.14 -33.59 6.80
CA LEU J 161 20.42 -32.69 7.88
C LEU J 161 19.39 -31.77 8.40
N SER J 162 19.40 -31.63 9.76
CA SER J 162 18.42 -30.77 10.37
C SER J 162 18.97 -29.31 10.15
N ALA J 163 18.07 -28.29 10.28
CA ALA J 163 18.47 -26.87 10.17
C ALA J 163 19.48 -26.52 11.19
N LYS J 164 19.24 -26.92 12.42
CA LYS J 164 20.17 -26.67 13.50
C LYS J 164 21.52 -27.26 13.20
N ASN J 165 21.53 -28.45 12.64
CA ASN J 165 22.79 -29.04 12.30
C ASN J 165 23.41 -28.38 11.11
N TYR J 166 22.52 -27.69 10.23
CA TYR J 166 22.94 -27.16 8.98
C TYR J 166 23.80 -25.90 9.50
N GLY J 167 23.28 -25.08 10.47
CA GLY J 167 24.08 -24.04 11.13
C GLY J 167 25.23 -24.59 11.90
N ARG J 168 25.23 -25.76 12.47
CA ARG J 168 26.46 -26.28 13.00
C ARG J 168 27.48 -26.44 11.94
N ALA J 169 27.12 -26.97 10.84
CA ALA J 169 28.08 -27.20 9.73
C ALA J 169 28.68 -26.03 9.08
N VAL J 170 27.88 -25.07 8.77
CA VAL J 170 28.37 -23.70 8.47
C VAL J 170 29.28 -23.03 9.42
N TYR J 171 28.89 -22.99 10.62
CA TYR J 171 29.75 -22.57 11.71
C TYR J 171 31.08 -23.17 11.65
N GLU J 172 31.15 -24.52 11.67
CA GLU J 172 32.57 -25.09 11.57
C GLU J 172 33.30 -24.77 10.37
N CYS J 173 32.61 -24.92 9.25
CA CYS J 173 33.35 -24.74 7.98
C CYS J 173 33.88 -23.30 7.78
N LEU J 174 33.04 -22.32 7.98
CA LEU J 174 33.47 -20.91 7.98
C LEU J 174 34.45 -20.44 8.98
N ARG J 175 34.24 -20.83 10.27
CA ARG J 175 35.18 -20.54 11.24
C ARG J 175 36.49 -21.17 11.12
N GLY J 176 36.59 -22.33 10.52
CA GLY J 176 37.93 -22.84 10.16
C GLY J 176 38.76 -21.81 9.33
N GLY J 177 38.14 -20.85 8.70
CA GLY J 177 38.72 -19.84 7.88
C GLY J 177 38.25 -19.62 6.47
N LEU J 178 37.14 -20.09 6.11
CA LEU J 178 36.71 -20.20 4.77
C LEU J 178 35.78 -19.05 4.64
N ASP J 179 35.64 -18.52 3.40
CA ASP J 179 35.06 -17.24 3.21
C ASP J 179 33.53 -17.58 3.14
N PHE J 180 33.00 -18.50 2.36
CA PHE J 180 31.57 -18.56 2.27
C PHE J 180 31.32 -20.04 2.39
N THR J 181 30.06 -20.40 2.44
CA THR J 181 29.63 -21.83 2.45
C THR J 181 28.42 -21.78 1.60
N LYS J 182 28.22 -22.81 0.82
CA LYS J 182 27.12 -22.84 -0.23
C LYS J 182 26.08 -23.81 0.11
N ASP J 183 24.84 -23.43 -0.02
CA ASP J 183 23.73 -24.42 0.06
C ASP J 183 23.85 -25.46 -1.08
N ASP J 184 23.41 -26.63 -0.82
CA ASP J 184 23.11 -27.54 -1.95
C ASP J 184 21.92 -27.13 -2.68
N GLU J 185 22.01 -27.12 -4.04
CA GLU J 185 20.88 -26.79 -4.88
C GLU J 185 19.67 -27.61 -4.58
N ASN J 186 19.74 -28.80 -3.92
CA ASN J 186 18.52 -29.46 -3.66
C ASN J 186 18.00 -29.10 -2.24
N ILE J 187 18.43 -28.07 -1.62
CA ILE J 187 17.96 -27.51 -0.33
C ILE J 187 17.24 -26.26 -0.67
N ASN J 188 15.93 -26.24 -0.68
CA ASN J 188 15.21 -25.05 -0.63
C ASN J 188 14.26 -24.71 0.55
N SER J 189 13.25 -25.63 0.82
CA SER J 189 12.42 -25.54 2.04
C SER J 189 12.09 -26.84 2.67
N GLN J 190 12.80 -27.85 2.48
CA GLN J 190 12.30 -29.13 2.63
C GLN J 190 11.82 -29.55 4.03
N PRO J 191 10.90 -30.45 4.09
CA PRO J 191 10.03 -30.52 5.30
C PRO J 191 10.86 -30.80 6.60
N PHE J 192 11.87 -31.59 6.48
CA PHE J 192 12.81 -31.74 7.63
C PHE J 192 13.61 -30.40 7.90
N GLN J 193 13.68 -29.47 7.02
CA GLN J 193 14.38 -28.25 7.19
C GLN J 193 13.61 -27.03 6.51
N ARG J 194 12.87 -26.25 7.24
CA ARG J 194 12.14 -25.21 6.69
C ARG J 194 12.86 -23.93 6.51
N TRP J 195 12.58 -23.20 5.34
CA TRP J 195 13.55 -22.27 4.84
C TRP J 195 13.87 -21.23 5.88
N ARG J 196 12.80 -20.78 6.66
CA ARG J 196 12.91 -19.62 7.50
C ARG J 196 13.95 -20.14 8.62
N ASP J 197 13.78 -21.33 9.16
CA ASP J 197 14.65 -21.77 10.22
C ASP J 197 16.06 -21.94 9.83
N ARG J 198 16.29 -22.54 8.69
CA ARG J 198 17.61 -22.52 8.05
C ARG J 198 18.26 -21.20 7.98
N PHE J 199 17.42 -20.24 7.48
CA PHE J 199 17.98 -18.92 7.33
C PHE J 199 18.34 -18.24 8.68
N LEU J 200 17.49 -18.39 9.64
CA LEU J 200 17.72 -17.87 10.94
C LEU J 200 18.95 -18.40 11.52
N PHE J 201 19.02 -19.76 11.44
CA PHE J 201 20.17 -20.41 12.11
C PHE J 201 21.57 -20.19 11.55
N VAL J 202 21.57 -20.21 10.28
CA VAL J 202 22.76 -19.86 9.49
C VAL J 202 23.23 -18.48 9.80
N ALA J 203 22.26 -17.49 9.87
CA ALA J 203 22.57 -16.17 10.17
C ALA J 203 23.18 -16.06 11.53
N ASP J 204 22.59 -16.80 12.54
CA ASP J 204 23.24 -16.87 13.81
C ASP J 204 24.76 -17.36 13.64
N ALA J 205 24.95 -18.41 12.90
CA ALA J 205 26.23 -19.05 12.80
C ALA J 205 27.17 -18.20 12.18
N ILE J 206 26.87 -17.55 11.09
CA ILE J 206 27.79 -16.57 10.47
C ILE J 206 28.03 -15.42 11.47
N HIS J 207 27.01 -14.88 12.11
CA HIS J 207 27.36 -13.94 13.13
C HIS J 207 28.35 -14.27 14.13
N LYS J 208 28.24 -15.42 14.71
CA LYS J 208 29.29 -15.95 15.64
C LYS J 208 30.64 -16.15 15.04
N SER J 209 30.68 -16.76 13.88
CA SER J 209 31.91 -17.00 13.19
C SER J 209 32.69 -15.78 12.79
N GLN J 210 32.02 -14.84 12.18
CA GLN J 210 32.56 -13.53 11.99
C GLN J 210 32.89 -12.69 13.24
N ALA J 211 32.20 -12.89 14.25
CA ALA J 211 32.56 -12.40 15.50
C ALA J 211 33.90 -12.92 16.11
N GLU J 212 34.07 -14.17 16.07
CA GLU J 212 35.23 -14.86 16.68
C GLU J 212 36.56 -15.02 15.83
N THR J 213 36.36 -14.83 14.49
CA THR J 213 37.49 -14.64 13.55
C THR J 213 37.65 -13.19 13.20
N GLY J 214 36.65 -12.36 13.28
CA GLY J 214 36.72 -10.98 12.87
C GLY J 214 36.93 -10.65 11.45
N GLU J 215 36.55 -11.50 10.53
CA GLU J 215 36.61 -11.39 9.05
C GLU J 215 35.27 -11.75 8.45
N ILE J 216 35.04 -11.25 7.28
CA ILE J 216 33.72 -11.38 6.61
C ILE J 216 33.46 -12.80 6.42
N LYS J 217 32.24 -13.26 6.82
CA LYS J 217 31.72 -14.55 6.52
C LYS J 217 30.38 -14.35 5.86
N GLY J 218 29.96 -15.29 5.07
CA GLY J 218 28.73 -15.44 4.38
C GLY J 218 28.38 -16.86 4.09
N HIS J 219 27.18 -17.09 3.71
CA HIS J 219 26.77 -18.41 3.19
C HIS J 219 25.77 -18.13 1.97
N TYR J 220 25.80 -18.99 0.97
CA TYR J 220 25.07 -18.76 -0.24
C TYR J 220 23.70 -19.30 0.06
N LEU J 221 22.92 -18.56 0.80
CA LEU J 221 21.69 -19.02 1.28
C LEU J 221 20.73 -18.94 0.07
N ASN J 222 20.52 -20.07 -0.63
CA ASN J 222 19.48 -20.30 -1.57
C ASN J 222 18.09 -19.93 -1.14
N VAL J 223 17.45 -18.92 -1.92
CA VAL J 223 16.14 -18.50 -1.86
C VAL J 223 15.24 -19.00 -3.03
N THR J 224 15.70 -19.91 -3.93
CA THR J 224 14.97 -20.42 -5.04
C THR J 224 13.73 -20.96 -4.40
N ALA J 225 12.60 -20.34 -4.84
CA ALA J 225 11.26 -20.70 -4.45
C ALA J 225 10.34 -20.88 -5.62
N PRO J 226 9.26 -21.58 -5.57
CA PRO J 226 8.46 -21.85 -6.74
C PRO J 226 7.97 -20.61 -7.39
N THR J 227 7.80 -19.47 -6.77
CA THR J 227 7.21 -18.27 -7.30
C THR J 227 7.99 -17.07 -6.90
N CYS J 228 8.00 -16.06 -7.74
CA CYS J 228 8.57 -14.72 -7.47
C CYS J 228 8.22 -14.27 -6.13
N GLU J 229 6.94 -14.48 -5.65
CA GLU J 229 6.58 -13.83 -4.42
C GLU J 229 7.53 -14.57 -3.38
N GLU J 230 7.63 -15.92 -3.41
CA GLU J 230 8.28 -16.61 -2.36
C GLU J 230 9.75 -16.28 -2.35
N MET J 231 10.37 -16.26 -3.56
CA MET J 231 11.72 -15.78 -3.67
C MET J 231 11.89 -14.44 -2.91
N MET J 232 11.02 -13.51 -3.19
CA MET J 232 11.21 -12.17 -2.78
C MET J 232 11.18 -12.24 -1.20
N LYS J 233 10.12 -13.00 -0.60
CA LYS J 233 10.00 -13.13 0.82
C LYS J 233 11.23 -13.72 1.40
N ARG J 234 11.85 -14.79 0.78
CA ARG J 234 12.95 -15.33 1.52
C ARG J 234 14.04 -14.34 1.45
N ALA J 235 14.26 -13.66 0.25
CA ALA J 235 15.32 -12.64 0.05
C ALA J 235 15.13 -11.43 1.02
N GLU J 236 13.95 -10.88 1.20
CA GLU J 236 13.76 -9.78 2.11
C GLU J 236 14.15 -10.17 3.50
N PHE J 237 13.73 -11.44 3.93
CA PHE J 237 13.86 -11.74 5.33
C PHE J 237 15.43 -11.93 5.41
N ALA J 238 16.15 -12.51 4.46
CA ALA J 238 17.57 -12.62 4.46
C ALA J 238 18.20 -11.26 4.61
N LYS J 239 17.67 -10.28 3.91
CA LYS J 239 18.26 -8.87 4.03
C LYS J 239 18.08 -8.33 5.48
N GLU J 240 16.99 -8.76 6.16
CA GLU J 240 16.94 -8.38 7.60
C GLU J 240 18.08 -8.98 8.35
N LEU J 241 18.68 -10.07 7.93
CA LEU J 241 19.69 -10.81 8.70
C LEU J 241 21.16 -10.33 8.55
N GLY J 242 21.43 -9.30 7.70
CA GLY J 242 22.85 -8.93 7.49
C GLY J 242 23.65 -10.02 6.74
N MET J 243 23.04 -10.99 6.01
CA MET J 243 23.77 -11.90 5.20
C MET J 243 24.31 -11.23 3.98
N PRO J 244 25.64 -11.49 3.66
CA PRO J 244 26.15 -10.75 2.48
C PRO J 244 25.72 -11.30 1.16
N ILE J 245 25.27 -12.54 1.04
CA ILE J 245 25.07 -13.15 -0.25
C ILE J 245 23.87 -14.05 -0.22
N ILE J 246 23.21 -14.40 -1.38
CA ILE J 246 22.29 -15.58 -1.53
C ILE J 246 22.65 -16.38 -2.70
N MET J 247 21.78 -17.42 -3.03
CA MET J 247 21.85 -18.36 -4.10
C MET J 247 20.65 -18.31 -4.93
N HIS J 248 20.90 -18.27 -6.31
CA HIS J 248 19.71 -18.52 -7.16
C HIS J 248 20.22 -19.49 -8.31
N ASP J 249 19.31 -20.42 -8.66
CA ASP J 249 19.52 -21.32 -9.75
C ASP J 249 18.91 -20.80 -10.99
N PHE J 250 19.60 -19.90 -11.67
CA PHE J 250 19.20 -19.47 -12.96
C PHE J 250 18.77 -20.47 -14.08
N LEU J 251 19.34 -21.63 -14.23
CA LEU J 251 18.80 -22.76 -15.02
C LEU J 251 17.49 -23.36 -14.73
N THR J 252 17.32 -23.60 -13.45
CA THR J 252 16.13 -24.42 -13.12
C THR J 252 15.08 -23.34 -12.67
N ALA J 253 15.38 -22.25 -12.00
CA ALA J 253 14.47 -21.09 -11.75
C ALA J 253 14.13 -20.39 -13.03
N GLY J 254 15.19 -19.99 -13.80
CA GLY J 254 14.90 -19.15 -14.99
C GLY J 254 15.59 -17.84 -14.96
N PHE J 255 15.83 -17.33 -16.22
CA PHE J 255 16.45 -16.00 -16.42
C PHE J 255 15.61 -14.92 -15.85
N THR J 256 14.20 -14.88 -16.07
CA THR J 256 13.40 -13.82 -15.60
C THR J 256 13.50 -13.70 -14.02
N ALA J 257 13.38 -14.85 -13.31
CA ALA J 257 13.48 -14.87 -11.89
C ALA J 257 14.79 -14.33 -11.43
N ASN J 258 15.88 -14.69 -12.17
CA ASN J 258 17.18 -14.24 -11.83
C ASN J 258 17.27 -12.76 -11.94
N THR J 259 16.78 -12.18 -13.00
CA THR J 259 16.97 -10.79 -13.25
C THR J 259 16.17 -9.99 -12.17
N THR J 260 14.85 -10.43 -11.89
CA THR J 260 14.23 -9.86 -10.73
C THR J 260 14.96 -9.85 -9.43
N LEU J 261 15.49 -11.00 -9.11
CA LEU J 261 16.21 -11.13 -7.88
C LEU J 261 17.41 -10.15 -7.93
N ALA J 262 18.18 -10.08 -9.06
CA ALA J 262 19.40 -9.33 -9.10
C ALA J 262 19.12 -7.86 -8.99
N LYS J 263 18.05 -7.39 -9.71
CA LYS J 263 17.64 -5.96 -9.66
C LYS J 263 17.31 -5.63 -8.18
N TRP J 264 16.58 -6.54 -7.48
CA TRP J 264 16.24 -6.36 -6.05
C TRP J 264 17.61 -6.27 -5.29
N CYS J 265 18.54 -7.13 -5.55
CA CYS J 265 19.70 -7.27 -4.71
C CYS J 265 20.51 -5.93 -4.88
N ARG J 266 20.69 -5.49 -6.09
CA ARG J 266 21.34 -4.26 -6.36
C ARG J 266 20.64 -3.09 -5.60
N ASP J 267 19.39 -3.04 -5.68
CA ASP J 267 18.58 -2.20 -4.74
C ASP J 267 18.77 -2.34 -3.29
N ASN J 268 19.26 -3.50 -2.90
CA ASN J 268 19.33 -3.99 -1.60
C ASN J 268 20.72 -4.30 -0.97
N GLY J 269 21.75 -4.14 -1.73
CA GLY J 269 23.02 -4.34 -1.14
C GLY J 269 23.31 -5.68 -0.56
N VAL J 270 22.91 -6.70 -1.25
CA VAL J 270 23.21 -8.04 -0.85
C VAL J 270 23.70 -8.77 -2.14
N LEU J 271 24.76 -9.59 -2.01
CA LEU J 271 25.34 -10.26 -3.13
C LEU J 271 24.42 -11.42 -3.56
N LEU J 272 24.88 -12.07 -4.59
CA LEU J 272 24.16 -12.93 -5.50
C LEU J 272 24.97 -14.19 -5.93
N HIS J 273 24.57 -15.38 -5.71
CA HIS J 273 25.34 -16.50 -6.12
C HIS J 273 24.44 -17.20 -7.06
N ILE J 274 25.14 -17.93 -8.08
CA ILE J 274 24.41 -18.65 -9.04
C ILE J 274 24.91 -20.14 -9.00
N HIS J 275 24.04 -21.06 -9.28
CA HIS J 275 24.36 -22.39 -9.69
C HIS J 275 23.82 -22.90 -11.06
N ARG J 276 24.43 -23.88 -11.56
CA ARG J 276 24.20 -24.31 -13.00
C ARG J 276 23.72 -25.68 -13.07
N ALA J 277 22.82 -26.02 -12.25
CA ALA J 277 22.16 -27.28 -12.27
C ALA J 277 21.55 -27.44 -13.69
N MET J 278 21.68 -28.65 -14.28
CA MET J 278 21.40 -29.05 -15.67
C MET J 278 22.44 -28.51 -16.61
N HIS J 279 23.55 -27.83 -16.18
CA HIS J 279 24.48 -27.33 -17.21
C HIS J 279 24.89 -28.19 -18.29
N ALA J 280 25.28 -29.33 -17.97
CA ALA J 280 25.48 -30.35 -18.94
C ALA J 280 24.41 -30.69 -19.93
N VAL J 281 23.16 -30.47 -19.54
CA VAL J 281 22.03 -30.77 -20.39
C VAL J 281 22.10 -29.98 -21.66
N ILE J 282 22.85 -28.86 -21.78
CA ILE J 282 22.78 -27.90 -22.83
C ILE J 282 24.13 -27.82 -23.60
N ASP J 283 25.31 -28.18 -23.02
CA ASP J 283 26.64 -27.95 -23.54
C ASP J 283 27.50 -29.09 -23.45
N ARG J 284 27.12 -30.28 -22.91
CA ARG J 284 27.96 -31.45 -22.79
C ARG J 284 28.34 -32.10 -24.05
N GLN J 285 27.33 -32.51 -24.85
CA GLN J 285 27.53 -33.32 -26.07
C GLN J 285 28.56 -32.54 -26.93
N ARG J 286 29.36 -33.11 -27.73
CA ARG J 286 30.18 -32.44 -28.75
C ARG J 286 29.58 -32.16 -30.11
N ASN J 287 28.29 -32.33 -30.27
CA ASN J 287 27.70 -32.30 -31.54
C ASN J 287 26.45 -31.28 -31.58
N HIS J 288 25.97 -30.85 -30.39
CA HIS J 288 24.76 -30.08 -30.28
C HIS J 288 24.50 -29.33 -29.09
N GLY J 289 23.92 -28.18 -29.20
CA GLY J 289 23.59 -27.32 -28.05
C GLY J 289 24.01 -25.90 -28.24
N ILE J 290 24.03 -25.10 -27.10
CA ILE J 290 24.73 -23.79 -27.07
C ILE J 290 25.92 -23.97 -26.10
N HIS J 291 27.07 -23.33 -26.42
CA HIS J 291 28.29 -23.64 -25.71
C HIS J 291 28.20 -22.90 -24.47
N PHE J 292 28.77 -23.38 -23.38
CA PHE J 292 28.63 -22.79 -22.08
C PHE J 292 29.14 -21.30 -22.09
N ARG J 293 29.96 -20.84 -22.96
CA ARG J 293 30.45 -19.50 -22.98
C ARG J 293 29.33 -18.52 -23.15
N VAL J 294 28.47 -18.76 -24.09
CA VAL J 294 27.37 -17.88 -24.34
C VAL J 294 26.50 -17.93 -23.16
N LEU J 295 26.21 -19.04 -22.54
CA LEU J 295 25.51 -18.93 -21.32
C LEU J 295 26.25 -18.06 -20.36
N ALA J 296 27.56 -18.24 -20.02
CA ALA J 296 28.20 -17.45 -18.93
C ALA J 296 28.07 -16.07 -19.30
N LYS J 297 28.24 -15.69 -20.59
CA LYS J 297 28.13 -14.32 -21.00
C LYS J 297 26.63 -13.82 -20.70
N CYS J 298 25.66 -14.64 -21.06
CA CYS J 298 24.23 -14.30 -20.83
C CYS J 298 23.88 -14.07 -19.39
N LEU J 299 24.33 -14.90 -18.56
CA LEU J 299 24.19 -14.71 -17.15
C LEU J 299 24.82 -13.47 -16.72
N ARG J 300 26.01 -13.18 -17.05
CA ARG J 300 26.66 -11.92 -16.61
C ARG J 300 25.86 -10.67 -17.06
N LEU J 301 25.47 -10.73 -18.24
CA LEU J 301 24.36 -9.89 -18.72
C LEU J 301 23.12 -9.74 -17.81
N SER J 302 22.48 -10.85 -17.51
CA SER J 302 21.32 -10.85 -16.75
C SER J 302 21.70 -10.38 -15.31
N GLY J 303 22.82 -10.76 -14.73
CA GLY J 303 23.33 -10.31 -13.51
C GLY J 303 23.65 -11.47 -12.52
N GLY J 304 24.89 -11.45 -11.92
CA GLY J 304 25.32 -12.32 -10.87
C GLY J 304 26.70 -12.04 -10.41
N ASP J 305 26.96 -12.31 -9.18
CA ASP J 305 28.22 -11.97 -8.66
C ASP J 305 29.08 -13.20 -8.73
N HIS J 306 28.48 -14.37 -8.68
CA HIS J 306 29.24 -15.67 -8.67
C HIS J 306 28.62 -16.70 -9.67
N LEU J 307 29.43 -17.50 -10.26
CA LEU J 307 29.02 -18.60 -11.17
C LEU J 307 29.97 -19.70 -11.13
N HIS J 308 29.52 -20.98 -11.16
CA HIS J 308 30.47 -22.09 -11.39
C HIS J 308 30.93 -22.26 -12.75
N SER J 309 32.28 -22.54 -12.92
CA SER J 309 32.94 -22.87 -14.15
C SER J 309 33.65 -24.28 -14.06
N GLY J 310 33.49 -25.09 -13.04
CA GLY J 310 33.98 -26.42 -13.01
C GLY J 310 35.32 -26.55 -12.27
N THR J 311 36.15 -27.54 -12.69
CA THR J 311 37.45 -27.80 -12.03
C THR J 311 38.63 -27.58 -13.01
N VAL J 312 38.51 -28.08 -14.16
CA VAL J 312 39.66 -28.14 -15.13
C VAL J 312 40.69 -29.07 -14.43
N ASP J 319 37.65 -28.88 -21.48
CA ASP J 319 38.79 -28.29 -22.22
C ASP J 319 39.33 -27.09 -21.51
N LYS J 320 40.59 -26.96 -21.21
CA LYS J 320 41.13 -25.82 -20.54
C LYS J 320 41.19 -24.64 -21.46
N ALA J 321 41.42 -24.84 -22.74
CA ALA J 321 41.55 -23.75 -23.67
C ALA J 321 40.37 -22.74 -23.71
N SER J 322 39.18 -23.30 -24.07
CA SER J 322 37.93 -22.67 -24.01
C SER J 322 37.46 -22.48 -22.55
N THR J 323 37.98 -23.26 -21.53
CA THR J 323 37.63 -22.87 -20.23
C THR J 323 38.01 -21.50 -19.85
N LEU J 324 39.27 -21.24 -20.06
CA LEU J 324 39.75 -19.95 -19.76
C LEU J 324 39.35 -18.97 -20.73
N GLY J 325 39.10 -19.31 -22.03
CA GLY J 325 38.27 -18.53 -22.90
C GLY J 325 37.01 -17.90 -22.25
N PHE J 326 36.10 -18.79 -21.62
CA PHE J 326 34.95 -18.20 -21.00
C PHE J 326 35.14 -17.49 -19.72
N VAL J 327 36.18 -17.98 -18.87
CA VAL J 327 36.62 -17.24 -17.72
C VAL J 327 36.90 -15.82 -18.07
N ASP J 328 37.50 -15.59 -19.27
CA ASP J 328 37.88 -14.29 -19.69
C ASP J 328 36.64 -13.67 -20.24
N LEU J 329 35.76 -14.53 -20.97
CA LEU J 329 34.51 -13.97 -21.33
C LEU J 329 33.52 -13.51 -20.18
N MET J 330 33.83 -13.87 -18.97
CA MET J 330 33.16 -13.44 -17.77
C MET J 330 33.95 -12.62 -16.83
N ARG J 331 35.27 -12.24 -17.08
CA ARG J 331 36.08 -11.51 -16.08
C ARG J 331 36.38 -10.16 -16.76
N GLU J 332 37.01 -10.13 -17.99
CA GLU J 332 37.83 -8.91 -18.26
C GLU J 332 36.82 -7.88 -18.71
N ASP J 333 37.17 -6.72 -19.24
CA ASP J 333 36.29 -5.90 -19.97
C ASP J 333 36.50 -6.08 -21.53
N HIS J 334 37.80 -6.23 -22.01
CA HIS J 334 38.17 -6.33 -23.38
C HIS J 334 38.88 -7.77 -23.56
N ILE J 335 38.36 -8.62 -24.58
CA ILE J 335 39.07 -9.78 -25.04
C ILE J 335 39.08 -9.84 -26.48
N GLU J 336 40.22 -10.29 -27.07
CA GLU J 336 40.33 -10.24 -28.55
C GLU J 336 39.69 -11.57 -28.99
N ALA J 337 39.40 -11.80 -30.25
CA ALA J 337 38.70 -12.92 -30.77
C ALA J 337 39.74 -13.99 -30.78
N ASP J 338 39.55 -15.09 -30.23
CA ASP J 338 40.49 -16.23 -30.36
C ASP J 338 39.72 -17.60 -30.57
N ARG J 339 39.72 -18.10 -31.77
CA ARG J 339 39.31 -19.49 -32.08
C ARG J 339 39.75 -20.61 -31.20
N SER J 340 41.03 -20.62 -31.01
CA SER J 340 41.57 -21.63 -30.12
C SER J 340 41.15 -21.58 -28.74
N ARG J 341 40.81 -20.35 -28.24
CA ARG J 341 40.30 -20.26 -26.85
C ARG J 341 38.81 -20.33 -26.84
N GLY J 342 38.02 -20.76 -27.89
CA GLY J 342 36.62 -20.48 -27.84
C GLY J 342 36.03 -19.09 -28.04
N VAL J 343 36.85 -18.12 -28.05
CA VAL J 343 36.36 -16.79 -28.14
C VAL J 343 36.27 -16.53 -29.66
N PHE J 344 35.17 -16.91 -30.25
CA PHE J 344 34.97 -16.73 -31.66
C PHE J 344 34.92 -15.18 -32.04
N PHE J 345 34.54 -14.27 -31.09
CA PHE J 345 34.27 -12.85 -31.41
C PHE J 345 35.10 -12.07 -30.49
N THR J 346 35.45 -10.85 -30.80
CA THR J 346 35.88 -9.82 -29.94
C THR J 346 34.82 -9.19 -29.10
N GLN J 347 35.16 -8.87 -27.88
CA GLN J 347 34.19 -8.48 -26.90
C GLN J 347 34.67 -7.22 -26.09
N ASP J 348 34.14 -6.08 -26.59
CA ASP J 348 34.04 -4.81 -25.76
C ASP J 348 32.85 -4.66 -24.88
N TRP J 349 33.06 -4.14 -23.69
CA TRP J 349 32.11 -4.12 -22.53
C TRP J 349 31.91 -2.92 -21.78
N ALA J 350 32.37 -1.79 -22.16
CA ALA J 350 32.03 -0.45 -21.54
C ALA J 350 32.17 -0.51 -20.07
N SER J 351 33.21 -1.10 -19.62
CA SER J 351 33.52 -1.15 -18.17
C SER J 351 32.52 -1.78 -17.36
N MET J 352 31.61 -2.67 -17.86
CA MET J 352 30.70 -3.33 -17.03
C MET J 352 31.41 -4.14 -16.01
N PRO J 353 31.01 -4.08 -14.68
CA PRO J 353 31.72 -4.84 -13.68
C PRO J 353 31.72 -6.31 -13.96
N GLY J 354 32.81 -6.98 -13.80
CA GLY J 354 32.89 -8.34 -14.26
C GLY J 354 32.30 -9.20 -13.26
N VAL J 355 32.45 -10.56 -13.35
CA VAL J 355 31.83 -11.55 -12.43
C VAL J 355 32.87 -12.42 -11.82
N LEU J 356 32.52 -12.99 -10.62
CA LEU J 356 33.55 -13.87 -10.06
C LEU J 356 33.24 -15.38 -10.39
N PRO J 357 34.20 -16.08 -11.08
CA PRO J 357 33.98 -17.52 -11.39
C PRO J 357 34.14 -18.35 -10.10
N VAL J 358 33.56 -19.53 -10.08
CA VAL J 358 33.50 -20.31 -8.89
C VAL J 358 34.03 -21.66 -9.45
N ALA J 359 35.26 -21.97 -9.27
CA ALA J 359 35.81 -23.34 -9.49
C ALA J 359 35.31 -24.25 -8.44
N SER J 360 35.11 -25.44 -8.70
CA SER J 360 34.48 -26.37 -7.72
C SER J 360 34.87 -27.70 -8.09
N GLY J 361 34.25 -28.82 -7.52
CA GLY J 361 34.31 -30.17 -8.10
C GLY J 361 35.23 -31.05 -7.22
N GLY J 362 35.21 -30.91 -5.87
CA GLY J 362 36.12 -31.73 -5.13
C GLY J 362 37.48 -31.36 -5.55
N ILE J 363 37.94 -30.18 -5.29
CA ILE J 363 39.03 -29.57 -5.98
C ILE J 363 40.44 -30.23 -5.61
N HIS J 364 40.51 -31.28 -4.73
CA HIS J 364 41.70 -32.10 -4.56
C HIS J 364 42.86 -31.33 -4.08
N VAL J 365 42.91 -30.92 -2.75
CA VAL J 365 43.60 -29.68 -2.24
C VAL J 365 44.93 -29.56 -2.83
N TRP J 366 45.68 -30.61 -3.05
CA TRP J 366 46.92 -30.65 -3.74
C TRP J 366 46.95 -30.08 -5.19
N HIS J 367 45.99 -30.22 -5.95
CA HIS J 367 45.74 -29.57 -7.27
C HIS J 367 45.69 -28.10 -7.24
N MET J 368 45.62 -27.44 -6.10
CA MET J 368 45.42 -26.03 -6.06
C MET J 368 46.50 -25.13 -6.71
N PRO J 369 47.81 -25.49 -6.83
CA PRO J 369 48.77 -24.57 -7.48
C PRO J 369 48.47 -24.15 -8.88
N ALA J 370 48.22 -25.13 -9.76
CA ALA J 370 47.68 -24.90 -11.08
C ALA J 370 46.35 -24.30 -11.10
N LEU J 371 45.50 -24.67 -10.11
CA LEU J 371 44.17 -24.06 -10.05
C LEU J 371 44.33 -22.47 -9.95
N VAL J 372 45.23 -22.05 -8.93
CA VAL J 372 45.53 -20.66 -8.74
C VAL J 372 46.24 -20.09 -9.91
N GLU J 373 47.24 -20.65 -10.47
CA GLU J 373 47.86 -20.11 -11.63
C GLU J 373 46.84 -19.98 -12.79
N ILE J 374 45.85 -20.75 -12.92
CA ILE J 374 44.74 -20.63 -13.82
C ILE J 374 43.75 -19.56 -13.55
N PHE J 375 43.26 -19.52 -12.38
CA PHE J 375 42.31 -18.57 -11.89
C PHE J 375 42.74 -17.36 -11.26
N GLY J 376 43.96 -17.22 -10.86
CA GLY J 376 44.59 -16.01 -10.47
C GLY J 376 43.95 -15.58 -9.11
N ASP J 377 44.29 -14.30 -8.75
CA ASP J 377 43.54 -13.49 -7.75
C ASP J 377 42.00 -13.46 -7.74
N ASP J 378 41.41 -13.01 -8.80
CA ASP J 378 40.02 -12.84 -9.10
C ASP J 378 39.35 -14.25 -9.51
N SER J 379 38.91 -14.90 -8.52
CA SER J 379 38.08 -16.07 -8.70
C SER J 379 37.53 -16.55 -7.39
N VAL J 380 36.72 -17.57 -7.43
CA VAL J 380 36.07 -18.20 -6.26
C VAL J 380 36.38 -19.74 -6.42
N LEU J 381 36.81 -20.48 -5.44
CA LEU J 381 37.12 -21.85 -5.61
C LEU J 381 36.31 -22.52 -4.54
N GLN J 382 35.72 -23.68 -4.81
CA GLN J 382 34.62 -24.15 -4.02
C GLN J 382 34.95 -25.68 -3.82
N PHE J 383 34.71 -26.23 -2.69
CA PHE J 383 35.06 -27.54 -2.24
C PHE J 383 33.81 -28.36 -2.27
N GLY J 384 33.83 -29.43 -2.92
CA GLY J 384 32.63 -30.30 -3.00
C GLY J 384 32.22 -30.84 -1.67
N GLY J 393 35.22 -32.65 5.04
CA GLY J 393 34.79 -31.26 5.34
C GLY J 393 34.69 -30.97 6.87
N ASN J 394 35.67 -30.31 7.40
CA ASN J 394 35.77 -29.92 8.86
C ASN J 394 36.72 -28.68 9.06
N ALA J 395 36.60 -27.98 10.22
CA ALA J 395 37.24 -26.72 10.43
C ALA J 395 38.78 -26.86 10.24
N PRO J 396 39.50 -27.86 10.80
CA PRO J 396 40.90 -28.00 10.49
C PRO J 396 41.20 -28.15 9.02
N GLY J 397 40.35 -28.85 8.31
CA GLY J 397 40.55 -28.96 6.86
C GLY J 397 40.55 -27.59 6.13
N ALA J 398 39.55 -26.72 6.47
CA ALA J 398 39.61 -25.36 5.99
C ALA J 398 40.75 -24.58 6.46
N THR J 399 41.26 -24.77 7.65
CA THR J 399 42.49 -24.18 8.12
C THR J 399 43.62 -24.53 7.22
N ALA J 400 43.76 -25.77 6.93
CA ALA J 400 44.88 -26.27 6.03
C ALA J 400 44.60 -25.62 4.65
N ASN J 401 43.40 -25.61 4.13
CA ASN J 401 43.14 -25.09 2.76
C ASN J 401 43.60 -23.61 2.63
N ARG J 402 43.23 -22.77 3.64
CA ARG J 402 43.58 -21.34 3.81
C ARG J 402 45.04 -21.16 3.90
N VAL J 403 45.66 -22.07 4.78
CA VAL J 403 47.13 -22.04 4.81
C VAL J 403 47.78 -22.25 3.49
N ALA J 404 47.37 -23.30 2.90
CA ALA J 404 47.92 -23.62 1.62
C ALA J 404 47.70 -22.54 0.62
N LEU J 405 46.62 -21.80 0.62
CA LEU J 405 46.31 -20.77 -0.33
C LEU J 405 47.18 -19.62 -0.15
N GLU J 406 47.33 -19.19 1.07
CA GLU J 406 48.22 -18.14 1.38
C GLU J 406 49.70 -18.54 0.95
N ALA J 407 50.12 -19.68 1.34
CA ALA J 407 51.42 -20.07 0.84
C ALA J 407 51.59 -20.07 -0.64
N CYS J 408 50.70 -20.57 -1.41
CA CYS J 408 50.76 -20.63 -2.85
C CYS J 408 50.75 -19.38 -3.68
N VAL J 409 49.82 -18.55 -3.32
CA VAL J 409 49.94 -17.13 -3.49
C VAL J 409 51.20 -16.43 -3.16
N GLN J 410 51.67 -16.71 -2.04
CA GLN J 410 52.94 -16.19 -1.59
C GLN J 410 54.05 -16.53 -2.54
N ALA J 411 54.13 -17.76 -2.90
CA ALA J 411 55.17 -18.32 -3.81
C ALA J 411 54.87 -17.65 -5.21
N ARG J 412 53.68 -17.58 -5.64
CA ARG J 412 53.35 -17.03 -6.99
C ARG J 412 53.86 -15.56 -6.99
N ASN J 413 53.65 -14.79 -5.84
CA ASN J 413 54.01 -13.41 -5.78
C ASN J 413 55.49 -13.38 -5.83
N GLU J 414 56.27 -14.33 -5.21
CA GLU J 414 57.76 -14.45 -5.25
C GLU J 414 58.25 -14.52 -6.72
N GLY J 415 57.43 -14.82 -7.79
CA GLY J 415 57.87 -15.23 -9.13
C GLY J 415 58.07 -16.73 -9.39
N ARG J 416 57.85 -17.57 -8.41
CA ARG J 416 58.18 -18.99 -8.63
C ARG J 416 57.07 -19.53 -9.49
N ASP J 417 57.33 -20.44 -10.35
CA ASP J 417 56.29 -21.01 -11.23
C ASP J 417 55.53 -22.06 -10.52
N LEU J 418 54.20 -21.73 -10.16
CA LEU J 418 53.42 -22.77 -9.42
C LEU J 418 53.29 -24.09 -9.98
N TYR J 419 53.26 -24.17 -11.35
CA TYR J 419 53.24 -25.41 -12.09
C TYR J 419 54.17 -26.47 -11.81
N ARG J 420 55.35 -26.08 -11.97
CA ARG J 420 56.47 -26.93 -11.66
C ARG J 420 56.66 -27.38 -10.19
N GLU J 421 56.54 -26.47 -9.29
CA GLU J 421 56.87 -26.73 -7.87
C GLU J 421 55.58 -26.71 -6.99
N GLY J 422 54.44 -27.06 -7.53
CA GLY J 422 53.30 -27.09 -6.67
C GLY J 422 53.26 -27.98 -5.47
N GLY J 423 53.67 -29.25 -5.65
CA GLY J 423 53.91 -30.15 -4.50
C GLY J 423 54.98 -29.68 -3.61
N ASP J 424 56.08 -29.10 -4.16
CA ASP J 424 57.21 -28.59 -3.36
C ASP J 424 56.62 -27.44 -2.44
N ILE J 425 55.87 -26.56 -2.93
CA ILE J 425 55.29 -25.42 -2.09
C ILE J 425 54.38 -25.99 -1.10
N LEU J 426 53.47 -26.78 -1.55
CA LEU J 426 52.51 -27.41 -0.54
C LEU J 426 53.24 -28.10 0.59
N ARG J 427 54.26 -28.76 0.29
CA ARG J 427 55.29 -29.27 1.21
C ARG J 427 55.93 -28.32 2.14
N GLU J 428 56.46 -27.21 1.55
CA GLU J 428 57.01 -26.17 2.31
C GLU J 428 56.06 -25.67 3.28
N ALA J 429 54.80 -25.42 2.84
CA ALA J 429 53.77 -25.18 3.88
C ALA J 429 53.48 -26.24 4.86
N GLY J 430 53.68 -27.44 4.49
CA GLY J 430 53.35 -28.60 5.35
C GLY J 430 54.11 -28.76 6.68
N LYS J 431 55.37 -28.40 6.76
CA LYS J 431 56.12 -28.83 7.95
C LYS J 431 55.61 -28.09 9.24
N TRP J 432 55.40 -26.82 9.13
CA TRP J 432 54.90 -26.14 10.39
C TRP J 432 53.39 -26.42 10.62
N SER J 433 52.61 -27.00 9.63
CA SER J 433 51.17 -27.00 9.69
C SER J 433 50.69 -28.44 10.02
N PRO J 434 50.10 -28.66 11.21
CA PRO J 434 49.63 -30.00 11.50
C PRO J 434 48.58 -30.43 10.57
N GLU J 435 47.62 -29.61 10.38
CA GLU J 435 46.38 -30.01 9.66
C GLU J 435 46.63 -30.14 8.14
N LEU J 436 47.43 -29.26 7.60
CA LEU J 436 47.92 -29.40 6.29
C LEU J 436 48.77 -30.73 6.12
N ALA J 437 49.54 -31.09 7.06
CA ALA J 437 50.20 -32.37 7.05
C ALA J 437 49.16 -33.55 7.03
N ALA J 438 48.11 -33.46 7.92
CA ALA J 438 47.11 -34.49 8.04
C ALA J 438 46.37 -34.66 6.75
N ALA J 439 46.27 -33.51 5.92
CA ALA J 439 45.57 -33.54 4.67
C ALA J 439 46.42 -34.09 3.58
N LEU J 440 47.63 -33.39 3.31
CA LEU J 440 48.60 -33.89 2.37
C LEU J 440 48.89 -35.34 2.52
N ASP J 441 48.92 -35.90 3.66
CA ASP J 441 48.95 -37.38 3.81
C ASP J 441 47.89 -38.08 3.12
N LEU J 442 46.70 -37.54 3.16
CA LEU J 442 45.52 -38.18 2.52
C LEU J 442 45.61 -37.88 1.04
N LYS K 1 -26.02 -10.28 -40.44
CA LYS K 1 -25.35 -10.03 -41.68
C LYS K 1 -24.39 -11.06 -42.06
N GLU K 2 -23.30 -11.11 -41.36
CA GLU K 2 -22.28 -12.18 -41.35
C GLU K 2 -22.29 -13.02 -39.99
N ARG K 3 -23.32 -12.87 -39.05
CA ARG K 3 -23.30 -13.54 -37.78
C ARG K 3 -23.16 -15.01 -37.94
N ARG K 4 -22.35 -15.61 -37.09
CA ARG K 4 -21.99 -17.05 -37.24
C ARG K 4 -22.33 -17.69 -35.93
N PHE K 5 -22.12 -18.98 -35.83
CA PHE K 5 -22.39 -19.76 -34.52
C PHE K 5 -21.24 -20.71 -34.47
N GLU K 6 -21.04 -21.18 -33.26
CA GLU K 6 -19.67 -21.64 -32.93
C GLU K 6 -19.16 -22.81 -33.61
N THR K 7 -20.03 -23.77 -33.88
CA THR K 7 -19.62 -25.06 -34.40
C THR K 7 -20.50 -25.48 -35.61
N PHE K 8 -19.84 -25.84 -36.74
CA PHE K 8 -20.52 -26.19 -37.91
C PHE K 8 -21.25 -25.20 -38.71
N SER K 9 -21.30 -23.88 -38.25
CA SER K 9 -22.08 -22.81 -38.96
C SER K 9 -21.78 -22.42 -40.32
N TYR K 10 -20.44 -22.47 -40.71
CA TYR K 10 -20.04 -22.33 -42.08
C TYR K 10 -20.52 -23.51 -42.98
N LEU K 11 -21.10 -24.65 -42.42
CA LEU K 11 -21.63 -25.68 -43.28
C LEU K 11 -23.01 -25.20 -43.56
N PRO K 12 -23.64 -25.71 -44.68
CA PRO K 12 -25.01 -25.13 -45.06
C PRO K 12 -25.99 -25.52 -43.99
N PRO K 13 -27.13 -24.77 -43.90
CA PRO K 13 -28.08 -25.04 -42.85
C PRO K 13 -28.53 -26.51 -42.83
N LEU K 14 -28.20 -27.25 -41.70
CA LEU K 14 -28.21 -28.65 -41.70
C LEU K 14 -29.57 -29.17 -41.96
N SER K 15 -29.68 -30.07 -42.90
CA SER K 15 -30.96 -30.67 -43.33
C SER K 15 -31.38 -31.69 -42.31
N ASP K 16 -32.69 -32.01 -42.29
CA ASP K 16 -33.24 -32.96 -41.29
C ASP K 16 -32.41 -34.26 -41.41
N ARG K 17 -32.02 -34.68 -42.55
CA ARG K 17 -31.09 -35.76 -42.70
C ARG K 17 -29.76 -35.47 -41.86
N GLN K 18 -29.22 -34.32 -42.14
CA GLN K 18 -27.91 -34.11 -41.59
C GLN K 18 -28.01 -34.09 -40.03
N ILE K 19 -28.99 -33.39 -39.50
CA ILE K 19 -29.19 -33.29 -38.02
C ILE K 19 -29.45 -34.78 -37.66
N ALA K 20 -30.15 -35.56 -38.34
CA ALA K 20 -30.39 -36.97 -37.93
C ALA K 20 -29.11 -37.72 -37.84
N ALA K 21 -28.16 -37.48 -38.82
CA ALA K 21 -26.87 -38.11 -38.84
C ALA K 21 -26.09 -37.73 -37.62
N GLN K 22 -26.09 -36.40 -37.30
CA GLN K 22 -25.39 -35.90 -36.18
C GLN K 22 -25.90 -36.50 -34.95
N ILE K 23 -27.25 -36.55 -34.80
CA ILE K 23 -27.90 -37.19 -33.59
C ILE K 23 -27.51 -38.69 -33.50
N GLU K 24 -27.48 -39.36 -34.64
CA GLU K 24 -27.34 -40.79 -34.58
C GLU K 24 -25.92 -41.05 -33.99
N TYR K 25 -24.84 -40.55 -34.70
CA TYR K 25 -23.50 -40.47 -33.99
C TYR K 25 -23.48 -40.01 -32.65
N MET K 26 -24.20 -38.93 -32.25
CA MET K 26 -24.36 -38.62 -30.92
C MET K 26 -24.78 -39.84 -29.98
N ILE K 27 -25.95 -40.54 -30.41
CA ILE K 27 -26.48 -41.66 -29.67
C ILE K 27 -25.48 -42.66 -29.45
N GLU K 28 -24.64 -43.06 -30.44
CA GLU K 28 -23.64 -44.03 -30.18
C GLU K 28 -22.74 -43.48 -29.02
N GLN K 29 -22.38 -42.18 -29.03
CA GLN K 29 -21.45 -41.65 -28.12
C GLN K 29 -22.07 -41.55 -26.64
N GLY K 30 -23.46 -41.48 -26.56
CA GLY K 30 -24.15 -41.85 -25.31
C GLY K 30 -24.13 -40.74 -24.26
N PHE K 31 -24.09 -39.46 -24.73
CA PHE K 31 -24.04 -38.25 -23.79
C PHE K 31 -25.42 -37.66 -23.98
N HIS K 32 -26.22 -37.57 -22.95
CA HIS K 32 -27.63 -37.64 -23.23
C HIS K 32 -28.09 -36.27 -23.80
N PRO K 33 -28.75 -36.15 -25.01
CA PRO K 33 -28.92 -34.85 -25.61
C PRO K 33 -29.75 -33.92 -24.77
N LEU K 34 -29.49 -32.57 -25.00
CA LEU K 34 -30.16 -31.45 -24.42
C LEU K 34 -30.56 -30.59 -25.58
N ILE K 35 -31.76 -30.06 -25.54
CA ILE K 35 -32.24 -29.09 -26.59
C ILE K 35 -32.40 -27.81 -25.87
N GLU K 36 -31.86 -26.67 -26.38
CA GLU K 36 -32.10 -25.33 -25.95
C GLU K 36 -32.47 -24.41 -27.09
N PHE K 37 -32.89 -23.22 -26.76
CA PHE K 37 -33.29 -22.15 -27.62
C PHE K 37 -33.15 -20.69 -27.05
N ASN K 38 -33.18 -19.73 -27.90
CA ASN K 38 -33.35 -18.31 -27.47
C ASN K 38 -33.72 -17.48 -28.59
N GLU K 39 -34.35 -16.29 -28.23
CA GLU K 39 -34.60 -15.29 -29.17
C GLU K 39 -33.46 -14.66 -29.85
N HIS K 40 -32.27 -14.68 -29.19
CA HIS K 40 -31.05 -14.30 -29.84
C HIS K 40 -29.90 -15.12 -29.33
N SER K 41 -28.71 -14.81 -29.78
CA SER K 41 -27.41 -15.39 -29.28
C SER K 41 -26.34 -14.48 -29.10
N ASN K 42 -25.93 -14.24 -27.77
CA ASN K 42 -24.79 -13.46 -27.50
C ASN K 42 -23.58 -14.36 -27.02
N PRO K 43 -22.43 -14.29 -27.57
CA PRO K 43 -21.32 -15.08 -27.11
C PRO K 43 -21.05 -14.90 -25.65
N GLU K 44 -21.19 -13.62 -25.14
CA GLU K 44 -21.04 -13.32 -23.70
C GLU K 44 -22.06 -14.06 -22.90
N GLU K 45 -23.30 -14.32 -23.46
CA GLU K 45 -24.30 -15.11 -22.68
C GLU K 45 -23.98 -16.62 -22.74
N PHE K 46 -23.52 -17.16 -21.67
CA PHE K 46 -23.11 -18.58 -21.62
C PHE K 46 -24.25 -19.45 -21.70
N TYR K 47 -25.40 -19.20 -21.12
CA TYR K 47 -26.46 -20.22 -20.99
C TYR K 47 -27.58 -19.75 -21.87
N TRP K 48 -28.26 -20.68 -22.49
CA TRP K 48 -29.46 -20.39 -23.20
C TRP K 48 -30.60 -21.35 -22.79
N THR K 49 -31.77 -21.03 -23.14
CA THR K 49 -32.98 -21.66 -22.51
C THR K 49 -33.17 -23.11 -22.98
N MET K 50 -33.09 -23.99 -22.11
CA MET K 50 -33.33 -25.38 -22.42
C MET K 50 -34.82 -25.55 -22.86
N TRP K 51 -35.17 -26.67 -23.58
CA TRP K 51 -36.58 -27.02 -23.90
C TRP K 51 -37.15 -27.98 -22.96
N LYS K 52 -37.26 -27.57 -21.73
CA LYS K 52 -38.12 -28.08 -20.61
C LYS K 52 -37.58 -29.43 -20.06
N LEU K 53 -36.53 -30.07 -20.62
CA LEU K 53 -35.88 -31.27 -20.17
C LEU K 53 -34.60 -31.57 -21.00
N PRO K 54 -33.69 -32.28 -20.37
CA PRO K 54 -32.80 -33.04 -21.14
C PRO K 54 -33.32 -34.47 -21.37
N LEU K 55 -33.15 -34.98 -22.56
CA LEU K 55 -33.58 -36.31 -22.90
C LEU K 55 -32.63 -37.38 -22.57
N PHE K 56 -32.93 -38.18 -21.47
CA PHE K 56 -31.98 -39.13 -21.02
C PHE K 56 -32.43 -40.56 -21.50
N ASP K 57 -33.77 -40.84 -21.41
CA ASP K 57 -34.19 -42.11 -22.02
C ASP K 57 -34.37 -41.96 -23.58
N CYS K 58 -33.22 -41.63 -24.26
CA CYS K 58 -33.12 -41.42 -25.67
C CYS K 58 -32.72 -42.73 -26.40
N LYS K 59 -33.48 -43.10 -27.35
CA LYS K 59 -33.10 -44.19 -28.30
C LYS K 59 -33.14 -43.77 -29.79
N SER K 60 -34.07 -42.95 -30.15
CA SER K 60 -34.37 -42.47 -31.47
C SER K 60 -33.94 -41.01 -31.82
N PRO K 61 -33.12 -40.73 -32.86
CA PRO K 61 -33.07 -39.37 -33.24
C PRO K 61 -34.39 -38.72 -33.71
N GLN K 62 -35.34 -39.44 -34.14
CA GLN K 62 -36.58 -38.91 -34.54
C GLN K 62 -37.30 -38.16 -33.47
N GLN K 63 -37.28 -38.72 -32.22
CA GLN K 63 -37.87 -38.01 -31.03
C GLN K 63 -37.28 -36.66 -30.86
N VAL K 64 -35.94 -36.50 -30.96
CA VAL K 64 -35.37 -35.27 -30.61
C VAL K 64 -35.68 -34.26 -31.81
N LEU K 65 -35.64 -34.77 -33.07
CA LEU K 65 -36.20 -33.98 -34.18
C LEU K 65 -37.66 -33.42 -34.00
N ASP K 66 -38.50 -34.35 -33.50
CA ASP K 66 -39.83 -33.91 -33.17
C ASP K 66 -39.80 -32.85 -32.20
N GLU K 67 -39.11 -33.01 -31.04
CA GLU K 67 -38.90 -31.94 -30.03
C GLU K 67 -38.47 -30.55 -30.57
N VAL K 68 -37.39 -30.66 -31.38
CA VAL K 68 -36.97 -29.44 -32.15
C VAL K 68 -38.19 -28.81 -32.93
N ARG K 69 -39.07 -29.68 -33.50
CA ARG K 69 -40.22 -29.22 -34.21
C ARG K 69 -41.22 -28.50 -33.36
N GLU K 70 -41.49 -29.03 -32.18
CA GLU K 70 -42.46 -28.31 -31.34
C GLU K 70 -41.80 -26.95 -30.90
N CYS K 71 -40.44 -26.92 -30.66
CA CYS K 71 -39.78 -25.71 -30.28
C CYS K 71 -39.83 -24.79 -31.45
N ARG K 72 -39.63 -25.22 -32.78
CA ARG K 72 -40.08 -24.46 -33.91
C ARG K 72 -41.38 -23.79 -33.92
N SER K 73 -42.38 -24.61 -33.70
CA SER K 73 -43.72 -24.09 -33.81
C SER K 73 -43.91 -23.10 -32.62
N GLU K 74 -43.34 -23.32 -31.47
CA GLU K 74 -43.67 -22.50 -30.26
C GLU K 74 -42.72 -21.28 -30.29
N TYR K 75 -41.42 -21.30 -30.90
CA TYR K 75 -40.43 -20.27 -30.90
C TYR K 75 -39.86 -20.08 -32.26
N GLY K 76 -40.76 -19.91 -33.29
CA GLY K 76 -40.35 -19.96 -34.71
C GLY K 76 -39.31 -18.87 -35.07
N ASP K 77 -39.38 -17.75 -34.38
CA ASP K 77 -38.45 -16.65 -34.48
C ASP K 77 -37.18 -16.73 -33.53
N CYS K 78 -36.82 -17.98 -33.08
CA CYS K 78 -35.76 -18.05 -32.01
C CYS K 78 -34.80 -19.09 -32.51
N TYR K 79 -33.58 -19.01 -32.06
CA TYR K 79 -32.60 -20.02 -32.28
C TYR K 79 -32.81 -21.31 -31.55
N ILE K 80 -32.45 -22.47 -32.09
CA ILE K 80 -32.70 -23.72 -31.55
C ILE K 80 -31.41 -24.44 -31.62
N ARG K 81 -30.90 -25.03 -30.57
CA ARG K 81 -29.71 -25.84 -30.51
C ARG K 81 -30.01 -27.17 -29.93
N VAL K 82 -29.08 -28.15 -30.37
CA VAL K 82 -28.86 -29.36 -29.63
C VAL K 82 -27.49 -29.37 -29.03
N ALA K 83 -27.36 -29.97 -27.89
CA ALA K 83 -26.08 -30.13 -27.26
C ALA K 83 -25.98 -31.52 -26.56
N GLY K 84 -24.70 -31.92 -26.28
CA GLY K 84 -24.42 -33.12 -25.56
C GLY K 84 -23.42 -32.93 -24.46
N PHE K 85 -23.67 -33.54 -23.33
CA PHE K 85 -22.77 -33.45 -22.20
C PHE K 85 -22.15 -34.84 -21.86
N ASP K 86 -20.86 -34.97 -22.09
CA ASP K 86 -20.07 -36.01 -21.61
C ASP K 86 -20.00 -35.98 -20.11
N ASN K 87 -20.62 -36.96 -19.46
CA ASN K 87 -20.75 -37.15 -18.04
C ASN K 87 -19.50 -37.69 -17.54
N ILE K 88 -18.93 -38.70 -18.26
CA ILE K 88 -17.89 -39.48 -17.76
C ILE K 88 -16.62 -38.54 -17.70
N LYS K 89 -16.29 -37.94 -18.82
CA LYS K 89 -15.31 -36.89 -18.85
C LYS K 89 -15.72 -35.44 -18.32
N GLN K 90 -17.03 -35.25 -18.00
CA GLN K 90 -17.55 -34.13 -17.32
C GLN K 90 -17.40 -32.99 -18.28
N CYS K 91 -17.63 -33.10 -19.54
CA CYS K 91 -17.43 -32.12 -20.57
C CYS K 91 -18.64 -31.99 -21.40
N GLN K 92 -18.86 -30.75 -21.96
CA GLN K 92 -19.89 -30.54 -23.03
C GLN K 92 -19.30 -30.74 -24.39
N THR K 93 -19.58 -31.87 -24.98
CA THR K 93 -18.87 -32.30 -26.23
C THR K 93 -19.55 -32.07 -27.52
N VAL K 94 -20.81 -31.53 -27.59
CA VAL K 94 -21.43 -31.25 -28.81
C VAL K 94 -22.27 -29.95 -28.60
N SER K 95 -22.19 -29.03 -29.53
CA SER K 95 -23.15 -27.88 -29.43
C SER K 95 -23.28 -27.31 -30.77
N PHE K 96 -24.42 -27.22 -31.40
CA PHE K 96 -24.52 -26.71 -32.80
C PHE K 96 -26.03 -26.37 -32.96
N ILE K 97 -26.33 -25.21 -33.63
CA ILE K 97 -27.62 -24.85 -34.07
C ILE K 97 -28.31 -25.91 -34.87
N VAL K 98 -29.58 -26.01 -34.73
CA VAL K 98 -30.56 -26.67 -35.63
C VAL K 98 -31.70 -25.82 -36.25
N HIS K 99 -31.86 -24.50 -35.85
CA HIS K 99 -32.80 -23.73 -36.63
C HIS K 99 -32.23 -22.23 -36.53
N ARG K 100 -32.71 -21.44 -37.57
CA ARG K 100 -32.57 -20.03 -37.55
C ARG K 100 -33.95 -19.43 -37.91
N PRO K 101 -34.31 -18.19 -37.47
CA PRO K 101 -35.55 -17.55 -37.83
C PRO K 101 -35.60 -17.17 -39.34
N LYS L 1 -43.34 -10.05 -22.36
CA LYS L 1 -43.33 -11.49 -22.80
C LYS L 1 -43.58 -12.53 -21.68
N GLU L 2 -42.58 -12.64 -20.85
CA GLU L 2 -42.62 -13.31 -19.51
C GLU L 2 -42.39 -12.51 -18.34
N ARG L 3 -42.39 -11.22 -18.40
CA ARG L 3 -42.21 -10.36 -17.31
C ARG L 3 -43.00 -10.58 -16.05
N ARG L 4 -42.42 -10.79 -14.90
CA ARG L 4 -43.18 -11.06 -13.74
C ARG L 4 -43.00 -9.87 -12.75
N PHE L 5 -43.54 -9.97 -11.64
CA PHE L 5 -43.61 -8.94 -10.57
C PHE L 5 -43.54 -9.61 -9.15
N GLU L 6 -43.34 -8.80 -8.13
CA GLU L 6 -42.79 -9.31 -6.96
C GLU L 6 -43.74 -10.19 -6.29
N THR L 7 -44.92 -9.73 -5.96
CA THR L 7 -45.74 -10.57 -5.04
C THR L 7 -47.03 -10.83 -5.73
N PHE L 8 -47.51 -12.04 -5.61
CA PHE L 8 -48.70 -12.46 -6.31
C PHE L 8 -48.70 -12.50 -7.77
N SER L 9 -47.52 -12.24 -8.46
CA SER L 9 -47.46 -12.19 -9.87
C SER L 9 -47.79 -13.39 -10.54
N TYR L 10 -47.50 -14.60 -10.00
CA TYR L 10 -47.92 -15.79 -10.60
C TYR L 10 -49.47 -16.13 -10.35
N LEU L 11 -50.24 -15.34 -9.63
CA LEU L 11 -51.70 -15.53 -9.54
C LEU L 11 -52.33 -14.88 -10.78
N PRO L 12 -53.61 -15.29 -10.98
CA PRO L 12 -54.31 -14.54 -12.06
C PRO L 12 -54.50 -13.04 -11.72
N PRO L 13 -54.58 -12.14 -12.73
CA PRO L 13 -54.79 -10.74 -12.38
C PRO L 13 -55.92 -10.57 -11.32
N LEU L 14 -55.56 -9.96 -10.14
CA LEU L 14 -56.47 -9.83 -9.05
C LEU L 14 -57.72 -9.22 -9.48
N SER L 15 -58.94 -9.76 -9.15
CA SER L 15 -60.20 -9.17 -9.32
C SER L 15 -60.43 -8.12 -8.29
N ASP L 16 -61.32 -7.21 -8.58
CA ASP L 16 -61.56 -6.05 -7.69
C ASP L 16 -61.89 -6.66 -6.36
N ARG L 17 -62.63 -7.75 -6.38
CA ARG L 17 -62.99 -8.32 -5.06
C ARG L 17 -61.67 -8.72 -4.25
N GLN L 18 -60.77 -9.41 -4.89
CA GLN L 18 -59.51 -9.87 -4.36
C GLN L 18 -58.64 -8.66 -3.86
N ILE L 19 -58.56 -7.66 -4.64
CA ILE L 19 -57.84 -6.42 -4.26
C ILE L 19 -58.54 -5.91 -2.98
N ALA L 20 -59.85 -5.86 -2.90
CA ALA L 20 -60.52 -5.36 -1.75
C ALA L 20 -60.17 -6.15 -0.56
N ALA L 21 -60.18 -7.51 -0.70
CA ALA L 21 -59.82 -8.39 0.38
C ALA L 21 -58.47 -8.06 0.91
N GLN L 22 -57.54 -7.84 -0.09
CA GLN L 22 -56.15 -7.61 0.39
C GLN L 22 -56.05 -6.27 1.16
N ILE L 23 -56.73 -5.19 0.63
CA ILE L 23 -56.79 -3.95 1.28
C ILE L 23 -57.45 -4.08 2.61
N GLU L 24 -58.55 -4.92 2.69
CA GLU L 24 -59.31 -5.05 3.87
C GLU L 24 -58.19 -5.55 4.90
N TYR L 25 -57.43 -6.62 4.56
CA TYR L 25 -56.64 -7.32 5.53
C TYR L 25 -55.64 -6.19 6.04
N MET L 26 -55.08 -5.38 5.08
CA MET L 26 -54.17 -4.32 5.40
C MET L 26 -54.74 -3.43 6.47
N ILE L 27 -56.05 -3.05 6.30
CA ILE L 27 -56.70 -2.16 7.21
C ILE L 27 -56.76 -2.72 8.55
N GLU L 28 -57.35 -3.94 8.77
CA GLU L 28 -57.35 -4.54 10.03
C GLU L 28 -56.02 -4.81 10.68
N GLN L 29 -54.92 -4.85 9.83
CA GLN L 29 -53.68 -4.93 10.52
C GLN L 29 -53.06 -3.43 10.67
N GLY L 30 -53.81 -2.31 10.34
CA GLY L 30 -53.44 -0.98 10.46
C GLY L 30 -52.40 -0.46 9.52
N PHE L 31 -52.29 -1.02 8.24
CA PHE L 31 -51.18 -0.56 7.38
C PHE L 31 -51.86 0.19 6.34
N HIS L 32 -51.64 1.53 6.39
CA HIS L 32 -52.51 2.43 5.60
C HIS L 32 -51.93 2.27 4.16
N PRO L 33 -52.68 2.40 3.11
CA PRO L 33 -52.23 2.05 1.81
C PRO L 33 -51.41 3.12 1.20
N LEU L 34 -50.42 2.73 0.34
CA LEU L 34 -49.67 3.71 -0.48
C LEU L 34 -49.77 3.24 -1.88
N ILE L 35 -50.10 4.12 -2.77
CA ILE L 35 -50.30 3.77 -4.21
C ILE L 35 -49.23 4.47 -5.00
N GLU L 36 -48.57 3.77 -5.90
CA GLU L 36 -47.43 4.33 -6.57
C GLU L 36 -47.30 3.72 -7.92
N PHE L 37 -46.59 4.32 -8.85
CA PHE L 37 -46.58 3.83 -10.26
C PHE L 37 -45.42 4.30 -11.06
N ASN L 38 -45.19 3.63 -12.22
CA ASN L 38 -44.19 4.04 -13.12
C ASN L 38 -44.46 3.49 -14.54
N GLU L 39 -44.21 4.27 -15.51
CA GLU L 39 -44.51 3.84 -16.80
C GLU L 39 -43.73 2.55 -17.16
N HIS L 40 -42.55 2.22 -16.53
CA HIS L 40 -41.88 1.03 -16.80
C HIS L 40 -41.79 0.27 -15.52
N SER L 41 -41.29 -0.94 -15.59
CA SER L 41 -41.10 -1.83 -14.49
C SER L 41 -39.73 -2.42 -14.50
N ASN L 42 -38.80 -1.86 -13.64
CA ASN L 42 -37.40 -2.34 -13.58
C ASN L 42 -37.09 -2.85 -12.15
N PRO L 43 -36.66 -4.03 -12.05
CA PRO L 43 -36.30 -4.48 -10.68
C PRO L 43 -35.22 -3.71 -9.98
N GLU L 44 -34.20 -3.33 -10.64
CA GLU L 44 -33.17 -2.44 -10.07
C GLU L 44 -33.84 -1.10 -9.67
N GLU L 45 -35.02 -0.65 -10.23
CA GLU L 45 -35.29 0.70 -10.04
C GLU L 45 -36.25 0.62 -8.83
N PHE L 46 -35.69 0.80 -7.61
CA PHE L 46 -36.37 0.52 -6.41
C PHE L 46 -37.64 1.36 -6.36
N TYR L 47 -37.60 2.58 -6.70
CA TYR L 47 -38.75 3.45 -6.38
C TYR L 47 -39.80 3.51 -7.44
N TRP L 48 -40.99 4.11 -7.10
CA TRP L 48 -42.06 4.27 -8.03
C TRP L 48 -42.67 5.64 -7.62
N THR L 49 -43.59 6.17 -8.46
CA THR L 49 -44.11 7.45 -8.27
C THR L 49 -45.46 7.39 -7.51
N MET L 50 -45.53 8.05 -6.43
CA MET L 50 -46.59 7.84 -5.34
C MET L 50 -47.75 8.62 -5.88
N TRP L 51 -48.98 8.18 -5.66
CA TRP L 51 -50.19 8.68 -6.19
C TRP L 51 -50.89 9.82 -5.40
N LYS L 52 -50.05 10.78 -5.15
CA LYS L 52 -50.27 12.11 -4.65
C LYS L 52 -50.57 12.19 -3.18
N LEU L 53 -50.74 11.06 -2.45
CA LEU L 53 -50.87 10.98 -1.03
C LEU L 53 -50.75 9.46 -0.63
N PRO L 54 -50.23 9.11 0.58
CA PRO L 54 -50.63 7.85 1.28
C PRO L 54 -51.87 8.04 2.17
N LEU L 55 -52.86 7.10 2.05
CA LEU L 55 -54.12 7.26 2.65
C LEU L 55 -54.10 6.84 4.06
N PHE L 56 -53.60 7.69 4.93
CA PHE L 56 -53.66 7.32 6.38
C PHE L 56 -55.04 7.38 6.90
N ASP L 57 -55.90 8.31 6.60
CA ASP L 57 -57.22 8.31 7.27
C ASP L 57 -58.12 7.41 6.28
N CYS L 58 -57.71 6.13 6.08
CA CYS L 58 -58.39 5.09 5.27
C CYS L 58 -59.35 4.41 6.19
N LYS L 59 -60.68 4.30 5.85
CA LYS L 59 -61.64 3.52 6.57
C LYS L 59 -62.17 2.40 5.73
N SER L 60 -62.28 2.56 4.38
CA SER L 60 -62.84 1.55 3.54
C SER L 60 -61.94 1.23 2.44
N PRO L 61 -61.83 -0.03 1.89
CA PRO L 61 -61.01 -0.25 0.64
C PRO L 61 -61.48 0.51 -0.57
N GLN L 62 -62.79 0.96 -0.64
CA GLN L 62 -63.43 1.35 -1.82
C GLN L 62 -62.82 2.71 -2.18
N GLN L 63 -62.36 3.58 -1.19
CA GLN L 63 -61.64 4.77 -1.41
C GLN L 63 -60.31 4.49 -2.18
N VAL L 64 -59.56 3.41 -1.75
CA VAL L 64 -58.29 3.09 -2.33
C VAL L 64 -58.56 2.63 -3.79
N LEU L 65 -59.66 1.85 -3.98
CA LEU L 65 -60.01 1.46 -5.36
C LEU L 65 -60.27 2.66 -6.20
N ASP L 66 -61.04 3.65 -5.65
CA ASP L 66 -61.44 4.79 -6.40
C ASP L 66 -60.15 5.71 -6.82
N GLU L 67 -59.22 5.95 -5.85
CA GLU L 67 -57.91 6.32 -6.16
C GLU L 67 -57.18 5.57 -7.30
N VAL L 68 -57.26 4.31 -7.30
CA VAL L 68 -56.66 3.51 -8.32
C VAL L 68 -57.30 3.78 -9.65
N ARG L 69 -58.67 3.95 -9.66
CA ARG L 69 -59.39 4.25 -10.86
C ARG L 69 -58.95 5.65 -11.34
N GLU L 70 -58.79 6.58 -10.50
CA GLU L 70 -58.44 7.86 -10.99
C GLU L 70 -57.01 7.73 -11.69
N CYS L 71 -56.05 7.04 -11.00
CA CYS L 71 -54.76 6.85 -11.52
C CYS L 71 -54.80 6.19 -12.86
N ARG L 72 -55.60 5.17 -13.05
CA ARG L 72 -55.56 4.50 -14.38
C ARG L 72 -56.22 5.40 -15.38
N SER L 73 -57.33 6.14 -15.03
CA SER L 73 -57.90 7.17 -15.93
C SER L 73 -56.89 8.12 -16.33
N GLU L 74 -55.82 8.42 -15.62
CA GLU L 74 -54.92 9.45 -16.00
C GLU L 74 -53.74 8.66 -16.63
N TYR L 75 -53.35 7.44 -16.15
CA TYR L 75 -52.14 6.66 -16.46
C TYR L 75 -52.45 5.27 -16.72
N GLY L 76 -53.38 5.04 -17.55
CA GLY L 76 -53.83 3.68 -17.85
C GLY L 76 -52.78 2.84 -18.52
N ASP L 77 -51.73 3.42 -19.18
CA ASP L 77 -50.65 2.76 -19.75
C ASP L 77 -49.44 2.60 -18.69
N CYS L 78 -49.74 2.64 -17.47
CA CYS L 78 -48.72 2.60 -16.41
C CYS L 78 -49.07 1.51 -15.33
N TYR L 79 -48.08 0.77 -14.90
CA TYR L 79 -48.29 -0.31 -13.85
C TYR L 79 -48.69 0.48 -12.57
N ILE L 80 -49.46 -0.14 -11.70
CA ILE L 80 -49.95 0.49 -10.54
C ILE L 80 -49.68 -0.61 -9.43
N ARG L 81 -49.30 -0.17 -8.26
CA ARG L 81 -48.99 -0.96 -7.13
C ARG L 81 -49.42 -0.29 -5.89
N VAL L 82 -49.80 -1.10 -4.86
CA VAL L 82 -50.33 -0.65 -3.56
C VAL L 82 -49.39 -1.18 -2.51
N ALA L 83 -49.03 -0.43 -1.51
CA ALA L 83 -48.08 -0.75 -0.46
C ALA L 83 -48.70 -0.53 0.89
N GLY L 84 -48.17 -1.29 1.94
CA GLY L 84 -48.63 -1.14 3.29
C GLY L 84 -47.37 -0.93 4.13
N PHE L 85 -47.41 0.03 5.02
CA PHE L 85 -46.29 0.32 5.88
C PHE L 85 -46.69 0.23 7.32
N ASP L 86 -45.91 -0.50 8.10
CA ASP L 86 -45.98 -0.73 9.53
C ASP L 86 -45.21 0.28 10.28
N ASN L 87 -45.71 1.43 10.61
CA ASN L 87 -44.92 2.45 11.23
C ASN L 87 -44.31 1.95 12.59
N ILE L 88 -44.93 0.84 13.18
CA ILE L 88 -44.44 0.42 14.46
C ILE L 88 -43.19 -0.51 14.20
N LYS L 89 -43.44 -1.58 13.48
CA LYS L 89 -42.20 -2.36 13.02
C LYS L 89 -41.29 -1.69 12.05
N GLN L 90 -41.67 -0.48 11.47
CA GLN L 90 -40.92 0.30 10.55
C GLN L 90 -40.58 -0.46 9.35
N CYS L 91 -41.57 -1.24 8.83
CA CYS L 91 -41.34 -2.12 7.66
C CYS L 91 -42.52 -2.01 6.66
N GLN L 92 -42.19 -1.83 5.36
CA GLN L 92 -43.01 -2.27 4.31
C GLN L 92 -43.46 -3.69 4.31
N THR L 93 -44.75 -3.91 4.37
CA THR L 93 -45.39 -5.17 4.61
C THR L 93 -46.22 -5.69 3.42
N VAL L 94 -46.62 -4.91 2.49
CA VAL L 94 -47.43 -5.25 1.28
C VAL L 94 -46.83 -4.70 0.07
N SER L 95 -46.73 -5.46 -1.05
CA SER L 95 -46.47 -4.79 -2.24
C SER L 95 -46.86 -5.77 -3.28
N PHE L 96 -47.83 -5.37 -4.18
CA PHE L 96 -48.29 -6.23 -5.23
C PHE L 96 -48.87 -5.36 -6.24
N ILE L 97 -49.15 -6.01 -7.43
CA ILE L 97 -49.63 -5.27 -8.61
C ILE L 97 -51.10 -5.23 -8.64
N VAL L 98 -51.68 -4.12 -9.20
CA VAL L 98 -53.08 -3.99 -9.53
C VAL L 98 -53.45 -3.67 -11.02
N HIS L 99 -52.51 -3.24 -11.82
CA HIS L 99 -52.80 -2.81 -13.15
C HIS L 99 -51.64 -3.08 -14.05
N ARG L 100 -51.88 -3.43 -15.38
CA ARG L 100 -50.72 -3.44 -16.19
C ARG L 100 -51.26 -2.94 -17.51
N PRO L 101 -50.35 -2.41 -18.46
CA PRO L 101 -50.79 -1.82 -19.70
C PRO L 101 -51.15 -2.93 -20.78
N LYS M 1 -25.06 14.46 -39.85
CA LYS M 1 -25.47 15.89 -39.74
C LYS M 1 -24.32 16.79 -40.06
N GLU M 2 -23.47 17.10 -39.04
CA GLU M 2 -22.20 17.76 -39.19
C GLU M 2 -20.97 16.78 -39.25
N ARG M 3 -21.23 15.48 -39.63
CA ARG M 3 -20.30 14.43 -39.55
C ARG M 3 -19.22 14.55 -40.64
N ARG M 4 -17.98 14.74 -40.22
CA ARG M 4 -16.79 14.79 -41.02
C ARG M 4 -15.95 13.41 -40.89
N PHE M 5 -14.82 13.37 -41.50
CA PHE M 5 -13.96 12.16 -41.47
C PHE M 5 -12.54 12.77 -41.57
N GLU M 6 -11.56 11.92 -41.33
CA GLU M 6 -10.22 12.16 -41.03
C GLU M 6 -9.62 13.11 -42.00
N THR M 7 -9.69 12.88 -43.35
CA THR M 7 -8.77 13.48 -44.26
C THR M 7 -9.41 13.95 -45.52
N PHE M 8 -9.28 15.27 -45.81
CA PHE M 8 -9.88 15.86 -46.98
C PHE M 8 -11.37 15.90 -46.97
N SER M 9 -12.13 15.45 -45.91
CA SER M 9 -13.54 15.57 -45.71
C SER M 9 -14.22 17.00 -45.85
N TYR M 10 -13.54 18.07 -45.34
CA TYR M 10 -13.93 19.45 -45.44
C TYR M 10 -13.78 20.00 -46.93
N LEU M 11 -13.12 19.32 -47.85
CA LEU M 11 -13.17 19.74 -49.23
C LEU M 11 -14.41 19.09 -49.87
N PRO M 12 -14.83 19.59 -51.08
CA PRO M 12 -16.00 19.08 -51.71
C PRO M 12 -15.90 17.55 -51.97
N PRO M 13 -16.98 16.83 -51.97
CA PRO M 13 -16.86 15.34 -52.12
C PRO M 13 -15.97 14.95 -53.26
N LEU M 14 -14.95 14.18 -52.98
CA LEU M 14 -13.81 14.09 -53.84
C LEU M 14 -14.34 13.34 -55.10
N SER M 15 -13.97 13.79 -56.23
CA SER M 15 -14.66 13.32 -57.47
C SER M 15 -13.60 12.66 -58.34
N ASP M 16 -14.16 11.90 -59.37
CA ASP M 16 -13.34 10.82 -59.95
C ASP M 16 -12.07 11.35 -60.52
N ARG M 17 -12.09 12.46 -61.21
CA ARG M 17 -10.91 13.14 -61.57
C ARG M 17 -9.93 13.38 -60.47
N GLN M 18 -10.35 14.12 -59.48
CA GLN M 18 -9.48 14.43 -58.31
C GLN M 18 -9.04 13.14 -57.57
N ILE M 19 -9.92 12.09 -57.59
CA ILE M 19 -9.59 10.77 -57.02
C ILE M 19 -8.41 10.34 -57.86
N ALA M 20 -8.48 10.46 -59.15
CA ALA M 20 -7.42 9.94 -60.04
C ALA M 20 -6.13 10.62 -59.80
N ALA M 21 -6.18 11.89 -59.65
CA ALA M 21 -4.96 12.71 -59.30
C ALA M 21 -4.33 12.23 -57.95
N GLN M 22 -5.14 12.09 -56.97
CA GLN M 22 -4.69 11.67 -55.68
C GLN M 22 -4.12 10.22 -55.73
N ILE M 23 -4.78 9.35 -56.45
CA ILE M 23 -4.33 8.00 -56.64
C ILE M 23 -2.95 8.06 -57.33
N GLU M 24 -2.84 8.86 -58.45
CA GLU M 24 -1.57 8.99 -59.06
C GLU M 24 -0.47 9.42 -58.18
N TYR M 25 -0.56 10.61 -57.57
CA TYR M 25 0.43 10.86 -56.47
C TYR M 25 0.77 9.74 -55.47
N MET M 26 -0.18 9.10 -55.01
CA MET M 26 0.03 7.87 -54.17
C MET M 26 0.93 6.83 -54.89
N ILE M 27 0.64 6.60 -56.22
CA ILE M 27 1.42 5.63 -57.02
C ILE M 27 2.84 6.03 -57.12
N GLU M 28 3.09 7.27 -57.65
CA GLU M 28 4.54 7.61 -57.83
C GLU M 28 5.25 7.69 -56.53
N GLN M 29 4.57 7.98 -55.45
CA GLN M 29 5.11 7.79 -54.12
C GLN M 29 5.59 6.38 -53.74
N GLY M 30 5.05 5.40 -54.36
CA GLY M 30 5.52 3.99 -54.19
C GLY M 30 4.92 3.32 -52.95
N PHE M 31 3.60 3.54 -52.67
CA PHE M 31 3.09 3.04 -51.36
C PHE M 31 1.93 2.20 -51.77
N HIS M 32 1.87 0.92 -51.31
CA HIS M 32 1.14 0.06 -52.16
C HIS M 32 -0.35 0.20 -51.63
N PRO M 33 -1.44 0.38 -52.52
CA PRO M 33 -2.66 1.01 -51.94
C PRO M 33 -3.33 -0.04 -51.10
N LEU M 34 -4.37 0.40 -50.27
CA LEU M 34 -5.27 -0.50 -49.68
C LEU M 34 -6.72 0.20 -49.71
N ILE M 35 -7.82 -0.55 -50.01
CA ILE M 35 -9.15 -0.02 -49.96
C ILE M 35 -9.83 -0.76 -48.86
N GLU M 36 -10.92 -0.15 -48.30
CA GLU M 36 -11.50 -0.51 -47.04
C GLU M 36 -12.81 0.11 -46.86
N PHE M 37 -13.73 -0.62 -46.18
CA PHE M 37 -15.17 -0.26 -46.21
C PHE M 37 -15.70 -0.82 -44.93
N ASN M 38 -16.90 -0.28 -44.59
CA ASN M 38 -17.71 -0.55 -43.44
C ASN M 38 -19.05 0.07 -43.57
N GLU M 39 -19.96 -0.56 -42.90
CA GLU M 39 -21.29 0.04 -42.59
C GLU M 39 -21.36 1.37 -41.90
N HIS M 40 -20.51 1.61 -40.86
CA HIS M 40 -20.49 2.84 -40.17
C HIS M 40 -19.04 3.40 -40.05
N SER M 41 -18.78 4.45 -39.31
CA SER M 41 -17.47 5.03 -39.14
C SER M 41 -17.34 5.54 -37.63
N ASN M 42 -16.54 4.92 -36.88
CA ASN M 42 -16.16 5.25 -35.59
C ASN M 42 -14.76 5.52 -35.39
N PRO M 43 -14.36 6.77 -35.02
CA PRO M 43 -13.03 7.00 -34.58
C PRO M 43 -12.40 6.04 -33.56
N GLU M 44 -13.18 5.81 -32.43
CA GLU M 44 -12.72 4.90 -31.49
C GLU M 44 -12.56 3.46 -32.05
N GLU M 45 -13.11 3.15 -33.20
CA GLU M 45 -13.01 1.80 -33.80
C GLU M 45 -11.92 1.82 -34.84
N PHE M 46 -10.78 1.12 -34.54
CA PHE M 46 -9.60 1.36 -35.40
C PHE M 46 -9.69 0.86 -36.76
N TYR M 47 -10.36 -0.34 -36.95
CA TYR M 47 -9.98 -1.05 -38.18
C TYR M 47 -11.25 -1.13 -38.97
N TRP M 48 -11.15 -0.94 -40.27
CA TRP M 48 -12.28 -1.28 -41.23
C TRP M 48 -11.95 -2.47 -42.04
N THR M 49 -12.97 -2.82 -42.93
CA THR M 49 -12.86 -3.94 -43.79
C THR M 49 -12.18 -3.56 -45.13
N MET M 50 -10.83 -3.91 -45.26
CA MET M 50 -10.16 -3.90 -46.55
C MET M 50 -10.76 -4.60 -47.67
N TRP M 51 -10.59 -4.24 -48.98
CA TRP M 51 -11.24 -4.69 -50.17
C TRP M 51 -10.59 -5.89 -50.70
N LYS M 52 -10.55 -6.89 -49.76
CA LYS M 52 -10.24 -8.35 -49.94
C LYS M 52 -8.66 -8.48 -50.15
N LEU M 53 -7.84 -7.45 -50.25
CA LEU M 53 -6.42 -7.48 -50.39
C LEU M 53 -5.92 -6.06 -50.30
N PRO M 54 -4.66 -5.77 -50.17
CA PRO M 54 -4.13 -4.55 -50.65
C PRO M 54 -3.62 -4.69 -52.06
N LEU M 55 -3.61 -3.72 -52.85
CA LEU M 55 -3.02 -3.73 -54.20
C LEU M 55 -1.55 -3.47 -54.13
N PHE M 56 -0.70 -4.42 -54.77
CA PHE M 56 0.66 -4.25 -54.56
C PHE M 56 1.27 -4.04 -56.00
N ASP M 57 0.77 -4.87 -57.01
CA ASP M 57 1.32 -4.82 -58.40
C ASP M 57 0.46 -3.91 -59.21
N CYS M 58 0.43 -2.60 -58.70
CA CYS M 58 -0.41 -1.53 -59.17
C CYS M 58 0.31 -0.70 -60.18
N LYS M 59 -0.32 -0.52 -61.41
CA LYS M 59 0.27 0.36 -62.49
C LYS M 59 -0.65 1.51 -62.73
N SER M 60 -1.96 1.44 -62.64
CA SER M 60 -2.81 2.49 -63.14
C SER M 60 -3.75 2.91 -61.95
N PRO M 61 -4.18 4.14 -61.81
CA PRO M 61 -5.34 4.47 -61.01
C PRO M 61 -6.65 3.84 -61.39
N GLN M 62 -6.84 3.62 -62.66
CA GLN M 62 -8.20 3.32 -63.21
C GLN M 62 -8.74 1.91 -62.65
N GLN M 63 -7.80 0.96 -62.38
CA GLN M 63 -8.12 -0.22 -61.72
C GLN M 63 -8.60 0.07 -60.27
N VAL M 64 -7.97 0.93 -59.57
CA VAL M 64 -8.37 1.35 -58.20
C VAL M 64 -9.68 1.92 -58.32
N LEU M 65 -10.05 2.74 -59.26
CA LEU M 65 -11.38 3.20 -59.51
C LEU M 65 -12.36 2.18 -59.81
N ASP M 66 -11.97 1.19 -60.65
CA ASP M 66 -12.91 0.07 -60.90
C ASP M 66 -13.26 -0.67 -59.64
N GLU M 67 -12.23 -0.91 -58.77
CA GLU M 67 -12.50 -1.65 -57.58
C GLU M 67 -13.42 -0.90 -56.68
N VAL M 68 -13.19 0.47 -56.55
CA VAL M 68 -14.03 1.32 -55.69
C VAL M 68 -15.50 1.32 -56.18
N ARG M 69 -15.70 1.45 -57.42
CA ARG M 69 -17.00 1.41 -58.06
C ARG M 69 -17.66 0.02 -57.76
N GLU M 70 -16.84 -1.06 -57.83
CA GLU M 70 -17.34 -2.47 -57.44
C GLU M 70 -17.74 -2.52 -56.03
N CYS M 71 -16.90 -1.99 -55.16
CA CYS M 71 -17.20 -2.15 -53.78
C CYS M 71 -18.40 -1.18 -53.46
N ARG M 72 -18.63 0.00 -54.16
CA ARG M 72 -19.92 0.59 -54.14
C ARG M 72 -21.10 -0.20 -54.58
N SER M 73 -20.96 -0.91 -55.66
CA SER M 73 -22.02 -1.73 -56.19
C SER M 73 -22.43 -2.82 -55.18
N GLU M 74 -21.45 -3.30 -54.36
CA GLU M 74 -21.72 -4.29 -53.30
C GLU M 74 -22.01 -3.66 -52.06
N TYR M 75 -21.50 -2.38 -51.72
CA TYR M 75 -21.67 -1.83 -50.43
C TYR M 75 -22.10 -0.40 -50.59
N GLY M 76 -23.15 -0.20 -51.45
CA GLY M 76 -23.50 1.17 -51.77
C GLY M 76 -24.01 1.97 -50.57
N ASP M 77 -24.37 1.33 -49.47
CA ASP M 77 -24.77 1.92 -48.16
C ASP M 77 -23.65 1.88 -47.21
N CYS M 78 -22.34 1.88 -47.76
CA CYS M 78 -21.18 1.92 -46.73
C CYS M 78 -20.12 2.90 -47.14
N TYR M 79 -19.11 3.12 -46.34
CA TYR M 79 -18.27 4.18 -46.62
C TYR M 79 -17.15 3.45 -47.24
N ILE M 80 -16.35 4.01 -48.25
CA ILE M 80 -15.21 3.31 -48.84
C ILE M 80 -14.07 4.23 -48.58
N ARG M 81 -12.92 3.77 -48.14
CA ARG M 81 -11.68 4.55 -47.89
C ARG M 81 -10.52 3.95 -48.72
N VAL M 82 -9.57 4.85 -49.09
CA VAL M 82 -8.34 4.55 -49.66
C VAL M 82 -7.27 4.91 -48.61
N ALA M 83 -6.31 3.92 -48.41
CA ALA M 83 -5.21 4.10 -47.54
C ALA M 83 -3.85 3.81 -48.28
N GLY M 84 -2.88 4.64 -48.06
CA GLY M 84 -1.58 4.42 -48.58
C GLY M 84 -0.62 4.39 -47.39
N PHE M 85 0.38 3.47 -47.53
CA PHE M 85 1.35 3.02 -46.51
C PHE M 85 2.76 2.87 -47.11
N ASP M 86 3.69 3.72 -46.54
CA ASP M 86 5.05 3.47 -46.70
C ASP M 86 5.62 2.39 -45.83
N ASN M 87 6.15 1.33 -46.41
CA ASN M 87 6.84 0.34 -45.68
C ASN M 87 8.09 0.75 -45.03
N ILE M 88 8.95 1.55 -45.78
CA ILE M 88 10.23 1.93 -45.29
C ILE M 88 10.03 2.80 -44.10
N LYS M 89 9.21 3.80 -44.24
CA LYS M 89 8.82 4.59 -43.15
C LYS M 89 8.05 3.94 -42.05
N GLN M 90 7.43 2.78 -42.25
CA GLN M 90 6.52 2.12 -41.38
C GLN M 90 5.40 3.03 -40.97
N CYS M 91 5.00 3.95 -41.81
CA CYS M 91 3.93 4.97 -41.54
C CYS M 91 2.86 4.90 -42.57
N GLN M 92 1.56 4.83 -42.10
CA GLN M 92 0.45 5.03 -42.97
C GLN M 92 0.47 6.42 -43.41
N THR M 93 0.80 6.66 -44.74
CA THR M 93 0.94 8.02 -45.29
C THR M 93 -0.34 8.62 -45.93
N VAL M 94 -1.43 7.82 -46.21
CA VAL M 94 -2.58 8.23 -46.86
C VAL M 94 -3.77 7.62 -46.26
N SER M 95 -4.85 8.33 -45.99
CA SER M 95 -6.02 7.60 -45.59
C SER M 95 -7.15 8.62 -45.89
N PHE M 96 -8.02 8.37 -46.85
CA PHE M 96 -9.11 9.31 -47.19
C PHE M 96 -10.23 8.50 -47.76
N ILE M 97 -11.48 8.83 -47.35
CA ILE M 97 -12.77 8.39 -47.95
C ILE M 97 -12.75 8.55 -49.50
N VAL M 98 -13.29 7.59 -50.13
CA VAL M 98 -13.81 7.75 -51.51
C VAL M 98 -15.33 7.36 -51.71
N HIS M 99 -16.10 7.09 -50.70
CA HIS M 99 -17.53 6.90 -50.84
C HIS M 99 -18.24 7.19 -49.55
N ARG M 100 -19.48 7.61 -49.65
CA ARG M 100 -20.45 7.70 -48.60
C ARG M 100 -21.84 7.04 -49.05
N PRO M 101 -22.64 6.51 -48.16
CA PRO M 101 -23.88 5.91 -48.50
C PRO M 101 -24.86 6.94 -49.19
N LYS N 1 25.98 -15.60 38.61
CA LYS N 1 25.36 -15.28 39.81
C LYS N 1 24.25 -16.31 40.14
N GLU N 2 23.19 -16.29 39.38
CA GLU N 2 22.17 -17.36 39.31
C GLU N 2 21.95 -17.83 37.83
N ARG N 3 22.84 -17.62 36.91
CA ARG N 3 22.79 -18.01 35.53
C ARG N 3 22.67 -19.57 35.41
N ARG N 4 21.76 -20.02 34.58
CA ARG N 4 21.36 -21.48 34.74
C ARG N 4 21.38 -22.02 33.29
N PHE N 5 20.96 -23.24 33.03
CA PHE N 5 21.25 -23.73 31.72
C PHE N 5 20.12 -24.81 31.54
N GLU N 6 20.05 -25.30 30.28
CA GLU N 6 18.77 -25.80 29.89
C GLU N 6 18.46 -27.18 30.58
N THR N 7 19.42 -28.17 30.72
CA THR N 7 19.03 -29.49 31.10
C THR N 7 20.03 -29.86 32.12
N PHE N 8 19.58 -30.59 33.17
CA PHE N 8 20.37 -30.89 34.40
C PHE N 8 20.96 -29.69 35.03
N SER N 9 20.37 -28.57 34.98
CA SER N 9 21.15 -27.35 35.31
C SER N 9 20.81 -26.83 36.77
N TYR N 10 19.72 -27.36 37.46
CA TYR N 10 19.59 -26.95 38.82
C TYR N 10 20.25 -28.09 39.75
N LEU N 11 20.68 -29.36 39.28
CA LEU N 11 21.10 -30.44 40.06
C LEU N 11 22.50 -30.09 40.49
N PRO N 12 23.07 -30.69 41.62
CA PRO N 12 24.45 -30.53 41.96
C PRO N 12 25.37 -31.11 40.91
N PRO N 13 26.57 -30.74 40.69
CA PRO N 13 27.43 -31.13 39.54
C PRO N 13 27.26 -32.65 39.16
N LEU N 14 26.99 -32.92 37.90
CA LEU N 14 27.03 -34.35 37.50
C LEU N 14 28.39 -34.93 37.71
N SER N 15 28.48 -35.87 38.63
CA SER N 15 29.68 -36.60 38.93
C SER N 15 30.10 -37.48 37.73
N ASP N 16 31.41 -37.59 37.58
CA ASP N 16 31.83 -38.38 36.47
C ASP N 16 31.29 -39.77 36.35
N ARG N 17 30.96 -40.36 37.45
CA ARG N 17 30.19 -41.53 37.46
C ARG N 17 28.84 -41.33 36.70
N GLN N 18 28.14 -40.31 37.05
CA GLN N 18 26.87 -39.84 36.44
C GLN N 18 27.04 -39.59 34.99
N ILE N 19 28.15 -38.97 34.68
CA ILE N 19 28.42 -38.64 33.24
C ILE N 19 28.56 -40.01 32.53
N ALA N 20 29.31 -41.01 33.11
CA ALA N 20 29.58 -42.20 32.35
C ALA N 20 28.20 -42.90 32.26
N ALA N 21 27.32 -42.88 33.23
CA ALA N 21 25.97 -43.45 33.09
C ALA N 21 25.24 -42.76 32.08
N GLN N 22 25.39 -41.43 31.89
CA GLN N 22 24.62 -40.69 30.87
C GLN N 22 25.02 -41.09 29.49
N ILE N 23 26.38 -41.12 29.32
CA ILE N 23 27.01 -41.57 28.04
C ILE N 23 26.67 -42.99 27.74
N GLU N 24 26.67 -43.88 28.82
CA GLU N 24 26.16 -45.16 28.57
C GLU N 24 24.75 -45.09 27.88
N TYR N 25 23.75 -44.40 28.57
CA TYR N 25 22.42 -44.44 28.02
C TYR N 25 22.41 -43.84 26.64
N MET N 26 22.99 -42.70 26.40
CA MET N 26 23.20 -42.17 25.08
C MET N 26 23.65 -43.23 24.03
N ILE N 27 24.64 -44.00 24.39
CA ILE N 27 25.12 -45.01 23.41
C ILE N 27 24.10 -46.07 23.18
N GLU N 28 23.39 -46.64 24.25
CA GLU N 28 22.34 -47.54 23.87
C GLU N 28 21.28 -46.84 23.09
N GLN N 29 21.00 -45.59 23.27
CA GLN N 29 20.10 -44.94 22.35
C GLN N 29 20.60 -44.75 20.96
N GLY N 30 21.89 -45.18 20.58
CA GLY N 30 22.49 -45.03 19.25
C GLY N 30 23.23 -43.69 19.07
N PHE N 31 23.32 -42.77 20.10
CA PHE N 31 23.77 -41.39 19.83
C PHE N 31 25.19 -41.46 19.99
N HIS N 32 25.91 -40.60 19.19
CA HIS N 32 27.35 -40.90 19.06
C HIS N 32 28.02 -39.67 19.62
N PRO N 33 28.77 -39.72 20.78
CA PRO N 33 28.97 -38.51 21.63
C PRO N 33 29.71 -37.41 20.77
N LEU N 34 29.33 -36.17 20.94
CA LEU N 34 29.94 -35.08 20.23
C LEU N 34 30.17 -34.04 21.37
N ILE N 35 31.30 -33.40 21.27
CA ILE N 35 31.80 -32.51 22.35
C ILE N 35 31.93 -31.20 21.75
N GLU N 36 31.25 -30.19 22.35
CA GLU N 36 31.42 -28.77 21.94
C GLU N 36 31.43 -27.84 23.19
N PHE N 37 32.01 -26.70 23.11
CA PHE N 37 32.33 -25.89 24.32
C PHE N 37 32.19 -24.34 24.03
N ASN N 38 31.97 -23.51 24.94
CA ASN N 38 32.09 -22.07 24.59
C ASN N 38 32.42 -21.39 25.95
N GLU N 39 33.13 -20.24 25.86
CA GLU N 39 33.50 -19.46 26.93
C GLU N 39 32.39 -18.86 27.84
N HIS N 40 31.13 -18.68 27.30
CA HIS N 40 30.21 -18.00 28.16
C HIS N 40 28.99 -18.83 28.01
N SER N 41 27.89 -18.40 28.59
CA SER N 41 26.54 -19.00 28.48
C SER N 41 25.41 -18.11 28.20
N ASN N 42 25.10 -17.76 26.97
CA ASN N 42 24.12 -16.76 26.68
C ASN N 42 22.81 -17.41 26.14
N PRO N 43 21.64 -16.94 26.66
CA PRO N 43 20.42 -17.49 26.11
C PRO N 43 20.27 -17.39 24.58
N GLU N 44 20.66 -16.37 23.92
CA GLU N 44 20.59 -16.32 22.51
C GLU N 44 21.78 -17.12 21.85
N GLU N 45 22.80 -17.58 22.54
CA GLU N 45 23.95 -18.29 21.89
C GLU N 45 23.64 -19.79 21.66
N PHE N 46 23.16 -20.13 20.44
CA PHE N 46 22.66 -21.50 20.22
C PHE N 46 23.98 -22.45 20.10
N TYR N 47 25.02 -21.95 19.38
CA TYR N 47 26.14 -22.77 18.83
C TYR N 47 27.37 -22.49 19.53
N TRP N 48 28.14 -23.52 19.81
CA TRP N 48 29.36 -23.47 20.69
C TRP N 48 30.40 -24.12 19.84
N THR N 49 31.52 -24.37 20.40
CA THR N 49 32.74 -24.83 19.70
C THR N 49 32.89 -26.30 19.70
N MET N 50 32.70 -26.96 18.65
CA MET N 50 32.92 -28.42 18.60
C MET N 50 34.33 -28.82 18.82
N TRP N 51 34.53 -29.99 19.38
CA TRP N 51 35.77 -30.61 19.70
C TRP N 51 36.22 -31.45 18.62
N LYS N 52 36.70 -30.80 17.52
CA LYS N 52 37.46 -31.51 16.47
C LYS N 52 36.75 -32.44 15.53
N LEU N 53 35.99 -33.41 16.10
CA LEU N 53 35.23 -34.40 15.39
C LEU N 53 34.06 -35.00 16.31
N PRO N 54 33.21 -35.76 15.72
CA PRO N 54 32.34 -36.58 16.54
C PRO N 54 32.96 -37.97 16.84
N LEU N 55 32.36 -38.70 17.76
CA LEU N 55 32.81 -40.08 18.07
C LEU N 55 31.91 -41.18 17.43
N PHE N 56 32.28 -41.46 16.20
CA PHE N 56 31.30 -42.26 15.40
C PHE N 56 31.49 -43.69 15.94
N ASP N 57 32.80 -44.17 16.02
CA ASP N 57 33.01 -45.57 16.45
C ASP N 57 33.19 -45.35 18.05
N CYS N 58 32.30 -44.79 18.80
CA CYS N 58 32.23 -44.81 20.29
C CYS N 58 31.91 -46.27 20.82
N LYS N 59 32.60 -46.67 21.79
CA LYS N 59 32.38 -48.00 22.48
C LYS N 59 32.29 -47.91 23.92
N SER N 60 32.93 -46.91 24.62
CA SER N 60 32.94 -46.90 26.04
C SER N 60 32.60 -45.42 26.48
N PRO N 61 32.00 -45.28 27.63
CA PRO N 61 31.86 -43.95 28.29
C PRO N 61 33.23 -43.27 28.53
N GLN N 62 34.28 -44.10 28.92
CA GLN N 62 35.46 -43.60 29.45
C GLN N 62 36.32 -42.82 28.29
N GLN N 63 36.14 -43.26 26.96
CA GLN N 63 36.68 -42.47 25.92
C GLN N 63 36.11 -41.02 25.96
N VAL N 64 34.84 -40.90 26.11
CA VAL N 64 34.24 -39.57 25.96
C VAL N 64 34.70 -38.81 27.24
N LEU N 65 34.50 -39.41 28.38
CA LEU N 65 35.19 -38.78 29.53
C LEU N 65 36.59 -38.28 29.40
N ASP N 66 37.47 -39.08 28.74
CA ASP N 66 38.81 -38.61 28.60
C ASP N 66 38.88 -37.50 27.61
N GLU N 67 38.01 -37.51 26.52
CA GLU N 67 37.85 -36.38 25.67
C GLU N 67 37.42 -35.11 26.35
N VAL N 68 36.42 -35.21 27.27
CA VAL N 68 36.00 -34.11 28.05
C VAL N 68 37.16 -33.57 28.93
N ARG N 69 37.89 -34.43 29.50
CA ARG N 69 39.07 -34.05 30.30
C ARG N 69 40.06 -33.28 29.50
N GLU N 70 40.32 -33.75 28.34
CA GLU N 70 41.17 -33.00 27.37
C GLU N 70 40.67 -31.65 26.96
N CYS N 71 39.42 -31.59 26.64
CA CYS N 71 38.78 -30.35 26.31
C CYS N 71 38.85 -29.36 27.52
N ARG N 72 38.57 -29.87 28.75
CA ARG N 72 39.12 -29.11 29.94
C ARG N 72 40.53 -28.70 29.94
N SER N 73 41.42 -29.64 29.86
CA SER N 73 42.79 -29.25 30.10
C SER N 73 43.27 -28.21 29.03
N GLU N 74 42.71 -28.14 27.85
CA GLU N 74 43.17 -27.32 26.77
C GLU N 74 42.18 -26.02 26.87
N TYR N 75 40.85 -26.17 27.18
CA TYR N 75 39.94 -25.05 27.22
C TYR N 75 39.10 -25.10 28.47
N GLY N 76 39.74 -25.25 29.59
CA GLY N 76 39.20 -25.31 30.93
C GLY N 76 38.58 -24.02 31.36
N ASP N 77 39.00 -22.85 30.82
CA ASP N 77 38.23 -21.70 30.90
C ASP N 77 37.03 -21.53 30.14
N CYS N 78 36.62 -22.60 29.41
CA CYS N 78 35.33 -22.57 28.60
C CYS N 78 34.38 -23.62 29.08
N TYR N 79 33.07 -23.25 29.16
CA TYR N 79 32.04 -24.20 29.45
C TYR N 79 31.93 -25.30 28.30
N ILE N 80 31.91 -26.59 28.70
CA ILE N 80 32.01 -27.64 27.63
C ILE N 80 30.60 -28.32 27.75
N ARG N 81 30.13 -28.89 26.67
CA ARG N 81 28.87 -29.46 26.55
C ARG N 81 28.87 -30.62 25.53
N VAL N 82 27.94 -31.58 25.76
CA VAL N 82 27.96 -32.89 25.08
C VAL N 82 26.54 -32.96 24.46
N ALA N 83 26.46 -33.30 23.14
CA ALA N 83 25.17 -33.37 22.42
C ALA N 83 24.99 -34.78 21.96
N GLY N 84 23.69 -35.24 21.88
CA GLY N 84 23.37 -36.50 21.26
C GLY N 84 22.22 -36.41 20.30
N PHE N 85 22.45 -36.89 19.00
CA PHE N 85 21.47 -36.83 18.00
C PHE N 85 20.88 -38.16 17.73
N ASP N 86 19.58 -38.27 17.82
CA ASP N 86 18.88 -39.32 17.17
C ASP N 86 18.75 -39.05 15.66
N ASN N 87 19.82 -39.39 14.88
CA ASN N 87 19.84 -39.16 13.41
C ASN N 87 18.61 -39.74 12.75
N ILE N 88 17.91 -40.77 13.31
CA ILE N 88 16.77 -41.40 12.72
C ILE N 88 15.62 -40.36 12.91
N LYS N 89 15.46 -39.85 14.17
CA LYS N 89 14.45 -38.80 14.43
C LYS N 89 14.87 -37.49 13.83
N GLN N 90 16.08 -37.22 13.40
CA GLN N 90 16.70 -35.87 13.12
C GLN N 90 16.43 -34.88 14.30
N CYS N 91 16.43 -35.44 15.62
CA CYS N 91 15.98 -34.72 16.74
C CYS N 91 17.18 -34.69 17.60
N GLN N 92 17.58 -33.45 18.08
CA GLN N 92 18.54 -33.42 19.13
C GLN N 92 18.09 -33.89 20.53
N THR N 93 18.43 -35.06 20.87
CA THR N 93 17.93 -35.66 22.05
C THR N 93 18.60 -35.43 23.32
N VAL N 94 19.87 -35.08 23.26
CA VAL N 94 20.69 -34.85 24.48
C VAL N 94 21.32 -33.55 24.44
N SER N 95 21.35 -32.71 25.45
CA SER N 95 22.20 -31.60 25.42
C SER N 95 22.29 -31.17 26.93
N PHE N 96 23.41 -31.16 27.51
CA PHE N 96 23.63 -30.91 28.89
C PHE N 96 25.03 -30.41 29.12
N ILE N 97 25.16 -29.33 29.86
CA ILE N 97 26.44 -28.80 30.21
C ILE N 97 27.17 -29.81 31.00
N VAL N 98 28.49 -29.98 30.73
CA VAL N 98 29.39 -30.83 31.53
C VAL N 98 30.51 -30.12 32.33
N HIS N 99 30.98 -28.95 31.82
CA HIS N 99 31.95 -28.06 32.35
C HIS N 99 31.63 -26.69 32.57
N ARG N 100 32.01 -26.18 33.71
CA ARG N 100 31.95 -24.70 33.99
C ARG N 100 33.34 -24.16 34.49
N PRO N 101 33.97 -23.15 33.81
CA PRO N 101 35.24 -22.60 34.26
C PRO N 101 35.21 -22.22 35.81
N LYS O 1 25.80 9.33 40.80
CA LYS O 1 26.19 10.68 40.80
C LYS O 1 24.98 11.59 41.19
N GLU O 2 24.15 12.07 40.23
CA GLU O 2 22.83 12.56 40.48
C GLU O 2 21.67 11.54 40.36
N ARG O 3 21.92 10.27 40.28
CA ARG O 3 20.74 9.30 40.13
C ARG O 3 19.70 9.50 41.27
N ARG O 4 18.46 9.47 40.93
CA ARG O 4 17.43 9.86 41.83
C ARG O 4 16.32 8.74 41.62
N PHE O 5 15.52 8.62 42.65
CA PHE O 5 14.40 7.73 42.77
C PHE O 5 13.07 8.24 42.84
N GLU O 6 12.15 7.51 42.32
CA GLU O 6 10.99 8.22 41.81
C GLU O 6 10.13 8.97 42.87
N THR O 7 9.99 8.42 44.03
CA THR O 7 9.17 8.99 45.05
C THR O 7 9.95 9.23 46.29
N PHE O 8 9.85 10.40 46.83
CA PHE O 8 10.64 10.79 48.00
C PHE O 8 12.08 10.95 47.89
N SER O 9 12.70 10.78 46.82
CA SER O 9 14.18 10.81 46.75
C SER O 9 14.83 12.27 46.74
N TYR O 10 14.09 13.27 46.56
CA TYR O 10 14.31 14.61 47.05
C TYR O 10 14.26 14.89 48.50
N LEU O 11 14.01 13.79 49.36
CA LEU O 11 13.99 14.12 50.76
C LEU O 11 15.21 13.33 51.45
N PRO O 12 15.46 13.61 52.71
CA PRO O 12 16.67 12.99 53.24
C PRO O 12 16.55 11.44 53.32
N PRO O 13 17.62 10.71 53.36
CA PRO O 13 17.51 9.32 53.46
C PRO O 13 16.56 8.80 54.58
N LEU O 14 15.55 8.13 54.20
CA LEU O 14 14.47 7.74 55.14
C LEU O 14 15.02 7.04 56.34
N SER O 15 14.83 7.61 57.50
CA SER O 15 15.26 7.01 58.72
C SER O 15 14.33 5.96 59.15
N ASP O 16 14.79 5.04 60.10
CA ASP O 16 13.92 3.98 60.47
C ASP O 16 12.48 4.43 60.91
N ARG O 17 12.48 5.49 61.63
CA ARG O 17 11.20 6.11 62.11
C ARG O 17 10.28 6.53 60.89
N GLN O 18 10.89 7.18 59.86
CA GLN O 18 10.18 7.64 58.76
C GLN O 18 9.55 6.46 57.97
N ILE O 19 10.33 5.44 57.73
CA ILE O 19 9.84 4.22 56.98
C ILE O 19 8.72 3.61 57.86
N ALA O 20 8.96 3.53 59.20
CA ALA O 20 7.96 2.92 60.04
C ALA O 20 6.64 3.61 59.98
N ALA O 21 6.67 4.92 60.02
CA ALA O 21 5.48 5.70 59.85
C ALA O 21 4.79 5.68 58.45
N GLN O 22 5.58 5.63 57.41
CA GLN O 22 5.08 5.29 56.06
C GLN O 22 4.28 3.93 56.08
N ILE O 23 4.89 2.91 56.62
CA ILE O 23 4.20 1.58 56.64
C ILE O 23 3.00 1.62 57.47
N GLU O 24 3.05 2.40 58.62
CA GLU O 24 2.04 2.38 59.57
C GLU O 24 0.81 2.93 58.85
N TYR O 25 0.99 4.04 58.14
CA TYR O 25 -0.19 4.72 57.53
C TYR O 25 -0.60 3.79 56.33
N MET O 26 0.36 3.23 55.54
CA MET O 26 -0.03 2.23 54.58
C MET O 26 -0.98 1.18 55.04
N ILE O 27 -0.72 0.63 56.15
CA ILE O 27 -1.62 -0.40 56.75
C ILE O 27 -2.94 0.23 57.27
N GLU O 28 -2.90 1.51 57.84
CA GLU O 28 -4.14 2.19 58.18
C GLU O 28 -5.08 2.19 57.02
N GLN O 29 -4.67 2.12 55.78
CA GLN O 29 -5.68 2.08 54.77
C GLN O 29 -5.80 0.62 54.15
N GLY O 30 -5.31 -0.43 54.87
CA GLY O 30 -5.40 -1.82 54.38
C GLY O 30 -4.38 -2.37 53.47
N PHE O 31 -3.41 -1.47 52.99
CA PHE O 31 -2.30 -1.90 52.21
C PHE O 31 -1.42 -2.84 52.80
N HIS O 32 -1.05 -3.96 52.08
CA HIS O 32 -0.27 -4.92 52.77
C HIS O 32 1.19 -4.70 52.16
N PRO O 33 2.28 -4.84 52.89
CA PRO O 33 3.61 -4.55 52.41
C PRO O 33 3.98 -5.42 51.26
N LEU O 34 4.76 -4.83 50.41
CA LEU O 34 5.57 -5.55 49.47
C LEU O 34 6.96 -5.24 49.55
N ILE O 35 7.82 -6.16 49.33
CA ILE O 35 9.27 -5.89 49.24
C ILE O 35 9.87 -6.46 47.93
N GLU O 36 10.67 -5.59 47.26
CA GLU O 36 11.39 -6.09 46.07
C GLU O 36 12.76 -5.48 46.09
N PHE O 37 13.72 -6.14 45.49
CA PHE O 37 15.08 -5.72 45.53
C PHE O 37 15.69 -5.71 44.05
N ASN O 38 16.66 -4.75 43.80
CA ASN O 38 17.38 -4.86 42.50
C ASN O 38 18.72 -4.27 42.72
N GLU O 39 19.71 -4.79 42.08
CA GLU O 39 21.08 -4.22 42.01
C GLU O 39 21.20 -2.82 41.34
N HIS O 40 20.34 -2.55 40.47
CA HIS O 40 20.19 -1.26 39.74
C HIS O 40 18.86 -0.64 40.04
N SER O 41 18.70 0.55 39.65
CA SER O 41 17.35 1.26 39.44
C SER O 41 17.33 2.00 38.16
N ASN O 42 16.79 1.40 37.13
CA ASN O 42 16.62 2.05 35.86
C ASN O 42 15.13 2.54 35.68
N PRO O 43 14.97 3.69 35.22
CA PRO O 43 13.57 4.26 35.05
C PRO O 43 12.74 3.32 34.07
N GLU O 44 13.40 2.79 33.08
CA GLU O 44 12.68 1.82 32.30
C GLU O 44 12.28 0.50 33.11
N GLU O 45 13.00 0.23 34.25
CA GLU O 45 12.83 -1.06 34.92
C GLU O 45 11.68 -0.99 35.87
N PHE O 46 10.47 -1.48 35.38
CA PHE O 46 9.34 -1.57 36.25
C PHE O 46 9.49 -2.63 37.35
N TYR O 47 10.15 -3.72 37.14
CA TYR O 47 9.92 -4.88 37.93
C TYR O 47 11.14 -4.98 38.73
N TRP O 48 11.08 -5.42 39.94
CA TRP O 48 12.28 -5.89 40.66
C TRP O 48 12.09 -7.29 41.14
N THR O 49 13.04 -7.89 41.95
CA THR O 49 12.96 -9.23 42.29
C THR O 49 12.22 -9.28 43.57
N MET O 50 11.36 -10.26 43.76
CA MET O 50 10.40 -10.25 44.89
C MET O 50 11.07 -10.89 46.13
N TRP O 51 10.71 -10.40 47.35
CA TRP O 51 11.33 -10.85 48.58
C TRP O 51 10.75 -12.06 49.30
N LYS O 52 10.63 -13.04 48.44
CA LYS O 52 10.28 -14.47 48.70
C LYS O 52 8.83 -14.60 49.08
N LEU O 53 7.97 -13.53 49.22
CA LEU O 53 6.49 -13.60 49.28
C LEU O 53 6.08 -12.12 49.55
N PRO O 54 4.77 -11.71 49.27
CA PRO O 54 4.39 -10.43 49.73
C PRO O 54 3.79 -10.65 51.06
N LEU O 55 3.89 -9.63 51.95
CA LEU O 55 3.37 -9.81 53.32
C LEU O 55 1.96 -9.38 53.41
N PHE O 56 1.06 -10.28 53.05
CA PHE O 56 -0.31 -9.95 52.89
C PHE O 56 -0.77 -9.98 54.44
N ASP O 57 -0.26 -10.94 55.34
CA ASP O 57 -0.76 -11.05 56.69
C ASP O 57 0.15 -10.15 57.49
N CYS O 58 0.17 -8.87 57.14
CA CYS O 58 0.74 -7.81 58.04
C CYS O 58 -0.02 -7.38 59.25
N LYS O 59 0.59 -7.30 60.46
CA LYS O 59 -0.02 -6.68 61.58
C LYS O 59 0.83 -5.59 62.12
N SER O 60 2.20 -5.53 61.97
CA SER O 60 2.90 -4.43 62.55
C SER O 60 4.00 -4.19 61.48
N PRO O 61 4.35 -2.84 61.34
CA PRO O 61 5.50 -2.50 60.44
C PRO O 61 6.91 -3.10 60.79
N GLN O 62 7.12 -3.32 62.01
CA GLN O 62 8.39 -3.97 62.54
C GLN O 62 8.81 -5.30 61.86
N GLN O 63 7.86 -6.13 61.59
CA GLN O 63 8.10 -7.38 60.85
C GLN O 63 8.69 -6.98 59.46
N VAL O 64 8.04 -6.03 58.81
CA VAL O 64 8.54 -5.66 57.44
C VAL O 64 9.94 -5.04 57.64
N LEU O 65 10.13 -4.22 58.63
CA LEU O 65 11.42 -3.73 58.96
C LEU O 65 12.50 -4.70 59.12
N ASP O 66 12.22 -5.81 59.86
CA ASP O 66 13.23 -6.88 60.07
C ASP O 66 13.43 -7.75 58.75
N GLU O 67 12.31 -7.95 57.99
CA GLU O 67 12.39 -8.32 56.64
C GLU O 67 13.32 -7.54 55.75
N VAL O 68 13.37 -6.28 55.94
CA VAL O 68 14.20 -5.39 55.09
C VAL O 68 15.68 -5.55 55.68
N ARG O 69 15.89 -5.78 57.02
CA ARG O 69 17.18 -6.13 57.55
C ARG O 69 17.74 -7.23 56.82
N GLU O 70 16.97 -8.25 56.60
CA GLU O 70 17.45 -9.46 56.12
C GLU O 70 17.70 -9.38 54.65
N CYS O 71 16.83 -8.57 53.90
CA CYS O 71 17.01 -8.34 52.49
C CYS O 71 18.32 -7.67 52.22
N ARG O 72 18.65 -6.57 53.03
CA ARG O 72 19.94 -5.97 53.18
C ARG O 72 21.00 -7.01 53.38
N SER O 73 20.88 -7.75 54.41
CA SER O 73 21.93 -8.55 54.87
C SER O 73 22.37 -9.59 53.77
N GLU O 74 21.41 -9.96 52.84
CA GLU O 74 21.70 -10.93 51.76
C GLU O 74 21.95 -10.11 50.46
N TYR O 75 21.38 -8.85 50.30
CA TYR O 75 21.46 -8.05 49.05
C TYR O 75 21.79 -6.55 49.50
N GLY O 76 22.89 -6.42 50.26
CA GLY O 76 23.23 -5.20 50.91
C GLY O 76 23.87 -4.24 49.92
N ASP O 77 24.39 -4.70 48.75
CA ASP O 77 24.74 -3.92 47.60
C ASP O 77 23.62 -3.86 46.66
N CYS O 78 22.43 -3.99 46.96
CA CYS O 78 21.34 -3.84 45.97
C CYS O 78 20.34 -2.93 46.57
N TYR O 79 19.65 -2.11 45.71
CA TYR O 79 18.49 -1.38 45.95
C TYR O 79 17.34 -2.13 46.45
N ILE O 80 16.54 -1.47 47.40
CA ILE O 80 15.37 -2.17 48.08
C ILE O 80 14.16 -1.22 47.93
N ARG O 81 13.09 -1.72 47.39
CA ARG O 81 11.89 -0.95 47.24
C ARG O 81 10.72 -1.64 48.15
N VAL O 82 9.84 -0.84 48.68
CA VAL O 82 8.61 -1.18 49.29
C VAL O 82 7.45 -0.66 48.50
N ALA O 83 6.34 -1.44 48.46
CA ALA O 83 5.20 -1.07 47.70
C ALA O 83 3.96 -1.51 48.37
N GLY O 84 2.80 -0.89 47.99
CA GLY O 84 1.51 -1.36 48.42
C GLY O 84 0.56 -1.26 47.20
N PHE O 85 -0.53 -2.04 47.21
CA PHE O 85 -1.42 -2.41 46.01
C PHE O 85 -2.87 -2.28 46.54
N ASP O 86 -3.68 -1.55 45.85
CA ASP O 86 -5.04 -1.39 46.21
C ASP O 86 -5.90 -2.39 45.50
N ASN O 87 -6.07 -3.55 46.05
CA ASN O 87 -6.83 -4.50 45.38
C ASN O 87 -8.29 -4.04 45.11
N ILE O 88 -8.85 -3.01 45.83
CA ILE O 88 -10.16 -2.47 45.61
C ILE O 88 -10.30 -1.57 44.49
N LYS O 89 -9.39 -0.55 44.41
CA LYS O 89 -9.25 0.35 43.36
C LYS O 89 -8.42 -0.15 42.21
N GLN O 90 -7.71 -1.33 42.35
CA GLN O 90 -6.85 -1.93 41.43
C GLN O 90 -5.72 -0.94 41.00
N CYS O 91 -5.23 -0.11 41.99
CA CYS O 91 -4.20 0.88 41.82
C CYS O 91 -3.03 0.64 42.85
N GLN O 92 -1.84 0.50 42.35
CA GLN O 92 -0.67 0.73 43.12
C GLN O 92 -0.46 2.14 43.59
N THR O 93 -0.35 2.34 44.98
CA THR O 93 -0.40 3.65 45.57
C THR O 93 0.93 3.97 46.32
N VAL O 94 1.92 3.04 46.47
CA VAL O 94 3.12 3.34 47.13
C VAL O 94 4.25 2.65 46.28
N SER O 95 5.40 3.39 46.06
CA SER O 95 6.56 2.65 45.66
C SER O 95 7.73 3.68 46.05
N PHE O 96 8.57 3.30 46.96
CA PHE O 96 9.70 4.08 47.34
C PHE O 96 10.74 3.26 48.00
N ILE O 97 11.80 3.89 48.17
CA ILE O 97 13.11 3.21 48.48
C ILE O 97 13.35 3.17 49.95
N VAL O 98 13.96 2.20 50.45
CA VAL O 98 14.50 2.23 51.83
C VAL O 98 16.02 1.96 52.03
N HIS O 99 16.70 1.45 50.97
CA HIS O 99 18.15 1.04 51.07
C HIS O 99 18.85 1.29 49.86
N ARG O 100 20.02 1.97 49.97
CA ARG O 100 21.00 2.05 48.97
C ARG O 100 22.40 1.44 49.37
N PRO O 101 23.25 0.95 48.42
CA PRO O 101 24.61 0.55 48.64
C PRO O 101 25.53 1.77 49.13
N LYS P 1 42.73 -14.02 20.90
CA LYS P 1 42.70 -15.44 20.79
C LYS P 1 43.23 -16.09 19.55
N GLU P 2 42.40 -16.13 18.48
CA GLU P 2 42.64 -16.54 17.16
C GLU P 2 42.30 -15.59 16.09
N ARG P 3 42.21 -14.23 16.38
CA ARG P 3 41.76 -13.35 15.35
C ARG P 3 42.63 -13.35 14.12
N ARG P 4 41.98 -13.43 12.92
CA ARG P 4 42.58 -13.60 11.63
C ARG P 4 42.36 -12.27 10.94
N PHE P 5 43.02 -12.20 9.84
CA PHE P 5 42.79 -11.17 8.84
C PHE P 5 42.93 -11.64 7.41
N GLU P 6 42.70 -10.81 6.45
CA GLU P 6 42.19 -11.26 5.18
C GLU P 6 43.24 -12.12 4.37
N THR P 7 44.53 -11.68 4.29
CA THR P 7 45.46 -12.46 3.39
C THR P 7 46.81 -12.46 4.03
N PHE P 8 47.40 -13.69 4.02
CA PHE P 8 48.61 -13.98 4.81
C PHE P 8 48.56 -13.94 6.29
N SER P 9 47.41 -13.79 6.88
CA SER P 9 47.20 -13.64 8.28
C SER P 9 47.41 -15.01 9.03
N TYR P 10 46.92 -16.13 8.40
CA TYR P 10 47.26 -17.48 8.71
C TYR P 10 48.75 -17.88 8.82
N LEU P 11 49.57 -17.36 7.95
CA LEU P 11 50.86 -17.83 7.78
C LEU P 11 51.66 -17.36 9.03
N PRO P 12 52.88 -17.76 9.22
CA PRO P 12 53.71 -17.21 10.25
C PRO P 12 53.98 -15.74 10.03
N PRO P 13 54.33 -14.91 11.11
CA PRO P 13 54.59 -13.53 10.88
C PRO P 13 55.58 -13.24 9.80
N LEU P 14 55.20 -12.52 8.79
CA LEU P 14 56.08 -12.30 7.59
C LEU P 14 57.25 -11.64 8.12
N SER P 15 58.44 -12.28 7.96
CA SER P 15 59.74 -11.60 8.14
C SER P 15 59.99 -10.58 7.00
N ASP P 16 61.00 -9.83 7.13
CA ASP P 16 61.31 -8.70 6.22
C ASP P 16 61.54 -9.19 4.83
N ARG P 17 62.17 -10.33 4.70
CA ARG P 17 62.39 -10.71 3.36
C ARG P 17 61.16 -10.92 2.53
N GLN P 18 60.13 -11.67 3.11
CA GLN P 18 59.01 -11.99 2.28
C GLN P 18 58.13 -10.70 2.00
N ILE P 19 58.12 -9.79 2.92
CA ILE P 19 57.44 -8.49 2.73
C ILE P 19 58.21 -7.82 1.56
N ALA P 20 59.57 -7.89 1.59
CA ALA P 20 60.22 -7.24 0.49
C ALA P 20 59.93 -7.72 -0.88
N ALA P 21 59.93 -9.12 -0.91
CA ALA P 21 59.69 -9.84 -2.13
C ALA P 21 58.36 -9.49 -2.71
N GLN P 22 57.33 -9.48 -1.88
CA GLN P 22 56.02 -9.08 -2.31
C GLN P 22 55.99 -7.57 -2.73
N ILE P 23 56.73 -6.72 -2.04
CA ILE P 23 56.84 -5.36 -2.53
C ILE P 23 57.33 -5.42 -3.94
N GLU P 24 58.50 -6.11 -4.16
CA GLU P 24 58.87 -6.36 -5.49
C GLU P 24 57.84 -6.78 -6.50
N TYR P 25 57.14 -7.83 -6.20
CA TYR P 25 55.92 -8.13 -6.90
C TYR P 25 55.01 -7.11 -7.26
N MET P 26 54.70 -6.27 -6.36
CA MET P 26 53.92 -5.11 -6.64
C MET P 26 54.65 -4.18 -7.65
N ILE P 27 56.00 -3.92 -7.41
CA ILE P 27 56.78 -3.10 -8.27
C ILE P 27 56.72 -3.62 -9.77
N GLU P 28 57.08 -4.86 -10.04
CA GLU P 28 57.02 -5.28 -11.51
C GLU P 28 55.65 -4.97 -12.06
N GLN P 29 54.59 -5.27 -11.34
CA GLN P 29 53.30 -5.16 -11.82
C GLN P 29 52.74 -3.71 -11.60
N GLY P 30 53.52 -2.74 -11.01
CA GLY P 30 53.18 -1.38 -10.72
C GLY P 30 52.13 -1.03 -9.72
N PHE P 31 51.92 -1.90 -8.76
CA PHE P 31 51.15 -1.71 -7.57
C PHE P 31 51.90 -0.93 -6.56
N HIS P 32 51.71 0.41 -6.56
CA HIS P 32 52.41 1.28 -5.66
C HIS P 32 51.90 1.06 -4.14
N PRO P 33 52.74 0.77 -3.17
CA PRO P 33 52.42 0.01 -1.98
C PRO P 33 51.84 1.12 -1.01
N LEU P 34 50.62 0.87 -0.48
CA LEU P 34 49.88 1.90 0.29
C LEU P 34 49.87 1.31 1.66
N ILE P 35 50.36 2.05 2.69
CA ILE P 35 50.56 1.61 4.05
C ILE P 35 49.59 2.26 4.96
N GLU P 36 48.82 1.57 5.71
CA GLU P 36 47.74 2.01 6.53
C GLU P 36 47.68 1.19 7.85
N PHE P 37 47.06 1.76 8.86
CA PHE P 37 47.06 1.18 10.17
C PHE P 37 45.73 1.33 10.82
N ASN P 38 45.46 0.51 11.87
CA ASN P 38 44.40 0.78 12.79
C ASN P 38 44.77 0.31 14.22
N GLU P 39 44.13 0.87 15.20
CA GLU P 39 44.38 0.55 16.52
C GLU P 39 43.65 -0.86 16.93
N HIS P 40 42.74 -1.48 16.13
CA HIS P 40 42.16 -2.67 16.56
C HIS P 40 41.76 -3.24 15.25
N SER P 41 40.99 -4.37 15.22
CA SER P 41 40.56 -5.08 14.00
C SER P 41 39.13 -5.69 14.19
N ASN P 42 38.18 -5.11 13.55
CA ASN P 42 36.82 -5.68 13.51
C ASN P 42 36.25 -5.69 12.05
N PRO P 43 35.68 -6.82 11.53
CA PRO P 43 35.38 -6.89 10.14
C PRO P 43 34.45 -5.84 9.59
N GLU P 44 33.53 -5.34 10.46
CA GLU P 44 32.62 -4.28 10.08
C GLU P 44 33.26 -2.87 9.65
N GLU P 45 34.51 -2.69 9.97
CA GLU P 45 35.19 -1.34 9.96
C GLU P 45 35.91 -1.30 8.69
N PHE P 46 35.33 -0.84 7.60
CA PHE P 46 35.96 -1.01 6.31
C PHE P 46 37.27 -0.30 6.26
N TYR P 47 37.32 0.90 6.75
CA TYR P 47 38.36 1.85 6.62
C TYR P 47 39.47 1.97 7.73
N TRP P 48 40.72 2.00 7.33
CA TRP P 48 41.86 2.13 8.29
C TRP P 48 42.49 3.52 7.89
N THR P 49 43.61 3.78 8.49
CA THR P 49 44.27 5.12 8.38
C THR P 49 45.60 5.01 7.59
N MET P 50 45.81 5.78 6.55
CA MET P 50 47.02 5.87 5.79
C MET P 50 48.26 6.47 6.51
N TRP P 51 49.54 6.02 6.06
CA TRP P 51 50.72 6.55 6.57
C TRP P 51 51.25 7.66 5.70
N LYS P 52 50.43 8.63 5.60
CA LYS P 52 50.66 10.02 5.08
C LYS P 52 50.75 10.02 3.58
N LEU P 53 50.75 8.90 2.79
CA LEU P 53 50.71 8.88 1.43
C LEU P 53 50.57 7.40 0.89
N PRO P 54 50.23 7.24 -0.45
CA PRO P 54 50.72 6.07 -1.09
C PRO P 54 52.00 6.31 -1.78
N LEU P 55 52.96 5.26 -1.93
CA LEU P 55 54.40 5.54 -2.25
C LEU P 55 54.47 5.38 -3.71
N PHE P 56 54.22 6.50 -4.46
CA PHE P 56 54.01 6.31 -5.85
C PHE P 56 55.41 6.35 -6.38
N ASP P 57 56.36 7.27 -5.93
CA ASP P 57 57.65 7.26 -6.53
C ASP P 57 58.52 6.33 -5.66
N CYS P 58 58.09 5.10 -5.48
CA CYS P 58 58.95 4.02 -4.85
C CYS P 58 59.88 3.33 -5.94
N LYS P 59 61.09 3.66 -6.02
CA LYS P 59 62.06 2.88 -6.83
C LYS P 59 62.62 1.65 -6.17
N SER P 60 62.38 1.40 -4.85
CA SER P 60 62.90 0.29 -4.21
C SER P 60 61.91 -0.25 -3.14
N PRO P 61 61.97 -1.51 -2.87
CA PRO P 61 61.27 -1.92 -1.66
C PRO P 61 61.69 -1.35 -0.34
N GLN P 62 62.95 -1.16 -0.19
CA GLN P 62 63.52 -0.76 1.13
C GLN P 62 62.94 0.52 1.61
N GLN P 63 62.65 1.44 0.76
CA GLN P 63 62.02 2.72 1.18
C GLN P 63 60.67 2.45 1.91
N VAL P 64 59.86 1.69 1.34
CA VAL P 64 58.51 1.33 1.94
C VAL P 64 58.86 0.52 3.22
N LEU P 65 59.80 -0.38 3.22
CA LEU P 65 60.21 -1.03 4.39
C LEU P 65 60.52 -0.09 5.51
N ASP P 66 61.25 0.86 5.23
CA ASP P 66 61.74 1.82 6.19
C ASP P 66 60.63 2.71 6.67
N GLU P 67 59.79 3.15 5.76
CA GLU P 67 58.47 3.67 6.19
C GLU P 67 57.69 2.87 7.14
N VAL P 68 57.47 1.60 6.91
CA VAL P 68 56.71 0.83 7.76
C VAL P 68 57.57 0.86 9.13
N ARG P 69 58.87 0.84 9.12
CA ARG P 69 59.65 0.89 10.38
C ARG P 69 59.36 2.12 11.14
N GLU P 70 59.36 3.29 10.42
CA GLU P 70 58.84 4.45 11.08
C GLU P 70 57.47 4.37 11.66
N CYS P 71 56.58 3.83 10.96
CA CYS P 71 55.22 3.69 11.41
C CYS P 71 55.16 2.86 12.65
N ARG P 72 55.89 1.65 12.65
CA ARG P 72 55.98 0.81 13.80
C ARG P 72 56.57 1.60 15.04
N SER P 73 57.60 2.47 14.78
CA SER P 73 58.22 3.22 15.79
C SER P 73 57.07 4.04 16.44
N GLU P 74 56.23 4.69 15.60
CA GLU P 74 55.29 5.65 16.21
C GLU P 74 53.99 4.91 16.74
N TYR P 75 53.59 3.87 16.05
CA TYR P 75 52.36 3.04 16.29
C TYR P 75 52.67 1.62 16.24
N GLY P 76 53.73 1.26 17.01
CA GLY P 76 54.04 -0.12 17.28
C GLY P 76 52.96 -0.82 18.02
N ASP P 77 52.06 -0.10 18.86
CA ASP P 77 50.98 -0.65 19.52
C ASP P 77 49.72 -0.82 18.54
N CYS P 78 49.95 -0.62 17.19
CA CYS P 78 48.85 -0.69 16.30
C CYS P 78 49.09 -1.76 15.19
N TYR P 79 48.15 -2.06 14.34
CA TYR P 79 48.29 -3.09 13.36
C TYR P 79 48.59 -2.25 12.09
N ILE P 80 49.33 -2.85 11.11
CA ILE P 80 49.79 -2.13 9.90
C ILE P 80 49.36 -3.09 8.77
N ARG P 81 48.86 -2.46 7.74
CA ARG P 81 48.44 -3.16 6.56
C ARG P 81 48.88 -2.45 5.35
N VAL P 82 49.06 -3.22 4.21
CA VAL P 82 49.63 -2.71 3.05
C VAL P 82 48.71 -3.16 1.87
N ALA P 83 48.46 -2.23 0.89
CA ALA P 83 47.60 -2.52 -0.23
C ALA P 83 48.25 -2.10 -1.50
N GLY P 84 47.84 -2.74 -2.64
CA GLY P 84 48.24 -2.30 -3.92
C GLY P 84 47.09 -2.26 -4.93
N PHE P 85 47.05 -1.20 -5.72
CA PHE P 85 45.91 -0.92 -6.62
C PHE P 85 46.32 -0.99 -8.07
N ASP P 86 45.51 -1.67 -8.91
CA ASP P 86 45.75 -1.67 -10.36
C ASP P 86 44.97 -0.55 -10.94
N ASN P 87 45.43 0.74 -10.86
CA ASN P 87 44.67 1.79 -11.40
C ASN P 87 44.16 1.59 -12.86
N ILE P 88 44.86 0.85 -13.62
CA ILE P 88 44.43 0.46 -14.93
C ILE P 88 43.25 -0.45 -14.85
N LYS P 89 43.22 -1.44 -14.00
CA LYS P 89 42.10 -2.32 -13.79
C LYS P 89 41.13 -1.85 -12.66
N GLN P 90 41.41 -0.73 -11.96
CA GLN P 90 40.69 -0.19 -10.89
C GLN P 90 40.45 -1.23 -9.83
N CYS P 91 41.41 -2.16 -9.55
CA CYS P 91 41.14 -3.29 -8.71
C CYS P 91 42.22 -3.29 -7.67
N GLN P 92 41.85 -3.46 -6.45
CA GLN P 92 42.60 -3.85 -5.36
C GLN P 92 42.97 -5.28 -5.30
N THR P 93 44.14 -5.64 -5.90
CA THR P 93 44.45 -7.09 -5.96
C THR P 93 45.25 -7.55 -4.66
N VAL P 94 45.50 -6.70 -3.62
CA VAL P 94 46.42 -6.91 -2.59
C VAL P 94 45.84 -6.30 -1.28
N SER P 95 45.84 -7.10 -0.19
CA SER P 95 45.77 -6.44 1.08
C SER P 95 46.16 -7.55 2.09
N PHE P 96 46.99 -7.23 3.01
CA PHE P 96 47.51 -8.17 3.93
C PHE P 96 48.29 -7.45 5.10
N ILE P 97 48.39 -8.21 6.22
CA ILE P 97 48.98 -7.70 7.41
C ILE P 97 50.45 -7.92 7.41
N VAL P 98 51.29 -6.90 7.81
CA VAL P 98 52.71 -7.11 8.00
C VAL P 98 53.13 -6.88 9.51
N HIS P 99 52.22 -6.46 10.45
CA HIS P 99 52.59 -6.23 11.82
C HIS P 99 51.47 -6.43 12.70
N ARG P 100 51.70 -6.73 13.96
CA ARG P 100 50.68 -6.84 15.01
C ARG P 100 51.25 -6.25 16.24
N PRO P 101 50.46 -5.48 17.08
CA PRO P 101 50.93 -5.21 18.53
C PRO P 101 51.16 -6.40 19.38
N TYR Q 1 28.67 -48.29 -6.01
CA TYR Q 1 27.48 -47.79 -6.74
C TYR Q 1 26.49 -48.89 -6.98
N LYS Q 2 26.91 -49.93 -7.75
CA LYS Q 2 25.92 -50.95 -8.00
C LYS Q 2 25.43 -51.58 -6.66
N LEU Q 3 26.14 -51.46 -5.50
CA LEU Q 3 25.76 -52.11 -4.31
C LEU Q 3 24.57 -51.53 -3.59
N THR Q 4 24.61 -50.16 -3.34
CA THR Q 4 23.51 -49.45 -2.55
C THR Q 4 22.41 -48.88 -3.49
N TYR Q 5 22.80 -48.17 -4.43
CA TYR Q 5 21.86 -47.54 -5.39
C TYR Q 5 20.98 -48.38 -6.13
N TYR Q 6 21.55 -49.42 -6.61
CA TYR Q 6 20.87 -50.32 -7.57
C TYR Q 6 20.05 -51.31 -6.85
N THR Q 7 18.75 -51.23 -6.81
CA THR Q 7 17.87 -52.10 -6.01
C THR Q 7 16.81 -52.60 -7.03
N PRO Q 8 17.13 -53.46 -7.93
CA PRO Q 8 16.14 -54.19 -8.68
C PRO Q 8 15.19 -55.09 -7.85
N ASP Q 9 15.65 -55.48 -6.59
CA ASP Q 9 14.78 -56.22 -5.71
C ASP Q 9 13.88 -55.38 -4.68
N TYR Q 10 14.17 -54.14 -4.56
CA TYR Q 10 13.27 -53.12 -4.15
C TYR Q 10 11.87 -52.97 -4.79
N THR Q 11 10.85 -52.66 -3.84
CA THR Q 11 9.55 -52.40 -4.28
C THR Q 11 9.26 -50.88 -4.29
N PRO Q 12 9.21 -50.14 -5.45
CA PRO Q 12 8.79 -48.77 -5.45
C PRO Q 12 7.35 -48.60 -4.88
N LYS Q 13 7.10 -47.46 -4.15
CA LYS Q 13 5.90 -47.11 -3.49
C LYS Q 13 5.16 -46.05 -4.24
N ASP Q 14 3.84 -45.87 -3.93
CA ASP Q 14 3.06 -44.83 -4.51
C ASP Q 14 3.44 -43.45 -4.11
N THR Q 15 4.22 -43.41 -3.09
CA THR Q 15 4.81 -42.12 -2.62
C THR Q 15 6.10 -41.60 -3.23
N ASP Q 16 6.63 -42.34 -4.17
CA ASP Q 16 7.91 -42.14 -4.79
C ASP Q 16 7.90 -41.68 -6.23
N LEU Q 17 8.89 -40.95 -6.67
CA LEU Q 17 8.95 -40.47 -8.02
C LEU Q 17 9.75 -41.31 -8.83
N LEU Q 18 9.45 -41.55 -10.20
CA LEU Q 18 10.25 -42.41 -10.97
C LEU Q 18 10.80 -41.54 -12.12
N ALA Q 19 12.04 -41.88 -12.62
CA ALA Q 19 12.61 -41.22 -13.81
C ALA Q 19 13.16 -42.27 -14.71
N ALA Q 20 13.00 -42.07 -16.08
CA ALA Q 20 13.32 -42.99 -17.12
C ALA Q 20 14.42 -42.37 -17.87
N PHE Q 21 15.58 -43.04 -18.08
CA PHE Q 21 16.75 -42.68 -18.80
C PHE Q 21 17.06 -43.65 -19.77
N ARG Q 22 17.41 -43.25 -21.03
CA ARG Q 22 17.93 -44.12 -22.11
C ARG Q 22 19.50 -43.86 -22.13
N PHE Q 23 20.35 -44.64 -21.50
CA PHE Q 23 21.73 -44.12 -21.21
C PHE Q 23 22.55 -45.18 -21.86
N SER Q 24 23.61 -44.79 -22.54
CA SER Q 24 24.68 -45.66 -23.13
C SER Q 24 25.98 -45.47 -22.42
N PRO Q 25 26.50 -46.36 -21.52
CA PRO Q 25 27.74 -46.19 -20.73
C PRO Q 25 28.98 -45.94 -21.64
N GLN Q 26 29.87 -45.08 -21.22
CA GLN Q 26 31.23 -45.09 -21.71
C GLN Q 26 31.91 -46.48 -21.75
N PRO Q 27 32.73 -46.75 -22.69
CA PRO Q 27 33.35 -48.01 -22.78
C PRO Q 27 34.24 -48.31 -21.60
N GLY Q 28 34.25 -49.62 -21.13
CA GLY Q 28 34.70 -49.97 -19.76
C GLY Q 28 33.72 -49.83 -18.66
N VAL Q 29 32.53 -49.19 -18.84
CA VAL Q 29 31.71 -48.89 -17.75
C VAL Q 29 30.49 -49.87 -18.08
N PRO Q 30 30.17 -50.88 -17.22
CA PRO Q 30 29.07 -51.73 -17.56
C PRO Q 30 27.71 -50.99 -17.38
N ALA Q 31 26.69 -51.65 -17.87
CA ALA Q 31 25.36 -51.12 -17.85
C ALA Q 31 24.71 -50.78 -16.46
N ASP Q 32 24.87 -51.79 -15.64
CA ASP Q 32 24.48 -51.71 -14.20
C ASP Q 32 25.22 -50.65 -13.31
N GLU Q 33 26.51 -50.60 -13.53
CA GLU Q 33 27.42 -49.79 -12.66
C GLU Q 33 27.05 -48.30 -13.20
N ALA Q 34 26.91 -48.07 -14.53
CA ALA Q 34 26.48 -46.83 -15.04
C ALA Q 34 25.14 -46.47 -14.51
N GLY Q 35 24.14 -47.42 -14.48
CA GLY Q 35 22.83 -47.01 -13.89
C GLY Q 35 22.92 -46.61 -12.45
N ALA Q 36 23.80 -47.33 -11.69
CA ALA Q 36 24.01 -46.91 -10.33
C ALA Q 36 24.61 -45.56 -10.28
N ALA Q 37 25.61 -45.23 -11.05
CA ALA Q 37 26.22 -43.93 -11.11
C ALA Q 37 25.14 -42.80 -11.43
N ILE Q 38 24.29 -43.06 -12.37
CA ILE Q 38 23.24 -42.17 -12.71
C ILE Q 38 22.30 -41.95 -11.49
N ALA Q 39 22.02 -42.99 -10.76
CA ALA Q 39 21.28 -42.81 -9.45
C ALA Q 39 22.02 -41.96 -8.55
N ALA Q 40 23.29 -42.22 -8.41
CA ALA Q 40 24.15 -41.41 -7.51
C ALA Q 40 24.27 -39.99 -7.80
N GLU Q 41 24.49 -39.65 -9.09
CA GLU Q 41 24.79 -38.23 -9.37
C GLU Q 41 23.64 -37.30 -9.08
N SER Q 42 22.34 -37.80 -9.00
CA SER Q 42 21.16 -37.08 -8.81
C SER Q 42 20.45 -37.09 -7.49
N SER Q 43 20.92 -37.97 -6.54
CA SER Q 43 20.25 -38.15 -5.29
C SER Q 43 21.11 -37.73 -4.19
N THR Q 44 22.36 -38.27 -4.07
CA THR Q 44 23.31 -37.97 -3.03
C THR Q 44 24.74 -37.56 -3.66
N GLY Q 45 25.10 -37.94 -4.83
CA GLY Q 45 26.25 -37.56 -5.52
C GLY Q 45 27.36 -38.62 -5.48
N THR Q 46 27.48 -39.34 -4.34
CA THR Q 46 28.62 -40.25 -4.10
C THR Q 46 28.03 -41.51 -3.40
N THR Q 49 33.41 -39.59 2.76
CA THR Q 49 32.76 -39.64 4.04
C THR Q 49 33.13 -38.39 4.91
N VAL Q 50 32.18 -37.80 5.51
CA VAL Q 50 32.41 -36.62 6.38
C VAL Q 50 31.72 -36.93 7.66
N TRP Q 51 31.69 -35.95 8.50
CA TRP Q 51 31.24 -36.13 9.90
C TRP Q 51 29.77 -35.83 10.03
N THR Q 52 29.22 -34.86 9.25
CA THR Q 52 27.82 -34.64 9.08
C THR Q 52 27.10 -35.94 8.50
N ASP Q 53 27.79 -36.87 7.87
CA ASP Q 53 27.07 -38.05 7.30
C ASP Q 53 26.33 -38.83 8.43
N LEU Q 54 26.97 -39.19 9.58
CA LEU Q 54 26.42 -40.06 10.55
C LEU Q 54 25.38 -39.31 11.43
N LEU Q 55 25.34 -38.00 11.50
CA LEU Q 55 24.24 -37.30 12.08
C LEU Q 55 22.88 -37.50 11.34
N THR Q 56 22.85 -38.17 10.13
CA THR Q 56 21.72 -38.30 9.34
C THR Q 56 21.41 -39.72 9.06
N ASP Q 57 20.15 -40.08 8.71
CA ASP Q 57 19.86 -41.36 8.19
C ASP Q 57 19.95 -41.37 6.69
N MET Q 58 21.10 -41.94 6.15
CA MET Q 58 21.44 -41.77 4.78
C MET Q 58 20.47 -42.44 3.91
N ASP Q 59 20.05 -43.68 4.31
CA ASP Q 59 19.11 -44.50 3.48
C ASP Q 59 17.78 -43.89 3.30
N ARG Q 60 17.36 -43.03 4.26
CA ARG Q 60 16.18 -42.09 4.05
C ARG Q 60 16.32 -41.33 2.78
N TYR Q 61 17.45 -41.08 2.19
CA TYR Q 61 17.49 -39.91 1.29
C TYR Q 61 18.30 -40.46 0.06
N LYS Q 62 17.96 -41.69 -0.41
CA LYS Q 62 18.69 -42.35 -1.58
C LYS Q 62 17.67 -42.56 -2.65
N GLY Q 63 18.03 -42.24 -3.93
CA GLY Q 63 17.21 -42.56 -5.07
C GLY Q 63 17.66 -43.92 -5.60
N LYS Q 64 16.71 -44.78 -5.89
CA LYS Q 64 16.86 -46.17 -6.02
C LYS Q 64 16.66 -46.59 -7.44
N CYS Q 65 17.65 -47.10 -8.14
CA CYS Q 65 17.43 -47.71 -9.49
C CYS Q 65 17.01 -49.10 -9.39
N TYR Q 66 15.91 -49.51 -9.94
CA TYR Q 66 15.37 -50.88 -9.69
C TYR Q 66 15.16 -51.65 -11.02
N HIS Q 67 15.68 -51.29 -12.13
CA HIS Q 67 15.56 -52.11 -13.36
C HIS Q 67 16.56 -51.65 -14.44
N ILE Q 68 17.27 -52.65 -15.10
CA ILE Q 68 17.97 -52.26 -16.28
C ILE Q 68 17.69 -53.22 -17.40
N GLU Q 69 17.54 -52.76 -18.62
CA GLU Q 69 17.44 -53.64 -19.76
C GLU Q 69 18.02 -53.02 -20.97
N PRO Q 70 18.60 -53.78 -21.94
CA PRO Q 70 19.10 -53.15 -23.11
C PRO Q 70 17.97 -52.64 -24.03
N VAL Q 71 18.26 -51.66 -24.83
CA VAL Q 71 17.32 -51.13 -25.76
C VAL Q 71 17.12 -52.10 -26.95
N GLN Q 72 15.80 -52.27 -27.31
CA GLN Q 72 15.51 -53.03 -28.46
C GLN Q 72 16.03 -52.37 -29.68
N GLY Q 73 16.73 -53.15 -30.55
CA GLY Q 73 17.28 -52.62 -31.82
C GLY Q 73 18.40 -51.65 -31.61
N GLU Q 74 19.06 -51.64 -30.42
CA GLU Q 74 20.24 -50.86 -30.22
C GLU Q 74 21.18 -51.53 -29.30
N GLU Q 75 22.51 -51.19 -29.42
CA GLU Q 75 23.58 -51.97 -28.74
C GLU Q 75 24.14 -51.00 -27.67
N ASN Q 76 24.55 -51.55 -26.48
CA ASN Q 76 25.15 -50.77 -25.44
C ASN Q 76 24.23 -49.67 -25.01
N SER Q 77 22.96 -49.70 -25.27
CA SER Q 77 21.96 -48.71 -24.79
C SER Q 77 21.00 -49.34 -23.81
N TYR Q 78 20.76 -48.81 -22.66
CA TYR Q 78 20.03 -49.58 -21.74
C TYR Q 78 19.05 -48.55 -21.05
N PHE Q 79 18.06 -49.00 -20.40
CA PHE Q 79 17.22 -48.10 -19.54
C PHE Q 79 17.46 -48.28 -18.01
N ALA Q 80 17.83 -47.17 -17.32
CA ALA Q 80 18.00 -47.19 -15.80
C ALA Q 80 16.63 -46.49 -15.36
N PHE Q 81 15.69 -47.27 -14.90
CA PHE Q 81 14.56 -46.92 -14.09
C PHE Q 81 14.73 -46.60 -12.67
N ILE Q 82 14.38 -45.31 -12.14
CA ILE Q 82 15.07 -44.89 -10.99
C ILE Q 82 13.94 -44.35 -10.16
N ALA Q 83 13.85 -44.58 -8.87
CA ALA Q 83 12.77 -44.27 -7.97
C ALA Q 83 13.27 -43.37 -6.75
N TYR Q 84 12.53 -42.43 -6.23
CA TYR Q 84 13.07 -41.43 -5.28
C TYR Q 84 12.08 -41.28 -4.17
N PRO Q 85 12.55 -40.72 -2.98
CA PRO Q 85 11.55 -40.58 -1.89
C PRO Q 85 10.62 -39.44 -2.12
N LEU Q 86 9.72 -39.11 -1.23
CA LEU Q 86 8.83 -37.93 -1.33
C LEU Q 86 9.40 -36.79 -0.63
N ASP Q 87 10.20 -36.98 0.48
CA ASP Q 87 10.66 -35.85 1.32
C ASP Q 87 11.66 -35.01 0.60
N LEU Q 88 12.12 -35.48 -0.54
CA LEU Q 88 13.26 -34.79 -1.09
C LEU Q 88 12.85 -33.35 -1.51
N PHE Q 89 11.58 -33.08 -1.90
CA PHE Q 89 11.42 -31.99 -2.82
C PHE Q 89 10.72 -30.87 -2.11
N GLU Q 90 10.85 -29.62 -2.44
CA GLU Q 90 9.92 -28.62 -2.00
C GLU Q 90 8.50 -28.88 -2.58
N GLU Q 91 7.49 -28.68 -1.77
CA GLU Q 91 6.08 -28.81 -2.23
C GLU Q 91 5.82 -27.93 -3.38
N GLY Q 92 5.23 -28.50 -4.48
CA GLY Q 92 4.79 -27.62 -5.51
C GLY Q 92 5.85 -26.93 -6.22
N SER Q 93 7.04 -27.46 -6.39
CA SER Q 93 8.22 -26.80 -6.97
C SER Q 93 8.73 -27.55 -8.09
N VAL Q 94 8.22 -27.23 -9.31
CA VAL Q 94 8.94 -27.67 -10.47
C VAL Q 94 10.41 -27.48 -10.44
N THR Q 95 10.83 -26.30 -10.12
CA THR Q 95 12.21 -25.95 -10.15
C THR Q 95 13.00 -26.79 -9.20
N ASN Q 96 12.51 -26.95 -8.02
CA ASN Q 96 13.15 -27.83 -7.03
C ASN Q 96 13.32 -29.18 -7.57
N ILE Q 97 12.28 -29.71 -8.25
CA ILE Q 97 12.32 -31.18 -8.60
C ILE Q 97 13.45 -31.20 -9.67
N LEU Q 98 13.30 -30.37 -10.73
CA LEU Q 98 14.28 -30.34 -11.74
C LEU Q 98 15.72 -30.35 -11.28
N THR Q 99 15.94 -29.45 -10.23
CA THR Q 99 17.28 -29.27 -9.75
C THR Q 99 17.59 -30.69 -9.05
N SER Q 100 16.65 -31.31 -8.30
CA SER Q 100 16.92 -32.62 -7.55
C SER Q 100 17.38 -33.59 -8.67
N ILE Q 101 16.68 -33.72 -9.77
CA ILE Q 101 16.92 -34.93 -10.51
C ILE Q 101 17.99 -34.74 -11.51
N VAL Q 102 17.63 -33.72 -12.33
CA VAL Q 102 18.56 -33.39 -13.48
C VAL Q 102 19.62 -32.43 -13.17
N GLY Q 103 19.76 -31.92 -11.87
CA GLY Q 103 20.73 -30.89 -11.62
C GLY Q 103 22.16 -31.28 -11.61
N ASN Q 104 22.47 -32.54 -11.52
CA ASN Q 104 23.88 -33.00 -11.50
C ASN Q 104 24.09 -34.26 -12.43
N VAL Q 105 23.04 -34.87 -13.12
CA VAL Q 105 23.30 -36.20 -13.63
C VAL Q 105 23.86 -36.13 -15.02
N PHE Q 106 23.36 -35.16 -15.82
CA PHE Q 106 23.86 -34.94 -17.20
C PHE Q 106 25.27 -34.77 -17.48
N GLY Q 107 26.05 -34.36 -16.43
CA GLY Q 107 27.50 -33.95 -16.64
C GLY Q 107 28.49 -35.07 -16.33
N PHE Q 108 28.08 -36.23 -15.86
CA PHE Q 108 29.12 -37.15 -15.31
C PHE Q 108 29.57 -37.92 -16.59
N LYS Q 109 30.93 -38.10 -16.69
CA LYS Q 109 31.64 -38.60 -17.88
C LYS Q 109 31.20 -40.06 -18.23
N ALA Q 110 30.90 -40.83 -17.21
CA ALA Q 110 30.67 -42.31 -17.39
C ALA Q 110 29.49 -42.57 -18.37
N ILE Q 111 28.68 -41.53 -18.77
CA ILE Q 111 27.60 -41.86 -19.63
C ILE Q 111 27.84 -41.13 -20.92
N ARG Q 112 27.64 -41.78 -22.01
CA ARG Q 112 28.02 -41.08 -23.28
C ARG Q 112 26.91 -40.22 -23.78
N SER Q 113 25.69 -40.66 -23.89
CA SER Q 113 24.51 -39.97 -24.31
C SER Q 113 23.37 -40.27 -23.42
N LEU Q 114 23.21 -39.43 -22.30
CA LEU Q 114 22.04 -39.82 -21.40
C LEU Q 114 20.89 -39.04 -21.89
N ARG Q 115 19.70 -39.46 -21.83
CA ARG Q 115 18.59 -38.63 -22.22
C ARG Q 115 17.48 -38.94 -21.20
N LEU Q 116 16.96 -38.03 -20.57
CA LEU Q 116 15.86 -38.16 -19.66
C LEU Q 116 14.54 -38.36 -20.29
N GLU Q 117 13.91 -39.45 -20.17
CA GLU Q 117 12.91 -39.86 -21.11
C GLU Q 117 11.61 -39.55 -20.45
N ASP Q 118 11.40 -39.90 -19.26
CA ASP Q 118 10.03 -39.85 -18.65
C ASP Q 118 10.12 -39.90 -17.14
N ILE Q 119 9.23 -39.21 -16.48
CA ILE Q 119 9.15 -39.16 -15.05
C ILE Q 119 7.78 -39.71 -14.56
N ARG Q 120 7.71 -40.10 -13.30
CA ARG Q 120 6.42 -40.51 -12.68
C ARG Q 120 6.40 -39.70 -11.33
N PHE Q 121 5.72 -38.68 -11.16
CA PHE Q 121 5.39 -37.95 -9.96
C PHE Q 121 4.34 -38.65 -8.96
N PRO Q 122 4.73 -38.81 -7.72
CA PRO Q 122 3.76 -39.52 -6.82
C PRO Q 122 2.55 -38.59 -6.58
N VAL Q 123 1.42 -39.15 -6.34
CA VAL Q 123 0.23 -38.41 -6.05
C VAL Q 123 0.26 -37.32 -5.02
N ALA Q 124 0.79 -37.73 -3.84
CA ALA Q 124 0.83 -36.79 -2.75
C ALA Q 124 1.58 -35.55 -3.15
N LEU Q 125 2.67 -35.72 -3.96
CA LEU Q 125 3.49 -34.63 -4.50
C LEU Q 125 2.68 -33.87 -5.62
N VAL Q 126 2.15 -34.62 -6.56
CA VAL Q 126 1.30 -34.07 -7.58
C VAL Q 126 0.21 -33.11 -7.05
N LYS Q 127 -0.44 -33.50 -6.06
CA LYS Q 127 -1.63 -32.66 -5.67
C LYS Q 127 -1.29 -31.37 -4.78
N THR Q 128 -0.07 -31.15 -4.49
CA THR Q 128 0.31 -29.88 -3.84
C THR Q 128 0.32 -28.64 -4.78
N PHE Q 129 0.27 -28.80 -6.20
CA PHE Q 129 0.28 -27.73 -7.11
C PHE Q 129 -1.11 -27.09 -7.17
N GLN Q 130 -1.22 -26.16 -7.99
CA GLN Q 130 -2.52 -25.64 -8.54
C GLN Q 130 -2.90 -26.37 -9.80
N GLY Q 131 -1.94 -26.89 -10.67
CA GLY Q 131 -2.31 -27.48 -11.93
C GLY Q 131 -2.63 -26.35 -12.94
N PRO Q 132 -3.07 -26.71 -14.10
CA PRO Q 132 -3.41 -25.76 -15.11
C PRO Q 132 -4.54 -24.81 -14.65
N PRO Q 133 -4.46 -23.47 -15.08
CA PRO Q 133 -5.20 -22.48 -14.32
C PRO Q 133 -6.73 -22.79 -14.27
N HIS Q 134 -7.35 -23.37 -15.26
CA HIS Q 134 -8.72 -23.69 -15.21
C HIS Q 134 -8.96 -25.25 -15.36
N GLY Q 135 -8.38 -25.77 -16.40
CA GLY Q 135 -8.62 -27.06 -16.95
C GLY Q 135 -9.38 -27.02 -18.21
N ILE Q 136 -9.07 -27.98 -19.14
CA ILE Q 136 -9.66 -28.09 -20.45
C ILE Q 136 -11.18 -27.89 -20.29
N GLN Q 137 -11.78 -28.50 -19.35
CA GLN Q 137 -13.25 -28.38 -19.23
C GLN Q 137 -13.66 -26.98 -18.93
N VAL Q 138 -13.03 -26.39 -17.94
CA VAL Q 138 -13.41 -24.96 -17.68
C VAL Q 138 -12.98 -24.04 -18.87
N GLU Q 139 -11.84 -24.24 -19.50
CA GLU Q 139 -11.41 -23.50 -20.63
C GLU Q 139 -12.44 -23.46 -21.79
N ARG Q 140 -12.79 -24.71 -22.19
CA ARG Q 140 -13.83 -24.94 -23.13
C ARG Q 140 -15.19 -24.28 -22.64
N ASP Q 141 -15.58 -24.28 -21.30
CA ASP Q 141 -16.74 -23.62 -20.78
C ASP Q 141 -16.66 -22.01 -20.99
N LEU Q 142 -15.55 -21.43 -20.58
CA LEU Q 142 -15.20 -20.05 -20.81
C LEU Q 142 -15.22 -19.50 -22.24
N LEU Q 143 -14.60 -20.34 -23.12
CA LEU Q 143 -14.84 -20.07 -24.57
C LEU Q 143 -16.22 -20.65 -25.03
N ASN Q 144 -16.91 -21.49 -24.29
CA ASN Q 144 -18.15 -21.91 -24.77
C ASN Q 144 -18.18 -22.64 -26.05
N LYS Q 145 -17.12 -23.29 -26.46
CA LYS Q 145 -16.94 -23.92 -27.84
C LYS Q 145 -16.84 -25.38 -27.62
N TYR Q 146 -17.55 -26.25 -28.31
CA TYR Q 146 -17.73 -27.68 -27.97
C TYR Q 146 -17.66 -28.38 -29.25
N GLY Q 147 -17.14 -29.70 -29.08
CA GLY Q 147 -17.09 -30.67 -30.10
C GLY Q 147 -16.13 -30.44 -31.22
N ARG Q 148 -15.12 -29.52 -31.07
CA ARG Q 148 -14.17 -29.41 -32.13
C ARG Q 148 -12.79 -28.85 -31.55
N PRO Q 149 -11.67 -29.09 -32.16
CA PRO Q 149 -10.36 -28.47 -31.69
C PRO Q 149 -10.32 -27.03 -32.11
N MET Q 150 -9.24 -26.34 -31.57
CA MET Q 150 -9.24 -24.88 -31.81
C MET Q 150 -8.15 -24.43 -32.72
N LEU Q 151 -8.13 -23.11 -32.96
CA LEU Q 151 -7.36 -22.72 -34.19
C LEU Q 151 -6.59 -21.60 -33.68
N GLY Q 152 -5.30 -21.63 -33.91
CA GLY Q 152 -4.42 -20.45 -33.64
C GLY Q 152 -3.81 -20.08 -35.01
N CYS Q 153 -3.40 -18.88 -35.05
CA CYS Q 153 -2.54 -18.41 -36.19
C CYS Q 153 -1.51 -17.45 -35.73
N THR Q 154 -0.24 -17.58 -36.29
CA THR Q 154 0.84 -16.76 -35.66
C THR Q 154 1.05 -15.68 -36.77
N ILE Q 155 0.98 -14.38 -36.37
CA ILE Q 155 1.04 -13.35 -37.32
C ILE Q 155 2.28 -13.44 -38.15
N LYS Q 156 2.18 -13.10 -39.41
CA LYS Q 156 3.28 -12.95 -40.22
C LYS Q 156 3.28 -11.61 -40.90
N PRO Q 157 4.51 -11.02 -41.25
CA PRO Q 157 5.81 -11.57 -41.04
C PRO Q 157 6.13 -11.37 -39.53
N LYS Q 158 7.27 -11.97 -39.07
CA LYS Q 158 7.64 -11.92 -37.68
C LYS Q 158 7.82 -10.56 -37.24
N LEU Q 159 8.32 -9.56 -38.02
CA LEU Q 159 8.80 -8.36 -37.30
C LEU Q 159 8.57 -7.26 -38.37
N GLY Q 160 8.74 -5.96 -38.02
CA GLY Q 160 8.46 -4.82 -38.83
C GLY Q 160 7.06 -4.37 -38.83
N LEU Q 161 6.12 -5.35 -38.74
CA LEU Q 161 4.72 -4.81 -38.56
C LEU Q 161 4.44 -3.82 -37.49
N SER Q 162 3.79 -2.69 -37.85
CA SER Q 162 3.29 -1.74 -36.92
C SER Q 162 2.30 -2.39 -36.09
N ALA Q 163 2.15 -2.04 -34.84
CA ALA Q 163 1.13 -2.53 -33.99
C ALA Q 163 -0.32 -2.31 -34.63
N LYS Q 164 -0.50 -1.13 -35.35
CA LYS Q 164 -1.66 -0.88 -36.07
C LYS Q 164 -1.88 -2.00 -37.19
N ASN Q 165 -0.84 -2.23 -38.04
CA ASN Q 165 -0.85 -3.41 -39.03
C ASN Q 165 -0.97 -4.67 -38.34
N TYR Q 166 -0.46 -4.84 -37.06
CA TYR Q 166 -0.30 -6.10 -36.41
C TYR Q 166 -1.77 -6.47 -36.00
N GLY Q 167 -2.53 -5.54 -35.42
CA GLY Q 167 -3.97 -5.61 -35.18
C GLY Q 167 -4.77 -5.86 -36.46
N ARG Q 168 -4.34 -5.35 -37.59
CA ARG Q 168 -5.14 -5.31 -38.74
C ARG Q 168 -5.02 -6.81 -39.25
N ALA Q 169 -3.81 -7.42 -39.30
CA ALA Q 169 -3.56 -8.82 -39.60
C ALA Q 169 -4.25 -9.84 -38.65
N VAL Q 170 -4.12 -9.53 -37.30
CA VAL Q 170 -5.05 -10.19 -36.35
C VAL Q 170 -6.50 -10.22 -36.72
N TYR Q 171 -7.03 -9.00 -37.00
CA TYR Q 171 -8.41 -8.87 -37.23
C TYR Q 171 -8.86 -9.76 -38.45
N GLU Q 172 -8.09 -9.68 -39.58
CA GLU Q 172 -8.32 -10.55 -40.71
C GLU Q 172 -8.25 -11.99 -40.39
N CYS Q 173 -7.29 -12.35 -39.70
CA CYS Q 173 -7.20 -13.73 -39.14
C CYS Q 173 -8.45 -14.20 -38.45
N LEU Q 174 -8.90 -13.42 -37.38
CA LEU Q 174 -10.08 -13.83 -36.67
C LEU Q 174 -11.29 -13.77 -37.45
N ARG Q 175 -11.47 -12.65 -38.21
CA ARG Q 175 -12.77 -12.45 -38.87
C ARG Q 175 -13.03 -13.51 -39.87
N GLY Q 176 -11.99 -13.96 -40.62
CA GLY Q 176 -12.24 -15.05 -41.51
C GLY Q 176 -12.57 -16.40 -40.85
N GLY Q 177 -12.65 -16.51 -39.54
CA GLY Q 177 -13.18 -17.62 -38.82
C GLY Q 177 -12.22 -18.33 -37.92
N LEU Q 178 -10.91 -17.89 -37.82
CA LEU Q 178 -10.04 -18.32 -36.78
C LEU Q 178 -10.57 -17.99 -35.44
N ASP Q 179 -10.11 -18.79 -34.56
CA ASP Q 179 -10.47 -18.85 -33.19
C ASP Q 179 -9.34 -18.25 -32.29
N PHE Q 180 -8.12 -18.25 -32.81
CA PHE Q 180 -7.08 -17.61 -32.03
C PHE Q 180 -5.98 -16.98 -32.93
N THR Q 181 -5.43 -15.87 -32.62
CA THR Q 181 -4.12 -15.49 -33.02
C THR Q 181 -3.20 -15.53 -31.90
N LYS Q 182 -1.89 -15.77 -32.20
CA LYS Q 182 -0.90 -16.05 -31.26
C LYS Q 182 0.26 -15.12 -31.40
N ASP Q 183 0.69 -14.50 -30.33
CA ASP Q 183 1.80 -13.49 -30.51
C ASP Q 183 3.09 -14.41 -30.66
N ASP Q 184 4.16 -13.90 -31.11
CA ASP Q 184 5.29 -14.81 -31.35
C ASP Q 184 6.10 -14.66 -30.02
N GLU Q 185 6.95 -15.70 -29.86
CA GLU Q 185 7.55 -15.82 -28.62
C GLU Q 185 8.61 -14.60 -28.61
N ASN Q 186 9.28 -14.25 -29.78
CA ASN Q 186 10.24 -13.22 -29.88
C ASN Q 186 9.40 -11.89 -29.60
N ILE Q 187 8.11 -11.74 -30.00
CA ILE Q 187 7.55 -10.41 -29.85
C ILE Q 187 7.21 -10.15 -28.47
N ASN Q 188 8.19 -9.38 -27.79
CA ASN Q 188 7.87 -9.08 -26.47
C ASN Q 188 7.77 -7.53 -26.17
N SER Q 189 8.80 -6.68 -26.45
CA SER Q 189 8.78 -5.25 -26.57
C SER Q 189 9.60 -4.58 -27.71
N GLN Q 190 9.71 -5.26 -28.87
CA GLN Q 190 10.75 -4.70 -29.85
C GLN Q 190 10.58 -3.24 -30.00
N PRO Q 191 11.58 -2.51 -30.30
CA PRO Q 191 11.43 -1.08 -30.67
C PRO Q 191 10.42 -0.88 -31.74
N PHE Q 192 10.30 -1.71 -32.72
CA PHE Q 192 9.30 -1.43 -33.77
C PHE Q 192 7.87 -1.88 -33.18
N GLN Q 193 7.70 -2.88 -32.20
CA GLN Q 193 6.51 -2.82 -31.41
C GLN Q 193 6.81 -3.02 -29.99
N ARG Q 194 6.67 -1.91 -29.21
CA ARG Q 194 6.38 -1.92 -27.86
C ARG Q 194 5.08 -2.63 -27.38
N TRP Q 195 5.17 -3.34 -26.22
CA TRP Q 195 4.21 -4.30 -25.82
C TRP Q 195 2.87 -3.68 -25.67
N ARG Q 196 2.81 -2.50 -24.91
CA ARG Q 196 1.56 -1.95 -24.45
C ARG Q 196 0.67 -1.50 -25.67
N ASP Q 197 1.17 -0.86 -26.68
CA ASP Q 197 0.40 -0.49 -27.81
C ASP Q 197 -0.20 -1.71 -28.45
N ARG Q 198 0.59 -2.72 -28.64
CA ARG Q 198 0.18 -3.92 -29.18
C ARG Q 198 -0.96 -4.50 -28.43
N PHE Q 199 -0.84 -4.48 -27.11
CA PHE Q 199 -1.94 -5.06 -26.38
C PHE Q 199 -3.22 -4.28 -26.57
N LEU Q 200 -3.16 -3.00 -26.56
CA LEU Q 200 -4.29 -2.21 -26.71
C LEU Q 200 -5.01 -2.49 -28.07
N PHE Q 201 -4.14 -2.55 -29.15
CA PHE Q 201 -4.77 -2.74 -30.42
C PHE Q 201 -5.28 -4.11 -30.55
N VAL Q 202 -4.65 -5.14 -30.03
CA VAL Q 202 -5.21 -6.51 -30.10
C VAL Q 202 -6.53 -6.50 -29.40
N ALA Q 203 -6.58 -5.87 -28.24
CA ALA Q 203 -7.91 -6.06 -27.49
C ALA Q 203 -9.00 -5.39 -28.36
N ASP Q 204 -8.73 -4.31 -29.02
CA ASP Q 204 -9.78 -3.53 -29.72
C ASP Q 204 -10.17 -4.45 -30.85
N ALA Q 205 -9.16 -5.10 -31.50
CA ALA Q 205 -9.41 -5.96 -32.71
C ALA Q 205 -10.22 -7.14 -32.35
N ILE Q 206 -9.95 -7.71 -31.21
CA ILE Q 206 -10.67 -8.92 -30.69
C ILE Q 206 -12.07 -8.42 -30.51
N HIS Q 207 -12.32 -7.24 -29.85
CA HIS Q 207 -13.65 -6.96 -29.54
C HIS Q 207 -14.43 -6.75 -30.83
N LYS Q 208 -13.85 -6.05 -31.84
CA LYS Q 208 -14.59 -5.82 -33.06
C LYS Q 208 -14.85 -7.04 -33.88
N SER Q 209 -13.87 -8.02 -33.89
CA SER Q 209 -14.06 -9.30 -34.50
C SER Q 209 -15.16 -10.06 -33.81
N GLN Q 210 -15.20 -9.99 -32.57
CA GLN Q 210 -16.36 -10.58 -31.77
C GLN Q 210 -17.61 -10.00 -32.17
N ALA Q 211 -17.65 -8.63 -32.31
CA ALA Q 211 -18.90 -7.90 -32.66
C ALA Q 211 -19.44 -8.37 -34.12
N GLU Q 212 -18.58 -8.39 -35.09
CA GLU Q 212 -18.94 -8.76 -36.43
C GLU Q 212 -19.35 -10.27 -36.51
N THR Q 213 -18.60 -11.09 -35.90
CA THR Q 213 -18.69 -12.52 -36.09
C THR Q 213 -19.97 -13.14 -35.27
N GLY Q 214 -20.24 -12.60 -34.14
CA GLY Q 214 -20.96 -13.36 -33.05
C GLY Q 214 -20.40 -14.55 -32.40
N GLU Q 215 -19.02 -14.65 -32.12
CA GLU Q 215 -18.31 -15.77 -31.63
C GLU Q 215 -17.26 -15.26 -30.80
N ILE Q 216 -16.97 -15.96 -29.66
CA ILE Q 216 -15.93 -15.57 -28.77
C ILE Q 216 -14.55 -15.64 -29.47
N LYS Q 217 -13.77 -14.66 -29.28
CA LYS Q 217 -12.45 -14.63 -29.82
C LYS Q 217 -11.43 -14.46 -28.73
N GLY Q 218 -10.21 -15.08 -28.94
CA GLY Q 218 -9.12 -14.99 -27.94
C GLY Q 218 -7.83 -14.82 -28.80
N HIS Q 219 -6.85 -14.02 -28.29
CA HIS Q 219 -5.48 -14.06 -28.76
C HIS Q 219 -4.54 -14.33 -27.64
N TYR Q 220 -3.34 -14.94 -28.05
CA TYR Q 220 -2.28 -15.35 -27.18
C TYR Q 220 -1.29 -14.28 -26.89
N LEU Q 221 -1.58 -13.31 -26.04
CA LEU Q 221 -0.69 -12.22 -25.80
C LEU Q 221 0.53 -12.68 -25.07
N ASN Q 222 1.68 -12.38 -25.62
CA ASN Q 222 2.92 -12.81 -25.05
C ASN Q 222 2.95 -11.98 -23.64
N VAL Q 223 3.39 -12.63 -22.59
CA VAL Q 223 3.66 -11.98 -21.37
C VAL Q 223 5.13 -12.31 -20.87
N THR Q 224 5.96 -13.16 -21.60
CA THR Q 224 7.33 -13.21 -21.25
C THR Q 224 7.92 -11.86 -21.19
N ALA Q 225 8.45 -11.51 -20.05
CA ALA Q 225 8.96 -10.13 -19.80
C ALA Q 225 10.23 -10.26 -19.06
N PRO Q 226 11.17 -9.28 -19.27
CA PRO Q 226 12.48 -9.52 -18.76
C PRO Q 226 12.55 -9.81 -17.24
N THR Q 227 11.75 -9.14 -16.50
CA THR Q 227 11.68 -9.35 -15.01
C THR Q 227 10.18 -9.57 -14.55
N CYS Q 228 10.02 -10.14 -13.40
CA CYS Q 228 8.84 -10.37 -12.71
C CYS Q 228 7.89 -9.08 -12.75
N GLU Q 229 8.49 -7.89 -12.56
CA GLU Q 229 7.64 -6.65 -12.58
C GLU Q 229 7.04 -6.21 -13.84
N GLU Q 230 7.78 -6.23 -14.85
CA GLU Q 230 7.23 -6.18 -16.23
C GLU Q 230 6.18 -7.20 -16.49
N MET Q 231 6.47 -8.51 -16.07
CA MET Q 231 5.53 -9.52 -16.49
C MET Q 231 4.22 -9.35 -15.81
N MET Q 232 4.26 -9.03 -14.47
CA MET Q 232 3.15 -8.62 -13.69
C MET Q 232 2.31 -7.41 -14.23
N LYS Q 233 2.98 -6.33 -14.55
CA LYS Q 233 2.34 -5.17 -15.08
C LYS Q 233 1.61 -5.49 -16.35
N ARG Q 234 2.35 -6.26 -17.22
CA ARG Q 234 1.91 -6.52 -18.56
C ARG Q 234 0.61 -7.25 -18.49
N ALA Q 235 0.65 -8.35 -17.63
CA ALA Q 235 -0.47 -9.18 -17.45
C ALA Q 235 -1.69 -8.47 -16.81
N GLU Q 236 -1.45 -7.63 -15.87
CA GLU Q 236 -2.46 -6.77 -15.34
C GLU Q 236 -3.08 -5.94 -16.41
N PHE Q 237 -2.26 -5.38 -17.28
CA PHE Q 237 -2.84 -4.56 -18.30
C PHE Q 237 -3.74 -5.33 -19.16
N ALA Q 238 -3.28 -6.54 -19.58
CA ALA Q 238 -4.10 -7.43 -20.43
C ALA Q 238 -5.45 -7.76 -19.75
N LYS Q 239 -5.40 -8.11 -18.39
CA LYS Q 239 -6.59 -8.33 -17.62
C LYS Q 239 -7.56 -7.11 -17.73
N GLU Q 240 -7.05 -5.83 -17.62
CA GLU Q 240 -7.79 -4.61 -17.73
C GLU Q 240 -8.59 -4.53 -18.97
N LEU Q 241 -7.98 -4.94 -20.11
CA LEU Q 241 -8.72 -5.16 -21.32
C LEU Q 241 -9.56 -6.36 -21.39
N GLY Q 242 -9.69 -7.20 -20.32
CA GLY Q 242 -10.50 -8.42 -20.24
C GLY Q 242 -9.98 -9.52 -21.10
N MET Q 243 -8.66 -9.51 -21.46
CA MET Q 243 -8.10 -10.51 -22.27
C MET Q 243 -8.25 -11.92 -21.62
N PRO Q 244 -9.11 -12.85 -22.13
CA PRO Q 244 -9.28 -14.10 -21.47
C PRO Q 244 -8.00 -14.89 -21.42
N ILE Q 245 -6.98 -14.74 -22.40
CA ILE Q 245 -5.91 -15.64 -22.48
C ILE Q 245 -4.58 -14.92 -22.68
N ILE Q 246 -3.44 -15.54 -22.25
CA ILE Q 246 -2.14 -14.94 -22.41
C ILE Q 246 -1.19 -16.11 -22.85
N MET Q 247 -0.10 -15.64 -23.20
CA MET Q 247 1.02 -16.52 -23.68
C MET Q 247 2.26 -16.27 -22.91
N HIS Q 248 2.74 -17.27 -22.27
CA HIS Q 248 4.08 -17.26 -21.73
C HIS Q 248 5.04 -18.37 -22.31
N ASP Q 249 6.28 -18.05 -22.61
CA ASP Q 249 7.42 -18.86 -22.74
C ASP Q 249 8.11 -19.27 -21.51
N PHE Q 250 8.27 -20.56 -21.34
CA PHE Q 250 8.70 -21.21 -20.00
C PHE Q 250 10.04 -21.72 -20.08
N LEU Q 251 10.60 -22.10 -21.30
CA LEU Q 251 11.98 -22.64 -21.21
C LEU Q 251 12.96 -21.55 -20.93
N THR Q 252 13.00 -20.55 -21.79
CA THR Q 252 13.91 -19.43 -21.46
C THR Q 252 13.54 -18.77 -20.19
N ALA Q 253 12.24 -18.40 -20.06
CA ALA Q 253 11.87 -17.80 -18.75
C ALA Q 253 12.04 -18.62 -17.50
N GLY Q 254 12.19 -19.91 -17.67
CA GLY Q 254 12.06 -20.89 -16.64
C GLY Q 254 10.69 -21.30 -16.20
N PHE Q 255 10.64 -22.06 -15.13
CA PHE Q 255 9.38 -22.56 -14.45
C PHE Q 255 8.94 -21.79 -13.25
N THR Q 256 9.80 -21.15 -12.48
CA THR Q 256 9.38 -20.40 -11.34
C THR Q 256 8.42 -19.32 -11.64
N ALA Q 257 8.72 -18.55 -12.65
CA ALA Q 257 7.94 -17.44 -13.12
C ALA Q 257 6.61 -17.93 -13.74
N ASN Q 258 6.65 -19.07 -14.47
CA ASN Q 258 5.42 -19.64 -15.12
C ASN Q 258 4.62 -20.05 -13.95
N THR Q 259 5.16 -20.62 -12.82
CA THR Q 259 4.33 -21.08 -11.75
C THR Q 259 3.61 -19.86 -11.10
N THR Q 260 4.35 -18.71 -10.99
CA THR Q 260 3.79 -17.50 -10.44
C THR Q 260 2.65 -17.01 -11.29
N LEU Q 261 2.85 -17.02 -12.58
CA LEU Q 261 1.87 -16.53 -13.49
C LEU Q 261 0.64 -17.38 -13.47
N ALA Q 262 0.82 -18.72 -13.40
CA ALA Q 262 -0.29 -19.64 -13.32
C ALA Q 262 -1.17 -19.38 -12.02
N LYS Q 263 -0.52 -19.24 -10.92
CA LYS Q 263 -1.19 -18.92 -9.70
C LYS Q 263 -1.87 -17.61 -9.77
N TRP Q 264 -1.26 -16.61 -10.32
CA TRP Q 264 -1.93 -15.29 -10.37
C TRP Q 264 -3.21 -15.34 -11.25
N CYS Q 265 -3.00 -16.01 -12.41
CA CYS Q 265 -4.10 -16.31 -13.36
C CYS Q 265 -5.22 -17.15 -12.67
N ARG Q 266 -4.88 -18.05 -11.84
CA ARG Q 266 -5.86 -18.76 -11.06
C ARG Q 266 -6.71 -17.81 -10.28
N ASP Q 267 -6.09 -16.85 -9.66
CA ASP Q 267 -6.72 -15.79 -8.96
C ASP Q 267 -7.51 -14.82 -9.77
N ASN Q 268 -7.16 -14.68 -11.03
CA ASN Q 268 -7.70 -13.77 -11.99
C ASN Q 268 -8.25 -14.33 -13.26
N GLY Q 269 -8.63 -15.58 -13.23
CA GLY Q 269 -9.57 -16.00 -14.30
C GLY Q 269 -8.96 -16.13 -15.70
N VAL Q 270 -7.60 -16.13 -15.91
CA VAL Q 270 -6.94 -15.82 -17.20
C VAL Q 270 -6.31 -17.03 -17.79
N LEU Q 271 -6.84 -17.50 -18.95
CA LEU Q 271 -6.26 -18.59 -19.65
C LEU Q 271 -4.73 -18.34 -19.93
N LEU Q 272 -3.97 -19.31 -19.79
CA LEU Q 272 -2.51 -19.37 -19.99
C LEU Q 272 -2.17 -20.26 -21.12
N HIS Q 273 -2.05 -19.71 -22.30
CA HIS Q 273 -1.32 -20.33 -23.37
C HIS Q 273 0.12 -20.35 -23.19
N ILE Q 274 0.78 -21.44 -23.64
CA ILE Q 274 2.12 -21.84 -23.47
C ILE Q 274 2.80 -22.10 -24.84
N HIS Q 275 4.11 -21.71 -24.96
CA HIS Q 275 4.89 -22.30 -25.98
C HIS Q 275 6.23 -22.82 -25.39
N ARG Q 276 6.84 -23.64 -26.13
CA ARG Q 276 7.99 -24.49 -25.73
C ARG Q 276 9.34 -23.97 -26.41
N ALA Q 277 9.55 -22.68 -26.54
CA ALA Q 277 10.66 -22.17 -27.37
C ALA Q 277 11.90 -22.70 -26.75
N MET Q 278 12.89 -23.09 -27.61
CA MET Q 278 14.19 -23.66 -27.13
C MET Q 278 14.01 -25.16 -26.71
N HIS Q 279 12.84 -25.82 -26.93
CA HIS Q 279 12.64 -27.26 -26.50
C HIS Q 279 13.63 -28.01 -27.46
N ALA Q 280 13.74 -27.65 -28.71
CA ALA Q 280 14.54 -28.39 -29.74
C ALA Q 280 15.95 -28.48 -29.36
N VAL Q 281 16.53 -27.53 -28.56
CA VAL Q 281 17.79 -27.61 -27.92
C VAL Q 281 17.87 -28.81 -27.02
N ILE Q 282 16.82 -29.06 -26.27
CA ILE Q 282 16.90 -29.89 -25.09
C ILE Q 282 16.44 -31.34 -25.51
N ASP Q 283 15.61 -31.54 -26.61
CA ASP Q 283 14.90 -32.71 -26.91
C ASP Q 283 15.02 -33.15 -28.33
N ARG Q 284 15.47 -32.39 -29.23
CA ARG Q 284 15.59 -32.92 -30.56
C ARG Q 284 16.45 -34.13 -30.71
N GLN Q 285 17.70 -34.08 -30.09
CA GLN Q 285 18.61 -35.18 -30.13
C GLN Q 285 17.90 -36.43 -29.45
N ARG Q 286 17.86 -37.45 -30.21
CA ARG Q 286 17.39 -38.77 -29.72
C ARG Q 286 18.06 -39.44 -28.59
N ASN Q 287 19.37 -39.39 -28.61
CA ASN Q 287 20.17 -40.07 -27.67
C ASN Q 287 20.56 -39.22 -26.43
N HIS Q 288 20.47 -37.91 -26.49
CA HIS Q 288 20.91 -37.21 -25.33
C HIS Q 288 19.95 -36.05 -25.27
N GLY Q 289 19.80 -35.43 -24.06
CA GLY Q 289 18.80 -34.33 -23.85
C GLY Q 289 17.77 -34.65 -22.76
N ILE Q 290 16.58 -34.12 -22.91
CA ILE Q 290 15.56 -34.60 -22.02
C ILE Q 290 14.34 -34.58 -23.00
N HIS Q 291 13.31 -35.41 -22.70
CA HIS Q 291 12.38 -35.64 -23.75
C HIS Q 291 11.22 -34.72 -23.30
N PHE Q 292 10.49 -34.27 -24.30
CA PHE Q 292 9.47 -33.26 -24.10
C PHE Q 292 8.36 -33.66 -23.19
N ARG Q 293 8.04 -34.90 -22.98
CA ARG Q 293 6.91 -35.29 -22.07
C ARG Q 293 7.26 -35.05 -20.66
N VAL Q 294 8.50 -35.12 -20.26
CA VAL Q 294 8.91 -34.68 -18.97
C VAL Q 294 8.62 -33.25 -18.78
N LEU Q 295 8.94 -32.46 -19.77
CA LEU Q 295 8.72 -31.03 -19.71
C LEU Q 295 7.30 -30.73 -19.63
N ALA Q 296 6.45 -31.34 -20.41
CA ALA Q 296 5.02 -31.23 -20.37
C ALA Q 296 4.50 -31.57 -19.03
N LYS Q 297 5.17 -32.51 -18.18
CA LYS Q 297 4.57 -33.03 -17.03
C LYS Q 297 4.88 -32.05 -15.92
N CYS Q 298 6.06 -31.64 -15.85
CA CYS Q 298 6.44 -30.49 -15.08
C CYS Q 298 5.61 -29.31 -15.28
N LEU Q 299 5.39 -28.91 -16.58
CA LEU Q 299 4.52 -27.74 -16.79
C LEU Q 299 3.17 -28.11 -16.25
N ARG Q 300 2.61 -29.22 -16.58
CA ARG Q 300 1.23 -29.47 -16.07
C ARG Q 300 1.05 -29.52 -14.59
N LEU Q 301 2.13 -29.88 -13.85
CA LEU Q 301 2.21 -29.54 -12.49
C LEU Q 301 2.19 -28.13 -12.15
N SER Q 302 3.09 -27.37 -12.84
CA SER Q 302 3.01 -25.91 -12.59
C SER Q 302 1.67 -25.18 -12.97
N GLY Q 303 1.19 -25.43 -14.17
CA GLY Q 303 -0.17 -25.07 -14.60
C GLY Q 303 -0.05 -24.39 -15.96
N GLY Q 304 -0.71 -24.92 -16.95
CA GLY Q 304 -0.94 -24.23 -18.19
C GLY Q 304 -2.08 -24.79 -18.97
N ASP Q 305 -3.05 -23.93 -19.42
CA ASP Q 305 -4.16 -24.29 -20.28
C ASP Q 305 -3.75 -24.89 -21.66
N HIS Q 306 -2.65 -24.55 -22.28
CA HIS Q 306 -2.24 -24.99 -23.59
C HIS Q 306 -0.83 -25.50 -23.59
N LEU Q 307 -0.53 -26.41 -24.50
CA LEU Q 307 0.83 -26.80 -24.76
C LEU Q 307 1.17 -27.28 -26.14
N HIS Q 308 2.21 -26.68 -26.76
CA HIS Q 308 2.53 -27.18 -28.07
C HIS Q 308 3.22 -28.47 -27.96
N SER Q 309 2.93 -29.35 -28.89
CA SER Q 309 3.44 -30.69 -28.87
C SER Q 309 3.94 -31.17 -30.26
N GLY Q 310 3.97 -30.34 -31.33
CA GLY Q 310 4.60 -30.71 -32.56
C GLY Q 310 3.67 -30.84 -33.69
N THR Q 311 4.20 -30.57 -34.92
CA THR Q 311 3.49 -30.94 -36.17
C THR Q 311 3.37 -32.38 -36.50
N VAL Q 312 4.42 -33.17 -36.16
CA VAL Q 312 4.43 -34.65 -36.18
C VAL Q 312 4.56 -34.86 -37.66
N ASP Q 319 7.93 -39.37 -33.98
CA ASP Q 319 7.25 -40.59 -33.80
C ASP Q 319 5.71 -40.34 -33.44
N LYS Q 320 4.89 -40.76 -34.36
CA LYS Q 320 3.48 -40.51 -34.17
C LYS Q 320 2.94 -41.27 -32.90
N ALA Q 321 3.50 -42.43 -32.62
CA ALA Q 321 3.14 -43.21 -31.40
C ALA Q 321 3.60 -42.45 -30.08
N SER Q 322 4.83 -42.05 -30.04
CA SER Q 322 5.30 -41.36 -28.81
C SER Q 322 4.47 -39.99 -28.82
N THR Q 323 4.05 -39.42 -29.99
CA THR Q 323 3.37 -38.17 -29.94
C THR Q 323 2.04 -38.43 -29.15
N LEU Q 324 1.20 -39.36 -29.66
CA LEU Q 324 -0.02 -39.61 -28.94
C LEU Q 324 0.26 -40.02 -27.57
N GLY Q 325 1.39 -40.72 -27.25
CA GLY Q 325 1.68 -41.07 -25.92
C GLY Q 325 1.70 -39.87 -24.96
N PHE Q 326 2.51 -38.89 -25.26
CA PHE Q 326 2.53 -37.80 -24.32
C PHE Q 326 1.47 -36.75 -24.47
N VAL Q 327 0.79 -36.73 -25.65
CA VAL Q 327 -0.48 -36.15 -25.77
C VAL Q 327 -1.48 -36.57 -24.77
N ASP Q 328 -1.63 -37.91 -24.67
CA ASP Q 328 -2.43 -38.50 -23.65
C ASP Q 328 -2.00 -38.21 -22.27
N LEU Q 329 -0.64 -38.15 -22.13
CA LEU Q 329 -0.11 -37.85 -20.88
C LEU Q 329 -0.57 -36.51 -20.41
N MET Q 330 -0.66 -35.50 -21.31
CA MET Q 330 -1.15 -34.14 -21.01
C MET Q 330 -2.62 -33.96 -21.03
N ARG Q 331 -3.42 -34.86 -21.67
CA ARG Q 331 -4.84 -34.71 -21.55
C ARG Q 331 -5.42 -35.50 -20.45
N GLU Q 332 -5.30 -36.85 -20.35
CA GLU Q 332 -6.28 -37.59 -19.52
C GLU Q 332 -5.73 -37.57 -18.08
N ASP Q 333 -6.72 -37.88 -17.19
CA ASP Q 333 -6.48 -37.88 -15.72
C ASP Q 333 -5.52 -39.03 -15.32
N HIS Q 334 -5.68 -40.18 -15.93
CA HIS Q 334 -4.81 -41.32 -15.44
C HIS Q 334 -4.37 -41.98 -16.71
N ILE Q 335 -3.15 -42.26 -16.88
CA ILE Q 335 -2.54 -42.99 -17.96
C ILE Q 335 -1.80 -44.29 -17.37
N GLU Q 336 -1.83 -45.32 -18.18
CA GLU Q 336 -1.09 -46.53 -18.03
C GLU Q 336 0.29 -46.53 -18.76
N ALA Q 337 1.08 -47.55 -18.55
CA ALA Q 337 2.33 -47.76 -19.20
C ALA Q 337 2.25 -48.27 -20.60
N ASP Q 338 2.85 -47.67 -21.54
CA ASP Q 338 2.66 -48.10 -23.02
C ASP Q 338 3.93 -47.84 -23.71
N ARG Q 339 4.78 -48.91 -23.93
CA ARG Q 339 6.08 -48.58 -24.57
C ARG Q 339 6.04 -48.31 -26.04
N SER Q 340 5.09 -48.90 -26.71
CA SER Q 340 4.86 -48.63 -28.09
C SER Q 340 4.64 -47.21 -28.44
N ARG Q 341 3.94 -46.48 -27.54
CA ARG Q 341 3.83 -45.06 -27.49
C ARG Q 341 4.83 -44.28 -26.52
N GLY Q 342 5.90 -44.93 -26.14
CA GLY Q 342 6.75 -44.24 -25.21
C GLY Q 342 6.37 -43.97 -23.79
N VAL Q 343 5.20 -44.41 -23.41
CA VAL Q 343 4.77 -44.11 -22.05
C VAL Q 343 5.37 -45.37 -21.24
N PHE Q 344 5.97 -45.08 -20.16
CA PHE Q 344 6.74 -46.03 -19.35
C PHE Q 344 6.21 -46.38 -18.03
N PHE Q 345 5.09 -45.71 -17.50
CA PHE Q 345 4.72 -46.18 -16.22
C PHE Q 345 3.23 -45.90 -16.23
N THR Q 346 2.52 -46.14 -15.00
CA THR Q 346 1.19 -45.77 -14.83
C THR Q 346 1.06 -44.52 -13.91
N GLN Q 347 0.56 -43.48 -14.42
CA GLN Q 347 0.37 -42.22 -13.80
C GLN Q 347 -1.05 -41.91 -13.27
N ASP Q 348 -1.07 -41.29 -12.15
CA ASP Q 348 -2.14 -40.59 -11.58
C ASP Q 348 -2.02 -39.15 -11.26
N TRP Q 349 -3.03 -38.35 -11.78
CA TRP Q 349 -3.05 -36.97 -11.38
C TRP Q 349 -4.01 -36.50 -10.24
N ALA Q 350 -4.96 -37.32 -9.91
CA ALA Q 350 -5.86 -37.20 -8.81
C ALA Q 350 -6.54 -35.97 -8.97
N SER Q 351 -7.27 -35.91 -10.13
CA SER Q 351 -8.23 -34.86 -10.54
C SER Q 351 -7.53 -33.60 -10.86
N MET Q 352 -6.31 -33.55 -11.32
CA MET Q 352 -5.69 -32.29 -11.82
C MET Q 352 -6.06 -32.19 -13.34
N PRO Q 353 -6.73 -31.16 -13.75
CA PRO Q 353 -7.13 -31.16 -15.12
C PRO Q 353 -6.00 -31.20 -16.19
N GLY Q 354 -6.41 -31.45 -17.39
CA GLY Q 354 -5.61 -31.56 -18.64
C GLY Q 354 -5.12 -30.35 -19.25
N VAL Q 355 -4.27 -30.50 -20.30
CA VAL Q 355 -3.84 -29.38 -21.07
C VAL Q 355 -4.08 -29.70 -22.52
N LEU Q 356 -4.55 -28.68 -23.29
CA LEU Q 356 -4.71 -28.81 -24.75
C LEU Q 356 -3.41 -28.91 -25.42
N PRO Q 357 -3.22 -29.99 -26.25
CA PRO Q 357 -2.12 -29.91 -27.26
C PRO Q 357 -2.43 -28.95 -28.35
N VAL Q 358 -1.41 -28.45 -29.01
CA VAL Q 358 -1.59 -27.48 -30.11
C VAL Q 358 -0.74 -27.93 -31.18
N ALA Q 359 -1.27 -27.87 -32.47
CA ALA Q 359 -0.45 -28.31 -33.71
C ALA Q 359 0.08 -27.14 -34.42
N SER Q 360 1.31 -27.19 -34.89
CA SER Q 360 1.83 -26.03 -35.65
C SER Q 360 2.66 -26.47 -36.77
N GLY Q 361 3.36 -25.65 -37.49
CA GLY Q 361 4.37 -25.97 -38.47
C GLY Q 361 3.78 -26.44 -39.83
N GLY Q 362 3.05 -25.58 -40.48
CA GLY Q 362 2.61 -25.95 -41.78
C GLY Q 362 1.61 -27.11 -41.76
N ILE Q 363 0.52 -26.93 -41.05
CA ILE Q 363 -0.50 -27.95 -40.95
C ILE Q 363 -1.31 -28.17 -42.28
N HIS Q 364 -1.07 -27.31 -43.36
CA HIS Q 364 -1.44 -27.90 -44.68
C HIS Q 364 -2.82 -28.41 -44.88
N VAL Q 365 -3.87 -27.61 -44.83
CA VAL Q 365 -5.22 -27.96 -44.52
C VAL Q 365 -5.75 -29.19 -45.37
N TRP Q 366 -5.23 -29.44 -46.55
CA TRP Q 366 -5.47 -30.80 -47.09
C TRP Q 366 -4.81 -32.07 -46.38
N HIS Q 367 -4.10 -31.84 -45.34
CA HIS Q 367 -3.68 -32.79 -44.33
C HIS Q 367 -4.58 -32.74 -43.15
N MET Q 368 -5.70 -31.89 -43.05
CA MET Q 368 -6.58 -31.72 -41.97
C MET Q 368 -7.24 -32.97 -41.54
N PRO Q 369 -7.78 -33.79 -42.41
CA PRO Q 369 -8.51 -35.04 -41.98
C PRO Q 369 -7.63 -35.97 -41.21
N ALA Q 370 -6.33 -36.11 -41.58
CA ALA Q 370 -5.41 -36.83 -40.79
C ALA Q 370 -5.21 -36.16 -39.45
N LEU Q 371 -5.21 -34.86 -39.34
CA LEU Q 371 -4.97 -34.21 -38.07
C LEU Q 371 -6.03 -34.52 -37.11
N VAL Q 372 -7.36 -34.46 -37.59
CA VAL Q 372 -8.51 -34.78 -36.71
C VAL Q 372 -8.49 -36.20 -36.28
N GLU Q 373 -8.22 -37.06 -37.17
CA GLU Q 373 -8.24 -38.52 -36.89
C GLU Q 373 -7.11 -38.90 -35.90
N ILE Q 374 -5.94 -38.21 -36.00
CA ILE Q 374 -4.93 -38.30 -35.02
C ILE Q 374 -5.41 -37.79 -33.69
N PHE Q 375 -6.05 -36.52 -33.61
CA PHE Q 375 -6.25 -35.98 -32.22
C PHE Q 375 -7.62 -35.82 -31.92
N GLY Q 376 -8.34 -35.16 -32.79
CA GLY Q 376 -9.80 -34.91 -32.60
C GLY Q 376 -10.09 -33.56 -32.02
N ASP Q 377 -11.23 -33.54 -31.30
CA ASP Q 377 -11.83 -32.27 -30.82
C ASP Q 377 -10.91 -31.60 -29.69
N ASP Q 378 -10.15 -32.46 -28.92
CA ASP Q 378 -9.59 -31.96 -27.68
C ASP Q 378 -8.11 -31.51 -27.96
N SER Q 379 -7.94 -30.36 -28.79
CA SER Q 379 -6.65 -29.95 -29.23
C SER Q 379 -6.77 -28.60 -29.87
N VAL Q 380 -5.69 -28.09 -30.37
CA VAL Q 380 -5.70 -26.79 -31.09
C VAL Q 380 -4.81 -26.91 -32.30
N LEU Q 381 -4.91 -26.11 -33.34
CA LEU Q 381 -4.08 -26.37 -34.47
C LEU Q 381 -3.57 -24.97 -34.88
N GLN Q 382 -2.58 -24.86 -35.74
CA GLN Q 382 -2.09 -23.47 -35.88
C GLN Q 382 -1.70 -23.45 -37.41
N PHE Q 383 -2.29 -22.58 -38.14
CA PHE Q 383 -1.98 -22.43 -39.64
C PHE Q 383 -0.89 -21.48 -39.86
N GLY Q 384 -0.07 -21.73 -40.95
CA GLY Q 384 1.02 -20.86 -41.29
C GLY Q 384 0.60 -19.66 -42.03
N GLY Q 393 -3.51 -17.09 -45.91
CA GLY Q 393 -3.36 -16.22 -44.70
C GLY Q 393 -4.11 -14.93 -44.82
N ASN Q 394 -5.40 -15.00 -44.81
CA ASN Q 394 -6.38 -13.91 -45.12
C ASN Q 394 -7.70 -14.27 -44.66
N ALA Q 395 -8.61 -13.38 -44.62
CA ALA Q 395 -9.96 -13.70 -44.27
C ALA Q 395 -10.68 -14.70 -45.06
N PRO Q 396 -10.64 -14.67 -46.37
CA PRO Q 396 -11.01 -15.82 -47.11
C PRO Q 396 -10.28 -17.09 -46.85
N GLY Q 397 -8.95 -16.99 -46.59
CA GLY Q 397 -8.09 -18.06 -46.28
C GLY Q 397 -8.49 -18.80 -44.97
N ALA Q 398 -8.69 -18.07 -43.93
CA ALA Q 398 -9.18 -18.49 -42.65
C ALA Q 398 -10.63 -19.01 -42.91
N THR Q 399 -11.47 -18.34 -43.74
CA THR Q 399 -12.79 -18.97 -44.02
C THR Q 399 -12.62 -20.31 -44.58
N ALA Q 400 -11.74 -20.58 -45.58
CA ALA Q 400 -11.55 -21.90 -46.10
C ALA Q 400 -11.05 -22.88 -44.96
N ASN Q 401 -10.01 -22.42 -44.16
CA ASN Q 401 -9.56 -23.15 -43.01
C ASN Q 401 -10.90 -23.56 -42.33
N ARG Q 402 -11.75 -22.66 -41.95
CA ARG Q 402 -12.91 -22.92 -41.20
C ARG Q 402 -13.89 -23.93 -41.68
N VAL Q 403 -14.19 -23.87 -42.97
CA VAL Q 403 -14.98 -24.72 -43.72
C VAL Q 403 -14.37 -26.10 -43.73
N ALA Q 404 -13.10 -26.17 -44.12
CA ALA Q 404 -12.49 -27.52 -43.93
C ALA Q 404 -12.61 -28.26 -42.51
N LEU Q 405 -12.54 -27.42 -41.54
CA LEU Q 405 -12.61 -27.93 -40.16
C LEU Q 405 -14.01 -28.57 -40.10
N GLU Q 406 -15.01 -27.82 -40.56
CA GLU Q 406 -16.34 -28.08 -40.06
C GLU Q 406 -16.81 -29.33 -40.94
N ALA Q 407 -16.38 -29.40 -42.27
CA ALA Q 407 -16.64 -30.51 -43.04
C ALA Q 407 -15.97 -31.69 -42.52
N CYS Q 408 -14.72 -31.58 -42.11
CA CYS Q 408 -13.94 -32.70 -41.53
C CYS Q 408 -14.64 -33.29 -40.27
N VAL Q 409 -15.04 -32.47 -39.43
CA VAL Q 409 -15.72 -32.89 -38.19
C VAL Q 409 -17.03 -33.53 -38.47
N GLN Q 410 -17.82 -32.91 -39.31
CA GLN Q 410 -19.05 -33.49 -39.79
C GLN Q 410 -18.89 -34.85 -40.32
N ALA Q 411 -17.89 -35.04 -41.22
CA ALA Q 411 -17.69 -36.37 -41.84
C ALA Q 411 -17.21 -37.39 -40.83
N ARG Q 412 -16.43 -36.91 -39.79
CA ARG Q 412 -15.95 -37.77 -38.74
C ARG Q 412 -17.20 -38.34 -37.99
N ASN Q 413 -18.10 -37.37 -37.70
CA ASN Q 413 -19.31 -37.64 -36.87
C ASN Q 413 -20.20 -38.55 -37.55
N GLU Q 414 -20.40 -38.34 -38.88
CA GLU Q 414 -21.16 -39.20 -39.66
C GLU Q 414 -20.70 -40.70 -39.61
N GLY Q 415 -19.45 -41.01 -39.15
CA GLY Q 415 -18.85 -42.36 -39.19
C GLY Q 415 -18.03 -42.66 -40.44
N ARG Q 416 -18.14 -41.83 -41.53
CA ARG Q 416 -17.20 -41.85 -42.60
C ARG Q 416 -15.74 -41.77 -42.06
N ASP Q 417 -14.93 -42.68 -42.38
CA ASP Q 417 -13.45 -42.60 -41.96
C ASP Q 417 -12.71 -41.44 -42.70
N LEU Q 418 -12.39 -40.41 -42.00
CA LEU Q 418 -11.51 -39.42 -42.48
C LEU Q 418 -10.28 -39.75 -43.21
N TYR Q 419 -9.51 -40.67 -42.68
CA TYR Q 419 -8.35 -41.08 -43.38
C TYR Q 419 -8.39 -41.38 -44.79
N ARG Q 420 -9.46 -41.90 -45.23
CA ARG Q 420 -9.61 -42.32 -46.64
C ARG Q 420 -10.37 -41.23 -47.44
N GLU Q 421 -11.53 -40.81 -46.91
CA GLU Q 421 -12.40 -39.82 -47.49
C GLU Q 421 -11.94 -38.38 -47.46
N GLY Q 422 -10.70 -38.04 -46.95
CA GLY Q 422 -10.44 -36.64 -46.84
C GLY Q 422 -10.74 -35.88 -48.13
N GLY Q 423 -9.96 -36.19 -49.21
CA GLY Q 423 -10.01 -35.22 -50.28
C GLY Q 423 -11.43 -35.09 -50.92
N ASP Q 424 -12.18 -36.14 -50.90
CA ASP Q 424 -13.66 -36.10 -51.24
C ASP Q 424 -14.49 -35.19 -50.38
N ILE Q 425 -14.34 -35.25 -49.03
CA ILE Q 425 -14.99 -34.31 -48.15
C ILE Q 425 -14.66 -32.91 -48.52
N LEU Q 426 -13.33 -32.68 -48.56
CA LEU Q 426 -12.89 -31.29 -48.81
C LEU Q 426 -13.51 -30.83 -50.07
N ARG Q 427 -13.58 -31.75 -51.08
CA ARG Q 427 -14.28 -31.46 -52.30
C ARG Q 427 -15.67 -31.01 -52.29
N GLU Q 428 -16.44 -31.86 -51.64
CA GLU Q 428 -17.83 -31.62 -51.43
C GLU Q 428 -18.05 -30.32 -50.71
N ALA Q 429 -17.28 -30.09 -49.69
CA ALA Q 429 -17.35 -28.86 -48.95
C ALA Q 429 -17.07 -27.62 -49.89
N GLY Q 430 -16.05 -27.73 -50.71
CA GLY Q 430 -15.63 -26.68 -51.65
C GLY Q 430 -16.66 -26.40 -52.69
N LYS Q 431 -17.54 -27.37 -53.08
CA LYS Q 431 -18.49 -27.16 -54.11
C LYS Q 431 -19.48 -25.93 -53.74
N TRP Q 432 -20.03 -25.94 -52.48
CA TRP Q 432 -20.66 -24.89 -51.86
C TRP Q 432 -19.84 -23.80 -51.11
N SER Q 433 -18.50 -23.99 -51.02
CA SER Q 433 -17.61 -23.01 -50.36
C SER Q 433 -16.56 -22.47 -51.36
N PRO Q 434 -16.89 -21.40 -52.04
CA PRO Q 434 -15.87 -20.83 -53.00
C PRO Q 434 -14.51 -20.55 -52.31
N GLU Q 435 -14.50 -20.10 -51.08
CA GLU Q 435 -13.31 -19.79 -50.40
C GLU Q 435 -12.52 -21.12 -50.22
N LEU Q 436 -13.16 -22.16 -49.75
CA LEU Q 436 -12.54 -23.52 -49.74
C LEU Q 436 -12.29 -24.00 -51.12
N ALA Q 437 -12.98 -23.63 -52.15
CA ALA Q 437 -12.64 -24.03 -53.50
C ALA Q 437 -11.29 -23.50 -53.88
N ALA Q 438 -11.03 -22.21 -53.56
CA ALA Q 438 -9.69 -21.59 -53.80
C ALA Q 438 -8.65 -22.27 -53.01
N ALA Q 439 -8.89 -22.54 -51.70
CA ALA Q 439 -7.89 -23.22 -50.83
C ALA Q 439 -7.58 -24.58 -51.36
N LEU Q 440 -8.46 -25.28 -52.01
CA LEU Q 440 -8.16 -26.57 -52.58
C LEU Q 440 -7.53 -26.42 -53.87
N ASP Q 441 -7.91 -25.54 -54.75
CA ASP Q 441 -7.07 -25.32 -55.95
C ASP Q 441 -5.63 -25.01 -55.70
N LEU Q 442 -5.34 -24.44 -54.55
CA LEU Q 442 -3.98 -24.19 -54.14
C LEU Q 442 -3.50 -25.27 -53.24
N TYR R 1 2.34 45.68 32.15
CA TYR R 1 1.21 45.71 31.27
C TYR R 1 1.06 46.88 30.27
N LYS R 2 0.27 47.93 30.58
CA LYS R 2 0.04 49.09 29.68
C LYS R 2 1.30 49.67 29.27
N LEU R 3 2.30 49.77 30.11
CA LEU R 3 3.57 50.45 29.75
C LEU R 3 4.18 49.69 28.49
N THR R 4 3.92 48.33 28.29
CA THR R 4 4.62 47.56 27.29
C THR R 4 3.65 47.15 26.13
N TYR R 5 2.42 46.69 26.51
CA TYR R 5 1.41 46.29 25.53
C TYR R 5 0.36 47.31 25.07
N TYR R 6 0.19 48.44 25.73
CA TYR R 6 -0.68 49.43 25.18
C TYR R 6 0.19 50.41 24.31
N THR R 7 -0.11 50.49 23.04
CA THR R 7 0.48 51.39 22.12
C THR R 7 -0.64 52.20 21.34
N PRO R 8 -1.27 53.13 22.01
CA PRO R 8 -2.32 53.84 21.30
C PRO R 8 -1.96 54.48 19.94
N ASP R 9 -0.66 54.64 19.61
CA ASP R 9 -0.17 55.45 18.46
C ASP R 9 0.32 54.52 17.28
N TYR R 10 0.50 53.25 17.57
CA TYR R 10 0.97 52.30 16.59
C TYR R 10 -0.08 52.11 15.45
N THR R 11 0.51 51.95 14.20
CA THR R 11 -0.43 51.86 13.13
C THR R 11 -0.23 50.38 12.74
N PRO R 12 -1.20 49.53 12.52
CA PRO R 12 -0.95 48.10 12.17
C PRO R 12 -0.43 47.73 10.81
N LYS R 13 0.57 46.91 10.63
CA LYS R 13 1.21 46.44 9.34
C LYS R 13 0.19 45.73 8.62
N ASP R 14 0.24 45.81 7.19
CA ASP R 14 -0.54 45.00 6.39
C ASP R 14 -0.33 43.51 6.75
N THR R 15 0.86 43.16 7.15
CA THR R 15 1.18 41.83 7.47
C THR R 15 0.75 41.48 8.98
N ASP R 16 0.32 42.42 9.87
CA ASP R 16 -0.33 42.11 11.15
C ASP R 16 -1.71 41.58 10.93
N LEU R 17 -2.22 41.02 11.97
CA LEU R 17 -3.59 40.47 12.07
C LEU R 17 -4.31 41.17 13.16
N LEU R 18 -5.51 41.58 12.91
CA LEU R 18 -6.19 42.50 13.76
C LEU R 18 -7.36 41.70 14.27
N ALA R 19 -7.61 41.88 15.66
CA ALA R 19 -8.71 41.22 16.32
C ALA R 19 -9.55 42.34 17.01
N ALA R 20 -10.92 42.34 16.75
CA ALA R 20 -11.88 43.15 17.42
C ALA R 20 -12.46 42.61 18.67
N PHE R 21 -12.37 43.22 19.82
CA PHE R 21 -12.83 42.79 21.08
C PHE R 21 -13.76 43.78 21.68
N ARG R 22 -15.02 43.49 21.77
CA ARG R 22 -15.82 44.32 22.73
C ARG R 22 -15.61 43.66 24.09
N PHE R 23 -15.68 44.35 25.29
CA PHE R 23 -15.37 43.76 26.56
C PHE R 23 -15.84 44.62 27.68
N SER R 24 -16.25 44.08 28.77
CA SER R 24 -16.52 44.86 29.99
C SER R 24 -15.51 44.50 31.12
N PRO R 25 -14.65 45.36 31.50
CA PRO R 25 -13.77 45.01 32.65
C PRO R 25 -14.55 44.97 34.00
N GLN R 26 -14.07 44.26 34.91
CA GLN R 26 -14.42 44.34 36.26
C GLN R 26 -14.26 45.72 36.93
N PRO R 27 -15.10 46.01 37.87
CA PRO R 27 -15.06 47.35 38.41
C PRO R 27 -13.72 47.67 39.02
N GLY R 28 -13.24 48.95 38.82
CA GLY R 28 -11.94 49.35 39.29
C GLY R 28 -10.86 49.33 38.17
N VAL R 29 -10.92 48.26 37.27
CA VAL R 29 -9.86 48.11 36.33
C VAL R 29 -9.95 49.19 35.22
N PRO R 30 -8.96 49.97 34.90
CA PRO R 30 -9.17 50.87 33.79
C PRO R 30 -9.24 50.13 32.48
N ALA R 31 -9.90 50.77 31.44
CA ALA R 31 -10.09 50.15 30.16
C ALA R 31 -8.82 49.85 29.54
N ASP R 32 -7.81 50.76 29.55
CA ASP R 32 -6.57 50.50 28.95
C ASP R 32 -5.82 49.28 29.40
N GLU R 33 -5.86 49.00 30.61
CA GLU R 33 -5.21 47.88 31.31
C GLU R 33 -6.03 46.70 30.97
N ALA R 34 -7.34 46.75 30.88
CA ALA R 34 -8.15 45.67 30.48
C ALA R 34 -7.70 45.21 29.01
N GLY R 35 -7.61 46.15 28.11
CA GLY R 35 -7.19 45.76 26.76
C GLY R 35 -5.82 45.25 26.69
N ALA R 36 -4.94 45.80 27.58
CA ALA R 36 -3.57 45.37 27.64
C ALA R 36 -3.47 43.94 28.07
N ALA R 37 -4.26 43.58 29.14
CA ALA R 37 -4.34 42.26 29.58
C ALA R 37 -4.88 41.22 28.56
N ILE R 38 -5.95 41.54 27.89
CA ILE R 38 -6.56 40.86 26.79
C ILE R 38 -5.46 40.53 25.83
N ALA R 39 -4.74 41.54 25.39
CA ALA R 39 -3.70 41.31 24.42
C ALA R 39 -2.70 40.37 24.94
N ALA R 40 -2.20 40.63 26.22
CA ALA R 40 -1.18 39.74 26.86
C ALA R 40 -1.59 38.38 26.85
N GLU R 41 -2.79 38.00 27.37
CA GLU R 41 -3.17 36.58 27.51
C GLU R 41 -3.23 35.91 26.18
N SER R 42 -3.49 36.50 25.08
CA SER R 42 -3.42 36.03 23.74
C SER R 42 -2.15 35.89 23.09
N SER R 43 -1.06 36.55 23.61
CA SER R 43 0.27 36.64 23.05
C SER R 43 1.44 36.11 23.79
N THR R 44 1.62 36.54 24.97
CA THR R 44 2.65 36.24 25.93
C THR R 44 2.27 35.92 27.32
N GLY R 45 1.08 36.20 27.75
CA GLY R 45 0.61 35.73 29.04
C GLY R 45 1.06 36.61 30.16
N THR R 46 2.42 36.52 30.38
CA THR R 46 3.20 37.27 31.40
C THR R 46 4.48 37.78 30.82
N THR R 49 8.05 36.88 34.54
CA THR R 49 9.40 36.79 33.80
C THR R 49 10.10 35.61 34.17
N VAL R 50 10.88 35.09 33.26
CA VAL R 50 11.82 34.01 33.36
C VAL R 50 13.16 34.38 32.67
N TRP R 51 14.23 33.62 33.04
CA TRP R 51 15.53 33.71 32.35
C TRP R 51 15.47 33.47 30.82
N THR R 52 14.55 32.69 30.39
CA THR R 52 14.46 32.53 28.90
C THR R 52 13.82 33.68 28.19
N ASP R 53 13.23 34.68 28.79
CA ASP R 53 12.53 35.76 28.14
C ASP R 53 13.37 36.57 27.20
N LEU R 54 14.55 37.02 27.69
CA LEU R 54 15.45 37.84 27.00
C LEU R 54 16.47 37.16 26.04
N LEU R 55 16.49 35.80 25.98
CA LEU R 55 17.14 35.13 24.81
C LEU R 55 16.36 35.26 23.55
N THR R 56 15.24 35.90 23.43
CA THR R 56 14.60 36.22 22.19
C THR R 56 14.57 37.72 22.11
N ASP R 57 14.32 38.20 20.82
CA ASP R 57 13.94 39.53 20.73
C ASP R 57 12.56 39.50 21.19
N MET R 58 12.39 39.81 22.52
CA MET R 58 11.13 39.78 23.15
C MET R 58 10.33 40.62 22.18
N ASP R 59 10.75 41.83 21.74
CA ASP R 59 9.89 42.92 21.09
C ASP R 59 8.96 42.28 19.90
N ARG R 60 9.53 41.27 19.29
CA ARG R 60 9.04 40.78 17.97
C ARG R 60 7.55 40.19 18.10
N TYR R 61 7.07 39.62 19.29
CA TYR R 61 6.02 38.57 19.14
C TYR R 61 4.85 38.98 20.06
N LYS R 62 4.43 40.27 19.97
CA LYS R 62 3.29 40.89 20.68
C LYS R 62 1.94 40.83 20.09
N GLY R 63 0.99 40.83 21.07
CA GLY R 63 -0.32 41.26 20.96
C GLY R 63 -0.40 42.68 21.33
N LYS R 64 -0.46 43.59 20.32
CA LYS R 64 -0.31 44.99 20.54
C LYS R 64 -1.63 45.57 20.51
N CYS R 65 -2.13 45.85 21.67
CA CYS R 65 -3.46 46.64 21.83
C CYS R 65 -3.18 48.06 21.54
N TYR R 66 -3.58 48.51 20.40
CA TYR R 66 -3.04 49.75 19.80
C TYR R 66 -4.16 50.85 19.70
N HIS R 67 -5.49 50.64 20.10
CA HIS R 67 -6.51 51.64 20.12
C HIS R 67 -7.73 51.14 20.75
N ILE R 68 -8.56 52.09 21.34
CA ILE R 68 -9.71 51.71 22.11
C ILE R 68 -10.81 52.69 21.95
N GLU R 69 -12.11 52.33 22.30
CA GLU R 69 -13.07 53.32 22.37
C GLU R 69 -14.13 52.70 23.36
N PRO R 70 -14.88 53.55 24.11
CA PRO R 70 -16.24 53.10 24.51
C PRO R 70 -17.26 52.85 23.53
N VAL R 71 -18.23 51.97 23.85
CA VAL R 71 -19.32 51.69 22.98
C VAL R 71 -20.44 52.77 23.12
N GLN R 72 -20.79 53.33 22.06
CA GLN R 72 -21.88 54.37 22.05
C GLN R 72 -23.15 53.83 22.62
N GLY R 73 -23.75 54.57 23.51
CA GLY R 73 -24.99 54.17 24.13
C GLY R 73 -24.82 52.97 25.09
N GLU R 74 -23.61 52.65 25.62
CA GLU R 74 -23.46 51.67 26.65
C GLU R 74 -22.34 52.03 27.57
N GLU R 75 -22.33 51.46 28.73
CA GLU R 75 -21.50 51.94 29.81
C GLU R 75 -20.67 50.63 30.20
N ASN R 76 -19.32 50.88 30.45
CA ASN R 76 -18.35 49.90 30.79
C ASN R 76 -18.21 48.84 29.74
N SER R 77 -18.40 49.24 28.43
CA SER R 77 -18.24 48.27 27.38
C SER R 77 -17.35 49.01 26.34
N TYR R 78 -16.33 48.43 25.81
CA TYR R 78 -15.32 49.26 25.11
C TYR R 78 -14.88 48.25 23.92
N PHE R 79 -14.74 48.73 22.72
CA PHE R 79 -14.16 48.05 21.62
C PHE R 79 -12.58 48.13 21.68
N ALA R 80 -11.78 46.99 21.63
CA ALA R 80 -10.36 46.98 21.58
C ALA R 80 -10.11 46.40 20.23
N PHE R 81 -9.02 46.91 19.53
CA PHE R 81 -8.36 46.36 18.42
C PHE R 81 -6.87 46.08 18.74
N ILE R 82 -6.39 44.84 18.43
CA ILE R 82 -5.14 44.39 18.87
C ILE R 82 -4.48 43.97 17.63
N ALA R 83 -3.10 44.19 17.54
CA ALA R 83 -2.33 43.81 16.37
C ALA R 83 -1.46 42.60 16.63
N TYR R 84 -1.35 41.72 15.61
CA TYR R 84 -0.73 40.40 15.68
C TYR R 84 0.20 40.21 14.59
N PRO R 85 1.54 40.06 14.84
CA PRO R 85 2.38 39.74 13.66
C PRO R 85 2.00 38.46 13.03
N LEU R 86 2.30 38.41 11.67
CA LEU R 86 2.01 37.22 10.92
C LEU R 86 2.67 36.01 11.40
N ASP R 87 3.90 36.09 12.00
CA ASP R 87 4.76 34.92 12.40
C ASP R 87 4.16 34.20 13.56
N LEU R 88 3.22 34.80 14.18
CA LEU R 88 2.63 34.09 15.40
C LEU R 88 2.04 32.77 15.01
N PHE R 89 1.53 32.52 13.74
CA PHE R 89 0.61 31.48 13.40
C PHE R 89 1.18 30.56 12.40
N GLU R 90 0.90 29.23 12.49
CA GLU R 90 1.09 28.29 11.43
C GLU R 90 0.17 28.61 10.23
N GLU R 91 0.64 28.21 9.08
CA GLU R 91 0.03 28.41 7.81
C GLU R 91 -1.09 27.29 7.53
N GLY R 92 -2.28 27.81 7.17
CA GLY R 92 -3.30 26.85 6.84
C GLY R 92 -4.04 26.19 8.00
N SER R 93 -3.89 26.72 9.26
CA SER R 93 -4.41 26.07 10.42
C SER R 93 -5.42 27.01 11.00
N VAL R 94 -6.67 26.80 10.66
CA VAL R 94 -7.79 27.43 11.33
C VAL R 94 -7.74 27.14 12.87
N THR R 95 -7.50 25.96 13.21
CA THR R 95 -7.46 25.56 14.58
C THR R 95 -6.50 26.38 15.33
N ASN R 96 -5.40 26.73 14.76
CA ASN R 96 -4.29 27.37 15.51
C ASN R 96 -4.67 28.80 15.76
N ILE R 97 -5.25 29.50 14.68
CA ILE R 97 -5.60 30.90 14.73
C ILE R 97 -6.62 30.99 15.82
N LEU R 98 -7.64 30.09 15.89
CA LEU R 98 -8.64 30.25 16.91
C LEU R 98 -7.95 29.95 18.20
N THR R 99 -7.04 28.95 18.33
CA THR R 99 -6.39 28.57 19.60
C THR R 99 -5.78 29.81 20.19
N SER R 100 -5.03 30.72 19.40
CA SER R 100 -4.26 31.69 20.13
C SER R 100 -5.30 32.84 20.36
N ILE R 101 -6.13 33.25 19.37
CA ILE R 101 -7.01 34.39 19.53
C ILE R 101 -7.76 34.12 20.81
N VAL R 102 -8.39 32.87 20.92
CA VAL R 102 -9.38 32.83 22.01
C VAL R 102 -9.07 31.64 22.92
N GLY R 103 -7.88 31.04 23.03
CA GLY R 103 -7.51 29.87 23.74
C GLY R 103 -7.81 29.96 25.19
N ASN R 104 -7.34 31.04 25.77
CA ASN R 104 -7.39 31.33 27.17
C ASN R 104 -7.82 32.68 27.61
N VAL R 105 -7.96 33.69 26.71
CA VAL R 105 -8.24 35.08 27.13
C VAL R 105 -9.59 35.20 27.72
N PHE R 106 -10.60 34.49 27.10
CA PHE R 106 -11.95 34.31 27.73
C PHE R 106 -12.02 33.84 29.07
N GLY R 107 -11.08 33.10 29.56
CA GLY R 107 -10.99 32.82 30.98
C GLY R 107 -10.28 33.83 31.90
N PHE R 108 -9.75 34.93 31.31
CA PHE R 108 -9.09 35.96 32.07
C PHE R 108 -10.12 36.70 33.04
N LYS R 109 -9.70 36.69 34.34
CA LYS R 109 -10.61 37.06 35.48
C LYS R 109 -11.06 38.47 35.47
N ALA R 110 -10.18 39.44 35.32
CA ALA R 110 -10.55 40.82 35.43
C ALA R 110 -11.56 41.39 34.50
N ILE R 111 -11.80 40.71 33.30
CA ILE R 111 -12.93 40.99 32.50
C ILE R 111 -14.26 40.52 32.91
N ARG R 112 -15.15 41.36 33.19
CA ARG R 112 -16.54 40.98 33.29
C ARG R 112 -17.09 40.11 32.13
N SER R 113 -16.97 40.59 30.92
CA SER R 113 -17.34 39.84 29.76
C SER R 113 -16.46 40.22 28.55
N LEU R 114 -16.24 39.25 27.63
CA LEU R 114 -15.41 39.44 26.53
C LEU R 114 -16.13 38.94 25.35
N ARG R 115 -15.84 39.54 24.16
CA ARG R 115 -16.69 39.40 23.01
C ARG R 115 -15.82 39.59 21.74
N LEU R 116 -15.47 38.55 21.14
CA LEU R 116 -14.72 38.60 19.85
C LEU R 116 -15.69 38.80 18.66
N GLU R 117 -15.43 39.87 17.85
CA GLU R 117 -16.36 40.33 16.90
C GLU R 117 -15.83 40.18 15.52
N ASP R 118 -14.54 40.52 15.26
CA ASP R 118 -13.96 40.44 13.90
C ASP R 118 -12.52 40.17 13.87
N ILE R 119 -12.03 39.51 12.78
CA ILE R 119 -10.63 39.64 12.47
C ILE R 119 -10.50 40.06 10.93
N ARG R 120 -9.41 40.68 10.71
CA ARG R 120 -8.93 40.98 9.33
C ARG R 120 -7.68 40.22 9.04
N PHE R 121 -7.81 39.10 8.36
CA PHE R 121 -6.74 38.20 8.01
C PHE R 121 -5.83 38.83 6.93
N PRO R 122 -4.61 38.97 7.23
CA PRO R 122 -3.79 39.59 6.20
C PRO R 122 -3.76 38.74 4.90
N VAL R 123 -3.74 39.44 3.79
CA VAL R 123 -3.76 38.82 2.49
C VAL R 123 -2.72 37.67 2.42
N ALA R 124 -1.63 37.85 3.01
CA ALA R 124 -0.68 36.72 3.11
C ALA R 124 -1.19 35.54 3.85
N LEU R 125 -1.72 35.76 4.99
CA LEU R 125 -2.23 34.70 5.81
C LEU R 125 -3.47 34.02 5.15
N VAL R 126 -4.26 34.78 4.35
CA VAL R 126 -5.30 34.27 3.52
C VAL R 126 -4.75 33.32 2.50
N LYS R 127 -3.65 33.68 1.89
CA LYS R 127 -3.22 33.07 0.68
C LYS R 127 -2.80 31.55 0.94
N THR R 128 -2.36 31.18 2.10
CA THR R 128 -2.01 29.81 2.38
C THR R 128 -3.10 28.72 2.57
N PHE R 129 -4.37 29.15 2.85
CA PHE R 129 -5.49 28.24 2.94
C PHE R 129 -6.04 27.90 1.53
N GLN R 130 -6.47 26.70 1.36
CA GLN R 130 -7.11 26.19 0.24
C GLN R 130 -8.43 26.77 0.09
N GLY R 131 -9.18 27.06 1.12
CA GLY R 131 -10.48 27.72 0.98
C GLY R 131 -11.48 26.86 0.39
N PRO R 132 -12.60 27.39 -0.02
CA PRO R 132 -13.57 26.50 -0.64
C PRO R 132 -13.16 25.62 -1.78
N PRO R 133 -13.63 24.33 -1.72
CA PRO R 133 -13.09 23.42 -2.68
C PRO R 133 -13.26 23.85 -4.12
N HIS R 134 -14.36 24.49 -4.46
CA HIS R 134 -14.70 24.87 -5.77
C HIS R 134 -14.98 26.30 -5.89
N GLY R 135 -15.70 26.97 -4.90
CA GLY R 135 -16.26 28.29 -5.02
C GLY R 135 -17.55 28.48 -5.70
N ILE R 136 -18.08 29.64 -5.61
CA ILE R 136 -19.54 29.89 -5.97
C ILE R 136 -19.58 29.59 -7.41
N GLN R 137 -18.78 30.34 -8.17
CA GLN R 137 -18.88 30.24 -9.63
C GLN R 137 -18.62 28.85 -10.17
N VAL R 138 -17.54 28.19 -9.65
CA VAL R 138 -17.13 26.90 -10.16
C VAL R 138 -18.40 26.03 -9.72
N GLU R 139 -18.99 26.12 -8.57
CA GLU R 139 -20.16 25.28 -8.22
C GLU R 139 -21.21 25.53 -9.17
N ARG R 140 -21.60 26.79 -9.54
CA ARG R 140 -22.64 26.99 -10.45
C ARG R 140 -22.37 26.39 -11.79
N ASP R 141 -21.10 26.41 -12.31
CA ASP R 141 -20.65 25.84 -13.50
C ASP R 141 -20.81 24.35 -13.56
N LEU R 142 -20.36 23.65 -12.49
CA LEU R 142 -20.80 22.26 -12.22
C LEU R 142 -22.20 21.86 -12.27
N LEU R 143 -23.01 22.54 -11.56
CA LEU R 143 -24.41 22.31 -11.46
C LEU R 143 -25.31 23.02 -12.50
N ASN R 144 -24.80 23.90 -13.34
CA ASN R 144 -25.55 24.51 -14.32
C ASN R 144 -26.69 25.42 -14.01
N LYS R 145 -26.81 25.73 -12.64
CA LYS R 145 -28.03 26.42 -12.15
C LYS R 145 -27.65 27.83 -12.16
N TYR R 146 -28.43 28.68 -12.89
CA TYR R 146 -28.08 30.02 -13.27
C TYR R 146 -29.19 30.94 -13.04
N GLY R 147 -28.76 32.25 -12.71
CA GLY R 147 -29.61 33.46 -12.65
C GLY R 147 -30.81 33.45 -11.64
N ARG R 148 -30.53 32.80 -10.60
CA ARG R 148 -31.47 32.48 -9.47
C ARG R 148 -30.84 31.85 -8.22
N PRO R 149 -31.38 31.91 -7.11
CA PRO R 149 -30.94 31.12 -5.98
C PRO R 149 -31.38 29.69 -6.09
N MET R 150 -30.76 28.83 -5.34
CA MET R 150 -31.08 27.35 -5.39
C MET R 150 -32.02 27.05 -4.19
N LEU R 151 -32.74 25.88 -4.26
CA LEU R 151 -33.75 25.50 -3.37
C LEU R 151 -33.38 24.23 -2.67
N GLY R 152 -33.59 24.19 -1.30
CA GLY R 152 -33.30 23.03 -0.52
C GLY R 152 -34.46 22.65 0.42
N CYS R 153 -34.77 21.42 0.65
CA CYS R 153 -35.75 20.98 1.68
C CYS R 153 -35.19 19.95 2.52
N THR R 154 -35.37 20.11 3.87
CA THR R 154 -34.72 19.28 4.81
C THR R 154 -35.69 18.19 4.98
N ILE R 155 -35.25 16.93 5.22
CA ILE R 155 -36.12 15.83 5.34
C ILE R 155 -36.67 15.75 6.65
N LYS R 156 -38.05 15.50 6.73
CA LYS R 156 -38.72 15.38 7.99
C LYS R 156 -39.50 14.04 8.08
N PRO R 157 -39.77 13.44 9.29
CA PRO R 157 -39.21 13.91 10.53
C PRO R 157 -37.74 13.65 10.61
N LYS R 158 -37.04 14.43 11.39
CA LYS R 158 -35.56 14.31 11.43
C LYS R 158 -35.06 12.92 11.53
N LEU R 159 -35.72 12.01 12.22
CA LEU R 159 -35.22 10.67 12.46
C LEU R 159 -36.50 9.79 12.28
N GLY R 160 -36.51 8.49 12.50
CA GLY R 160 -37.58 7.54 12.37
C GLY R 160 -37.67 6.87 10.96
N LEU R 161 -37.47 7.64 9.94
CA LEU R 161 -37.80 7.15 8.54
C LEU R 161 -36.92 6.10 8.14
N SER R 162 -37.43 5.14 7.41
CA SER R 162 -36.63 3.97 7.00
C SER R 162 -35.73 4.39 5.89
N ALA R 163 -34.66 3.70 5.59
CA ALA R 163 -33.79 4.19 4.51
C ALA R 163 -34.51 4.28 3.14
N LYS R 164 -35.38 3.26 2.91
CA LYS R 164 -36.24 3.15 1.82
C LYS R 164 -37.27 4.39 1.78
N ASN R 165 -37.94 4.68 2.93
CA ASN R 165 -38.83 5.85 3.04
C ASN R 165 -38.07 7.09 2.95
N TYR R 166 -36.87 7.16 3.49
CA TYR R 166 -36.14 8.35 3.55
C TYR R 166 -35.83 8.73 2.12
N GLY R 167 -35.37 7.78 1.35
CA GLY R 167 -35.09 7.99 -0.08
C GLY R 167 -36.33 8.28 -0.88
N ARG R 168 -37.50 7.72 -0.47
CA ARG R 168 -38.82 7.99 -1.11
C ARG R 168 -39.12 9.46 -0.97
N ALA R 169 -38.92 10.02 0.31
CA ALA R 169 -39.12 11.41 0.56
C ALA R 169 -38.18 12.30 -0.20
N VAL R 170 -36.92 11.94 -0.24
CA VAL R 170 -35.98 12.56 -1.12
C VAL R 170 -36.53 12.67 -2.47
N TYR R 171 -36.98 11.59 -3.00
CA TYR R 171 -37.39 11.59 -4.47
C TYR R 171 -38.54 12.52 -4.72
N GLU R 172 -39.56 12.42 -3.90
CA GLU R 172 -40.68 13.41 -3.91
C GLU R 172 -40.15 14.78 -3.95
N CYS R 173 -39.38 15.14 -2.98
CA CYS R 173 -38.88 16.53 -2.84
C CYS R 173 -38.07 16.95 -4.11
N LEU R 174 -37.20 16.12 -4.60
CA LEU R 174 -36.39 16.44 -5.75
C LEU R 174 -37.25 16.52 -6.99
N ARG R 175 -38.08 15.48 -7.30
CA ARG R 175 -38.88 15.64 -8.55
C ARG R 175 -39.76 16.83 -8.46
N GLY R 176 -40.28 17.22 -7.32
CA GLY R 176 -41.11 18.44 -7.34
C GLY R 176 -40.36 19.66 -7.78
N GLY R 177 -39.08 19.69 -7.91
CA GLY R 177 -38.26 20.74 -8.42
C GLY R 177 -37.23 21.30 -7.54
N LEU R 178 -37.16 20.98 -6.30
CA LEU R 178 -35.94 21.39 -5.50
C LEU R 178 -34.67 20.98 -5.99
N ASP R 179 -33.71 21.88 -5.94
CA ASP R 179 -32.32 21.73 -6.28
C ASP R 179 -31.68 20.67 -5.45
N PHE R 180 -31.92 20.70 -4.17
CA PHE R 180 -31.22 19.87 -3.25
C PHE R 180 -32.17 19.39 -2.11
N THR R 181 -31.73 18.38 -1.44
CA THR R 181 -32.23 17.79 -0.24
C THR R 181 -31.15 17.49 0.68
N LYS R 182 -31.38 17.75 2.03
CA LYS R 182 -30.36 17.57 3.03
C LYS R 182 -30.67 16.65 4.14
N ASP R 183 -29.56 16.05 4.64
CA ASP R 183 -29.62 15.25 5.85
C ASP R 183 -29.89 16.14 6.95
N ASP R 184 -30.53 15.67 7.98
CA ASP R 184 -30.53 16.44 9.19
C ASP R 184 -29.03 16.31 9.67
N GLU R 185 -28.50 17.36 10.20
CA GLU R 185 -27.15 17.33 10.79
C GLU R 185 -26.98 16.08 11.79
N ASN R 186 -28.05 15.73 12.47
CA ASN R 186 -28.00 14.74 13.51
C ASN R 186 -27.72 13.37 12.76
N ILE R 187 -28.14 13.18 11.48
CA ILE R 187 -28.27 11.74 11.07
C ILE R 187 -26.87 11.42 10.65
N ASN R 188 -26.15 10.57 11.45
CA ASN R 188 -24.90 10.05 10.87
C ASN R 188 -24.85 8.48 10.70
N SER R 189 -25.05 7.65 11.76
CA SER R 189 -25.30 6.26 11.75
C SER R 189 -26.33 5.71 12.66
N GLN R 190 -27.40 6.41 12.93
CA GLN R 190 -28.26 5.96 13.99
C GLN R 190 -28.74 4.46 13.65
N PRO R 191 -28.90 3.67 14.66
CA PRO R 191 -29.13 2.21 14.49
C PRO R 191 -30.30 1.93 13.51
N PHE R 192 -31.30 2.70 13.58
CA PHE R 192 -32.45 2.59 12.67
C PHE R 192 -32.13 3.15 11.31
N GLN R 193 -30.97 3.94 11.05
CA GLN R 193 -30.46 4.15 9.77
C GLN R 193 -28.96 4.02 9.69
N ARG R 194 -28.44 2.87 9.06
CA ARG R 194 -27.09 2.72 8.78
C ARG R 194 -26.71 3.48 7.63
N TRP R 195 -25.59 4.31 7.77
CA TRP R 195 -25.29 5.34 6.82
C TRP R 195 -25.15 4.75 5.38
N ARG R 196 -24.64 3.47 5.29
CA ARG R 196 -24.20 3.08 3.98
C ARG R 196 -25.60 2.95 3.18
N ASP R 197 -26.65 2.31 3.77
CA ASP R 197 -27.88 1.88 3.08
C ASP R 197 -28.48 3.20 2.70
N ARG R 198 -28.40 4.26 3.59
CA ARG R 198 -28.97 5.60 3.36
C ARG R 198 -28.36 6.14 2.15
N PHE R 199 -27.08 6.07 1.99
CA PHE R 199 -26.39 6.69 0.85
C PHE R 199 -26.77 5.97 -0.35
N LEU R 200 -26.83 4.66 -0.38
CA LEU R 200 -27.24 3.94 -1.57
C LEU R 200 -28.62 4.34 -1.99
N PHE R 201 -29.56 4.41 -1.02
CA PHE R 201 -30.96 4.81 -1.30
C PHE R 201 -31.00 6.15 -1.90
N VAL R 202 -30.29 7.08 -1.31
CA VAL R 202 -30.31 8.44 -1.75
C VAL R 202 -29.73 8.52 -3.08
N ALA R 203 -28.63 7.90 -3.35
CA ALA R 203 -27.99 8.00 -4.64
C ALA R 203 -28.90 7.46 -5.72
N ASP R 204 -29.74 6.39 -5.44
CA ASP R 204 -30.38 5.76 -6.54
C ASP R 204 -31.51 6.71 -6.81
N ALA R 205 -32.12 7.22 -5.77
CA ALA R 205 -33.27 8.20 -5.85
C ALA R 205 -32.87 9.47 -6.71
N ILE R 206 -31.72 10.04 -6.43
CA ILE R 206 -31.22 11.23 -7.18
C ILE R 206 -31.09 10.74 -8.57
N HIS R 207 -30.54 9.64 -8.87
CA HIS R 207 -30.27 9.26 -10.23
C HIS R 207 -31.58 9.28 -10.97
N LYS R 208 -32.64 8.72 -10.40
CA LYS R 208 -33.86 8.46 -11.06
C LYS R 208 -34.70 9.76 -11.20
N SER R 209 -34.65 10.64 -10.16
CA SER R 209 -35.06 12.00 -10.29
C SER R 209 -34.33 12.77 -11.34
N GLN R 210 -33.06 12.70 -11.43
CA GLN R 210 -32.32 13.39 -12.45
C GLN R 210 -32.72 12.87 -13.88
N ALA R 211 -32.98 11.60 -13.98
CA ALA R 211 -33.52 11.00 -15.24
C ALA R 211 -34.89 11.64 -15.62
N GLU R 212 -35.74 11.78 -14.68
CA GLU R 212 -37.06 12.33 -14.78
C GLU R 212 -37.04 13.73 -15.27
N THR R 213 -36.14 14.53 -14.61
CA THR R 213 -36.27 15.96 -14.58
C THR R 213 -35.39 16.58 -15.57
N GLY R 214 -34.14 16.03 -15.72
CA GLY R 214 -33.14 16.62 -16.57
C GLY R 214 -32.39 17.79 -16.05
N GLU R 215 -32.57 18.16 -14.72
CA GLU R 215 -31.78 19.07 -13.97
C GLU R 215 -30.92 18.33 -12.90
N ILE R 216 -29.71 18.91 -12.69
CA ILE R 216 -28.74 18.25 -11.78
C ILE R 216 -29.45 18.18 -10.47
N LYS R 217 -29.55 16.93 -9.89
CA LYS R 217 -30.04 16.74 -8.56
C LYS R 217 -28.96 16.21 -7.66
N GLY R 218 -28.91 16.69 -6.48
CA GLY R 218 -28.04 16.10 -5.43
C GLY R 218 -28.57 16.32 -4.05
N HIS R 219 -28.18 15.50 -3.16
CA HIS R 219 -28.68 15.54 -1.82
C HIS R 219 -27.39 15.81 -0.97
N TYR R 220 -27.51 16.68 0.07
CA TYR R 220 -26.46 16.98 0.97
C TYR R 220 -26.31 15.90 1.99
N LEU R 221 -25.46 14.97 1.67
CA LEU R 221 -25.22 13.78 2.52
C LEU R 221 -24.31 14.12 3.65
N ASN R 222 -24.66 13.97 4.85
CA ASN R 222 -23.86 14.25 6.00
C ASN R 222 -22.76 13.16 5.98
N VAL R 223 -21.61 13.53 6.21
CA VAL R 223 -20.43 12.61 6.54
C VAL R 223 -19.78 12.74 7.88
N THR R 224 -20.28 13.58 8.82
CA THR R 224 -19.73 13.66 10.12
C THR R 224 -19.76 12.28 10.84
N ALA R 225 -18.69 11.90 11.41
CA ALA R 225 -18.47 10.52 11.87
C ALA R 225 -17.69 10.61 13.23
N PRO R 226 -17.71 9.64 14.08
CA PRO R 226 -16.94 9.67 15.29
C PRO R 226 -15.48 9.86 15.19
N THR R 227 -14.88 9.34 14.05
CA THR R 227 -13.47 9.40 13.80
C THR R 227 -13.16 9.85 12.25
N CYS R 228 -12.00 10.44 12.04
CA CYS R 228 -11.42 10.62 10.76
C CYS R 228 -11.52 9.46 9.74
N GLU R 229 -11.22 8.20 10.17
CA GLU R 229 -11.25 7.16 9.12
C GLU R 229 -12.63 6.97 8.56
N GLU R 230 -13.61 6.90 9.44
CA GLU R 230 -15.07 6.80 9.14
C GLU R 230 -15.53 7.96 8.22
N MET R 231 -15.08 9.21 8.54
CA MET R 231 -15.36 10.30 7.57
C MET R 231 -14.76 10.01 6.24
N MET R 232 -13.51 9.56 6.25
CA MET R 232 -12.91 9.34 4.89
C MET R 232 -13.61 8.25 4.15
N LYS R 233 -13.84 7.14 4.80
CA LYS R 233 -14.72 6.09 4.16
C LYS R 233 -16.03 6.52 3.54
N ARG R 234 -16.76 7.29 4.31
CA ARG R 234 -18.15 7.75 3.89
C ARG R 234 -17.94 8.64 2.70
N ALA R 235 -16.98 9.52 2.74
CA ALA R 235 -16.68 10.43 1.66
C ALA R 235 -16.24 9.64 0.35
N GLU R 236 -15.38 8.69 0.50
CA GLU R 236 -15.02 7.70 -0.61
C GLU R 236 -16.23 7.05 -1.24
N PHE R 237 -17.15 6.53 -0.38
CA PHE R 237 -18.35 5.93 -0.85
C PHE R 237 -19.23 6.82 -1.67
N ALA R 238 -19.37 8.06 -1.10
CA ALA R 238 -20.16 9.08 -1.71
C ALA R 238 -19.66 9.41 -3.08
N LYS R 239 -18.37 9.55 -3.20
CA LYS R 239 -17.78 9.87 -4.42
C LYS R 239 -17.96 8.67 -5.46
N GLU R 240 -17.82 7.40 -4.90
CA GLU R 240 -17.99 6.16 -5.77
C GLU R 240 -19.40 6.13 -6.44
N LEU R 241 -20.43 6.70 -5.73
CA LEU R 241 -21.70 6.85 -6.39
C LEU R 241 -21.94 8.01 -7.26
N GLY R 242 -20.93 8.95 -7.56
CA GLY R 242 -21.09 10.15 -8.27
C GLY R 242 -21.88 11.26 -7.57
N MET R 243 -21.95 11.19 -6.21
CA MET R 243 -22.67 12.25 -5.57
C MET R 243 -21.99 13.53 -5.76
N PRO R 244 -22.63 14.67 -6.12
CA PRO R 244 -21.96 15.90 -6.28
C PRO R 244 -21.56 16.69 -5.09
N ILE R 245 -22.28 16.43 -3.87
CA ILE R 245 -22.08 17.22 -2.68
C ILE R 245 -22.17 16.40 -1.50
N ILE R 246 -21.52 16.80 -0.36
CA ILE R 246 -21.75 16.27 0.92
C ILE R 246 -21.98 17.37 1.90
N MET R 247 -22.06 17.01 3.15
CA MET R 247 -22.48 17.87 4.28
C MET R 247 -21.71 17.54 5.50
N HIS R 248 -21.29 18.52 6.20
CA HIS R 248 -20.41 18.33 7.38
C HIS R 248 -20.79 19.34 8.52
N ASP R 249 -20.36 19.03 9.72
CA ASP R 249 -20.83 19.93 10.86
C ASP R 249 -19.45 20.35 11.53
N PHE R 250 -18.94 21.48 11.08
CA PHE R 250 -17.51 21.79 11.37
C PHE R 250 -17.36 22.13 12.87
N LEU R 251 -18.35 22.84 13.48
CA LEU R 251 -18.14 23.16 14.98
C LEU R 251 -18.17 21.84 15.83
N THR R 252 -19.08 21.06 15.53
CA THR R 252 -19.30 19.86 16.39
C THR R 252 -18.08 18.89 16.10
N ALA R 253 -17.78 18.68 14.86
CA ALA R 253 -16.80 17.69 14.47
C ALA R 253 -15.39 18.36 14.66
N GLY R 254 -15.21 19.49 14.09
CA GLY R 254 -14.13 20.39 14.36
C GLY R 254 -13.54 21.06 13.17
N PHE R 255 -12.56 21.87 13.40
CA PHE R 255 -12.04 22.60 12.22
C PHE R 255 -10.96 21.82 11.56
N THR R 256 -10.10 20.98 12.19
CA THR R 256 -9.19 20.15 11.57
C THR R 256 -9.77 19.10 10.66
N ALA R 257 -10.76 18.41 11.13
CA ALA R 257 -11.52 17.33 10.44
C ALA R 257 -12.17 18.07 9.24
N ASN R 258 -12.78 19.32 9.53
CA ASN R 258 -13.29 20.06 8.40
C ASN R 258 -12.32 20.34 7.28
N THR R 259 -11.20 20.80 7.61
CA THR R 259 -10.13 21.12 6.57
C THR R 259 -9.65 19.89 5.88
N THR R 260 -9.47 18.76 6.67
CA THR R 260 -9.22 17.50 6.02
C THR R 260 -10.22 17.24 4.96
N LEU R 261 -11.46 17.31 5.30
CA LEU R 261 -12.56 17.01 4.34
C LEU R 261 -12.49 17.90 3.18
N ALA R 262 -12.21 19.25 3.43
CA ALA R 262 -12.08 20.26 2.31
C ALA R 262 -10.98 19.93 1.43
N LYS R 263 -9.81 19.56 1.87
CA LYS R 263 -8.77 18.98 0.99
C LYS R 263 -9.17 17.78 0.19
N TRP R 264 -9.74 16.80 0.85
CA TRP R 264 -10.10 15.56 0.21
C TRP R 264 -11.13 15.96 -0.89
N CYS R 265 -12.09 16.75 -0.63
CA CYS R 265 -13.01 17.17 -1.65
C CYS R 265 -12.42 17.91 -2.78
N ARG R 266 -11.49 18.88 -2.52
CA ARG R 266 -10.78 19.52 -3.54
C ARG R 266 -10.12 18.51 -4.43
N ASP R 267 -9.48 17.55 -3.85
CA ASP R 267 -8.92 16.46 -4.70
C ASP R 267 -9.85 15.53 -5.31
N ASN R 268 -11.07 15.37 -4.70
CA ASN R 268 -12.10 14.45 -5.24
C ASN R 268 -13.24 15.13 -5.93
N GLY R 269 -13.17 16.37 -6.21
CA GLY R 269 -14.29 17.00 -6.97
C GLY R 269 -15.61 17.18 -6.40
N VAL R 270 -15.78 17.23 -5.05
CA VAL R 270 -17.06 16.89 -4.39
C VAL R 270 -17.42 18.15 -3.69
N LEU R 271 -18.60 18.68 -3.88
CA LEU R 271 -19.07 19.84 -3.23
C LEU R 271 -19.26 19.60 -1.77
N LEU R 272 -19.15 20.58 -0.94
CA LEU R 272 -19.12 20.53 0.49
C LEU R 272 -20.09 21.49 1.10
N HIS R 273 -20.94 20.99 2.04
CA HIS R 273 -21.89 21.77 2.76
C HIS R 273 -21.53 21.70 4.16
N ILE R 274 -21.67 22.89 4.86
CA ILE R 274 -21.27 23.13 6.19
C ILE R 274 -22.55 23.45 7.00
N HIS R 275 -22.94 22.75 7.96
CA HIS R 275 -23.74 23.09 9.04
C HIS R 275 -23.13 23.74 10.25
N ARG R 276 -23.79 24.74 10.78
CA ARG R 276 -23.26 25.53 11.86
C ARG R 276 -23.91 25.09 13.26
N ALA R 277 -24.19 23.77 13.42
CA ALA R 277 -24.79 23.37 14.65
C ALA R 277 -23.89 23.65 15.80
N MET R 278 -24.50 24.09 16.99
CA MET R 278 -23.83 24.64 18.08
C MET R 278 -23.42 26.12 18.00
N HIS R 279 -23.61 26.77 16.92
CA HIS R 279 -22.99 28.13 16.67
C HIS R 279 -23.69 28.95 17.67
N ALA R 280 -24.99 28.87 17.96
CA ALA R 280 -25.71 29.51 18.97
C ALA R 280 -25.04 29.53 20.28
N VAL R 281 -24.40 28.34 20.64
CA VAL R 281 -23.67 28.28 21.93
C VAL R 281 -22.55 29.36 21.99
N ILE R 282 -22.08 29.89 20.90
CA ILE R 282 -20.93 30.81 20.81
C ILE R 282 -21.39 32.26 20.45
N ASP R 283 -22.62 32.51 19.88
CA ASP R 283 -22.96 33.83 19.28
C ASP R 283 -24.16 34.46 19.86
N ARG R 284 -25.06 33.60 20.54
CA ARG R 284 -26.43 34.02 20.69
C ARG R 284 -26.28 35.32 21.66
N GLN R 285 -25.54 35.18 22.67
CA GLN R 285 -25.55 36.23 23.70
C GLN R 285 -24.83 37.41 23.13
N ARG R 286 -25.26 38.60 23.47
CA ARG R 286 -24.66 39.86 22.90
C ARG R 286 -23.50 40.49 23.74
N ASN R 287 -23.10 39.86 24.87
CA ASN R 287 -22.07 40.36 25.67
C ASN R 287 -20.76 39.38 25.62
N HIS R 288 -20.99 38.03 25.26
CA HIS R 288 -19.97 37.03 25.35
C HIS R 288 -19.97 36.14 24.17
N GLY R 289 -18.83 35.76 23.73
CA GLY R 289 -18.70 34.71 22.70
C GLY R 289 -18.06 35.23 21.36
N ILE R 290 -18.01 34.39 20.37
CA ILE R 290 -17.27 34.68 19.11
C ILE R 290 -18.38 34.77 18.15
N HIS R 291 -18.30 35.74 17.20
CA HIS R 291 -19.45 36.21 16.50
C HIS R 291 -19.57 35.39 15.29
N PHE R 292 -20.68 35.11 14.71
CA PHE R 292 -20.85 34.24 13.60
C PHE R 292 -20.08 34.56 12.35
N ARG R 293 -19.97 35.80 12.03
CA ARG R 293 -19.00 36.28 11.02
C ARG R 293 -17.61 35.79 11.17
N VAL R 294 -17.05 35.83 12.36
CA VAL R 294 -15.67 35.24 12.51
C VAL R 294 -15.68 33.83 12.20
N LEU R 295 -16.58 33.09 12.65
CA LEU R 295 -16.71 31.68 12.25
C LEU R 295 -16.87 31.46 10.79
N ALA R 296 -17.58 32.32 10.13
CA ALA R 296 -17.65 32.31 8.72
C ALA R 296 -16.28 32.52 8.00
N LYS R 297 -15.47 33.56 8.48
CA LYS R 297 -14.07 33.77 7.99
C LYS R 297 -13.44 32.52 8.14
N CYS R 298 -13.32 31.96 9.37
CA CYS R 298 -12.53 30.84 9.62
C CYS R 298 -12.95 29.71 8.81
N LEU R 299 -14.32 29.50 8.52
CA LEU R 299 -14.69 28.38 7.73
C LEU R 299 -14.29 28.59 6.29
N ARG R 300 -14.78 29.59 5.59
CA ARG R 300 -14.32 29.87 4.20
C ARG R 300 -12.83 29.87 4.11
N LEU R 301 -12.05 30.30 5.06
CA LEU R 301 -10.68 29.90 4.99
C LEU R 301 -10.35 28.43 4.98
N SER R 302 -10.94 27.71 5.83
CA SER R 302 -10.96 26.28 5.74
C SER R 302 -11.49 25.59 4.46
N GLY R 303 -12.63 26.07 3.97
CA GLY R 303 -13.30 25.60 2.78
C GLY R 303 -14.64 25.00 2.90
N GLY R 304 -15.65 25.56 2.18
CA GLY R 304 -16.94 24.95 2.07
C GLY R 304 -17.81 25.70 1.06
N ASP R 305 -18.71 25.00 0.43
CA ASP R 305 -19.40 25.51 -0.67
C ASP R 305 -20.72 26.04 -0.19
N HIS R 306 -21.23 25.55 1.01
CA HIS R 306 -22.38 26.19 1.56
C HIS R 306 -22.15 26.51 3.02
N LEU R 307 -22.96 27.38 3.55
CA LEU R 307 -23.00 27.92 4.88
C LEU R 307 -24.23 28.45 5.42
N HIS R 308 -24.80 27.77 6.53
CA HIS R 308 -26.04 28.31 6.96
C HIS R 308 -25.81 29.75 7.51
N SER R 309 -26.69 30.65 7.32
CA SER R 309 -26.63 32.01 7.65
C SER R 309 -27.93 32.61 8.25
N GLY R 310 -28.90 31.72 8.67
CA GLY R 310 -30.04 32.13 9.35
C GLY R 310 -31.18 32.56 8.41
N THR R 311 -32.31 32.74 8.94
CA THR R 311 -33.54 32.88 8.11
C THR R 311 -33.61 34.35 7.88
N VAL R 312 -33.54 35.24 8.84
CA VAL R 312 -33.37 36.70 8.68
C VAL R 312 -34.87 37.14 8.52
N ASP R 319 -29.84 40.42 13.59
CA ASP R 319 -30.09 41.79 13.00
C ASP R 319 -29.87 41.78 11.47
N LYS R 320 -30.77 42.32 10.74
CA LYS R 320 -30.69 42.30 9.23
C LYS R 320 -29.43 42.96 8.76
N ALA R 321 -28.93 44.00 9.39
CA ALA R 321 -27.68 44.60 9.13
C ALA R 321 -26.40 43.71 9.18
N SER R 322 -26.31 42.99 10.27
CA SER R 322 -25.27 42.08 10.47
C SER R 322 -25.32 40.97 9.46
N THR R 323 -26.57 40.47 9.14
CA THR R 323 -26.73 39.41 8.24
C THR R 323 -26.19 39.73 6.96
N LEU R 324 -26.49 40.93 6.48
CA LEU R 324 -26.29 41.45 5.09
C LEU R 324 -24.70 41.68 5.11
N GLY R 325 -24.13 42.30 6.24
CA GLY R 325 -22.72 42.47 6.27
C GLY R 325 -21.98 41.19 6.13
N PHE R 326 -22.24 40.14 6.94
CA PHE R 326 -21.25 39.03 7.03
C PHE R 326 -21.61 38.15 5.72
N VAL R 327 -22.87 38.06 5.18
CA VAL R 327 -23.04 37.35 3.95
C VAL R 327 -22.22 38.02 2.79
N ASP R 328 -22.17 39.27 2.70
CA ASP R 328 -21.37 40.01 1.70
C ASP R 328 -19.94 39.65 1.98
N LEU R 329 -19.51 39.60 3.34
CA LEU R 329 -18.13 39.25 3.56
C LEU R 329 -17.79 37.90 3.01
N MET R 330 -18.58 36.97 3.30
CA MET R 330 -18.45 35.61 2.73
C MET R 330 -18.83 35.42 1.25
N ARG R 331 -19.31 36.43 0.59
CA ARG R 331 -19.55 36.33 -0.82
C ARG R 331 -18.50 37.04 -1.58
N GLU R 332 -18.31 38.37 -1.29
CA GLU R 332 -17.54 39.24 -2.14
C GLU R 332 -16.03 39.03 -1.91
N ASP R 333 -15.19 39.58 -2.84
CA ASP R 333 -13.73 39.48 -2.73
C ASP R 333 -13.16 40.61 -1.83
N HIS R 334 -13.65 41.81 -2.01
CA HIS R 334 -13.35 43.04 -1.27
C HIS R 334 -14.57 43.58 -0.64
N ILE R 335 -14.54 43.90 0.60
CA ILE R 335 -15.54 44.66 1.42
C ILE R 335 -14.90 45.75 2.18
N GLU R 336 -15.72 46.78 2.53
CA GLU R 336 -15.23 47.93 3.23
C GLU R 336 -15.83 48.02 4.56
N ALA R 337 -15.07 48.58 5.54
CA ALA R 337 -15.38 48.59 6.93
C ALA R 337 -16.72 49.36 7.07
N ASP R 338 -17.69 48.89 7.80
CA ASP R 338 -18.90 49.50 8.08
C ASP R 338 -19.47 49.04 9.52
N ARG R 339 -19.30 49.84 10.46
CA ARG R 339 -19.78 49.52 11.87
C ARG R 339 -21.22 49.31 11.90
N SER R 340 -22.08 50.05 11.07
CA SER R 340 -23.42 49.77 10.98
C SER R 340 -23.88 48.35 10.59
N ARG R 341 -23.25 47.77 9.59
CA ARG R 341 -23.51 46.40 9.30
C ARG R 341 -22.54 45.44 10.11
N GLY R 342 -21.70 45.93 11.09
CA GLY R 342 -20.85 45.08 11.85
C GLY R 342 -19.49 44.91 11.24
N VAL R 343 -19.08 45.49 10.02
CA VAL R 343 -17.87 45.08 9.44
C VAL R 343 -16.90 46.19 10.02
N PHE R 344 -16.39 45.88 11.13
CA PHE R 344 -15.20 46.61 11.69
C PHE R 344 -14.07 46.91 10.80
N PHE R 345 -13.65 45.91 10.10
CA PHE R 345 -12.33 45.88 9.42
C PHE R 345 -12.53 45.81 7.93
N THR R 346 -11.57 46.46 7.22
CA THR R 346 -11.50 46.32 5.84
C THR R 346 -10.77 45.14 5.38
N GLN R 347 -11.33 44.11 4.80
CA GLN R 347 -10.72 42.93 4.36
C GLN R 347 -10.67 42.71 2.81
N ASP R 348 -9.58 42.16 2.33
CA ASP R 348 -9.35 41.82 0.87
C ASP R 348 -8.96 40.37 0.92
N TRP R 349 -9.33 39.55 0.05
CA TRP R 349 -9.08 38.15 -0.03
C TRP R 349 -8.32 37.66 -1.24
N ALA R 350 -7.82 38.59 -2.15
CA ALA R 350 -6.91 38.25 -3.26
C ALA R 350 -7.66 37.28 -4.05
N SER R 351 -8.90 37.57 -4.53
CA SER R 351 -9.68 36.81 -5.47
C SER R 351 -10.04 35.36 -5.07
N MET R 352 -9.85 35.02 -3.75
CA MET R 352 -10.12 33.63 -3.31
C MET R 352 -11.54 33.39 -3.43
N PRO R 353 -12.02 32.27 -4.06
CA PRO R 353 -13.39 32.08 -4.30
C PRO R 353 -14.30 32.11 -3.03
N GLY R 354 -15.54 32.71 -3.25
CA GLY R 354 -16.64 32.83 -2.34
C GLY R 354 -17.31 31.56 -1.93
N VAL R 355 -18.38 31.80 -1.09
CA VAL R 355 -19.18 30.61 -0.68
C VAL R 355 -20.58 31.11 -0.81
N LEU R 356 -21.47 30.26 -1.23
CA LEU R 356 -22.88 30.41 -1.14
C LEU R 356 -23.58 30.50 0.16
N PRO R 357 -24.29 31.53 0.56
CA PRO R 357 -24.97 31.44 1.83
C PRO R 357 -26.18 30.57 1.75
N VAL R 358 -26.64 30.06 2.93
CA VAL R 358 -27.81 29.17 3.09
C VAL R 358 -28.66 29.75 4.12
N ALA R 359 -29.95 29.85 3.89
CA ALA R 359 -30.88 30.38 4.91
C ALA R 359 -31.95 29.23 5.03
N SER R 360 -32.45 28.95 6.17
CA SER R 360 -33.37 27.89 6.51
C SER R 360 -34.35 28.36 7.54
N GLY R 361 -35.17 27.45 8.18
CA GLY R 361 -35.98 27.82 9.30
C GLY R 361 -37.45 28.02 8.94
N GLY R 362 -38.05 27.16 8.07
CA GLY R 362 -39.48 27.32 7.90
C GLY R 362 -39.64 28.65 7.22
N ILE R 363 -39.21 28.88 6.03
CA ILE R 363 -38.92 30.25 5.54
C ILE R 363 -40.16 30.81 4.77
N HIS R 364 -41.41 30.25 4.89
CA HIS R 364 -42.69 30.98 4.75
C HIS R 364 -42.69 31.59 3.46
N VAL R 365 -42.89 30.86 2.33
CA VAL R 365 -42.67 31.28 0.98
C VAL R 365 -43.35 32.70 0.82
N TRP R 366 -44.47 32.99 1.55
CA TRP R 366 -44.90 34.36 1.51
C TRP R 366 -43.83 35.41 1.68
N HIS R 367 -42.91 35.17 2.56
CA HIS R 367 -41.70 36.02 2.81
C HIS R 367 -40.56 35.80 1.87
N MET R 368 -40.61 34.81 0.93
CA MET R 368 -39.45 34.56 0.06
C MET R 368 -39.12 35.77 -0.77
N PRO R 369 -40.01 36.50 -1.37
CA PRO R 369 -39.54 37.67 -2.06
C PRO R 369 -38.73 38.67 -1.33
N ALA R 370 -38.97 38.80 -0.07
CA ALA R 370 -38.07 39.48 0.80
C ALA R 370 -36.72 38.83 0.79
N LEU R 371 -36.69 37.59 0.90
CA LEU R 371 -35.37 36.81 0.92
C LEU R 371 -34.57 37.05 -0.40
N VAL R 372 -35.28 36.95 -1.57
CA VAL R 372 -34.50 37.26 -2.80
C VAL R 372 -33.96 38.77 -2.76
N GLU R 373 -34.78 39.67 -2.31
CA GLU R 373 -34.38 41.04 -2.14
C GLU R 373 -33.09 41.15 -1.26
N ILE R 374 -33.07 40.47 -0.18
CA ILE R 374 -31.99 40.58 0.77
C ILE R 374 -30.73 40.00 0.21
N PHE R 375 -30.83 38.80 -0.42
CA PHE R 375 -29.71 37.95 -0.61
C PHE R 375 -29.19 38.05 -1.99
N GLY R 376 -29.97 38.16 -2.99
CA GLY R 376 -29.46 38.14 -4.38
C GLY R 376 -29.38 36.68 -4.88
N ASP R 377 -29.11 36.59 -6.14
CA ASP R 377 -29.14 35.23 -6.86
C ASP R 377 -28.23 34.18 -6.31
N ASP R 378 -27.00 34.54 -6.07
CA ASP R 378 -25.97 33.56 -5.50
C ASP R 378 -26.20 33.32 -3.99
N SER R 379 -27.21 32.37 -3.79
CA SER R 379 -27.57 31.93 -2.52
C SER R 379 -28.34 30.65 -2.60
N VAL R 380 -28.71 30.08 -1.50
CA VAL R 380 -29.41 28.84 -1.46
C VAL R 380 -30.49 29.06 -0.34
N LEU R 381 -31.70 28.63 -0.59
CA LEU R 381 -32.78 28.70 0.32
C LEU R 381 -33.26 27.34 0.70
N GLN R 382 -33.28 27.04 2.07
CA GLN R 382 -33.53 25.69 2.41
C GLN R 382 -34.96 25.86 3.14
N PHE R 383 -35.82 24.80 3.17
CA PHE R 383 -37.19 24.81 3.73
C PHE R 383 -37.37 23.74 4.66
N GLY R 384 -37.83 24.06 5.85
CA GLY R 384 -38.11 23.03 6.90
C GLY R 384 -39.63 22.98 7.15
N GLY R 393 -43.64 19.11 3.05
CA GLY R 393 -42.58 18.90 2.12
C GLY R 393 -42.84 17.69 1.19
N ASN R 394 -43.80 17.82 0.32
CA ASN R 394 -44.10 16.79 -0.62
C ASN R 394 -43.83 17.36 -2.04
N ALA R 395 -43.98 16.49 -3.08
CA ALA R 395 -43.67 16.89 -4.49
C ALA R 395 -44.48 18.08 -4.87
N PRO R 396 -45.79 18.16 -4.75
CA PRO R 396 -46.53 19.40 -5.07
C PRO R 396 -46.08 20.71 -4.37
N GLY R 397 -45.78 20.50 -3.06
CA GLY R 397 -45.29 21.70 -2.35
C GLY R 397 -43.93 22.23 -2.93
N ALA R 398 -43.06 21.33 -3.35
CA ALA R 398 -41.78 21.67 -3.93
C ALA R 398 -42.19 22.32 -5.30
N THR R 399 -43.18 21.80 -6.08
CA THR R 399 -43.38 22.42 -7.36
C THR R 399 -43.87 23.90 -7.10
N ALA R 400 -44.70 24.15 -6.06
CA ALA R 400 -45.27 25.39 -5.75
C ALA R 400 -44.06 26.30 -5.37
N ASN R 401 -43.05 25.80 -4.57
CA ASN R 401 -41.92 26.52 -4.16
C ASN R 401 -41.08 26.99 -5.39
N ARG R 402 -40.83 26.11 -6.30
CA ARG R 402 -40.15 26.43 -7.49
C ARG R 402 -40.73 27.42 -8.42
N VAL R 403 -42.03 27.25 -8.76
CA VAL R 403 -42.79 28.26 -9.54
C VAL R 403 -42.76 29.64 -8.83
N ALA R 404 -42.94 29.69 -7.48
CA ALA R 404 -42.94 31.00 -6.81
C ALA R 404 -41.50 31.53 -7.02
N LEU R 405 -40.42 30.69 -6.92
CA LEU R 405 -39.12 31.26 -6.98
C LEU R 405 -38.88 31.86 -8.31
N GLU R 406 -39.27 31.13 -9.39
CA GLU R 406 -39.03 31.57 -10.70
C GLU R 406 -39.82 32.88 -11.02
N ALA R 407 -41.10 32.96 -10.54
CA ALA R 407 -41.92 34.18 -10.68
C ALA R 407 -41.26 35.35 -10.03
N CYS R 408 -40.80 35.17 -8.83
CA CYS R 408 -40.20 36.23 -8.07
C CYS R 408 -38.93 36.78 -8.80
N VAL R 409 -38.06 35.79 -9.26
CA VAL R 409 -36.83 36.19 -9.98
C VAL R 409 -37.28 37.03 -11.24
N GLN R 410 -38.30 36.54 -11.99
CA GLN R 410 -38.72 37.21 -13.18
C GLN R 410 -39.16 38.59 -12.87
N ALA R 411 -39.95 38.74 -11.83
CA ALA R 411 -40.45 40.03 -11.43
C ALA R 411 -39.27 41.00 -11.05
N ARG R 412 -38.27 40.48 -10.26
CA ARG R 412 -37.12 41.30 -9.81
C ARG R 412 -36.40 41.79 -10.97
N ASN R 413 -36.01 40.85 -11.88
CA ASN R 413 -35.53 41.23 -13.24
C ASN R 413 -36.23 42.29 -14.00
N GLU R 414 -37.53 42.17 -14.08
CA GLU R 414 -38.33 43.14 -14.79
C GLU R 414 -38.22 44.53 -14.25
N GLY R 415 -38.30 44.68 -12.86
CA GLY R 415 -38.37 45.96 -12.24
C GLY R 415 -39.32 46.12 -11.09
N ARG R 416 -40.34 45.22 -11.01
CA ARG R 416 -41.34 45.36 -9.89
C ARG R 416 -40.52 45.20 -8.58
N ASP R 417 -40.55 46.20 -7.75
CA ASP R 417 -40.07 46.17 -6.37
C ASP R 417 -40.60 45.08 -5.53
N LEU R 418 -39.71 44.31 -4.94
CA LEU R 418 -40.18 43.01 -4.36
C LEU R 418 -40.88 43.22 -3.07
N TYR R 419 -40.33 44.13 -2.23
CA TYR R 419 -40.91 44.42 -0.95
C TYR R 419 -42.41 44.87 -1.11
N ARG R 420 -42.65 45.77 -2.01
CA ARG R 420 -44.06 46.36 -2.02
C ARG R 420 -44.92 45.39 -2.80
N GLU R 421 -44.47 44.63 -3.90
CA GLU R 421 -45.27 43.85 -4.73
C GLU R 421 -45.27 42.35 -4.38
N GLY R 422 -44.62 41.86 -3.29
CA GLY R 422 -44.45 40.39 -3.23
C GLY R 422 -45.76 39.66 -3.18
N GLY R 423 -46.69 40.18 -2.42
CA GLY R 423 -47.96 39.50 -2.34
C GLY R 423 -48.67 39.45 -3.65
N ASP R 424 -48.62 40.61 -4.44
CA ASP R 424 -49.30 40.63 -5.66
C ASP R 424 -48.70 39.65 -6.62
N ILE R 425 -47.42 39.67 -6.75
CA ILE R 425 -46.62 38.72 -7.58
C ILE R 425 -47.10 37.27 -7.26
N LEU R 426 -47.12 36.92 -6.00
CA LEU R 426 -47.57 35.61 -5.68
C LEU R 426 -48.96 35.41 -6.12
N ARG R 427 -49.79 36.41 -6.15
CA ARG R 427 -51.08 36.31 -6.78
C ARG R 427 -51.09 35.88 -8.12
N GLU R 428 -50.42 36.65 -9.02
CA GLU R 428 -50.49 36.32 -10.39
C GLU R 428 -49.85 34.91 -10.57
N ALA R 429 -48.72 34.58 -9.90
CA ALA R 429 -48.07 33.34 -10.06
C ALA R 429 -49.00 32.22 -9.78
N GLY R 430 -49.70 32.30 -8.67
CA GLY R 430 -50.67 31.24 -8.26
C GLY R 430 -51.87 31.13 -9.21
N LYS R 431 -52.24 32.30 -9.90
CA LYS R 431 -53.50 32.18 -10.66
C LYS R 431 -53.43 31.09 -11.63
N TRP R 432 -52.30 30.89 -12.33
CA TRP R 432 -52.16 29.87 -13.41
C TRP R 432 -51.61 28.52 -12.83
N SER R 433 -50.92 28.48 -11.71
CA SER R 433 -50.34 27.35 -11.07
C SER R 433 -51.16 26.89 -9.94
N PRO R 434 -51.76 25.66 -9.96
CA PRO R 434 -52.59 25.22 -8.81
C PRO R 434 -51.95 24.84 -7.54
N GLU R 435 -50.62 24.37 -7.62
CA GLU R 435 -50.03 23.85 -6.45
C GLU R 435 -49.68 25.05 -5.62
N LEU R 436 -49.13 26.17 -6.30
CA LEU R 436 -48.84 27.44 -5.69
C LEU R 436 -50.07 28.06 -5.14
N ALA R 437 -51.18 28.04 -5.93
CA ALA R 437 -52.44 28.57 -5.35
C ALA R 437 -52.91 27.86 -3.99
N ALA R 438 -52.84 26.56 -3.95
CA ALA R 438 -53.10 25.81 -2.75
C ALA R 438 -52.13 26.17 -1.69
N ALA R 439 -50.88 26.25 -1.95
CA ALA R 439 -49.88 26.60 -0.91
C ALA R 439 -50.19 28.00 -0.27
N LEU R 440 -50.48 28.99 -1.23
CA LEU R 440 -50.89 30.27 -0.76
C LEU R 440 -52.16 30.33 0.02
N ASP R 441 -53.04 29.42 -0.25
CA ASP R 441 -54.29 29.25 0.58
C ASP R 441 -53.94 28.95 2.00
N LEU R 442 -52.71 28.41 2.24
CA LEU R 442 -52.27 28.01 3.54
C LEU R 442 -51.56 29.28 4.07
N TYR S 1 -16.54 -23.25 48.38
CA TYR S 1 -17.28 -22.94 47.18
C TYR S 1 -18.71 -22.51 47.35
N LYS S 2 -19.66 -23.37 47.65
CA LYS S 2 -21.06 -23.06 47.88
C LYS S 2 -21.08 -21.89 48.84
N LEU S 3 -20.16 -21.79 49.93
CA LEU S 3 -20.32 -20.63 50.83
C LEU S 3 -20.33 -19.32 50.14
N THR S 4 -19.69 -19.14 48.90
CA THR S 4 -19.50 -17.90 48.19
C THR S 4 -20.16 -17.65 46.92
N TYR S 5 -19.95 -18.52 45.96
CA TYR S 5 -20.62 -18.41 44.59
C TYR S 5 -22.16 -18.45 44.73
N TYR S 6 -22.67 -19.18 45.78
CA TYR S 6 -24.14 -19.39 45.79
C TYR S 6 -24.71 -18.28 46.57
N THR S 7 -25.49 -17.31 45.95
CA THR S 7 -25.83 -16.10 46.61
C THR S 7 -27.36 -16.08 46.35
N PRO S 8 -28.14 -16.88 47.16
CA PRO S 8 -29.54 -16.97 46.94
C PRO S 8 -30.34 -15.75 46.90
N ASP S 9 -29.97 -14.78 47.69
CA ASP S 9 -30.76 -13.53 47.84
C ASP S 9 -30.25 -12.42 46.88
N TYR S 10 -29.19 -12.74 46.08
CA TYR S 10 -28.53 -11.76 45.26
C TYR S 10 -29.47 -11.29 44.12
N THR S 11 -29.72 -9.96 44.03
CA THR S 11 -30.61 -9.39 43.01
C THR S 11 -29.73 -9.16 41.71
N PRO S 12 -30.05 -9.74 40.58
CA PRO S 12 -29.24 -9.37 39.39
C PRO S 12 -29.31 -7.91 39.10
N LYS S 13 -28.29 -7.30 38.68
CA LYS S 13 -28.24 -5.92 38.14
C LYS S 13 -28.55 -6.03 36.68
N ASP S 14 -28.95 -4.83 36.15
CA ASP S 14 -29.14 -4.63 34.66
C ASP S 14 -27.85 -4.81 33.93
N THR S 15 -26.76 -4.65 34.61
CA THR S 15 -25.43 -4.79 33.92
C THR S 15 -24.76 -6.19 34.06
N ASP S 16 -25.52 -7.27 34.45
CA ASP S 16 -25.00 -8.58 34.50
C ASP S 16 -25.40 -9.53 33.41
N LEU S 17 -24.60 -10.48 32.98
CA LEU S 17 -24.97 -11.45 32.00
C LEU S 17 -25.40 -12.77 32.71
N LEU S 18 -26.64 -13.21 32.37
CA LEU S 18 -27.35 -14.30 32.91
C LEU S 18 -27.40 -15.49 32.14
N ALA S 19 -27.08 -16.71 32.74
CA ALA S 19 -26.92 -17.95 31.96
C ALA S 19 -27.75 -19.01 32.63
N ALA S 20 -28.37 -19.94 31.78
CA ALA S 20 -29.14 -21.03 32.29
C ALA S 20 -28.51 -22.29 31.97
N PHE S 21 -28.21 -23.16 32.98
CA PHE S 21 -27.32 -24.34 32.70
C PHE S 21 -28.26 -25.56 33.21
N ARG S 22 -28.76 -26.38 32.33
CA ARG S 22 -29.34 -27.61 32.80
C ARG S 22 -28.09 -28.51 33.06
N PHE S 23 -27.91 -29.24 34.26
CA PHE S 23 -26.75 -30.03 34.51
C PHE S 23 -27.24 -31.26 35.38
N SER S 24 -26.51 -32.35 35.33
CA SER S 24 -26.88 -33.54 36.05
C SER S 24 -25.65 -33.76 36.95
N PRO S 25 -25.69 -33.37 38.16
CA PRO S 25 -24.56 -33.77 39.06
C PRO S 25 -24.41 -35.31 39.15
N GLN S 26 -23.08 -35.84 39.18
CA GLN S 26 -22.80 -37.19 39.55
C GLN S 26 -23.55 -37.58 40.86
N PRO S 27 -23.93 -38.81 41.02
CA PRO S 27 -24.59 -39.29 42.32
C PRO S 27 -23.72 -39.05 43.52
N GLY S 28 -24.30 -38.60 44.59
CA GLY S 28 -23.54 -38.04 45.74
C GLY S 28 -23.13 -36.61 45.62
N VAL S 29 -23.20 -35.95 44.43
CA VAL S 29 -22.91 -34.55 44.32
C VAL S 29 -24.21 -33.74 44.65
N PRO S 30 -24.20 -32.91 45.72
CA PRO S 30 -25.39 -32.03 45.90
C PRO S 30 -25.59 -30.97 44.85
N ALA S 31 -26.90 -30.69 44.59
CA ALA S 31 -27.22 -29.76 43.54
C ALA S 31 -26.66 -28.39 43.84
N ASP S 32 -26.82 -27.94 45.11
CA ASP S 32 -26.29 -26.69 45.40
C ASP S 32 -24.73 -26.38 45.17
N GLU S 33 -23.98 -27.30 45.56
CA GLU S 33 -22.60 -27.38 45.31
C GLU S 33 -22.33 -27.52 43.85
N ALA S 34 -23.06 -28.30 43.12
CA ALA S 34 -22.95 -28.34 41.69
C ALA S 34 -23.18 -26.99 41.11
N GLY S 35 -24.28 -26.20 41.49
CA GLY S 35 -24.39 -24.95 40.91
C GLY S 35 -23.27 -23.92 41.25
N ALA S 36 -22.72 -24.01 42.50
CA ALA S 36 -21.59 -23.20 42.88
C ALA S 36 -20.40 -23.49 42.03
N ALA S 37 -20.16 -24.82 41.88
CA ALA S 37 -19.03 -25.30 41.15
C ALA S 37 -19.07 -24.80 39.68
N ILE S 38 -20.26 -24.93 39.02
CA ILE S 38 -20.45 -24.44 37.65
C ILE S 38 -20.24 -22.90 37.58
N ALA S 39 -20.70 -22.17 38.49
CA ALA S 39 -20.39 -20.80 38.60
C ALA S 39 -18.95 -20.61 38.78
N ALA S 40 -18.25 -21.31 39.64
CA ALA S 40 -16.77 -21.12 39.58
C ALA S 40 -16.04 -21.49 38.33
N GLU S 41 -16.23 -22.66 37.77
CA GLU S 41 -15.61 -23.05 36.53
C GLU S 41 -15.50 -22.04 35.41
N SER S 42 -16.62 -21.47 35.02
CA SER S 42 -16.75 -20.28 34.15
C SER S 42 -16.57 -18.93 34.69
N SER S 43 -16.21 -18.76 35.94
CA SER S 43 -15.82 -17.40 36.48
C SER S 43 -14.43 -17.33 36.94
N THR S 44 -14.01 -18.18 37.85
CA THR S 44 -12.70 -18.25 38.39
C THR S 44 -12.05 -19.66 38.51
N GLY S 45 -12.70 -20.72 38.42
CA GLY S 45 -12.15 -22.05 38.54
C GLY S 45 -11.96 -22.48 39.96
N THR S 46 -11.11 -21.83 40.64
CA THR S 46 -10.69 -22.26 42.05
C THR S 46 -11.25 -21.11 42.92
N THR S 49 -5.23 -21.16 46.66
CA THR S 49 -5.03 -19.68 46.64
C THR S 49 -3.56 -19.54 46.50
N VAL S 50 -3.19 -18.44 45.78
CA VAL S 50 -1.78 -18.09 45.61
C VAL S 50 -1.66 -16.60 46.02
N TRP S 51 -0.40 -16.13 46.32
CA TRP S 51 -0.11 -14.70 46.74
C TRP S 51 -0.91 -13.72 45.92
N THR S 52 -0.84 -13.85 44.63
CA THR S 52 -1.48 -12.82 43.74
C THR S 52 -3.04 -12.69 44.05
N ASP S 53 -3.69 -13.74 44.65
CA ASP S 53 -5.17 -13.77 44.76
C ASP S 53 -5.55 -12.52 45.49
N LEU S 54 -4.83 -12.03 46.47
CA LEU S 54 -5.23 -10.88 47.22
C LEU S 54 -4.73 -9.54 46.77
N LEU S 55 -3.88 -9.45 45.79
CA LEU S 55 -3.70 -8.17 45.01
C LEU S 55 -5.06 -7.80 44.21
N THR S 56 -6.01 -8.65 44.03
CA THR S 56 -7.31 -8.35 43.38
C THR S 56 -8.40 -8.47 44.35
N ASP S 57 -9.39 -7.63 44.19
CA ASP S 57 -10.63 -7.78 44.87
C ASP S 57 -11.32 -8.82 44.15
N MET S 58 -11.32 -10.06 44.72
CA MET S 58 -12.10 -11.19 44.15
C MET S 58 -13.51 -10.85 44.04
N ASP S 59 -14.05 -9.98 44.87
CA ASP S 59 -15.45 -9.64 44.98
C ASP S 59 -16.05 -9.47 43.68
N ARG S 60 -15.46 -8.46 42.99
CA ARG S 60 -16.09 -7.86 41.83
C ARG S 60 -16.17 -8.92 40.76
N TYR S 61 -15.43 -10.00 40.70
CA TYR S 61 -15.28 -10.71 39.37
C TYR S 61 -15.71 -12.22 39.70
N LYS S 62 -16.55 -12.56 40.72
CA LYS S 62 -17.11 -13.88 40.84
C LYS S 62 -18.39 -14.01 40.06
N GLY S 63 -18.59 -15.15 39.44
CA GLY S 63 -19.88 -15.54 38.97
C GLY S 63 -20.83 -16.07 39.99
N LYS S 64 -22.05 -15.60 39.95
CA LYS S 64 -22.96 -15.78 41.06
C LYS S 64 -24.09 -16.62 40.68
N CYS S 65 -24.27 -17.82 41.30
CA CYS S 65 -25.37 -18.71 41.07
C CYS S 65 -26.45 -18.12 42.12
N TYR S 66 -27.48 -17.55 41.63
CA TYR S 66 -28.57 -16.94 42.45
C TYR S 66 -29.83 -17.75 42.50
N HIS S 67 -29.98 -18.94 41.95
CA HIS S 67 -31.16 -19.82 42.01
C HIS S 67 -30.84 -21.22 41.44
N ILE S 68 -31.53 -22.22 42.11
CA ILE S 68 -31.48 -23.61 41.47
C ILE S 68 -32.84 -24.07 41.59
N GLU S 69 -33.28 -24.86 40.64
CA GLU S 69 -34.53 -25.55 40.60
C GLU S 69 -34.44 -26.88 40.13
N PRO S 70 -35.30 -27.89 40.57
CA PRO S 70 -35.33 -29.20 39.96
C PRO S 70 -36.24 -29.13 38.68
N VAL S 71 -35.93 -29.95 37.71
CA VAL S 71 -36.72 -30.02 36.52
C VAL S 71 -37.99 -30.77 36.75
N GLN S 72 -39.09 -30.21 36.32
CA GLN S 72 -40.42 -30.91 36.39
C GLN S 72 -40.44 -32.16 35.47
N GLY S 73 -40.92 -33.19 36.04
CA GLY S 73 -41.01 -34.45 35.26
C GLY S 73 -39.69 -35.06 34.91
N GLU S 74 -38.55 -34.68 35.58
CA GLU S 74 -37.22 -35.32 35.44
C GLU S 74 -36.53 -35.41 36.73
N GLU S 75 -35.65 -36.31 36.86
CA GLU S 75 -35.02 -36.68 38.09
C GLU S 75 -33.56 -36.34 38.06
N ASN S 76 -33.04 -35.86 39.17
CA ASN S 76 -31.63 -35.50 39.40
C ASN S 76 -31.19 -34.52 38.47
N SER S 77 -32.07 -33.64 37.89
CA SER S 77 -31.62 -32.63 36.85
C SER S 77 -32.08 -31.36 37.30
N TYR S 78 -31.36 -30.28 37.16
CA TYR S 78 -31.75 -29.05 37.86
C TYR S 78 -31.31 -27.95 36.86
N PHE S 79 -32.21 -26.94 36.61
CA PHE S 79 -31.84 -25.73 35.84
C PHE S 79 -31.01 -24.83 36.84
N ALA S 80 -29.79 -24.37 36.40
CA ALA S 80 -28.99 -23.38 37.19
C ALA S 80 -29.00 -22.07 36.55
N PHE S 81 -29.24 -21.00 37.26
CA PHE S 81 -29.08 -19.69 36.75
C PHE S 81 -27.97 -19.00 37.42
N ILE S 82 -27.05 -18.47 36.72
CA ILE S 82 -25.80 -17.82 37.14
C ILE S 82 -25.81 -16.41 36.48
N ALA S 83 -25.36 -15.43 37.20
CA ALA S 83 -25.10 -14.12 36.78
C ALA S 83 -23.67 -13.75 36.80
N TYR S 84 -23.22 -12.95 35.75
CA TYR S 84 -21.92 -12.38 35.67
C TYR S 84 -21.87 -10.93 35.54
N PRO S 85 -20.79 -10.26 36.18
CA PRO S 85 -20.65 -8.84 35.90
C PRO S 85 -20.26 -8.68 34.48
N LEU S 86 -20.66 -7.52 33.85
CA LEU S 86 -20.31 -7.23 32.49
C LEU S 86 -18.84 -7.17 32.32
N ASP S 87 -18.06 -6.82 33.27
CA ASP S 87 -16.65 -6.23 33.14
C ASP S 87 -15.81 -7.54 32.79
N LEU S 88 -16.40 -8.84 32.93
CA LEU S 88 -15.51 -9.96 32.55
C LEU S 88 -15.20 -9.89 30.99
N PHE S 89 -15.99 -9.16 30.13
CA PHE S 89 -16.06 -9.35 28.72
C PHE S 89 -15.48 -8.21 28.03
N GLU S 90 -14.48 -8.53 27.12
CA GLU S 90 -14.13 -7.63 25.96
C GLU S 90 -15.40 -7.35 25.20
N GLU S 91 -15.50 -6.10 24.73
CA GLU S 91 -16.57 -5.51 24.07
C GLU S 91 -16.64 -5.95 22.74
N GLY S 92 -17.81 -6.45 22.24
CA GLY S 92 -17.93 -6.88 20.91
C GLY S 92 -17.29 -8.20 20.50
N SER S 93 -16.95 -9.05 21.50
CA SER S 93 -16.37 -10.39 21.23
C SER S 93 -17.32 -11.53 21.72
N VAL S 94 -18.08 -12.08 20.83
CA VAL S 94 -18.92 -13.28 21.02
C VAL S 94 -17.91 -14.34 21.36
N THR S 95 -16.69 -14.44 20.70
CA THR S 95 -15.74 -15.54 20.98
C THR S 95 -15.49 -15.48 22.42
N ASN S 96 -15.25 -14.27 23.08
CA ASN S 96 -15.10 -14.19 24.51
C ASN S 96 -16.28 -14.62 25.32
N ILE S 97 -17.52 -14.38 24.78
CA ILE S 97 -18.75 -14.90 25.41
C ILE S 97 -18.66 -16.33 25.65
N LEU S 98 -18.46 -17.05 24.57
CA LEU S 98 -18.35 -18.44 24.63
C LEU S 98 -17.18 -18.90 25.45
N THR S 99 -16.06 -18.32 25.33
CA THR S 99 -14.85 -18.73 25.89
C THR S 99 -15.20 -18.71 27.45
N SER S 100 -15.87 -17.72 27.99
CA SER S 100 -15.86 -17.63 29.41
C SER S 100 -17.03 -18.68 29.83
N ILE S 101 -18.17 -18.79 29.21
CA ILE S 101 -19.38 -19.43 29.66
C ILE S 101 -19.05 -20.85 29.67
N VAL S 102 -18.56 -21.34 28.45
CA VAL S 102 -18.48 -22.73 28.13
C VAL S 102 -17.05 -23.19 28.00
N GLY S 103 -15.95 -22.38 28.39
CA GLY S 103 -14.59 -22.81 28.02
C GLY S 103 -14.12 -23.96 28.81
N ASN S 104 -14.52 -24.12 30.10
CA ASN S 104 -14.12 -25.25 30.99
C ASN S 104 -15.18 -26.02 31.73
N VAL S 105 -16.38 -25.52 31.73
CA VAL S 105 -17.48 -26.06 32.56
C VAL S 105 -17.84 -27.47 32.13
N PHE S 106 -18.00 -27.66 30.86
CA PHE S 106 -18.20 -28.88 30.21
C PHE S 106 -17.29 -30.01 30.54
N GLY S 107 -16.06 -29.76 30.81
CA GLY S 107 -15.17 -30.78 31.30
C GLY S 107 -15.20 -31.04 32.76
N PHE S 108 -16.07 -30.34 33.59
CA PHE S 108 -16.05 -30.47 34.96
C PHE S 108 -16.43 -31.89 35.45
N LYS S 109 -15.65 -32.43 36.31
CA LYS S 109 -15.78 -33.88 36.69
C LYS S 109 -16.84 -34.18 37.68
N ALA S 110 -17.46 -33.18 38.41
CA ALA S 110 -18.55 -33.44 39.28
C ALA S 110 -19.91 -33.62 38.68
N ILE S 111 -20.04 -33.41 37.32
CA ILE S 111 -21.32 -33.29 36.73
C ILE S 111 -21.41 -34.33 35.71
N ARG S 112 -22.35 -35.30 35.79
CA ARG S 112 -22.53 -36.30 34.85
C ARG S 112 -22.86 -35.71 33.44
N SER S 113 -23.78 -34.72 33.31
CA SER S 113 -24.01 -34.07 32.10
C SER S 113 -24.26 -32.64 32.31
N LEU S 114 -23.63 -31.73 31.61
CA LEU S 114 -23.91 -30.29 31.61
C LEU S 114 -24.46 -29.82 30.22
N ARG S 115 -25.47 -29.01 30.23
CA ARG S 115 -26.42 -28.70 29.21
C ARG S 115 -26.76 -27.19 29.29
N LEU S 116 -26.04 -26.39 28.55
CA LEU S 116 -26.51 -25.00 28.41
C LEU S 116 -27.77 -24.84 27.64
N GLU S 117 -28.63 -24.03 28.10
CA GLU S 117 -30.01 -23.71 27.62
C GLU S 117 -30.08 -22.29 27.12
N ASP S 118 -29.77 -21.31 27.94
CA ASP S 118 -30.29 -19.99 27.67
C ASP S 118 -29.19 -19.01 28.24
N ILE S 119 -29.04 -17.80 27.62
CA ILE S 119 -28.26 -16.69 28.15
C ILE S 119 -29.09 -15.48 27.95
N ARG S 120 -28.88 -14.38 28.76
CA ARG S 120 -29.40 -13.10 28.64
C ARG S 120 -28.16 -12.20 28.38
N PHE S 121 -28.16 -11.48 27.36
CA PHE S 121 -27.12 -10.40 27.14
C PHE S 121 -27.60 -9.08 27.67
N PRO S 122 -26.89 -8.37 28.59
CA PRO S 122 -27.41 -7.06 28.95
C PRO S 122 -27.26 -6.06 27.83
N VAL S 123 -28.11 -5.00 27.92
CA VAL S 123 -28.19 -4.03 26.90
C VAL S 123 -26.79 -3.44 26.57
N ALA S 124 -26.00 -3.19 27.58
CA ALA S 124 -24.76 -2.53 27.29
C ALA S 124 -23.82 -3.47 26.48
N LEU S 125 -23.78 -4.67 26.83
CA LEU S 125 -22.95 -5.58 26.12
C LEU S 125 -23.46 -5.78 24.73
N VAL S 126 -24.75 -5.70 24.48
CA VAL S 126 -25.37 -5.61 23.13
C VAL S 126 -24.77 -4.54 22.36
N LYS S 127 -24.81 -3.36 22.86
CA LYS S 127 -24.47 -2.15 22.03
C LYS S 127 -23.05 -2.18 21.55
N THR S 128 -22.15 -2.98 22.07
CA THR S 128 -20.82 -3.09 21.65
C THR S 128 -20.66 -3.82 20.25
N PHE S 129 -21.65 -4.63 19.82
CA PHE S 129 -21.52 -5.45 18.55
C PHE S 129 -22.30 -4.57 17.48
N GLN S 130 -21.86 -4.58 16.32
CA GLN S 130 -22.46 -4.25 15.12
C GLN S 130 -23.69 -4.91 14.79
N GLY S 131 -23.82 -6.25 15.00
CA GLY S 131 -25.01 -6.95 14.66
C GLY S 131 -25.14 -7.23 13.22
N PRO S 132 -26.39 -7.68 12.77
CA PRO S 132 -26.54 -8.05 11.40
C PRO S 132 -26.18 -6.90 10.44
N PRO S 133 -25.57 -7.24 9.28
CA PRO S 133 -25.08 -6.13 8.49
C PRO S 133 -26.11 -5.13 8.09
N HIS S 134 -27.33 -5.67 7.74
CA HIS S 134 -28.46 -4.78 7.31
C HIS S 134 -29.68 -4.96 8.16
N GLY S 135 -30.01 -6.21 8.64
CA GLY S 135 -31.34 -6.37 9.27
C GLY S 135 -32.43 -6.61 8.30
N ILE S 136 -33.57 -6.95 8.86
CA ILE S 136 -34.65 -7.51 8.10
C ILE S 136 -35.09 -6.46 7.14
N GLN S 137 -35.47 -5.27 7.68
CA GLN S 137 -36.08 -4.28 6.92
C GLN S 137 -35.15 -3.74 5.89
N VAL S 138 -33.94 -3.47 6.27
CA VAL S 138 -32.94 -2.94 5.28
C VAL S 138 -32.79 -4.16 4.28
N GLU S 139 -32.71 -5.41 4.64
CA GLU S 139 -32.75 -6.46 3.66
C GLU S 139 -33.81 -6.49 2.68
N ARG S 140 -34.99 -6.41 3.13
CA ARG S 140 -36.13 -6.35 2.27
C ARG S 140 -36.05 -5.16 1.37
N ASP S 141 -35.48 -4.00 1.90
CA ASP S 141 -35.36 -2.75 1.12
C ASP S 141 -34.37 -2.90 0.04
N LEU S 142 -33.27 -3.55 0.34
CA LEU S 142 -32.31 -3.74 -0.78
C LEU S 142 -32.86 -4.67 -1.80
N LEU S 143 -33.53 -5.80 -1.32
CA LEU S 143 -34.10 -6.84 -2.23
C LEU S 143 -35.43 -6.50 -2.82
N ASN S 144 -36.14 -5.51 -2.36
CA ASN S 144 -37.39 -4.95 -2.98
C ASN S 144 -38.52 -6.11 -3.19
N LYS S 145 -38.74 -6.88 -2.21
CA LYS S 145 -39.84 -7.78 -2.18
C LYS S 145 -40.47 -7.58 -0.77
N TYR S 146 -41.81 -7.76 -0.73
CA TYR S 146 -42.56 -7.43 0.50
C TYR S 146 -43.75 -8.29 0.58
N GLY S 147 -44.26 -8.50 1.83
CA GLY S 147 -45.46 -9.26 2.05
C GLY S 147 -45.54 -10.74 1.92
N ARG S 148 -44.42 -11.38 1.90
CA ARG S 148 -44.36 -12.73 1.63
C ARG S 148 -42.99 -13.37 2.22
N PRO S 149 -42.87 -14.64 2.49
CA PRO S 149 -41.57 -15.17 2.83
C PRO S 149 -40.86 -15.64 1.59
N MET S 150 -39.59 -15.93 1.73
CA MET S 150 -38.81 -16.06 0.47
C MET S 150 -38.56 -17.52 0.27
N LEU S 151 -38.17 -17.81 -1.04
CA LEU S 151 -37.83 -19.12 -1.50
C LEU S 151 -36.33 -19.34 -1.82
N GLY S 152 -35.86 -20.49 -1.59
CA GLY S 152 -34.50 -20.91 -1.60
C GLY S 152 -34.46 -22.30 -2.15
N CYS S 153 -33.59 -22.61 -3.06
CA CYS S 153 -33.32 -24.02 -3.45
C CYS S 153 -31.87 -24.32 -3.40
N THR S 154 -31.53 -25.56 -3.15
CA THR S 154 -30.12 -25.98 -3.02
C THR S 154 -29.83 -26.79 -4.32
N ILE S 155 -28.71 -26.46 -5.01
CA ILE S 155 -28.26 -27.21 -6.11
C ILE S 155 -28.00 -28.64 -5.72
N LYS S 156 -28.47 -29.56 -6.53
CA LYS S 156 -28.11 -30.95 -6.39
C LYS S 156 -27.73 -31.54 -7.69
N PRO S 157 -26.90 -32.60 -7.80
CA PRO S 157 -26.16 -33.19 -6.69
C PRO S 157 -25.11 -32.29 -6.17
N LYS S 158 -24.80 -32.41 -4.80
CA LYS S 158 -23.94 -31.41 -4.22
C LYS S 158 -22.54 -31.40 -4.92
N LEU S 159 -22.10 -32.37 -5.65
CA LEU S 159 -20.71 -32.52 -6.12
C LEU S 159 -20.93 -33.11 -7.59
N GLY S 160 -20.04 -32.63 -8.42
CA GLY S 160 -19.78 -33.11 -9.75
C GLY S 160 -20.31 -32.24 -10.79
N LEU S 161 -21.36 -31.41 -10.57
CA LEU S 161 -21.77 -30.42 -11.53
C LEU S 161 -20.77 -29.44 -11.90
N SER S 162 -20.39 -29.43 -13.23
CA SER S 162 -19.32 -28.53 -13.73
C SER S 162 -19.87 -27.21 -13.49
N ALA S 163 -19.04 -26.27 -13.29
CA ALA S 163 -19.47 -24.87 -13.03
C ALA S 163 -20.35 -24.39 -14.09
N LYS S 164 -20.00 -24.76 -15.42
CA LYS S 164 -21.04 -24.40 -16.42
C LYS S 164 -22.36 -25.01 -16.06
N ASN S 165 -22.36 -26.36 -15.88
CA ASN S 165 -23.62 -27.11 -15.50
C ASN S 165 -24.20 -26.56 -14.24
N TYR S 166 -23.46 -25.95 -13.36
CA TYR S 166 -23.84 -25.85 -12.02
C TYR S 166 -24.71 -24.55 -12.11
N GLY S 167 -24.15 -23.44 -12.80
CA GLY S 167 -24.96 -22.36 -13.30
C GLY S 167 -26.19 -22.70 -14.06
N ARG S 168 -26.14 -23.74 -14.82
CA ARG S 168 -27.23 -24.07 -15.77
C ARG S 168 -28.43 -24.48 -14.84
N ALA S 169 -28.08 -25.35 -13.77
CA ALA S 169 -29.02 -25.66 -12.72
C ALA S 169 -29.54 -24.44 -11.90
N VAL S 170 -28.65 -23.58 -11.48
CA VAL S 170 -28.97 -22.32 -10.89
C VAL S 170 -29.94 -21.51 -11.67
N TYR S 171 -29.72 -21.46 -12.98
CA TYR S 171 -30.55 -20.68 -13.89
C TYR S 171 -32.05 -21.17 -13.97
N GLU S 172 -32.19 -22.50 -14.17
CA GLU S 172 -33.48 -23.24 -14.14
C GLU S 172 -34.15 -23.02 -12.76
N CYS S 173 -33.45 -23.15 -11.66
CA CYS S 173 -34.01 -22.89 -10.38
C CYS S 173 -34.55 -21.44 -10.32
N LEU S 174 -33.77 -20.48 -10.66
CA LEU S 174 -34.17 -19.11 -10.51
C LEU S 174 -35.29 -18.77 -11.44
N ARG S 175 -35.11 -19.07 -12.70
CA ARG S 175 -36.20 -18.65 -13.67
C ARG S 175 -37.49 -19.28 -13.31
N GLY S 176 -37.50 -20.51 -12.72
CA GLY S 176 -38.77 -20.98 -12.38
C GLY S 176 -39.47 -20.26 -11.24
N GLY S 177 -38.86 -19.35 -10.52
CA GLY S 177 -39.46 -18.35 -9.67
C GLY S 177 -39.10 -18.37 -8.22
N LEU S 178 -37.96 -19.04 -7.89
CA LEU S 178 -37.19 -18.92 -6.60
C LEU S 178 -36.53 -17.62 -6.37
N ASP S 179 -36.73 -17.06 -5.24
CA ASP S 179 -35.94 -15.94 -4.79
C ASP S 179 -34.53 -16.21 -4.64
N PHE S 180 -34.05 -17.37 -4.25
CA PHE S 180 -32.71 -17.54 -3.97
C PHE S 180 -32.38 -19.05 -4.35
N THR S 181 -31.10 -19.17 -4.80
CA THR S 181 -30.41 -20.44 -4.78
C THR S 181 -29.33 -20.36 -3.78
N LYS S 182 -28.74 -21.56 -3.42
CA LYS S 182 -27.73 -21.63 -2.46
C LYS S 182 -26.61 -22.57 -2.68
N ASP S 183 -25.34 -22.13 -2.36
CA ASP S 183 -24.34 -23.13 -2.16
C ASP S 183 -24.62 -24.06 -1.12
N ASP S 184 -24.02 -25.19 -1.17
CA ASP S 184 -24.01 -26.14 -0.04
C ASP S 184 -22.82 -25.97 0.77
N GLU S 185 -22.97 -26.11 2.12
CA GLU S 185 -21.95 -25.91 3.08
C GLU S 185 -20.63 -26.61 2.65
N ASN S 186 -20.61 -27.74 1.99
CA ASN S 186 -19.41 -28.41 1.71
C ASN S 186 -18.65 -27.71 0.53
N ILE S 187 -19.28 -27.05 -0.38
CA ILE S 187 -18.80 -26.95 -1.66
C ILE S 187 -18.04 -25.68 -1.72
N ASN S 188 -16.62 -25.70 -1.60
CA ASN S 188 -16.04 -24.44 -1.43
C ASN S 188 -15.07 -24.12 -2.59
N SER S 189 -14.01 -24.96 -2.93
CA SER S 189 -13.32 -24.85 -4.19
C SER S 189 -13.03 -26.20 -4.76
N GLN S 190 -13.88 -27.18 -4.72
CA GLN S 190 -13.41 -28.56 -4.92
C GLN S 190 -12.56 -28.77 -6.20
N PRO S 191 -11.66 -29.71 -6.28
CA PRO S 191 -10.78 -29.86 -7.47
C PRO S 191 -11.60 -30.01 -8.78
N PHE S 192 -12.80 -30.74 -8.70
CA PHE S 192 -13.77 -30.71 -9.72
C PHE S 192 -14.57 -29.37 -9.93
N GLN S 193 -14.70 -28.55 -8.93
CA GLN S 193 -15.31 -27.22 -8.95
C GLN S 193 -14.39 -26.19 -8.28
N ARG S 194 -13.47 -25.56 -9.05
CA ARG S 194 -12.85 -24.35 -8.59
C ARG S 194 -13.74 -23.17 -8.49
N TRP S 195 -13.54 -22.33 -7.38
CA TRP S 195 -14.60 -21.33 -6.95
C TRP S 195 -14.58 -20.30 -8.03
N ARG S 196 -13.49 -19.68 -8.42
CA ARG S 196 -13.50 -18.57 -9.34
C ARG S 196 -14.41 -18.64 -10.53
N ASP S 197 -14.44 -19.77 -11.17
CA ASP S 197 -15.06 -20.02 -12.41
C ASP S 197 -16.55 -20.17 -11.97
N ARG S 198 -16.79 -20.79 -10.78
CA ARG S 198 -18.12 -21.04 -10.29
C ARG S 198 -18.76 -19.69 -10.09
N PHE S 199 -18.15 -18.77 -9.37
CA PHE S 199 -18.50 -17.35 -9.26
C PHE S 199 -18.93 -16.67 -10.58
N LEU S 200 -18.05 -16.82 -11.54
CA LEU S 200 -18.24 -16.12 -12.76
C LEU S 200 -19.48 -16.58 -13.45
N PHE S 201 -19.62 -17.95 -13.54
CA PHE S 201 -20.79 -18.50 -14.28
C PHE S 201 -22.11 -18.26 -13.50
N VAL S 202 -22.07 -18.43 -12.23
CA VAL S 202 -23.36 -18.34 -11.43
C VAL S 202 -23.72 -16.92 -11.52
N ALA S 203 -22.78 -15.91 -11.40
CA ALA S 203 -23.13 -14.56 -11.39
C ALA S 203 -23.79 -14.26 -12.65
N ASP S 204 -23.29 -14.66 -13.79
CA ASP S 204 -23.74 -14.25 -15.08
C ASP S 204 -25.10 -14.88 -15.17
N ALA S 205 -25.36 -16.16 -14.62
CA ALA S 205 -26.66 -16.76 -14.66
C ALA S 205 -27.76 -15.94 -13.91
N ILE S 206 -27.42 -15.41 -12.68
CA ILE S 206 -28.28 -14.43 -11.97
C ILE S 206 -28.48 -13.34 -12.90
N HIS S 207 -27.43 -12.77 -13.64
CA HIS S 207 -27.69 -11.53 -14.24
C HIS S 207 -28.76 -11.75 -15.35
N LYS S 208 -28.60 -12.89 -16.14
CA LYS S 208 -29.43 -13.04 -17.24
C LYS S 208 -30.89 -13.36 -16.80
N SER S 209 -31.03 -14.21 -15.75
CA SER S 209 -32.36 -14.41 -15.06
C SER S 209 -32.91 -13.13 -14.61
N GLN S 210 -32.18 -12.23 -14.01
CA GLN S 210 -32.79 -11.00 -13.61
C GLN S 210 -33.32 -10.25 -14.79
N ALA S 211 -32.55 -10.28 -15.94
CA ALA S 211 -32.97 -9.64 -17.15
C ALA S 211 -34.34 -10.25 -17.68
N GLU S 212 -34.45 -11.53 -17.68
CA GLU S 212 -35.57 -12.19 -18.23
C GLU S 212 -36.75 -12.04 -17.39
N THR S 213 -36.57 -12.20 -16.12
CA THR S 213 -37.71 -12.29 -15.18
C THR S 213 -38.14 -10.87 -14.69
N GLY S 214 -37.16 -9.95 -14.58
CA GLY S 214 -37.25 -8.64 -13.91
C GLY S 214 -37.52 -8.64 -12.46
N GLU S 215 -37.04 -9.58 -11.81
CA GLU S 215 -37.03 -9.59 -10.31
C GLU S 215 -35.64 -9.77 -9.78
N ILE S 216 -35.36 -9.20 -8.55
CA ILE S 216 -34.02 -9.24 -8.05
C ILE S 216 -33.77 -10.66 -7.61
N LYS S 217 -32.89 -11.37 -8.25
CA LYS S 217 -32.43 -12.69 -7.93
C LYS S 217 -31.14 -12.65 -7.23
N GLY S 218 -30.89 -13.63 -6.38
CA GLY S 218 -29.61 -13.73 -5.63
C GLY S 218 -29.32 -15.17 -5.35
N HIS S 219 -28.10 -15.51 -5.27
CA HIS S 219 -27.66 -16.89 -4.76
C HIS S 219 -26.86 -16.77 -3.53
N TYR S 220 -26.88 -17.84 -2.69
CA TYR S 220 -26.04 -17.74 -1.53
C TYR S 220 -24.68 -18.31 -1.80
N LEU S 221 -23.67 -17.52 -1.92
CA LEU S 221 -22.32 -17.81 -2.28
C LEU S 221 -21.53 -18.08 -1.10
N ASN S 222 -21.11 -19.37 -0.87
CA ASN S 222 -20.23 -19.71 0.21
C ASN S 222 -18.96 -18.94 0.13
N VAL S 223 -18.50 -18.35 1.30
CA VAL S 223 -17.18 -17.81 1.41
C VAL S 223 -16.37 -18.54 2.53
N THR S 224 -16.80 -19.49 3.21
CA THR S 224 -15.95 -20.17 4.22
C THR S 224 -14.77 -20.67 3.49
N ALA S 225 -13.55 -20.39 4.03
CA ALA S 225 -12.34 -20.60 3.33
C ALA S 225 -11.24 -21.13 4.35
N PRO S 226 -10.22 -21.83 3.93
CA PRO S 226 -9.29 -22.31 4.90
C PRO S 226 -8.63 -21.22 5.78
N THR S 227 -8.35 -20.10 5.20
CA THR S 227 -7.62 -18.92 5.72
C THR S 227 -8.54 -17.61 5.68
N CYS S 228 -8.39 -16.72 6.76
CA CYS S 228 -8.82 -15.40 6.71
C CYS S 228 -8.56 -14.68 5.36
N GLU S 229 -7.41 -14.78 4.77
CA GLU S 229 -7.19 -14.04 3.61
C GLU S 229 -7.84 -14.57 2.28
N GLU S 230 -7.75 -15.84 2.05
CA GLU S 230 -8.65 -16.64 1.15
C GLU S 230 -10.17 -16.28 1.25
N MET S 231 -10.66 -16.30 2.52
CA MET S 231 -12.06 -15.97 2.83
C MET S 231 -12.23 -14.52 2.30
N MET S 232 -11.22 -13.63 2.61
CA MET S 232 -11.37 -12.28 2.02
C MET S 232 -11.45 -12.34 0.53
N LYS S 233 -10.41 -12.88 -0.15
CA LYS S 233 -10.36 -12.65 -1.58
C LYS S 233 -11.64 -13.10 -2.35
N ARG S 234 -12.16 -14.31 -1.92
CA ARG S 234 -13.48 -14.80 -2.22
C ARG S 234 -14.61 -13.81 -2.05
N ALA S 235 -14.64 -13.23 -0.93
CA ALA S 235 -15.45 -12.09 -0.55
C ALA S 235 -15.49 -10.81 -1.41
N GLU S 236 -14.25 -10.28 -1.67
CA GLU S 236 -14.22 -9.18 -2.57
C GLU S 236 -14.68 -9.66 -3.93
N PHE S 237 -14.24 -10.80 -4.38
CA PHE S 237 -14.44 -11.07 -5.85
C PHE S 237 -16.03 -11.32 -5.91
N ALA S 238 -16.71 -11.88 -4.94
CA ALA S 238 -18.19 -11.87 -4.92
C ALA S 238 -18.74 -10.42 -4.94
N LYS S 239 -18.10 -9.54 -4.20
CA LYS S 239 -18.48 -8.17 -4.39
C LYS S 239 -18.39 -7.65 -5.80
N GLU S 240 -17.22 -7.86 -6.46
CA GLU S 240 -17.04 -7.20 -7.77
C GLU S 240 -18.05 -7.55 -8.82
N LEU S 241 -18.60 -8.71 -8.73
CA LEU S 241 -19.69 -9.10 -9.56
C LEU S 241 -21.12 -8.59 -9.17
N GLY S 242 -21.18 -7.64 -8.26
CA GLY S 242 -22.43 -7.13 -7.78
C GLY S 242 -23.23 -8.14 -7.01
N MET S 243 -22.62 -9.08 -6.24
CA MET S 243 -23.48 -10.19 -5.81
C MET S 243 -24.15 -9.60 -4.65
N PRO S 244 -25.45 -9.67 -4.57
CA PRO S 244 -26.05 -9.07 -3.32
C PRO S 244 -25.92 -9.77 -2.04
N ILE S 245 -25.58 -11.07 -1.96
CA ILE S 245 -25.57 -11.93 -0.81
C ILE S 245 -24.60 -12.96 -0.80
N ILE S 246 -24.00 -13.25 0.41
CA ILE S 246 -23.12 -14.45 0.42
C ILE S 246 -23.49 -15.41 1.61
N MET S 247 -22.71 -16.42 1.81
CA MET S 247 -22.96 -17.52 2.81
C MET S 247 -21.75 -17.91 3.48
N HIS S 248 -21.84 -18.10 4.77
CA HIS S 248 -20.76 -18.54 5.52
C HIS S 248 -21.20 -19.58 6.52
N ASP S 249 -20.60 -20.73 6.46
CA ASP S 249 -20.44 -21.63 7.70
C ASP S 249 -19.60 -21.27 8.80
N PHE S 250 -20.23 -20.89 9.95
CA PHE S 250 -19.46 -20.26 10.95
C PHE S 250 -19.16 -21.19 12.06
N LEU S 251 -19.95 -22.19 12.38
CA LEU S 251 -19.44 -23.16 13.37
C LEU S 251 -18.06 -23.84 13.15
N THR S 252 -17.94 -24.33 11.99
CA THR S 252 -16.69 -24.91 11.53
C THR S 252 -15.58 -23.83 11.46
N ALA S 253 -15.86 -22.78 10.86
CA ALA S 253 -14.90 -21.64 10.77
C ALA S 253 -14.64 -20.83 12.06
N GLY S 254 -15.48 -21.00 13.03
CA GLY S 254 -15.59 -20.10 14.20
C GLY S 254 -16.54 -18.90 14.16
N PHE S 255 -16.31 -18.01 15.09
CA PHE S 255 -17.00 -16.77 15.31
C PHE S 255 -16.13 -15.64 15.07
N THR S 256 -14.87 -15.67 15.42
CA THR S 256 -14.06 -14.43 15.07
C THR S 256 -14.04 -14.07 13.55
N ALA S 257 -13.78 -15.14 12.66
CA ALA S 257 -13.82 -14.96 11.24
C ALA S 257 -15.12 -14.53 10.81
N ASN S 258 -16.20 -15.18 11.37
CA ASN S 258 -17.58 -14.73 10.98
C ASN S 258 -17.78 -13.28 11.30
N THR S 259 -17.42 -12.79 12.51
CA THR S 259 -17.67 -11.43 12.89
C THR S 259 -16.88 -10.49 11.90
N THR S 260 -15.60 -10.84 11.59
CA THR S 260 -14.93 -10.12 10.45
C THR S 260 -15.72 -10.00 9.23
N LEU S 261 -16.32 -11.04 8.85
CA LEU S 261 -17.05 -11.09 7.63
C LEU S 261 -18.24 -10.22 7.69
N ALA S 262 -18.94 -10.23 8.86
CA ALA S 262 -20.06 -9.29 9.12
C ALA S 262 -19.66 -7.87 9.06
N LYS S 263 -18.49 -7.54 9.69
CA LYS S 263 -17.88 -6.18 9.50
C LYS S 263 -17.60 -5.83 8.07
N TRP S 264 -16.95 -6.67 7.34
CA TRP S 264 -16.71 -6.44 5.88
C TRP S 264 -17.88 -6.19 5.09
N CYS S 265 -18.79 -7.08 5.20
CA CYS S 265 -20.12 -6.88 4.55
C CYS S 265 -20.94 -5.56 4.98
N ARG S 266 -20.97 -5.28 6.26
CA ARG S 266 -21.57 -4.06 6.65
C ARG S 266 -20.91 -2.90 5.97
N ASP S 267 -19.55 -2.86 6.01
CA ASP S 267 -18.86 -1.88 5.14
C ASP S 267 -19.14 -1.91 3.74
N ASN S 268 -19.37 -3.08 3.09
CA ASN S 268 -19.54 -3.15 1.61
C ASN S 268 -20.96 -3.41 1.25
N GLY S 269 -21.96 -3.20 2.08
CA GLY S 269 -23.33 -3.32 1.51
C GLY S 269 -23.82 -4.74 1.18
N VAL S 270 -23.23 -5.86 1.70
CA VAL S 270 -23.42 -7.22 1.15
C VAL S 270 -24.16 -8.04 2.08
N LEU S 271 -25.29 -8.64 1.60
CA LEU S 271 -26.03 -9.43 2.51
C LEU S 271 -25.26 -10.63 2.95
N LEU S 272 -25.39 -11.11 4.15
CA LEU S 272 -24.68 -12.22 4.69
C LEU S 272 -25.61 -13.30 5.14
N HIS S 273 -25.81 -14.28 4.30
CA HIS S 273 -26.47 -15.48 4.69
C HIS S 273 -25.67 -16.30 5.59
N ILE S 274 -26.28 -17.04 6.56
CA ILE S 274 -25.53 -17.89 7.44
C ILE S 274 -25.90 -19.28 7.27
N HIS S 275 -24.98 -20.19 7.04
CA HIS S 275 -25.28 -21.58 7.30
C HIS S 275 -24.86 -21.99 8.68
N ARG S 276 -25.35 -23.14 9.11
CA ARG S 276 -25.42 -23.42 10.54
C ARG S 276 -25.08 -25.00 10.68
N ALA S 277 -24.02 -25.34 9.98
CA ALA S 277 -23.63 -26.78 9.94
C ALA S 277 -22.93 -27.12 11.32
N MET S 278 -22.49 -28.34 11.48
CA MET S 278 -21.95 -28.94 12.67
C MET S 278 -22.65 -28.73 13.94
N HIS S 279 -24.02 -28.73 14.02
CA HIS S 279 -24.71 -28.18 15.10
C HIS S 279 -25.19 -29.21 16.00
N ALA S 280 -25.78 -30.29 15.42
CA ALA S 280 -26.09 -31.52 16.07
C ALA S 280 -24.94 -32.13 16.75
N VAL S 281 -23.67 -31.84 16.35
CA VAL S 281 -22.55 -32.15 17.19
C VAL S 281 -22.75 -31.51 18.66
N ILE S 282 -23.50 -30.47 18.84
CA ILE S 282 -23.66 -29.69 20.03
C ILE S 282 -25.11 -29.83 20.63
N ASP S 283 -26.18 -29.75 19.76
CA ASP S 283 -27.46 -29.25 20.19
C ASP S 283 -28.46 -30.33 20.24
N ARG S 284 -28.40 -31.23 19.29
CA ARG S 284 -29.45 -32.25 19.12
C ARG S 284 -29.65 -33.01 20.36
N GLN S 285 -28.54 -33.36 21.07
CA GLN S 285 -28.75 -34.10 22.25
C GLN S 285 -29.44 -33.12 23.25
N ARG S 286 -30.34 -33.60 23.95
CA ARG S 286 -31.16 -32.80 24.89
C ARG S 286 -30.66 -32.71 26.36
N ASN S 287 -29.79 -33.61 26.75
CA ASN S 287 -29.21 -33.61 28.12
C ASN S 287 -27.76 -33.03 28.19
N HIS S 288 -27.12 -32.67 27.11
CA HIS S 288 -25.75 -32.13 27.31
C HIS S 288 -25.58 -31.29 25.96
N GLY S 289 -24.95 -30.09 26.16
CA GLY S 289 -24.53 -29.26 25.07
C GLY S 289 -25.11 -27.85 25.12
N ILE S 290 -25.20 -27.19 23.93
CA ILE S 290 -25.53 -25.72 23.98
C ILE S 290 -26.74 -25.64 23.12
N HIS S 291 -27.67 -24.65 23.43
CA HIS S 291 -28.94 -24.70 22.78
C HIS S 291 -28.83 -23.78 21.65
N PHE S 292 -29.43 -24.13 20.54
CA PHE S 292 -29.55 -23.34 19.28
C PHE S 292 -29.95 -21.93 19.34
N ARG S 293 -30.86 -21.62 20.18
CA ARG S 293 -31.12 -20.16 20.59
C ARG S 293 -29.87 -19.50 21.07
N VAL S 294 -29.01 -20.06 21.88
CA VAL S 294 -27.81 -19.40 22.29
C VAL S 294 -26.89 -19.10 21.07
N LEU S 295 -26.75 -20.13 20.32
CA LEU S 295 -25.90 -19.94 19.10
C LEU S 295 -26.46 -18.91 18.21
N ALA S 296 -27.72 -18.94 17.99
CA ALA S 296 -28.38 -17.92 17.22
C ALA S 296 -28.25 -16.46 17.76
N LYS S 297 -28.40 -16.33 19.12
CA LYS S 297 -28.01 -15.06 19.78
C LYS S 297 -26.63 -14.68 19.44
N CYS S 298 -25.71 -15.48 19.79
CA CYS S 298 -24.31 -15.30 19.50
C CYS S 298 -23.97 -14.95 18.02
N LEU S 299 -24.48 -15.67 17.15
CA LEU S 299 -24.38 -15.37 15.77
C LEU S 299 -24.83 -13.97 15.49
N ARG S 300 -26.06 -13.66 15.84
CA ARG S 300 -26.58 -12.49 15.32
C ARG S 300 -25.81 -11.20 15.92
N LEU S 301 -25.29 -11.34 17.17
CA LEU S 301 -24.43 -10.45 17.79
C LEU S 301 -23.28 -10.33 16.94
N SER S 302 -22.75 -11.40 16.44
CA SER S 302 -21.68 -11.34 15.41
C SER S 302 -22.18 -10.59 14.14
N GLY S 303 -23.36 -10.92 13.68
CA GLY S 303 -23.97 -10.35 12.52
C GLY S 303 -24.26 -11.36 11.45
N GLY S 304 -25.55 -11.46 11.02
CA GLY S 304 -25.93 -12.28 9.92
C GLY S 304 -27.39 -12.08 9.49
N ASP S 305 -27.61 -12.01 8.21
CA ASP S 305 -28.94 -11.69 7.67
C ASP S 305 -29.97 -12.86 7.67
N HIS S 306 -29.56 -14.07 7.48
CA HIS S 306 -30.35 -15.35 7.33
C HIS S 306 -29.74 -16.34 8.22
N LEU S 307 -30.52 -17.24 8.71
CA LEU S 307 -30.23 -18.29 9.55
C LEU S 307 -31.22 -19.41 9.52
N HIS S 308 -30.70 -20.69 9.45
CA HIS S 308 -31.53 -21.83 9.36
C HIS S 308 -32.08 -21.95 10.75
N SER S 309 -33.31 -22.35 10.94
CA SER S 309 -33.97 -22.73 12.16
C SER S 309 -34.59 -24.05 12.20
N GLY S 310 -34.68 -24.84 11.15
CA GLY S 310 -35.16 -26.19 11.16
C GLY S 310 -36.44 -26.37 10.36
N THR S 311 -36.58 -27.48 9.77
CA THR S 311 -37.86 -27.90 9.15
C THR S 311 -39.04 -27.93 9.99
N VAL S 312 -38.88 -28.39 11.21
CA VAL S 312 -39.89 -28.38 12.30
C VAL S 312 -40.87 -29.47 11.78
N ASP S 319 -39.20 -29.94 18.25
CA ASP S 319 -40.22 -29.22 19.07
C ASP S 319 -40.59 -27.84 18.35
N LYS S 320 -41.89 -27.72 17.87
CA LYS S 320 -42.35 -26.52 17.21
C LYS S 320 -42.24 -25.37 18.33
N ALA S 321 -42.49 -25.65 19.64
CA ALA S 321 -42.53 -24.64 20.65
C ALA S 321 -41.15 -23.93 20.94
N SER S 322 -40.11 -24.70 21.03
CA SER S 322 -38.78 -24.18 21.05
C SER S 322 -38.45 -23.47 19.78
N THR S 323 -39.04 -23.96 18.63
CA THR S 323 -38.77 -23.23 17.36
C THR S 323 -39.32 -21.84 17.41
N LEU S 324 -40.66 -21.73 17.61
CA LEU S 324 -41.16 -20.43 17.99
C LEU S 324 -40.45 -19.64 19.01
N GLY S 325 -39.96 -20.30 20.03
CA GLY S 325 -39.16 -19.51 20.99
C GLY S 325 -38.01 -18.83 20.35
N PHE S 326 -37.06 -19.63 19.78
CA PHE S 326 -35.81 -18.94 19.28
C PHE S 326 -35.95 -18.11 18.09
N VAL S 327 -36.97 -18.46 17.19
CA VAL S 327 -37.29 -17.65 16.07
C VAL S 327 -37.81 -16.32 16.51
N ASP S 328 -38.67 -16.31 17.47
CA ASP S 328 -39.30 -15.03 17.89
C ASP S 328 -38.19 -14.28 18.56
N LEU S 329 -37.11 -15.06 19.06
CA LEU S 329 -36.09 -14.30 19.72
C LEU S 329 -35.41 -13.70 18.53
N MET S 330 -34.82 -14.46 17.57
CA MET S 330 -33.90 -13.92 16.64
C MET S 330 -34.52 -12.98 15.67
N ARG S 331 -35.91 -12.66 15.67
CA ARG S 331 -36.45 -11.64 14.85
C ARG S 331 -36.87 -10.38 15.71
N GLU S 332 -37.73 -10.50 16.71
CA GLU S 332 -38.33 -9.37 17.31
C GLU S 332 -37.31 -8.58 18.20
N ASP S 333 -37.49 -7.28 18.28
CA ASP S 333 -36.74 -6.45 19.25
C ASP S 333 -36.89 -6.83 20.77
N HIS S 334 -38.09 -7.09 21.35
CA HIS S 334 -38.33 -7.49 22.66
C HIS S 334 -39.07 -8.80 22.70
N ILE S 335 -38.68 -9.68 23.50
CA ILE S 335 -39.33 -10.99 23.77
C ILE S 335 -39.40 -11.11 25.32
N GLU S 336 -40.48 -11.85 25.72
CA GLU S 336 -40.73 -12.14 27.11
C GLU S 336 -40.48 -13.57 27.41
N ALA S 337 -40.14 -13.81 28.65
CA ALA S 337 -39.76 -15.09 29.21
C ALA S 337 -40.85 -16.12 29.04
N ASP S 338 -40.55 -17.31 28.58
CA ASP S 338 -41.54 -18.38 28.36
C ASP S 338 -40.87 -19.69 28.51
N ARG S 339 -40.89 -20.38 29.58
CA ARG S 339 -40.44 -21.73 29.69
C ARG S 339 -41.15 -22.80 28.90
N SER S 340 -42.50 -22.63 28.70
CA SER S 340 -43.21 -23.33 27.66
C SER S 340 -42.61 -23.19 26.30
N ARG S 341 -42.15 -21.95 25.88
CA ARG S 341 -41.41 -21.91 24.66
C ARG S 341 -39.84 -21.84 24.95
N GLY S 342 -39.34 -22.27 26.08
CA GLY S 342 -37.92 -22.32 26.26
C GLY S 342 -37.12 -21.03 26.48
N VAL S 343 -37.83 -19.90 26.70
CA VAL S 343 -37.07 -18.63 26.84
C VAL S 343 -37.05 -18.40 28.30
N PHE S 344 -35.96 -18.84 28.99
CA PHE S 344 -35.71 -18.50 30.33
C PHE S 344 -35.81 -17.11 30.76
N PHE S 345 -35.22 -16.24 30.04
CA PHE S 345 -34.92 -14.96 30.53
C PHE S 345 -35.83 -13.92 29.76
N THR S 346 -35.80 -12.64 30.02
CA THR S 346 -36.34 -11.56 29.25
C THR S 346 -35.25 -10.73 28.68
N GLN S 347 -35.30 -10.51 27.42
CA GLN S 347 -34.26 -9.92 26.65
C GLN S 347 -34.70 -8.68 26.04
N ASP S 348 -33.77 -7.72 25.85
CA ASP S 348 -34.06 -6.48 25.07
C ASP S 348 -32.90 -6.13 24.20
N TRP S 349 -33.18 -5.56 23.07
CA TRP S 349 -32.32 -5.24 21.97
C TRP S 349 -32.33 -3.85 21.42
N ALA S 350 -33.06 -2.92 22.00
CA ALA S 350 -32.81 -1.47 21.76
C ALA S 350 -32.78 -1.18 20.36
N SER S 351 -33.85 -1.68 19.59
CA SER S 351 -34.00 -1.44 18.12
C SER S 351 -32.86 -2.03 17.20
N MET S 352 -32.15 -3.08 17.71
CA MET S 352 -31.13 -3.73 16.97
C MET S 352 -31.83 -4.67 16.02
N PRO S 353 -31.68 -4.50 14.76
CA PRO S 353 -32.59 -5.31 13.87
C PRO S 353 -32.55 -6.79 13.87
N GLY S 354 -33.67 -7.55 13.77
CA GLY S 354 -33.52 -9.01 13.79
C GLY S 354 -33.05 -9.73 12.53
N VAL S 355 -33.06 -11.01 12.55
CA VAL S 355 -32.45 -11.93 11.54
C VAL S 355 -33.42 -12.91 10.98
N LEU S 356 -33.25 -13.27 9.66
CA LEU S 356 -34.42 -13.83 9.05
C LEU S 356 -34.32 -15.37 9.30
N PRO S 357 -35.35 -16.03 9.65
CA PRO S 357 -35.33 -17.52 9.79
C PRO S 357 -35.28 -18.16 8.37
N VAL S 358 -34.68 -19.32 8.29
CA VAL S 358 -34.59 -20.12 7.10
C VAL S 358 -35.02 -21.53 7.56
N ALA S 359 -35.86 -22.23 6.74
CA ALA S 359 -36.27 -23.58 7.03
C ALA S 359 -35.76 -24.44 5.78
N SER S 360 -35.21 -25.65 6.07
CA SER S 360 -34.71 -26.45 4.92
C SER S 360 -35.13 -27.81 5.29
N GLY S 361 -34.67 -28.84 4.65
CA GLY S 361 -34.81 -30.22 4.98
C GLY S 361 -36.08 -30.85 4.39
N GLY S 362 -36.26 -30.72 3.12
CA GLY S 362 -37.47 -31.32 2.51
C GLY S 362 -38.73 -30.68 2.98
N ILE S 363 -38.91 -29.43 2.65
CA ILE S 363 -40.10 -28.68 2.94
C ILE S 363 -41.38 -29.15 2.34
N HIS S 364 -41.26 -29.98 1.19
CA HIS S 364 -42.34 -30.76 0.84
C HIS S 364 -43.64 -29.95 0.61
N VAL S 365 -43.75 -29.01 -0.39
CA VAL S 365 -44.56 -27.85 -0.37
C VAL S 365 -45.96 -28.17 0.05
N TRP S 366 -46.53 -29.38 -0.20
CA TRP S 366 -47.89 -29.66 0.31
C TRP S 366 -48.01 -29.32 1.86
N HIS S 367 -46.91 -29.36 2.67
CA HIS S 367 -46.92 -28.75 4.01
C HIS S 367 -46.65 -27.18 4.14
N MET S 368 -46.35 -26.55 3.03
CA MET S 368 -45.98 -25.11 3.02
C MET S 368 -47.07 -24.24 3.73
N PRO S 369 -48.39 -24.44 3.52
CA PRO S 369 -49.34 -23.55 4.26
C PRO S 369 -49.08 -23.58 5.79
N ALA S 370 -48.67 -24.80 6.34
CA ALA S 370 -48.22 -24.91 7.69
C ALA S 370 -47.05 -24.03 7.94
N LEU S 371 -46.09 -24.05 7.07
CA LEU S 371 -44.86 -23.24 7.33
C LEU S 371 -45.17 -21.79 7.35
N VAL S 372 -45.97 -21.29 6.47
CA VAL S 372 -46.37 -19.87 6.47
C VAL S 372 -47.11 -19.53 7.71
N GLU S 373 -47.98 -20.40 8.14
CA GLU S 373 -48.61 -20.18 9.40
C GLU S 373 -47.69 -20.06 10.55
N ILE S 374 -46.71 -20.99 10.58
CA ILE S 374 -45.81 -21.08 11.74
C ILE S 374 -44.96 -19.79 11.88
N PHE S 375 -44.29 -19.37 10.77
CA PHE S 375 -43.25 -18.46 10.75
C PHE S 375 -43.75 -17.05 10.35
N GLY S 376 -44.64 -16.88 9.45
CA GLY S 376 -44.97 -15.54 8.94
C GLY S 376 -44.09 -15.11 7.81
N ASP S 377 -44.47 -13.92 7.12
CA ASP S 377 -43.82 -13.51 5.97
C ASP S 377 -42.30 -13.25 6.16
N ASP S 378 -41.97 -12.84 7.34
CA ASP S 378 -40.54 -12.61 7.60
C ASP S 378 -39.83 -13.90 7.85
N SER S 379 -39.51 -14.64 6.75
CA SER S 379 -38.87 -15.90 6.87
C SER S 379 -38.44 -16.29 5.40
N VAL S 380 -37.75 -17.33 5.26
CA VAL S 380 -37.21 -17.80 3.97
C VAL S 380 -37.36 -19.39 4.03
N LEU S 381 -37.54 -19.94 2.88
CA LEU S 381 -37.94 -21.36 2.74
C LEU S 381 -36.93 -21.94 1.78
N GLN S 382 -36.31 -23.03 2.18
CA GLN S 382 -35.36 -23.81 1.41
C GLN S 382 -35.98 -25.12 0.99
N PHE S 383 -36.02 -25.35 -0.31
CA PHE S 383 -36.31 -26.65 -0.98
C PHE S 383 -35.25 -27.66 -1.18
N GLY S 384 -35.43 -28.82 -0.60
CA GLY S 384 -34.48 -29.94 -0.76
C GLY S 384 -34.89 -30.91 -1.82
N GLY S 393 -36.02 -29.73 -8.64
CA GLY S 393 -35.04 -28.66 -8.96
C GLY S 393 -35.03 -28.30 -10.38
N ASN S 394 -36.23 -28.26 -11.01
CA ASN S 394 -36.38 -27.74 -12.40
C ASN S 394 -37.25 -26.51 -12.42
N ALA S 395 -37.24 -25.79 -13.59
CA ALA S 395 -37.99 -24.63 -13.66
C ALA S 395 -39.51 -24.81 -13.39
N PRO S 396 -40.26 -25.73 -13.91
CA PRO S 396 -41.67 -25.94 -13.49
C PRO S 396 -41.78 -26.25 -11.98
N GLY S 397 -40.84 -27.00 -11.46
CA GLY S 397 -41.01 -27.26 -10.00
C GLY S 397 -40.93 -26.08 -9.08
N ALA S 398 -40.00 -25.28 -9.34
CA ALA S 398 -39.78 -24.01 -8.74
C ALA S 398 -41.12 -23.14 -9.08
N THR S 399 -41.52 -23.12 -10.26
CA THR S 399 -42.78 -22.41 -10.53
C THR S 399 -43.89 -22.91 -9.64
N ALA S 400 -44.09 -24.18 -9.50
CA ALA S 400 -45.16 -24.69 -8.72
C ALA S 400 -44.93 -24.22 -7.25
N ASN S 401 -43.73 -24.33 -6.79
CA ASN S 401 -43.48 -23.93 -5.45
C ASN S 401 -43.91 -22.44 -5.23
N ARG S 402 -43.50 -21.68 -6.12
CA ARG S 402 -43.83 -20.24 -5.98
C ARG S 402 -45.27 -19.93 -6.06
N VAL S 403 -45.98 -20.57 -6.97
CA VAL S 403 -47.41 -20.42 -7.07
C VAL S 403 -48.09 -20.84 -5.80
N ALA S 404 -47.67 -22.00 -5.22
CA ALA S 404 -48.27 -22.34 -3.96
C ALA S 404 -48.05 -21.27 -2.98
N LEU S 405 -46.77 -20.73 -2.90
CA LEU S 405 -46.47 -19.74 -1.84
C LEU S 405 -47.39 -18.58 -2.08
N GLU S 406 -47.48 -18.07 -3.24
CA GLU S 406 -48.29 -16.90 -3.43
C GLU S 406 -49.74 -17.11 -3.10
N ALA S 407 -50.23 -18.27 -3.47
CA ALA S 407 -51.67 -18.65 -3.20
C ALA S 407 -51.97 -18.69 -1.65
N CYS S 408 -51.15 -19.34 -0.93
CA CYS S 408 -51.24 -19.34 0.50
C CYS S 408 -51.10 -18.03 1.20
N VAL S 409 -50.17 -17.22 0.85
CA VAL S 409 -50.12 -15.79 1.26
C VAL S 409 -51.49 -15.11 1.04
N GLN S 410 -52.00 -15.24 -0.21
CA GLN S 410 -53.28 -14.62 -0.62
C GLN S 410 -54.33 -15.18 0.30
N ALA S 411 -54.41 -16.46 0.56
CA ALA S 411 -55.50 -17.04 1.29
C ALA S 411 -55.50 -16.55 2.72
N ARG S 412 -54.33 -16.51 3.32
CA ARG S 412 -54.13 -16.11 4.68
C ARG S 412 -54.56 -14.72 4.88
N ASN S 413 -54.17 -13.82 3.93
CA ASN S 413 -54.59 -12.40 3.97
C ASN S 413 -56.06 -12.27 3.68
N GLU S 414 -56.69 -13.25 2.96
CA GLU S 414 -58.07 -13.29 2.84
C GLU S 414 -58.90 -13.66 4.14
N GLY S 415 -58.17 -13.99 5.26
CA GLY S 415 -58.80 -14.47 6.47
C GLY S 415 -59.12 -15.93 6.52
N ARG S 416 -59.07 -16.67 5.38
CA ARG S 416 -59.20 -18.04 5.38
C ARG S 416 -58.07 -18.70 6.22
N ASP S 417 -58.44 -19.63 7.14
CA ASP S 417 -57.49 -20.43 7.85
C ASP S 417 -56.57 -21.27 7.01
N LEU S 418 -55.29 -21.00 7.10
CA LEU S 418 -54.26 -21.84 6.42
C LEU S 418 -54.18 -23.27 6.77
N TYR S 419 -54.13 -23.56 8.09
CA TYR S 419 -54.18 -24.85 8.55
C TYR S 419 -55.21 -25.87 8.01
N ARG S 420 -56.48 -25.40 8.12
CA ARG S 420 -57.62 -26.20 7.77
C ARG S 420 -57.78 -26.27 6.28
N GLU S 421 -57.59 -25.17 5.61
CA GLU S 421 -58.01 -25.02 4.28
C GLU S 421 -56.76 -25.21 3.26
N GLY S 422 -55.59 -25.76 3.69
CA GLY S 422 -54.42 -25.79 2.85
C GLY S 422 -54.89 -26.57 1.60
N GLY S 423 -55.50 -27.81 1.84
CA GLY S 423 -55.67 -28.59 0.67
C GLY S 423 -56.57 -27.91 -0.38
N ASP S 424 -57.57 -27.28 0.06
CA ASP S 424 -58.55 -26.57 -0.88
C ASP S 424 -57.87 -25.48 -1.62
N ILE S 425 -57.03 -24.67 -0.90
CA ILE S 425 -56.25 -23.55 -1.53
C ILE S 425 -55.46 -24.23 -2.62
N LEU S 426 -54.68 -25.22 -2.23
CA LEU S 426 -53.75 -25.77 -3.19
C LEU S 426 -54.50 -26.33 -4.44
N ARG S 427 -55.78 -26.85 -4.22
CA ARG S 427 -56.49 -27.27 -5.38
C ARG S 427 -56.87 -26.11 -6.24
N GLU S 428 -57.34 -25.05 -5.68
CA GLU S 428 -57.90 -24.00 -6.48
C GLU S 428 -56.62 -23.44 -7.19
N ALA S 429 -55.40 -23.31 -6.57
CA ALA S 429 -54.25 -22.77 -7.24
C ALA S 429 -53.88 -23.62 -8.41
N GLY S 430 -53.89 -24.98 -8.23
CA GLY S 430 -53.57 -25.90 -9.27
C GLY S 430 -54.58 -25.85 -10.45
N LYS S 431 -55.81 -25.50 -10.25
CA LYS S 431 -56.78 -25.57 -11.37
C LYS S 431 -56.36 -24.71 -12.49
N TRP S 432 -55.98 -23.53 -12.26
CA TRP S 432 -55.41 -22.55 -13.22
C TRP S 432 -53.88 -22.56 -13.49
N SER S 433 -53.14 -23.35 -12.85
CA SER S 433 -51.73 -23.44 -12.88
C SER S 433 -51.29 -24.82 -13.24
N PRO S 434 -51.09 -25.15 -14.57
CA PRO S 434 -50.76 -26.53 -14.85
C PRO S 434 -49.48 -27.01 -14.07
N GLU S 435 -48.52 -26.07 -13.83
CA GLU S 435 -47.18 -26.56 -13.36
C GLU S 435 -47.50 -26.89 -11.81
N LEU S 436 -48.22 -26.10 -11.03
CA LEU S 436 -48.66 -26.51 -9.73
C LEU S 436 -49.62 -27.72 -9.83
N ALA S 437 -50.44 -27.82 -10.84
CA ALA S 437 -51.32 -29.01 -10.93
C ALA S 437 -50.47 -30.31 -10.96
N ALA S 438 -49.39 -30.33 -11.83
CA ALA S 438 -48.48 -31.44 -11.89
C ALA S 438 -47.76 -31.61 -10.60
N ALA S 439 -47.23 -30.59 -9.96
CA ALA S 439 -46.49 -30.71 -8.74
C ALA S 439 -47.37 -31.34 -7.61
N LEU S 440 -48.57 -30.88 -7.48
CA LEU S 440 -49.50 -31.52 -6.60
C LEU S 440 -49.75 -32.91 -7.02
N ASP S 441 -49.71 -33.26 -8.34
CA ASP S 441 -50.11 -34.53 -8.78
C ASP S 441 -49.02 -35.52 -8.24
N LEU S 442 -47.76 -34.96 -7.94
CA LEU S 442 -46.76 -35.76 -7.17
C LEU S 442 -46.98 -35.64 -5.72
N LEU T 1 15.23 65.77 6.54
CA LEU T 1 14.11 65.83 5.54
C LEU T 1 14.51 66.11 4.13
N SER T 2 14.26 65.17 3.17
CA SER T 2 14.60 65.28 1.79
C SER T 2 13.36 65.74 0.97
N SER T 3 13.59 66.14 -0.22
CA SER T 3 12.57 66.73 -1.03
C SER T 3 11.42 65.82 -1.19
N GLU T 4 11.65 64.49 -1.49
CA GLU T 4 10.65 63.50 -1.78
C GLU T 4 9.73 63.47 -0.56
N VAL T 5 10.45 63.33 0.67
CA VAL T 5 9.77 63.13 1.92
C VAL T 5 8.89 64.27 2.22
N ILE T 6 9.35 65.43 1.98
CA ILE T 6 8.53 66.70 2.23
C ILE T 6 7.27 66.61 1.27
N THR T 7 7.52 66.23 -0.06
CA THR T 7 6.41 66.34 -0.97
C THR T 7 5.30 65.29 -0.65
N GLN T 8 5.72 64.01 -0.42
CA GLN T 8 4.94 63.09 0.35
C GLN T 8 4.23 63.48 1.60
N VAL T 9 4.82 64.13 2.52
CA VAL T 9 4.11 64.64 3.63
C VAL T 9 3.06 65.65 3.30
N ARG T 10 3.36 66.54 2.37
CA ARG T 10 2.39 67.46 1.85
C ARG T 10 1.25 66.80 1.24
N SER T 11 1.51 65.85 0.41
CA SER T 11 0.43 65.11 -0.30
C SER T 11 -0.46 64.32 0.72
N LEU T 12 0.15 63.65 1.66
CA LEU T 12 -0.57 63.00 2.77
C LEU T 12 -1.48 63.95 3.62
N LEU T 13 -0.92 65.06 4.01
CA LEU T 13 -1.75 66.06 4.65
C LEU T 13 -2.82 66.70 3.83
N ASN T 14 -2.56 66.87 2.49
CA ASN T 14 -3.57 67.34 1.58
C ASN T 14 -4.78 66.31 1.49
N GLN T 15 -4.48 65.11 1.32
CA GLN T 15 -5.40 63.95 1.40
C GLN T 15 -6.11 63.62 2.79
N GLY T 16 -5.73 64.37 3.89
CA GLY T 16 -6.33 64.08 5.22
C GLY T 16 -5.76 62.85 5.83
N TYR T 17 -4.42 62.60 5.61
CA TYR T 17 -3.77 61.39 6.22
C TYR T 17 -2.98 61.88 7.48
N ARG T 18 -3.16 61.16 8.64
CA ARG T 18 -2.29 61.48 9.79
C ARG T 18 -0.91 60.88 9.43
N ILE T 19 0.11 61.43 10.19
CA ILE T 19 1.52 60.98 10.07
C ILE T 19 1.92 60.14 11.23
N GLY T 20 2.67 59.05 10.97
CA GLY T 20 3.34 58.35 11.97
C GLY T 20 4.75 57.93 11.58
N THR T 21 5.62 57.67 12.52
CA THR T 21 6.95 57.26 12.23
C THR T 21 7.38 56.06 13.21
N GLU T 22 8.35 55.29 12.79
CA GLU T 22 8.87 54.11 13.52
C GLU T 22 10.41 53.98 13.35
N HIS T 23 11.14 53.35 14.24
CA HIS T 23 12.57 53.49 14.28
C HIS T 23 13.01 52.12 14.56
N ALA T 24 14.19 51.79 14.12
CA ALA T 24 14.77 50.44 14.34
C ALA T 24 16.25 50.56 14.25
N ASP T 25 17.02 49.75 15.04
CA ASP T 25 18.45 49.66 14.88
C ASP T 25 18.84 48.74 13.61
N LYS T 26 20.07 48.48 13.46
CA LYS T 26 20.58 47.74 12.26
C LYS T 26 20.09 46.28 12.28
N ARG T 27 20.40 45.59 13.31
CA ARG T 27 19.92 44.30 13.65
C ARG T 27 18.29 44.16 13.68
N ARG T 28 17.50 44.93 14.31
CA ARG T 28 16.07 44.85 14.31
C ARG T 28 15.66 45.31 12.85
N PHE T 29 16.27 46.26 12.18
CA PHE T 29 15.93 46.57 10.75
C PHE T 29 16.07 45.44 9.78
N ARG T 30 17.19 44.78 9.81
CA ARG T 30 17.34 43.49 9.19
C ARG T 30 16.27 42.51 9.36
N THR T 31 15.75 42.42 10.55
CA THR T 31 14.66 41.53 10.84
C THR T 31 13.22 42.10 10.80
N SER T 32 13.06 43.27 10.12
CA SER T 32 11.73 43.92 9.98
C SER T 32 11.11 44.18 11.32
N SER T 33 11.96 44.54 12.33
CA SER T 33 11.62 45.05 13.68
C SER T 33 11.74 46.46 13.93
N TRP T 34 10.65 47.10 14.49
CA TRP T 34 10.55 48.52 14.55
C TRP T 34 9.88 48.83 15.84
N GLN T 35 10.01 50.05 16.30
CA GLN T 35 9.45 50.61 17.58
C GLN T 35 8.75 51.84 17.34
N PRO T 36 7.76 52.18 18.24
CA PRO T 36 7.03 53.37 18.06
C PRO T 36 7.91 54.63 18.22
N CYS T 37 7.45 55.78 17.63
CA CYS T 37 8.17 57.09 17.77
C CYS T 37 7.24 58.06 18.38
N ALA T 38 7.74 59.38 18.56
CA ALA T 38 6.97 60.39 19.11
C ALA T 38 5.69 60.69 18.22
N PRO T 39 4.52 60.64 18.63
CA PRO T 39 3.39 60.80 17.67
C PRO T 39 3.26 62.23 17.20
N ILE T 40 2.65 62.42 16.04
CA ILE T 40 2.52 63.77 15.57
C ILE T 40 1.03 63.90 15.54
N GLN T 41 0.51 64.49 16.65
CA GLN T 41 -0.96 64.73 16.70
C GLN T 41 -1.29 66.18 16.21
N SER T 42 -0.94 66.48 14.99
CA SER T 42 -1.17 67.76 14.39
C SER T 42 -1.36 67.63 12.92
N THR T 43 -2.21 68.56 12.32
CA THR T 43 -2.35 68.64 10.90
C THR T 43 -1.59 69.69 10.23
N ASN T 44 -1.13 70.72 10.90
CA ASN T 44 -0.38 71.82 10.24
C ASN T 44 0.97 71.30 9.65
N GLU T 45 1.26 71.69 8.45
CA GLU T 45 2.49 71.13 7.80
C GLU T 45 3.77 71.52 8.59
N ARG T 46 3.84 72.81 9.04
CA ARG T 46 5.09 73.25 9.71
C ARG T 46 5.35 72.42 10.95
N GLN T 47 4.28 72.17 11.75
CA GLN T 47 4.42 71.46 13.06
C GLN T 47 4.80 70.03 12.83
N VAL T 48 4.11 69.35 11.82
CA VAL T 48 4.47 67.95 11.41
C VAL T 48 5.96 67.86 10.98
N LEU T 49 6.37 68.69 10.09
CA LEU T 49 7.81 68.72 9.63
C LEU T 49 8.69 68.92 10.71
N SER T 50 8.42 69.83 11.67
CA SER T 50 9.33 70.05 12.82
C SER T 50 9.33 68.84 13.65
N GLU T 51 8.17 68.12 13.90
CA GLU T 51 8.29 66.93 14.79
C GLU T 51 8.95 65.71 14.00
N LEU T 52 8.69 65.65 12.67
CA LEU T 52 9.54 64.67 11.94
C LEU T 52 10.98 64.82 12.04
N GLU T 53 11.49 66.13 11.93
CA GLU T 53 12.87 66.41 11.91
C GLU T 53 13.41 66.06 13.40
N ASN T 54 12.54 66.35 14.46
CA ASN T 54 12.98 66.07 15.86
C ASN T 54 13.10 64.61 16.10
N CYS T 55 12.17 63.79 15.48
CA CYS T 55 12.29 62.36 15.47
C CYS T 55 13.53 61.79 14.86
N LEU T 56 13.82 62.33 13.78
CA LEU T 56 15.05 61.97 13.00
C LEU T 56 16.30 62.26 13.72
N SER T 57 16.36 63.39 14.30
CA SER T 57 17.53 63.76 15.24
C SER T 57 17.58 62.79 16.48
N GLU T 58 16.38 62.50 17.08
CA GLU T 58 16.30 61.61 18.20
C GLU T 58 16.81 60.20 17.72
N HIS T 59 16.76 59.77 16.48
CA HIS T 59 17.08 58.45 16.15
C HIS T 59 18.26 58.41 15.13
N GLU T 60 19.30 59.33 15.45
CA GLU T 60 20.58 59.14 14.83
C GLU T 60 21.17 57.78 14.67
N GLY T 61 21.60 57.44 13.42
CA GLY T 61 22.30 56.21 13.16
C GLY T 61 21.40 55.01 13.25
N GLU T 62 20.03 55.11 13.27
CA GLU T 62 19.06 54.07 13.13
C GLU T 62 18.17 54.29 11.99
N TYR T 63 17.70 53.12 11.32
CA TYR T 63 16.67 53.11 10.32
C TYR T 63 15.36 53.70 10.78
N VAL T 64 14.70 54.58 9.96
CA VAL T 64 13.43 55.13 10.32
C VAL T 64 12.61 55.01 9.10
N ARG T 65 11.32 54.82 9.29
CA ARG T 65 10.41 54.65 8.19
C ARG T 65 9.12 55.47 8.41
N LEU T 66 8.43 55.84 7.29
CA LEU T 66 7.31 56.72 7.35
C LEU T 66 6.09 56.08 6.79
N LEU T 67 4.90 56.35 7.30
CA LEU T 67 3.73 55.58 6.97
C LEU T 67 2.71 56.64 6.73
N GLY T 68 1.76 56.40 5.73
CA GLY T 68 0.53 57.22 5.59
C GLY T 68 -0.68 56.62 6.35
N ILE T 69 -1.32 57.45 7.22
CA ILE T 69 -2.15 56.94 8.26
C ILE T 69 -3.55 57.61 7.90
N ASP T 70 -4.51 56.84 7.80
CA ASP T 70 -5.92 57.35 7.77
C ASP T 70 -6.65 56.92 9.01
N THR T 71 -6.94 57.82 9.93
CA THR T 71 -7.60 57.56 11.11
C THR T 71 -8.94 56.92 11.01
N ASN T 72 -9.76 57.37 10.03
CA ASN T 72 -11.08 56.71 9.93
C ASN T 72 -11.04 55.16 9.66
N THR T 73 -10.18 54.83 8.65
CA THR T 73 -9.81 53.40 8.47
C THR T 73 -8.84 52.71 9.50
N ARG T 74 -8.00 53.45 10.04
CA ARG T 74 -6.94 52.91 10.96
C ARG T 74 -6.08 51.93 10.28
N SER T 75 -5.76 52.21 8.96
CA SER T 75 -4.99 51.28 8.15
C SER T 75 -4.12 52.10 7.27
N ARG T 76 -3.05 51.50 6.77
CA ARG T 76 -1.91 52.42 6.37
C ARG T 76 -2.21 52.55 4.86
N VAL T 77 -1.98 53.69 4.23
CA VAL T 77 -2.19 54.03 2.85
C VAL T 77 -0.82 54.23 2.12
N PHE T 78 0.40 54.46 2.80
CA PHE T 78 1.60 54.62 2.12
C PHE T 78 2.77 54.21 2.99
N GLU T 79 3.87 53.72 2.34
CA GLU T 79 5.07 53.22 3.07
C GLU T 79 6.23 53.85 2.37
N ALA T 80 7.29 54.28 3.15
CA ALA T 80 8.54 54.68 2.58
C ALA T 80 9.61 54.67 3.61
N LEU T 81 10.86 54.34 3.20
CA LEU T 81 11.81 54.21 4.25
C LEU T 81 12.55 55.60 4.09
N ILE T 82 12.54 56.41 5.13
CA ILE T 82 12.96 57.77 5.19
C ILE T 82 14.32 58.06 5.76
N GLN T 83 14.95 57.16 6.37
CA GLN T 83 16.32 57.38 6.92
C GLN T 83 17.07 56.09 7.07
N ARG T 84 18.33 56.12 6.80
CA ARG T 84 19.24 54.99 7.17
C ARG T 84 20.45 55.41 7.79
N PRO T 85 21.06 54.50 8.64
CA PRO T 85 22.24 54.99 9.45
C PRO T 85 23.42 55.63 8.66
N ASP T 86 23.94 54.86 7.67
CA ASP T 86 24.97 55.36 6.73
C ASP T 86 24.51 56.61 6.06
#